data_8I22
#
_entry.id   8I22
#
_cell.length_a   1.00
_cell.length_b   1.00
_cell.length_c   1.00
_cell.angle_alpha   90.00
_cell.angle_beta   90.00
_cell.angle_gamma   90.00
#
_symmetry.space_group_name_H-M   'P 1'
#
loop_
_entity.id
_entity.type
_entity.pdbx_description
1 polymer 'Acyl-acyl carrier protein synthetase'
2 non-polymer '7-ethoxy-7-oxidanylidene-heptanoic acid'
#
_entity_poly.entity_id   1
_entity_poly.type   'polypeptide(L)'
_entity_poly.pdbx_seq_one_letter_code
;MNQYVNDPSNYQLLIKNLLFSPVAFNPEQEIVYANHRRHSYKTFHDRVRQFANALTKMGVKKGDTVAVMDYDSHRYLECY
FAIPMIGAKLHMINVRLSPEQILYTIDHAEDDIILIHEEFLPILDQIKGRIDTVTRYVVLRDDEECEYERLLEQESTEYN
FPDFDENTVATTFYTTGTTGFPKGVFFTHRQLVLHTMGILSTIGTNASQGRLHQGDIYMPITPMFHVHAWGLPYMATMLG
VKQVYPGKYVPDVLLNLIEQEKVTFSHCVPTILHLLLSSPKSKAMDFSGWKVVIGGAALPKALCKSALERDIDVFAGYGM
SETGPILSIVQLTPEQLELDVDQQAEYRSKTGKKVALVEAYIVDEDMNKLPHDGETAGEIVVRAPWLTPNYYKDNKNSKA
LWRGGYLHTGDVAHIDDEGFIKITDRVKDMIKISGEWVSSLELEDILHQHQSVSEVAVIGMPHNKWGEVPLALVTLKEDA
QVTEKELLGFAKDFINKGILAREALLLKVKIVDEIAKTSVGKVDKKELRKLHL
;
_entity_poly.pdbx_strand_id   A,F,B,C,D,E
#
# COMPACT_ATOMS: atom_id res chain seq x y z
N TYR A 4 -16.10 -7.63 -10.48
CA TYR A 4 -14.90 -7.98 -11.24
C TYR A 4 -14.74 -7.09 -12.47
N VAL A 5 -13.53 -6.57 -12.66
CA VAL A 5 -13.17 -5.83 -13.86
C VAL A 5 -12.61 -6.84 -14.84
N ASN A 6 -13.36 -7.12 -15.90
CA ASN A 6 -13.02 -8.22 -16.80
C ASN A 6 -11.68 -7.99 -17.49
N ASP A 7 -11.42 -6.75 -17.95
CA ASP A 7 -10.27 -6.47 -18.81
C ASP A 7 -10.33 -7.43 -19.98
N PRO A 8 -11.22 -7.20 -20.94
CA PRO A 8 -11.55 -8.25 -21.93
C PRO A 8 -10.35 -8.82 -22.67
N SER A 9 -9.25 -8.07 -22.79
CA SER A 9 -8.04 -8.64 -23.36
C SER A 9 -7.39 -9.66 -22.42
N ASN A 10 -7.66 -9.57 -21.13
CA ASN A 10 -7.11 -10.51 -20.14
C ASN A 10 -8.07 -11.70 -20.04
N TYR A 11 -7.76 -12.76 -20.78
CA TYR A 11 -8.64 -13.91 -20.84
C TYR A 11 -8.59 -14.71 -19.53
N GLN A 12 -9.77 -15.05 -19.01
CA GLN A 12 -9.89 -15.90 -17.83
C GLN A 12 -10.40 -17.27 -18.26
N LEU A 13 -9.75 -18.32 -17.77
CA LEU A 13 -10.13 -19.70 -18.09
C LEU A 13 -11.31 -20.09 -17.20
N LEU A 14 -12.51 -20.06 -17.76
CA LEU A 14 -13.74 -20.31 -17.03
C LEU A 14 -14.50 -21.48 -17.62
N ILE A 15 -15.24 -22.17 -16.77
CA ILE A 15 -16.04 -23.31 -17.22
C ILE A 15 -17.11 -22.88 -18.21
N LYS A 16 -17.58 -21.64 -18.09
CA LYS A 16 -18.51 -21.12 -19.09
C LYS A 16 -17.89 -21.08 -20.48
N ASN A 17 -16.55 -20.97 -20.56
CA ASN A 17 -15.89 -21.06 -21.85
C ASN A 17 -15.81 -22.50 -22.33
N LEU A 18 -15.77 -23.46 -21.41
CA LEU A 18 -15.90 -24.87 -21.81
C LEU A 18 -17.28 -25.13 -22.41
N LEU A 19 -18.32 -24.53 -21.81
CA LEU A 19 -19.67 -24.75 -22.32
C LEU A 19 -19.92 -24.00 -23.63
N PHE A 20 -19.51 -22.73 -23.71
CA PHE A 20 -19.90 -21.85 -24.79
C PHE A 20 -18.80 -21.61 -25.82
N SER A 21 -17.58 -22.06 -25.58
CA SER A 21 -16.51 -22.03 -26.58
C SER A 21 -15.89 -23.41 -26.69
N PRO A 22 -16.66 -24.40 -27.13
CA PRO A 22 -16.19 -25.79 -27.12
C PRO A 22 -15.34 -26.08 -28.36
N VAL A 23 -14.78 -27.30 -28.37
CA VAL A 23 -14.14 -27.80 -29.58
C VAL A 23 -15.17 -27.93 -30.70
N ALA A 24 -16.33 -28.49 -30.39
CA ALA A 24 -17.42 -28.63 -31.35
C ALA A 24 -18.74 -28.49 -30.60
N PHE A 25 -19.73 -27.93 -31.28
CA PHE A 25 -21.08 -27.81 -30.73
C PHE A 25 -22.09 -28.18 -31.81
N ASN A 26 -22.82 -29.27 -31.59
CA ASN A 26 -23.96 -29.62 -32.42
C ASN A 26 -25.23 -29.39 -31.62
N PRO A 27 -26.04 -28.39 -31.96
CA PRO A 27 -27.24 -28.13 -31.15
C PRO A 27 -28.25 -29.27 -31.17
N GLU A 28 -28.18 -30.15 -32.16
CA GLU A 28 -29.08 -31.30 -32.23
C GLU A 28 -28.45 -32.57 -31.65
N GLN A 29 -27.24 -32.49 -31.13
CA GLN A 29 -26.64 -33.62 -30.43
C GLN A 29 -27.38 -33.86 -29.12
N GLU A 30 -27.51 -35.13 -28.75
CA GLU A 30 -28.39 -35.55 -27.68
C GLU A 30 -27.65 -35.69 -26.36
N ILE A 31 -28.31 -35.29 -25.27
CA ILE A 31 -27.92 -35.65 -23.91
C ILE A 31 -28.96 -36.65 -23.40
N VAL A 32 -28.53 -37.87 -23.15
CA VAL A 32 -29.42 -38.98 -22.83
C VAL A 32 -29.25 -39.33 -21.36
N TYR A 33 -30.36 -39.36 -20.63
CA TYR A 33 -30.38 -39.81 -19.25
C TYR A 33 -31.11 -41.16 -19.20
N ALA A 34 -30.34 -42.23 -19.38
CA ALA A 34 -30.86 -43.60 -19.35
C ALA A 34 -32.09 -43.74 -20.22
N ASN A 35 -33.19 -44.24 -19.64
CA ASN A 35 -34.47 -44.33 -20.33
C ASN A 35 -35.47 -43.32 -19.79
N HIS A 36 -35.03 -42.39 -18.93
CA HIS A 36 -35.91 -41.41 -18.33
C HIS A 36 -36.09 -40.18 -19.22
N ARG A 37 -34.99 -39.55 -19.63
CA ARG A 37 -35.03 -38.27 -20.31
C ARG A 37 -34.07 -38.28 -21.48
N ARG A 38 -34.35 -37.42 -22.46
CA ARG A 38 -33.49 -37.29 -23.63
C ARG A 38 -33.77 -35.94 -24.27
N HIS A 39 -32.76 -35.08 -24.31
CA HIS A 39 -32.89 -33.77 -24.93
C HIS A 39 -31.62 -33.45 -25.71
N SER A 40 -31.62 -32.31 -26.38
CA SER A 40 -30.52 -31.92 -27.24
C SER A 40 -29.54 -31.01 -26.50
N TYR A 41 -28.42 -30.72 -27.16
CA TYR A 41 -27.42 -29.81 -26.58
C TYR A 41 -27.96 -28.39 -26.47
N LYS A 42 -28.81 -27.98 -27.41
CA LYS A 42 -29.48 -26.68 -27.29
C LYS A 42 -30.37 -26.66 -26.05
N THR A 43 -31.14 -27.73 -25.84
CA THR A 43 -31.92 -27.84 -24.61
C THR A 43 -31.02 -27.93 -23.38
N PHE A 44 -29.86 -28.57 -23.50
CA PHE A 44 -28.92 -28.62 -22.38
C PHE A 44 -28.44 -27.23 -22.00
N HIS A 45 -28.13 -26.43 -22.99
CA HIS A 45 -27.68 -25.06 -22.82
C HIS A 45 -28.75 -24.16 -22.20
N ASP A 46 -29.96 -24.32 -22.68
CA ASP A 46 -31.10 -23.67 -22.08
C ASP A 46 -31.37 -24.09 -20.64
N ARG A 47 -31.30 -25.38 -20.35
CA ARG A 47 -31.51 -25.84 -18.99
C ARG A 47 -30.40 -25.35 -18.07
N VAL A 48 -29.17 -25.21 -18.56
CA VAL A 48 -28.11 -24.62 -17.75
C VAL A 48 -28.46 -23.17 -17.40
N ARG A 49 -28.93 -22.41 -18.39
CA ARG A 49 -29.34 -21.03 -18.12
C ARG A 49 -30.54 -20.98 -17.18
N GLN A 50 -31.49 -21.90 -17.33
CA GLN A 50 -32.63 -21.97 -16.43
C GLN A 50 -32.19 -22.30 -15.01
N PHE A 51 -31.22 -23.21 -14.86
CA PHE A 51 -30.72 -23.56 -13.54
C PHE A 51 -29.98 -22.38 -12.92
N ALA A 52 -29.24 -21.62 -13.73
CA ALA A 52 -28.60 -20.41 -13.23
C ALA A 52 -29.64 -19.41 -12.73
N ASN A 53 -30.73 -19.24 -13.50
CA ASN A 53 -31.81 -18.36 -13.07
C ASN A 53 -32.44 -18.84 -11.77
N ALA A 54 -32.68 -20.14 -11.66
CA ALA A 54 -33.29 -20.69 -10.46
C ALA A 54 -32.38 -20.54 -9.25
N LEU A 55 -31.08 -20.75 -9.44
CA LEU A 55 -30.13 -20.58 -8.34
C LEU A 55 -30.05 -19.13 -7.89
N THR A 56 -30.09 -18.19 -8.84
CA THR A 56 -30.13 -16.78 -8.48
C THR A 56 -31.42 -16.45 -7.72
N LYS A 57 -32.54 -17.01 -8.15
CA LYS A 57 -33.80 -16.79 -7.45
C LYS A 57 -33.78 -17.37 -6.04
N MET A 58 -33.10 -18.51 -5.86
CA MET A 58 -32.97 -19.12 -4.55
C MET A 58 -32.02 -18.36 -3.63
N GLY A 59 -31.32 -17.35 -4.14
CA GLY A 59 -30.39 -16.59 -3.35
C GLY A 59 -28.95 -17.05 -3.41
N VAL A 60 -28.61 -17.93 -4.33
CA VAL A 60 -27.23 -18.39 -4.47
C VAL A 60 -26.41 -17.27 -5.11
N LYS A 61 -25.37 -16.83 -4.40
CA LYS A 61 -24.48 -15.78 -4.86
C LYS A 61 -23.10 -16.38 -5.15
N LYS A 62 -22.23 -15.54 -5.70
CA LYS A 62 -20.85 -15.95 -5.91
C LYS A 62 -20.19 -16.26 -4.57
N GLY A 63 -19.51 -17.41 -4.51
CA GLY A 63 -18.91 -17.88 -3.28
C GLY A 63 -19.78 -18.81 -2.46
N ASP A 64 -21.03 -19.01 -2.85
CA ASP A 64 -21.91 -19.93 -2.15
C ASP A 64 -21.58 -21.37 -2.53
N THR A 65 -22.09 -22.30 -1.74
CA THR A 65 -21.87 -23.73 -1.96
C THR A 65 -23.20 -24.43 -2.17
N VAL A 66 -23.35 -25.04 -3.34
CA VAL A 66 -24.53 -25.85 -3.67
C VAL A 66 -24.10 -27.30 -3.68
N ALA A 67 -24.61 -28.08 -2.74
CA ALA A 67 -24.27 -29.50 -2.64
C ALA A 67 -25.25 -30.34 -3.45
N VAL A 68 -24.75 -31.42 -4.03
CA VAL A 68 -25.55 -32.31 -4.87
C VAL A 68 -25.39 -33.74 -4.35
N MET A 69 -26.51 -34.42 -4.15
CA MET A 69 -26.57 -35.83 -3.80
C MET A 69 -27.41 -36.52 -4.87
N ASP A 70 -26.75 -37.03 -5.90
CA ASP A 70 -27.46 -37.55 -7.06
C ASP A 70 -26.64 -38.66 -7.71
N TYR A 71 -27.30 -39.42 -8.57
CA TYR A 71 -26.63 -40.38 -9.43
C TYR A 71 -26.13 -39.67 -10.68
N ASP A 72 -25.61 -40.44 -11.60
CA ASP A 72 -25.11 -39.87 -12.82
C ASP A 72 -26.28 -39.58 -13.71
N SER A 73 -26.59 -38.32 -13.88
CA SER A 73 -27.78 -37.92 -14.59
C SER A 73 -27.49 -36.65 -15.39
N HIS A 74 -28.47 -36.25 -16.20
CA HIS A 74 -28.39 -34.95 -16.86
C HIS A 74 -28.38 -33.81 -15.85
N ARG A 75 -29.07 -33.98 -14.72
CA ARG A 75 -29.07 -32.95 -13.70
C ARG A 75 -27.68 -32.74 -13.13
N TYR A 76 -26.92 -33.79 -12.95
CA TYR A 76 -25.56 -33.71 -12.47
C TYR A 76 -24.68 -32.99 -13.47
N LEU A 77 -24.89 -33.29 -14.73
CA LEU A 77 -24.16 -32.59 -15.79
C LEU A 77 -24.46 -31.10 -15.79
N GLU A 78 -25.73 -30.74 -15.58
CA GLU A 78 -26.11 -29.34 -15.49
C GLU A 78 -25.55 -28.68 -14.23
N CYS A 79 -25.41 -29.43 -13.15
CA CYS A 79 -24.80 -28.91 -11.94
C CYS A 79 -23.31 -28.69 -12.12
N TYR A 80 -22.67 -29.53 -12.94
CA TYR A 80 -21.25 -29.36 -13.25
C TYR A 80 -20.96 -28.02 -13.89
N PHE A 81 -21.95 -27.40 -14.53
CA PHE A 81 -21.76 -26.16 -15.27
C PHE A 81 -22.43 -24.97 -14.59
N ALA A 82 -23.74 -25.04 -14.34
CA ALA A 82 -24.49 -23.87 -13.90
C ALA A 82 -24.01 -23.37 -12.54
N ILE A 83 -23.78 -24.27 -11.60
CA ILE A 83 -23.32 -23.85 -10.27
C ILE A 83 -21.96 -23.17 -10.32
N PRO A 84 -20.91 -23.76 -10.93
CA PRO A 84 -19.65 -23.01 -11.04
C PRO A 84 -19.75 -21.74 -11.86
N MET A 85 -20.56 -21.75 -12.93
CA MET A 85 -20.56 -20.62 -13.85
C MET A 85 -21.16 -19.35 -13.25
N ILE A 86 -22.07 -19.49 -12.27
CA ILE A 86 -22.58 -18.32 -11.57
C ILE A 86 -21.69 -17.90 -10.41
N GLY A 87 -20.56 -18.57 -10.21
CA GLY A 87 -19.61 -18.21 -9.19
C GLY A 87 -19.72 -19.00 -7.91
N ALA A 88 -20.60 -19.99 -7.84
CA ALA A 88 -20.76 -20.80 -6.65
C ALA A 88 -19.86 -22.04 -6.72
N LYS A 89 -19.54 -22.59 -5.56
CA LYS A 89 -18.77 -23.82 -5.47
C LYS A 89 -19.73 -25.00 -5.48
N LEU A 90 -19.49 -25.94 -6.40
CA LEU A 90 -20.27 -27.17 -6.46
C LEU A 90 -19.63 -28.18 -5.51
N HIS A 91 -20.39 -28.59 -4.50
CA HIS A 91 -19.95 -29.59 -3.54
C HIS A 91 -20.55 -30.93 -3.93
N MET A 92 -19.71 -31.84 -4.41
CA MET A 92 -20.16 -33.18 -4.78
C MET A 92 -20.06 -34.07 -3.56
N ILE A 93 -21.21 -34.52 -3.06
CA ILE A 93 -21.27 -35.32 -1.84
C ILE A 93 -21.14 -36.79 -2.21
N ASN A 94 -20.16 -37.45 -1.63
CA ASN A 94 -19.98 -38.90 -1.78
C ASN A 94 -21.11 -39.59 -1.05
N VAL A 95 -22.11 -40.08 -1.80
CA VAL A 95 -23.28 -40.68 -1.18
C VAL A 95 -22.97 -42.06 -0.61
N ARG A 96 -21.82 -42.64 -0.96
CA ARG A 96 -21.45 -43.94 -0.41
C ARG A 96 -20.73 -43.80 0.94
N LEU A 97 -20.44 -42.58 1.38
CA LEU A 97 -19.88 -42.39 2.70
C LEU A 97 -20.94 -42.66 3.76
N SER A 98 -20.48 -42.89 4.98
CA SER A 98 -21.40 -43.08 6.08
C SER A 98 -22.16 -41.78 6.36
N PRO A 99 -23.39 -41.87 6.87
CA PRO A 99 -24.16 -40.65 7.15
C PRO A 99 -23.44 -39.69 8.07
N GLU A 100 -22.67 -40.19 9.04
CA GLU A 100 -21.85 -39.31 9.87
C GLU A 100 -20.81 -38.57 9.05
N GLN A 101 -20.14 -39.28 8.12
CA GLN A 101 -19.16 -38.64 7.27
C GLN A 101 -19.80 -37.62 6.33
N ILE A 102 -20.96 -37.96 5.76
CA ILE A 102 -21.66 -37.03 4.89
C ILE A 102 -22.06 -35.78 5.66
N LEU A 103 -22.57 -35.96 6.89
CA LEU A 103 -22.92 -34.82 7.72
C LEU A 103 -21.70 -33.96 8.04
N TYR A 104 -20.57 -34.61 8.34
CA TYR A 104 -19.34 -33.87 8.59
C TYR A 104 -18.95 -33.03 7.37
N THR A 105 -19.02 -33.63 6.18
CA THR A 105 -18.64 -32.89 4.98
C THR A 105 -19.60 -31.74 4.69
N ILE A 106 -20.89 -31.95 4.93
CA ILE A 106 -21.87 -30.88 4.73
C ILE A 106 -21.61 -29.73 5.69
N ASP A 107 -21.35 -30.04 6.97
CA ASP A 107 -21.06 -29.00 7.95
C ASP A 107 -19.75 -28.29 7.63
N HIS A 108 -18.75 -29.05 7.19
CA HIS A 108 -17.44 -28.48 6.89
C HIS A 108 -17.47 -27.56 5.68
N ALA A 109 -18.17 -27.98 4.61
CA ALA A 109 -18.28 -27.15 3.43
C ALA A 109 -19.25 -26.00 3.61
N GLU A 110 -20.16 -26.08 4.58
CA GLU A 110 -21.19 -25.08 4.83
C GLU A 110 -22.03 -24.84 3.58
N ASP A 111 -22.65 -25.92 3.12
CA ASP A 111 -23.48 -25.86 1.93
C ASP A 111 -24.73 -25.01 2.17
N ASP A 112 -25.06 -24.17 1.20
CA ASP A 112 -26.25 -23.34 1.32
C ASP A 112 -27.50 -24.11 0.91
N ILE A 113 -27.42 -24.87 -0.17
CA ILE A 113 -28.55 -25.62 -0.71
C ILE A 113 -28.05 -27.00 -1.13
N ILE A 114 -28.84 -28.03 -0.83
CA ILE A 114 -28.50 -29.40 -1.17
C ILE A 114 -29.51 -29.90 -2.21
N LEU A 115 -28.99 -30.35 -3.34
CA LEU A 115 -29.78 -31.02 -4.37
C LEU A 115 -29.62 -32.52 -4.14
N ILE A 116 -30.63 -33.13 -3.54
CA ILE A 116 -30.55 -34.52 -3.10
C ILE A 116 -31.60 -35.33 -3.85
N HIS A 117 -31.18 -36.46 -4.41
CA HIS A 117 -32.12 -37.38 -5.02
C HIS A 117 -33.01 -38.00 -3.96
N GLU A 118 -34.24 -38.34 -4.35
CA GLU A 118 -35.21 -38.88 -3.41
C GLU A 118 -34.77 -40.21 -2.81
N GLU A 119 -33.89 -40.94 -3.48
CA GLU A 119 -33.41 -42.22 -2.95
C GLU A 119 -32.39 -42.05 -1.84
N PHE A 120 -31.78 -40.87 -1.72
CA PHE A 120 -30.85 -40.57 -0.63
C PHE A 120 -31.53 -39.86 0.53
N LEU A 121 -32.84 -39.65 0.45
CA LEU A 121 -33.57 -39.10 1.59
C LEU A 121 -33.42 -39.91 2.87
N PRO A 122 -33.41 -41.26 2.84
CA PRO A 122 -33.12 -41.99 4.09
C PRO A 122 -31.79 -41.60 4.72
N ILE A 123 -30.77 -41.31 3.92
CA ILE A 123 -29.51 -40.84 4.46
C ILE A 123 -29.68 -39.47 5.12
N LEU A 124 -30.41 -38.58 4.47
CA LEU A 124 -30.61 -37.23 5.00
C LEU A 124 -31.40 -37.26 6.31
N ASP A 125 -32.39 -38.16 6.42
CA ASP A 125 -33.24 -38.20 7.59
C ASP A 125 -32.45 -38.53 8.85
N GLN A 126 -31.33 -39.23 8.71
CA GLN A 126 -30.48 -39.54 9.85
C GLN A 126 -29.66 -38.33 10.31
N ILE A 127 -29.38 -37.38 9.43
CA ILE A 127 -28.47 -36.29 9.72
C ILE A 127 -29.09 -34.91 9.49
N LYS A 128 -30.37 -34.84 9.13
CA LYS A 128 -30.98 -33.55 8.80
C LYS A 128 -31.01 -32.63 10.01
N GLY A 129 -31.30 -33.16 11.20
CA GLY A 129 -31.39 -32.34 12.39
C GLY A 129 -30.08 -31.69 12.80
N ARG A 130 -28.95 -32.30 12.43
CA ARG A 130 -27.65 -31.79 12.79
C ARG A 130 -27.03 -30.92 11.70
N ILE A 131 -27.80 -30.58 10.68
CA ILE A 131 -27.38 -29.64 9.64
C ILE A 131 -27.91 -28.27 10.01
N ASP A 132 -27.01 -27.31 10.23
CA ASP A 132 -27.37 -25.97 10.65
C ASP A 132 -27.15 -24.93 9.56
N THR A 133 -26.71 -25.35 8.37
CA THR A 133 -26.24 -24.42 7.35
C THR A 133 -27.02 -24.47 6.04
N VAL A 134 -27.91 -25.42 5.84
CA VAL A 134 -28.63 -25.58 4.58
C VAL A 134 -30.00 -24.92 4.72
N THR A 135 -30.29 -23.98 3.82
CA THR A 135 -31.53 -23.24 3.84
C THR A 135 -32.58 -23.78 2.88
N ARG A 136 -32.23 -24.76 2.04
CA ARG A 136 -33.17 -25.27 1.05
C ARG A 136 -32.71 -26.66 0.61
N TYR A 137 -33.67 -27.58 0.54
CA TYR A 137 -33.44 -28.91 -0.01
C TYR A 137 -34.27 -29.05 -1.28
N VAL A 138 -33.62 -29.40 -2.38
CA VAL A 138 -34.29 -29.67 -3.64
C VAL A 138 -34.23 -31.18 -3.87
N VAL A 139 -35.40 -31.82 -3.93
CA VAL A 139 -35.49 -33.26 -4.07
C VAL A 139 -35.54 -33.60 -5.54
N LEU A 140 -34.59 -34.43 -5.99
CA LEU A 140 -34.48 -34.81 -7.39
C LEU A 140 -35.16 -36.16 -7.60
N ARG A 141 -35.98 -36.24 -8.64
CA ARG A 141 -36.69 -37.46 -8.99
C ARG A 141 -36.57 -37.70 -10.49
N ASP A 142 -36.71 -38.96 -10.88
CA ASP A 142 -36.66 -39.32 -12.30
C ASP A 142 -38.02 -39.23 -12.98
N ASP A 143 -39.08 -38.97 -12.22
CA ASP A 143 -40.42 -38.77 -12.77
C ASP A 143 -40.66 -37.28 -13.02
N GLU A 144 -41.91 -36.92 -13.29
CA GLU A 144 -42.27 -35.53 -13.52
C GLU A 144 -42.42 -34.72 -12.25
N GLU A 145 -42.32 -35.35 -11.08
CA GLU A 145 -42.49 -34.67 -9.81
C GLU A 145 -41.18 -34.13 -9.25
N CYS A 146 -40.11 -34.17 -10.02
CA CYS A 146 -38.82 -33.67 -9.56
C CYS A 146 -38.90 -32.17 -9.24
N GLU A 147 -38.41 -31.80 -8.06
CA GLU A 147 -38.41 -30.39 -7.68
C GLU A 147 -37.40 -29.59 -8.49
N TYR A 148 -36.30 -30.23 -8.91
CA TYR A 148 -35.34 -29.55 -9.77
C TYR A 148 -35.96 -29.20 -11.11
N GLU A 149 -36.72 -30.13 -11.69
CA GLU A 149 -37.39 -29.86 -12.96
C GLU A 149 -38.41 -28.74 -12.82
N ARG A 150 -39.17 -28.74 -11.72
CA ARG A 150 -40.15 -27.69 -11.50
C ARG A 150 -39.48 -26.33 -11.31
N LEU A 151 -38.35 -26.31 -10.59
CA LEU A 151 -37.61 -25.07 -10.41
C LEU A 151 -37.06 -24.58 -11.75
N LEU A 152 -36.67 -25.50 -12.63
CA LEU A 152 -36.11 -25.10 -13.92
C LEU A 152 -37.18 -24.59 -14.87
N GLU A 153 -38.36 -25.22 -14.88
CA GLU A 153 -39.35 -24.84 -15.88
C GLU A 153 -40.05 -23.53 -15.57
N GLN A 154 -39.88 -22.99 -14.37
CA GLN A 154 -40.45 -21.69 -14.02
C GLN A 154 -39.48 -20.54 -14.30
N GLU A 155 -38.32 -20.83 -14.89
CA GLU A 155 -37.31 -19.83 -15.18
C GLU A 155 -37.12 -19.69 -16.68
N SER A 156 -36.56 -18.56 -17.08
CA SER A 156 -36.27 -18.31 -18.48
C SER A 156 -34.97 -19.00 -18.90
N THR A 157 -34.85 -19.25 -20.20
CA THR A 157 -33.65 -19.85 -20.77
C THR A 157 -32.63 -18.80 -21.19
N GLU A 158 -32.65 -17.63 -20.56
CA GLU A 158 -31.70 -16.56 -20.85
C GLU A 158 -30.93 -16.22 -19.58
N TYR A 159 -29.61 -16.17 -19.69
CA TYR A 159 -28.77 -15.84 -18.55
C TYR A 159 -27.44 -15.30 -19.06
N ASN A 160 -26.99 -14.20 -18.46
CA ASN A 160 -25.68 -13.61 -18.77
C ASN A 160 -24.71 -14.03 -17.68
N PHE A 161 -23.89 -15.03 -17.97
CA PHE A 161 -23.03 -15.59 -16.95
C PHE A 161 -21.87 -14.64 -16.64
N PRO A 162 -21.56 -14.42 -15.37
CA PRO A 162 -20.56 -13.40 -15.03
C PRO A 162 -19.16 -13.81 -15.42
N ASP A 163 -18.29 -12.82 -15.54
CA ASP A 163 -16.87 -13.06 -15.73
C ASP A 163 -16.31 -12.84 -14.35
N PHE A 164 -15.43 -13.65 -13.89
CA PHE A 164 -14.73 -13.51 -12.63
C PHE A 164 -13.32 -14.06 -12.78
N ASP A 165 -12.55 -13.97 -11.71
CA ASP A 165 -11.20 -14.50 -11.70
C ASP A 165 -11.22 -16.01 -11.95
N GLU A 166 -10.28 -16.49 -12.76
CA GLU A 166 -10.22 -17.90 -13.08
C GLU A 166 -9.78 -18.75 -11.89
N ASN A 167 -9.17 -18.13 -10.87
CA ASN A 167 -8.82 -18.84 -9.66
C ASN A 167 -9.97 -18.91 -8.66
N THR A 168 -11.18 -18.58 -9.08
CA THR A 168 -12.36 -18.79 -8.26
C THR A 168 -12.62 -20.28 -8.12
N VAL A 169 -12.86 -20.72 -6.89
CA VAL A 169 -13.10 -22.14 -6.65
C VAL A 169 -14.45 -22.54 -7.25
N ALA A 170 -14.42 -23.55 -8.11
CA ALA A 170 -15.61 -24.03 -8.81
C ALA A 170 -16.21 -25.28 -8.19
N THR A 171 -15.38 -26.25 -7.82
CA THR A 171 -15.86 -27.53 -7.32
C THR A 171 -15.11 -27.89 -6.06
N THR A 172 -15.79 -28.64 -5.19
CA THR A 172 -15.16 -29.20 -4.00
C THR A 172 -15.82 -30.53 -3.68
N PHE A 173 -15.04 -31.42 -3.07
CA PHE A 173 -15.55 -32.70 -2.59
C PHE A 173 -14.55 -33.22 -1.57
N TYR A 174 -14.95 -34.26 -0.85
CA TYR A 174 -14.21 -34.73 0.31
C TYR A 174 -13.71 -36.15 0.06
N THR A 175 -12.51 -36.31 0.46
CA THR A 175 -11.77 -37.53 0.33
C THR A 175 -11.54 -38.16 1.57
N THR A 176 -11.82 -39.38 1.62
CA THR A 176 -11.51 -40.18 2.81
C THR A 176 -10.35 -41.01 2.55
N GLY A 177 -9.23 -40.63 3.01
CA GLY A 177 -7.97 -41.30 2.81
C GLY A 177 -7.42 -41.95 4.07
N THR A 178 -6.36 -41.39 4.61
CA THR A 178 -5.69 -41.91 5.82
C THR A 178 -5.78 -40.90 6.95
N THR A 179 -6.87 -40.12 6.97
CA THR A 179 -7.12 -39.14 8.01
C THR A 179 -8.31 -39.58 8.83
N GLY A 180 -8.45 -38.97 10.02
CA GLY A 180 -9.59 -39.26 10.88
C GLY A 180 -10.90 -38.69 10.40
N PHE A 181 -10.86 -37.70 9.54
CA PHE A 181 -12.05 -37.08 8.96
C PHE A 181 -11.84 -36.89 7.46
N PRO A 182 -12.93 -36.83 6.69
CA PRO A 182 -12.79 -36.58 5.25
C PRO A 182 -12.08 -35.27 4.98
N LYS A 183 -11.24 -35.28 3.95
CA LYS A 183 -10.42 -34.12 3.60
C LYS A 183 -11.01 -33.42 2.39
N GLY A 184 -11.23 -32.12 2.52
CA GLY A 184 -11.83 -31.34 1.45
C GLY A 184 -10.82 -30.83 0.43
N VAL A 185 -10.92 -31.33 -0.80
CA VAL A 185 -10.12 -30.83 -1.91
C VAL A 185 -11.02 -29.95 -2.78
N PHE A 186 -10.42 -28.92 -3.38
CA PHE A 186 -11.17 -27.95 -4.16
C PHE A 186 -10.39 -27.61 -5.43
N PHE A 187 -11.12 -27.16 -6.44
CA PHE A 187 -10.53 -26.85 -7.73
C PHE A 187 -11.16 -25.59 -8.28
N THR A 188 -10.36 -24.81 -8.99
CA THR A 188 -10.80 -23.55 -9.57
C THR A 188 -11.27 -23.78 -11.01
N HIS A 189 -11.86 -22.72 -11.58
CA HIS A 189 -12.26 -22.77 -12.98
C HIS A 189 -11.07 -23.00 -13.89
N ARG A 190 -9.96 -22.31 -13.61
CA ARG A 190 -8.76 -22.46 -14.41
C ARG A 190 -8.24 -23.89 -14.36
N GLN A 191 -8.24 -24.50 -13.17
CA GLN A 191 -7.72 -25.86 -13.04
C GLN A 191 -8.58 -26.85 -13.81
N LEU A 192 -9.91 -26.70 -13.76
CA LEU A 192 -10.77 -27.62 -14.48
C LEU A 192 -10.67 -27.43 -15.98
N VAL A 193 -10.59 -26.18 -16.44
CA VAL A 193 -10.39 -25.92 -17.87
C VAL A 193 -9.07 -26.50 -18.35
N LEU A 194 -8.01 -26.31 -17.56
CA LEU A 194 -6.70 -26.84 -17.92
C LEU A 194 -6.71 -28.36 -17.89
N HIS A 195 -7.42 -28.98 -16.95
CA HIS A 195 -7.53 -30.43 -16.93
C HIS A 195 -8.22 -30.94 -18.19
N THR A 196 -9.31 -30.29 -18.58
CA THR A 196 -10.00 -30.69 -19.81
C THR A 196 -9.08 -30.56 -21.01
N MET A 197 -8.40 -29.42 -21.15
CA MET A 197 -7.53 -29.20 -22.30
C MET A 197 -6.37 -30.19 -22.31
N GLY A 198 -5.74 -30.42 -21.16
CA GLY A 198 -4.60 -31.30 -21.10
C GLY A 198 -4.95 -32.75 -21.40
N ILE A 199 -6.04 -33.25 -20.81
CA ILE A 199 -6.41 -34.62 -21.09
C ILE A 199 -6.89 -34.78 -22.53
N LEU A 200 -7.57 -33.77 -23.07
CA LEU A 200 -7.96 -33.85 -24.48
C LEU A 200 -6.74 -33.83 -25.40
N SER A 201 -5.73 -33.03 -25.07
CA SER A 201 -4.50 -33.05 -25.85
C SER A 201 -3.76 -34.37 -25.72
N THR A 202 -3.85 -35.02 -24.56
CA THR A 202 -3.14 -36.28 -24.34
C THR A 202 -3.82 -37.44 -25.05
N ILE A 203 -5.11 -37.66 -24.78
CA ILE A 203 -5.79 -38.83 -25.32
C ILE A 203 -6.49 -38.55 -26.65
N GLY A 204 -6.79 -37.29 -26.95
CA GLY A 204 -7.34 -36.96 -28.26
C GLY A 204 -6.34 -37.19 -29.37
N THR A 205 -5.07 -36.90 -29.11
CA THR A 205 -4.01 -36.99 -30.12
C THR A 205 -3.42 -38.39 -30.24
N ASN A 206 -4.06 -39.39 -29.65
CA ASN A 206 -3.66 -40.78 -29.86
C ASN A 206 -3.79 -41.14 -31.34
N ALA A 207 -2.85 -41.93 -31.84
CA ALA A 207 -2.88 -42.33 -33.24
C ALA A 207 -4.10 -43.21 -33.53
N SER A 208 -4.17 -44.38 -32.91
CA SER A 208 -5.28 -45.30 -33.11
C SER A 208 -6.00 -45.65 -31.82
N GLN A 209 -5.28 -46.02 -30.78
CA GLN A 209 -5.86 -46.64 -29.60
C GLN A 209 -6.13 -45.61 -28.50
N GLY A 210 -7.20 -45.84 -27.74
CA GLY A 210 -7.50 -45.04 -26.57
C GLY A 210 -7.84 -43.59 -26.84
N ARG A 211 -8.57 -43.33 -27.92
CA ARG A 211 -8.92 -41.97 -28.28
C ARG A 211 -10.26 -41.57 -27.69
N LEU A 212 -10.33 -40.32 -27.21
CA LEU A 212 -11.60 -39.65 -26.96
C LEU A 212 -11.73 -38.55 -28.01
N HIS A 213 -12.53 -38.79 -29.03
CA HIS A 213 -12.64 -37.87 -30.15
C HIS A 213 -14.08 -37.40 -30.30
N GLN A 214 -14.31 -36.55 -31.30
CA GLN A 214 -15.59 -35.87 -31.47
C GLN A 214 -16.68 -36.79 -31.97
N GLY A 215 -16.33 -37.98 -32.46
CA GLY A 215 -17.31 -38.95 -32.89
C GLY A 215 -17.69 -39.98 -31.84
N ASP A 216 -17.10 -39.90 -30.65
CA ASP A 216 -17.36 -40.86 -29.59
C ASP A 216 -18.73 -40.60 -28.97
N ILE A 217 -19.25 -41.62 -28.29
CA ILE A 217 -20.47 -41.51 -27.50
C ILE A 217 -20.09 -41.83 -26.05
N TYR A 218 -20.32 -40.88 -25.16
CA TYR A 218 -19.79 -40.93 -23.81
C TYR A 218 -20.84 -41.42 -22.83
N MET A 219 -20.46 -42.41 -22.01
CA MET A 219 -21.28 -42.84 -20.89
C MET A 219 -20.39 -43.04 -19.66
N PRO A 220 -20.54 -42.22 -18.64
CA PRO A 220 -19.77 -42.44 -17.40
C PRO A 220 -20.25 -43.67 -16.65
N ILE A 221 -19.30 -44.40 -16.07
CA ILE A 221 -19.65 -45.48 -15.16
C ILE A 221 -18.85 -45.30 -13.88
N THR A 222 -18.26 -44.12 -13.71
CA THR A 222 -17.76 -43.74 -12.40
C THR A 222 -18.63 -42.63 -11.84
N PRO A 223 -18.85 -42.59 -10.53
CA PRO A 223 -19.79 -41.61 -9.96
C PRO A 223 -19.36 -40.18 -10.25
N MET A 224 -20.34 -39.33 -10.46
CA MET A 224 -20.10 -37.91 -10.70
C MET A 224 -19.80 -37.15 -9.43
N PHE A 225 -20.01 -37.75 -8.25
CA PHE A 225 -19.58 -37.14 -7.00
C PHE A 225 -18.13 -37.45 -6.67
N HIS A 226 -17.48 -38.30 -7.45
CA HIS A 226 -16.05 -38.55 -7.36
C HIS A 226 -15.31 -37.40 -8.02
N VAL A 227 -14.05 -37.62 -8.41
CA VAL A 227 -13.24 -36.49 -8.86
C VAL A 227 -13.72 -36.06 -10.23
N HIS A 228 -14.74 -35.18 -10.24
CA HIS A 228 -15.33 -34.64 -11.47
C HIS A 228 -15.67 -35.73 -12.47
N ALA A 229 -15.97 -36.94 -11.97
CA ALA A 229 -16.08 -38.13 -12.81
C ALA A 229 -14.86 -38.28 -13.70
N TRP A 230 -13.69 -38.02 -13.12
CA TRP A 230 -12.40 -38.05 -13.81
C TRP A 230 -12.32 -36.98 -14.89
N GLY A 231 -13.15 -35.93 -14.77
CA GLY A 231 -13.16 -34.83 -15.69
C GLY A 231 -13.78 -35.12 -17.05
N LEU A 232 -14.30 -36.31 -17.26
CA LEU A 232 -14.84 -36.73 -18.55
C LEU A 232 -16.14 -36.03 -18.95
N PRO A 233 -17.05 -35.69 -18.03
CA PRO A 233 -18.21 -34.89 -18.46
C PRO A 233 -17.83 -33.56 -19.08
N TYR A 234 -16.83 -32.88 -18.51
CA TYR A 234 -16.37 -31.61 -19.08
C TYR A 234 -15.78 -31.81 -20.46
N MET A 235 -14.94 -32.84 -20.62
CA MET A 235 -14.32 -33.11 -21.92
C MET A 235 -15.36 -33.51 -22.96
N ALA A 236 -16.34 -34.32 -22.55
CA ALA A 236 -17.38 -34.75 -23.48
C ALA A 236 -18.26 -33.58 -23.90
N THR A 237 -18.56 -32.67 -22.96
CA THR A 237 -19.31 -31.47 -23.32
C THR A 237 -18.50 -30.58 -24.26
N MET A 238 -17.21 -30.43 -23.98
CA MET A 238 -16.38 -29.56 -24.80
C MET A 238 -16.16 -30.16 -26.19
N LEU A 239 -16.23 -31.48 -26.31
CA LEU A 239 -16.16 -32.13 -27.62
C LEU A 239 -17.52 -32.18 -28.31
N GLY A 240 -18.60 -31.85 -27.62
CA GLY A 240 -19.91 -31.86 -28.23
C GLY A 240 -20.45 -33.22 -28.55
N VAL A 241 -19.96 -34.27 -27.89
CA VAL A 241 -20.33 -35.64 -28.23
C VAL A 241 -21.63 -36.01 -27.55
N LYS A 242 -22.26 -37.08 -28.02
CA LYS A 242 -23.45 -37.61 -27.39
C LYS A 242 -23.11 -38.16 -26.01
N GLN A 243 -23.83 -37.69 -24.99
CA GLN A 243 -23.58 -38.07 -23.61
C GLN A 243 -24.76 -38.87 -23.09
N VAL A 244 -24.48 -40.09 -22.62
CA VAL A 244 -25.49 -40.97 -22.04
C VAL A 244 -25.20 -41.12 -20.56
N TYR A 245 -26.18 -40.78 -19.72
CA TYR A 245 -26.02 -40.89 -18.28
C TYR A 245 -26.92 -41.99 -17.76
N PRO A 246 -26.38 -42.99 -17.05
CA PRO A 246 -27.17 -44.19 -16.72
C PRO A 246 -27.94 -44.13 -15.41
N GLY A 247 -27.73 -43.13 -14.58
CA GLY A 247 -28.38 -43.14 -13.27
C GLY A 247 -27.69 -44.12 -12.34
N LYS A 248 -28.49 -44.82 -11.54
CA LYS A 248 -27.95 -45.85 -10.66
C LYS A 248 -27.35 -46.98 -11.49
N TYR A 249 -26.14 -47.36 -11.14
CA TYR A 249 -25.43 -48.43 -11.87
C TYR A 249 -25.95 -49.84 -11.75
N VAL A 250 -26.79 -50.28 -12.64
CA VAL A 250 -27.27 -51.64 -12.75
C VAL A 250 -26.58 -52.27 -13.96
N PRO A 251 -25.85 -53.37 -13.80
CA PRO A 251 -25.08 -53.91 -14.94
C PRO A 251 -25.90 -54.18 -16.19
N ASP A 252 -27.12 -54.71 -16.04
CA ASP A 252 -27.96 -54.95 -17.20
C ASP A 252 -28.40 -53.63 -17.84
N VAL A 253 -28.73 -52.64 -17.01
CA VAL A 253 -29.09 -51.32 -17.53
C VAL A 253 -27.92 -50.70 -18.28
N LEU A 254 -26.72 -50.80 -17.72
CA LEU A 254 -25.54 -50.27 -18.38
C LEU A 254 -25.27 -50.97 -19.70
N LEU A 255 -25.39 -52.30 -19.73
CA LEU A 255 -25.19 -53.05 -20.97
C LEU A 255 -26.21 -52.66 -22.02
N ASN A 256 -27.48 -52.52 -21.62
CA ASN A 256 -28.51 -52.13 -22.56
C ASN A 256 -28.27 -50.72 -23.09
N LEU A 257 -27.81 -49.82 -22.23
CA LEU A 257 -27.48 -48.47 -22.69
C LEU A 257 -26.32 -48.49 -23.67
N ILE A 258 -25.29 -49.30 -23.40
CA ILE A 258 -24.16 -49.40 -24.33
C ILE A 258 -24.63 -49.93 -25.68
N GLU A 259 -25.49 -50.94 -25.66
CA GLU A 259 -25.98 -51.52 -26.91
C GLU A 259 -26.85 -50.53 -27.68
N GLN A 260 -27.85 -49.96 -27.03
CA GLN A 260 -28.82 -49.08 -27.68
C GLN A 260 -28.36 -47.70 -28.07
N GLU A 261 -27.51 -47.12 -27.26
CA GLU A 261 -26.97 -45.81 -27.55
C GLU A 261 -25.62 -45.86 -28.24
N LYS A 262 -25.11 -47.05 -28.42
CA LYS A 262 -23.85 -47.25 -29.13
C LYS A 262 -22.71 -46.54 -28.43
N VAL A 263 -22.57 -46.78 -27.13
CA VAL A 263 -21.56 -46.12 -26.32
C VAL A 263 -20.17 -46.59 -26.76
N THR A 264 -19.29 -45.62 -27.00
CA THR A 264 -17.94 -45.91 -27.46
C THR A 264 -16.86 -45.56 -26.45
N PHE A 265 -17.13 -44.63 -25.54
CA PHE A 265 -16.16 -44.22 -24.54
C PHE A 265 -16.80 -44.26 -23.16
N SER A 266 -16.12 -44.90 -22.21
CA SER A 266 -16.60 -44.98 -20.84
C SER A 266 -15.41 -44.96 -19.89
N HIS A 267 -15.72 -44.77 -18.61
CA HIS A 267 -14.74 -44.93 -17.55
C HIS A 267 -15.41 -45.64 -16.38
N CYS A 268 -14.72 -46.63 -15.82
CA CYS A 268 -15.27 -47.40 -14.71
C CYS A 268 -14.12 -47.96 -13.87
N VAL A 269 -14.49 -48.54 -12.74
CA VAL A 269 -13.55 -49.19 -11.82
C VAL A 269 -13.47 -50.66 -12.20
N PRO A 270 -12.45 -51.40 -11.75
CA PRO A 270 -12.37 -52.82 -12.11
C PRO A 270 -13.58 -53.64 -11.66
N THR A 271 -14.18 -53.31 -10.53
CA THR A 271 -15.35 -54.06 -10.07
C THR A 271 -16.51 -53.92 -11.04
N ILE A 272 -16.77 -52.70 -11.52
CA ILE A 272 -17.85 -52.49 -12.47
C ILE A 272 -17.57 -53.19 -13.78
N LEU A 273 -16.31 -53.12 -14.26
CA LEU A 273 -15.97 -53.80 -15.50
C LEU A 273 -16.14 -55.32 -15.37
N HIS A 274 -15.75 -55.88 -14.22
CA HIS A 274 -15.96 -57.31 -14.00
C HIS A 274 -17.44 -57.65 -13.97
N LEU A 275 -18.26 -56.82 -13.31
CA LEU A 275 -19.70 -57.07 -13.30
C LEU A 275 -20.31 -57.00 -14.69
N LEU A 276 -19.80 -56.08 -15.52
CA LEU A 276 -20.30 -55.96 -16.89
C LEU A 276 -19.88 -57.16 -17.73
N LEU A 277 -18.65 -57.61 -17.57
CA LEU A 277 -18.14 -58.71 -18.39
C LEU A 277 -18.71 -60.06 -17.97
N SER A 278 -19.04 -60.22 -16.69
CA SER A 278 -19.56 -61.49 -16.19
C SER A 278 -21.07 -61.60 -16.30
N SER A 279 -21.76 -60.53 -16.69
CA SER A 279 -23.21 -60.58 -16.80
C SER A 279 -23.62 -61.45 -17.99
N PRO A 280 -24.65 -62.28 -17.84
CA PRO A 280 -25.10 -63.09 -18.98
C PRO A 280 -25.51 -62.27 -20.18
N LYS A 281 -26.05 -61.07 -19.97
CA LYS A 281 -26.48 -60.21 -21.07
C LYS A 281 -25.31 -59.72 -21.93
N SER A 282 -24.08 -59.77 -21.41
CA SER A 282 -22.92 -59.29 -22.14
C SER A 282 -22.35 -60.31 -23.11
N LYS A 283 -22.81 -61.56 -23.06
CA LYS A 283 -22.26 -62.61 -23.93
C LYS A 283 -22.65 -62.38 -25.36
N ALA A 284 -23.88 -61.96 -25.56
CA ALA A 284 -24.38 -61.67 -26.89
C ALA A 284 -24.24 -60.20 -27.26
N MET A 285 -23.27 -59.51 -26.66
CA MET A 285 -23.07 -58.08 -26.87
C MET A 285 -21.82 -57.85 -27.70
N ASP A 286 -21.91 -56.94 -28.67
CA ASP A 286 -20.76 -56.56 -29.49
C ASP A 286 -20.07 -55.39 -28.79
N PHE A 287 -18.96 -55.68 -28.12
CA PHE A 287 -18.20 -54.69 -27.39
C PHE A 287 -17.14 -54.02 -28.24
N SER A 288 -17.04 -54.35 -29.52
CA SER A 288 -16.12 -53.68 -30.41
C SER A 288 -16.51 -52.22 -30.56
N GLY A 289 -15.52 -51.34 -30.52
CA GLY A 289 -15.76 -49.92 -30.55
C GLY A 289 -16.02 -49.28 -29.21
N TRP A 290 -16.12 -50.06 -28.14
CA TRP A 290 -16.28 -49.53 -26.80
C TRP A 290 -14.91 -49.40 -26.14
N LYS A 291 -14.57 -48.18 -25.75
CA LYS A 291 -13.31 -47.89 -25.06
C LYS A 291 -13.61 -47.51 -23.62
N VAL A 292 -12.97 -48.20 -22.68
CA VAL A 292 -13.16 -47.95 -21.27
C VAL A 292 -11.80 -47.75 -20.61
N VAL A 293 -11.68 -46.70 -19.82
CA VAL A 293 -10.48 -46.43 -19.04
C VAL A 293 -10.76 -46.81 -17.58
N ILE A 294 -9.80 -47.48 -16.96
CA ILE A 294 -9.95 -48.02 -15.61
C ILE A 294 -8.97 -47.28 -14.71
N GLY A 295 -9.50 -46.46 -13.80
CA GLY A 295 -8.64 -45.63 -12.98
C GLY A 295 -8.83 -45.67 -11.49
N GLY A 296 -9.99 -46.15 -11.03
CA GLY A 296 -10.29 -46.08 -9.60
C GLY A 296 -9.35 -46.91 -8.76
N ALA A 297 -9.12 -48.16 -9.16
CA ALA A 297 -8.16 -49.04 -8.52
C ALA A 297 -7.23 -49.59 -9.59
N ALA A 298 -6.24 -50.37 -9.16
CA ALA A 298 -5.35 -51.03 -10.11
C ALA A 298 -6.16 -52.02 -10.95
N LEU A 299 -5.91 -52.00 -12.25
CA LEU A 299 -6.62 -52.89 -13.16
C LEU A 299 -5.96 -54.26 -13.15
N PRO A 300 -6.65 -55.32 -12.73
CA PRO A 300 -6.04 -56.65 -12.77
C PRO A 300 -5.74 -57.08 -14.19
N LYS A 301 -4.57 -57.63 -14.42
CA LYS A 301 -4.26 -58.17 -15.73
C LYS A 301 -5.26 -59.23 -16.25
N ALA A 302 -5.81 -60.08 -15.40
CA ALA A 302 -6.79 -61.06 -15.87
C ALA A 302 -8.07 -60.37 -16.36
N LEU A 303 -8.54 -59.36 -15.65
CA LEU A 303 -9.71 -58.62 -16.10
C LEU A 303 -9.43 -57.89 -17.40
N CYS A 304 -8.24 -57.28 -17.52
CA CYS A 304 -7.85 -56.63 -18.77
C CYS A 304 -7.79 -57.64 -19.91
N LYS A 305 -7.25 -58.82 -19.64
CA LYS A 305 -7.17 -59.85 -20.68
C LYS A 305 -8.56 -60.31 -21.12
N SER A 306 -9.48 -60.48 -20.18
CA SER A 306 -10.84 -60.87 -20.53
C SER A 306 -11.54 -59.78 -21.34
N ALA A 307 -11.35 -58.52 -20.95
CA ALA A 307 -11.93 -57.42 -21.71
C ALA A 307 -11.34 -57.35 -23.12
N LEU A 308 -10.04 -57.59 -23.25
CA LEU A 308 -9.42 -57.63 -24.57
C LEU A 308 -9.97 -58.78 -25.40
N GLU A 309 -10.22 -59.93 -24.76
CA GLU A 309 -10.85 -61.04 -25.45
C GLU A 309 -12.25 -60.67 -25.91
N ARG A 310 -12.92 -59.77 -25.19
CA ARG A 310 -14.19 -59.23 -25.66
C ARG A 310 -14.03 -58.07 -26.63
N ASP A 311 -12.82 -57.86 -27.17
CA ASP A 311 -12.53 -56.82 -28.15
C ASP A 311 -12.79 -55.42 -27.59
N ILE A 312 -12.53 -55.23 -26.30
CA ILE A 312 -12.70 -53.93 -25.67
C ILE A 312 -11.36 -53.22 -25.62
N ASP A 313 -11.33 -51.97 -26.06
CA ASP A 313 -10.15 -51.13 -25.90
C ASP A 313 -10.10 -50.70 -24.45
N VAL A 314 -9.47 -51.53 -23.63
CA VAL A 314 -9.41 -51.32 -22.18
C VAL A 314 -7.99 -50.88 -21.84
N PHE A 315 -7.89 -49.79 -21.07
CA PHE A 315 -6.61 -49.28 -20.64
C PHE A 315 -6.80 -48.61 -19.29
N ALA A 316 -5.71 -48.47 -18.56
CA ALA A 316 -5.79 -47.99 -17.19
C ALA A 316 -5.34 -46.53 -17.09
N GLY A 317 -5.92 -45.82 -16.11
CA GLY A 317 -5.51 -44.48 -15.80
C GLY A 317 -5.22 -44.36 -14.31
N TYR A 318 -4.62 -43.23 -13.95
CA TYR A 318 -4.20 -43.01 -12.57
C TYR A 318 -4.57 -41.60 -12.13
N GLY A 319 -5.04 -41.49 -10.90
CA GLY A 319 -5.38 -40.21 -10.32
C GLY A 319 -6.02 -40.40 -8.97
N MET A 320 -6.25 -39.27 -8.29
CA MET A 320 -6.88 -39.29 -6.98
C MET A 320 -7.65 -37.99 -6.80
N SER A 321 -8.33 -37.87 -5.67
CA SER A 321 -9.15 -36.70 -5.39
C SER A 321 -8.33 -35.42 -5.41
N GLU A 322 -7.07 -35.48 -5.01
CA GLU A 322 -6.23 -34.29 -4.90
C GLU A 322 -5.66 -33.83 -6.24
N THR A 323 -5.71 -34.65 -7.29
CA THR A 323 -4.87 -34.43 -8.46
C THR A 323 -5.62 -34.13 -9.75
N GLY A 324 -6.90 -33.79 -9.69
CA GLY A 324 -7.58 -33.33 -10.89
C GLY A 324 -8.74 -34.15 -11.44
N PRO A 325 -8.67 -35.49 -11.46
CA PRO A 325 -7.69 -36.42 -10.89
C PRO A 325 -6.53 -36.84 -11.79
N ILE A 326 -6.68 -36.75 -13.11
CA ILE A 326 -5.85 -37.55 -14.01
C ILE A 326 -4.40 -37.08 -13.97
N LEU A 327 -3.49 -38.01 -13.69
CA LEU A 327 -2.06 -37.79 -13.81
C LEU A 327 -1.41 -38.69 -14.85
N SER A 328 -1.87 -39.93 -14.99
CA SER A 328 -1.30 -40.89 -15.92
C SER A 328 -2.42 -41.64 -16.63
N ILE A 329 -2.19 -41.94 -17.91
CA ILE A 329 -3.09 -42.78 -18.70
C ILE A 329 -2.24 -43.71 -19.54
N VAL A 330 -2.71 -44.94 -19.71
CA VAL A 330 -1.99 -45.92 -20.51
C VAL A 330 -2.20 -45.59 -21.98
N GLN A 331 -1.10 -45.35 -22.69
CA GLN A 331 -1.13 -45.03 -24.12
C GLN A 331 -0.18 -45.99 -24.84
N LEU A 332 -0.69 -46.69 -25.83
CA LEU A 332 0.06 -47.74 -26.51
C LEU A 332 0.60 -47.24 -27.84
N THR A 333 1.88 -47.48 -28.08
CA THR A 333 2.48 -47.20 -29.38
C THR A 333 1.93 -48.19 -30.41
N PRO A 334 2.01 -47.84 -31.70
CA PRO A 334 1.56 -48.80 -32.73
C PRO A 334 2.32 -50.12 -32.71
N GLU A 335 3.58 -50.12 -32.28
CA GLU A 335 4.28 -51.38 -32.07
C GLU A 335 3.68 -52.17 -30.92
N GLN A 336 3.23 -51.50 -29.86
CA GLN A 336 2.64 -52.19 -28.72
C GLN A 336 1.27 -52.76 -29.02
N LEU A 337 0.56 -52.20 -30.01
CA LEU A 337 -0.74 -52.73 -30.41
C LEU A 337 -0.62 -53.96 -31.29
N GLU A 338 0.58 -54.30 -31.76
CA GLU A 338 0.80 -55.50 -32.53
C GLU A 338 1.05 -56.73 -31.65
N LEU A 339 1.25 -56.53 -30.35
CA LEU A 339 1.46 -57.65 -29.45
C LEU A 339 0.16 -58.44 -29.26
N ASP A 340 0.30 -59.67 -28.77
CA ASP A 340 -0.85 -60.51 -28.52
C ASP A 340 -1.60 -60.02 -27.27
N VAL A 341 -2.70 -60.70 -26.97
CA VAL A 341 -3.57 -60.27 -25.88
C VAL A 341 -2.84 -60.29 -24.55
N ASP A 342 -2.07 -61.35 -24.29
CA ASP A 342 -1.39 -61.48 -23.00
C ASP A 342 -0.33 -60.39 -22.82
N GLN A 343 0.44 -60.10 -23.88
CA GLN A 343 1.51 -59.12 -23.76
C GLN A 343 0.98 -57.71 -23.54
N GLN A 344 -0.07 -57.34 -24.27
CA GLN A 344 -0.59 -55.98 -24.14
C GLN A 344 -1.58 -55.84 -22.99
N ALA A 345 -2.02 -56.96 -22.39
CA ALA A 345 -2.77 -56.86 -21.14
C ALA A 345 -1.87 -56.38 -20.01
N GLU A 346 -0.59 -56.72 -20.05
CA GLU A 346 0.37 -56.16 -19.09
C GLU A 346 0.50 -54.66 -19.28
N TYR A 347 0.59 -54.20 -20.52
CA TYR A 347 0.77 -52.78 -20.79
C TYR A 347 -0.48 -51.98 -20.43
N ARG A 348 -1.66 -52.50 -20.80
CA ARG A 348 -2.90 -51.77 -20.58
C ARG A 348 -3.31 -51.72 -19.11
N SER A 349 -2.81 -52.63 -18.29
CA SER A 349 -3.13 -52.66 -16.87
C SER A 349 -2.12 -51.90 -16.02
N LYS A 350 -1.11 -51.29 -16.64
CA LYS A 350 -0.13 -50.45 -15.96
C LYS A 350 -0.70 -49.14 -15.49
N THR A 351 -0.04 -48.49 -14.58
CA THR A 351 -0.51 -47.18 -14.14
C THR A 351 -0.57 -46.19 -15.31
N GLY A 352 0.45 -46.18 -16.15
CA GLY A 352 0.47 -45.39 -17.36
C GLY A 352 1.61 -44.41 -17.39
N LYS A 353 1.60 -43.58 -18.43
CA LYS A 353 2.56 -42.50 -18.60
C LYS A 353 1.92 -41.19 -18.20
N LYS A 354 2.71 -40.31 -17.59
CA LYS A 354 2.19 -39.03 -17.13
C LYS A 354 1.59 -38.24 -18.29
N VAL A 355 0.42 -37.66 -18.05
CA VAL A 355 -0.31 -36.91 -19.07
C VAL A 355 0.37 -35.56 -19.27
N ALA A 356 -0.08 -34.84 -20.31
CA ALA A 356 0.50 -33.54 -20.64
C ALA A 356 0.44 -32.58 -19.45
N LEU A 357 1.51 -31.80 -19.29
CA LEU A 357 1.67 -30.76 -18.27
C LEU A 357 1.86 -31.33 -16.87
N VAL A 358 2.03 -32.64 -16.75
CA VAL A 358 2.23 -33.29 -15.45
C VAL A 358 3.68 -33.74 -15.37
N GLU A 359 4.37 -33.34 -14.31
CA GLU A 359 5.70 -33.84 -14.00
C GLU A 359 5.62 -34.72 -12.76
N ALA A 360 6.09 -35.95 -12.89
CA ALA A 360 5.96 -36.95 -11.83
C ALA A 360 7.32 -37.52 -11.51
N TYR A 361 7.60 -37.67 -10.22
CA TYR A 361 8.85 -38.24 -9.74
C TYR A 361 8.56 -39.23 -8.63
N ILE A 362 9.46 -40.19 -8.46
CA ILE A 362 9.44 -41.12 -7.34
C ILE A 362 10.59 -40.75 -6.41
N VAL A 363 10.28 -40.54 -5.14
CA VAL A 363 11.23 -40.05 -4.16
C VAL A 363 11.23 -40.98 -2.95
N ASP A 364 12.24 -40.80 -2.09
CA ASP A 364 12.32 -41.49 -0.82
C ASP A 364 11.76 -40.60 0.27
N GLU A 365 11.95 -41.01 1.53
CA GLU A 365 11.41 -40.25 2.66
C GLU A 365 12.04 -38.87 2.79
N ASP A 366 13.21 -38.65 2.19
CA ASP A 366 13.87 -37.36 2.24
C ASP A 366 13.67 -36.55 0.96
N MET A 367 12.69 -36.93 0.14
CA MET A 367 12.37 -36.22 -1.11
C MET A 367 13.55 -36.18 -2.07
N ASN A 368 14.31 -37.27 -2.10
CA ASN A 368 15.38 -37.43 -3.08
C ASN A 368 14.85 -38.26 -4.25
N LYS A 369 14.98 -37.70 -5.46
CA LYS A 369 14.41 -38.35 -6.62
C LYS A 369 15.18 -39.62 -6.96
N LEU A 370 14.44 -40.70 -7.21
CA LEU A 370 15.02 -42.01 -7.50
C LEU A 370 15.07 -42.25 -9.01
N PRO A 371 16.04 -43.03 -9.47
CA PRO A 371 16.16 -43.28 -10.92
C PRO A 371 14.95 -44.01 -11.46
N HIS A 372 14.63 -43.72 -12.72
CA HIS A 372 13.54 -44.38 -13.43
C HIS A 372 14.10 -45.59 -14.15
N ASP A 373 14.11 -46.73 -13.47
CA ASP A 373 14.67 -47.96 -14.02
C ASP A 373 13.72 -49.15 -13.95
N GLY A 374 12.49 -48.96 -13.44
CA GLY A 374 11.54 -50.04 -13.34
C GLY A 374 11.71 -50.95 -12.13
N GLU A 375 12.72 -50.71 -11.30
CA GLU A 375 12.94 -51.50 -10.09
C GLU A 375 12.89 -50.66 -8.83
N THR A 376 13.59 -49.53 -8.81
CA THR A 376 13.60 -48.67 -7.63
C THR A 376 12.22 -48.06 -7.42
N ALA A 377 11.67 -48.21 -6.22
CA ALA A 377 10.32 -47.78 -5.91
C ALA A 377 10.35 -46.68 -4.87
N GLY A 378 9.48 -45.68 -5.05
CA GLY A 378 9.33 -44.59 -4.11
C GLY A 378 7.97 -43.96 -4.26
N GLU A 379 7.70 -42.99 -3.40
CA GLU A 379 6.42 -42.28 -3.45
C GLU A 379 6.36 -41.40 -4.69
N ILE A 380 5.24 -41.48 -5.40
CA ILE A 380 5.01 -40.58 -6.53
C ILE A 380 4.73 -39.17 -5.99
N VAL A 381 5.46 -38.19 -6.51
CA VAL A 381 5.23 -36.79 -6.20
C VAL A 381 5.04 -36.06 -7.52
N VAL A 382 4.04 -35.19 -7.58
CA VAL A 382 3.60 -34.62 -8.85
C VAL A 382 3.48 -33.11 -8.75
N ARG A 383 3.67 -32.45 -9.88
CA ARG A 383 3.26 -31.08 -10.09
C ARG A 383 2.41 -31.05 -11.35
N ALA A 384 1.26 -30.37 -11.29
CA ALA A 384 0.32 -30.36 -12.41
C ALA A 384 -0.51 -29.10 -12.30
N PRO A 385 -1.12 -28.66 -13.40
CA PRO A 385 -1.96 -27.46 -13.36
C PRO A 385 -3.32 -27.66 -12.69
N TRP A 386 -3.61 -28.85 -12.19
CA TRP A 386 -4.94 -29.14 -11.66
C TRP A 386 -4.84 -29.91 -10.34
N LEU A 387 -3.87 -29.55 -9.51
CA LEU A 387 -3.73 -30.13 -8.18
C LEU A 387 -4.37 -29.21 -7.15
N THR A 388 -4.99 -29.80 -6.15
CA THR A 388 -5.52 -29.00 -5.05
C THR A 388 -4.35 -28.37 -4.30
N PRO A 389 -4.39 -27.05 -4.04
CA PRO A 389 -3.24 -26.43 -3.36
C PRO A 389 -3.09 -26.87 -1.92
N ASN A 390 -4.17 -27.29 -1.28
CA ASN A 390 -4.17 -27.68 0.12
C ASN A 390 -5.50 -28.39 0.39
N TYR A 391 -5.73 -28.73 1.66
CA TYR A 391 -7.01 -29.25 2.10
C TYR A 391 -7.81 -28.10 2.71
N TYR A 392 -9.12 -28.11 2.45
CA TYR A 392 -9.98 -27.04 2.93
C TYR A 392 -9.99 -26.98 4.44
N LYS A 393 -9.73 -25.79 4.99
CA LYS A 393 -9.74 -25.55 6.44
C LYS A 393 -8.78 -26.49 7.17
N ASP A 394 -7.64 -26.77 6.55
CA ASP A 394 -6.66 -27.68 7.11
C ASP A 394 -5.26 -27.11 6.91
N ASN A 395 -4.40 -27.23 7.87
CA ASN A 395 -3.06 -26.74 7.74
C ASN A 395 -2.05 -27.84 7.78
N LYS A 396 -2.10 -28.73 8.72
CA LYS A 396 -1.07 -29.73 8.86
C LYS A 396 -1.11 -30.83 7.88
N ASN A 397 -2.27 -31.35 7.61
CA ASN A 397 -2.45 -32.31 6.53
C ASN A 397 -2.15 -31.67 5.18
N SER A 398 -2.48 -30.39 5.02
CA SER A 398 -2.15 -29.68 3.80
C SER A 398 -0.65 -29.51 3.65
N LYS A 399 0.06 -29.23 4.75
CA LYS A 399 1.51 -29.12 4.70
C LYS A 399 2.15 -30.45 4.35
N ALA A 400 1.62 -31.55 4.90
CA ALA A 400 2.15 -32.87 4.58
C ALA A 400 1.86 -33.26 3.13
N LEU A 401 0.71 -32.82 2.60
CA LEU A 401 0.34 -33.16 1.23
C LEU A 401 1.28 -32.51 0.22
N TRP A 402 1.75 -31.30 0.50
CA TRP A 402 2.64 -30.57 -0.40
C TRP A 402 4.04 -30.44 0.16
N ARG A 403 4.49 -31.45 0.91
CA ARG A 403 5.81 -31.41 1.52
C ARG A 403 6.90 -31.48 0.45
N GLY A 404 7.90 -30.62 0.59
CA GLY A 404 9.01 -30.61 -0.34
C GLY A 404 8.76 -29.91 -1.66
N GLY A 405 7.61 -29.26 -1.82
CA GLY A 405 7.28 -28.58 -3.05
C GLY A 405 6.56 -29.42 -4.08
N TYR A 406 6.16 -30.64 -3.73
CA TYR A 406 5.42 -31.50 -4.64
C TYR A 406 4.24 -32.11 -3.89
N LEU A 407 3.20 -32.45 -4.63
CA LEU A 407 2.03 -33.11 -4.06
C LEU A 407 2.36 -34.58 -3.87
N HIS A 408 2.18 -35.08 -2.65
CA HIS A 408 2.46 -36.47 -2.32
C HIS A 408 1.20 -37.30 -2.56
N THR A 409 1.28 -38.24 -3.50
CA THR A 409 0.13 -39.07 -3.84
C THR A 409 -0.11 -40.18 -2.82
N GLY A 410 0.87 -40.51 -2.00
CA GLY A 410 0.74 -41.62 -1.09
C GLY A 410 0.90 -42.97 -1.72
N ASP A 411 1.35 -43.03 -2.98
CA ASP A 411 1.50 -44.28 -3.71
C ASP A 411 2.97 -44.54 -3.97
N VAL A 412 3.39 -45.79 -3.76
CA VAL A 412 4.75 -46.22 -4.03
C VAL A 412 4.78 -46.86 -5.40
N ALA A 413 5.72 -46.43 -6.25
CA ALA A 413 5.76 -46.91 -7.62
C ALA A 413 7.19 -46.86 -8.13
N HIS A 414 7.43 -47.62 -9.20
CA HIS A 414 8.63 -47.51 -10.01
C HIS A 414 8.25 -47.07 -11.40
N ILE A 415 9.18 -46.40 -12.07
CA ILE A 415 8.95 -45.84 -13.40
C ILE A 415 9.97 -46.46 -14.36
N ASP A 416 9.49 -46.91 -15.51
CA ASP A 416 10.36 -47.49 -16.53
C ASP A 416 11.21 -46.40 -17.17
N ASP A 417 12.18 -46.84 -17.98
CA ASP A 417 12.96 -45.89 -18.77
C ASP A 417 12.08 -45.17 -19.78
N GLU A 418 11.13 -45.90 -20.38
CA GLU A 418 10.18 -45.30 -21.32
C GLU A 418 9.16 -44.40 -20.63
N GLY A 419 9.10 -44.40 -19.31
CA GLY A 419 8.16 -43.59 -18.57
C GLY A 419 6.93 -44.30 -18.07
N PHE A 420 6.84 -45.61 -18.23
CA PHE A 420 5.69 -46.37 -17.74
C PHE A 420 5.75 -46.48 -16.23
N ILE A 421 4.78 -45.87 -15.55
CA ILE A 421 4.69 -45.95 -14.10
C ILE A 421 3.96 -47.23 -13.73
N LYS A 422 4.43 -47.90 -12.68
CA LYS A 422 3.77 -49.08 -12.12
C LYS A 422 3.74 -48.94 -10.61
N ILE A 423 2.54 -48.83 -10.05
CA ILE A 423 2.36 -48.63 -8.62
C ILE A 423 2.38 -49.98 -7.93
N THR A 424 3.19 -50.10 -6.87
CA THR A 424 3.28 -51.32 -6.10
C THR A 424 2.23 -51.34 -4.99
N ASP A 425 2.29 -50.37 -4.08
CA ASP A 425 1.30 -50.24 -3.01
C ASP A 425 1.37 -48.81 -2.47
N ARG A 426 0.74 -48.59 -1.32
CA ARG A 426 0.67 -47.28 -0.70
C ARG A 426 1.88 -47.05 0.20
N VAL A 427 2.12 -45.77 0.52
CA VAL A 427 3.21 -45.41 1.42
C VAL A 427 2.89 -45.84 2.84
N LYS A 428 1.65 -45.63 3.28
CA LYS A 428 1.27 -46.03 4.63
C LYS A 428 1.12 -47.53 4.75
N ASP A 429 0.76 -48.21 3.67
CA ASP A 429 0.66 -49.67 3.64
C ASP A 429 1.99 -50.29 3.21
N MET A 430 3.07 -49.89 3.86
CA MET A 430 4.41 -50.32 3.50
C MET A 430 5.00 -51.18 4.60
N ILE A 431 5.69 -52.25 4.20
CA ILE A 431 6.35 -53.17 5.12
C ILE A 431 7.83 -52.86 5.10
N LYS A 432 8.36 -52.38 6.23
CA LYS A 432 9.75 -51.97 6.36
C LYS A 432 10.47 -53.00 7.23
N ILE A 433 11.43 -53.71 6.63
CA ILE A 433 12.17 -54.77 7.32
C ILE A 433 13.65 -54.40 7.25
N SER A 434 14.22 -54.06 8.40
CA SER A 434 15.66 -53.84 8.55
C SER A 434 16.13 -52.63 7.73
N GLY A 435 16.22 -52.80 6.42
CA GLY A 435 16.66 -51.73 5.55
C GLY A 435 15.96 -51.70 4.21
N GLU A 436 14.90 -52.49 4.06
CA GLU A 436 14.20 -52.63 2.79
C GLU A 436 12.71 -52.43 2.99
N TRP A 437 12.05 -52.03 1.90
CA TRP A 437 10.60 -51.90 1.85
C TRP A 437 10.06 -52.90 0.84
N VAL A 438 9.08 -53.71 1.25
CA VAL A 438 8.44 -54.68 0.39
C VAL A 438 6.95 -54.36 0.31
N SER A 439 6.38 -54.53 -0.87
CA SER A 439 4.96 -54.25 -1.07
C SER A 439 4.10 -55.21 -0.27
N SER A 440 2.93 -54.72 0.17
CA SER A 440 1.96 -55.53 0.87
C SER A 440 0.85 -56.05 -0.05
N LEU A 441 0.93 -55.76 -1.35
CA LEU A 441 -0.11 -56.16 -2.28
C LEU A 441 0.25 -57.39 -3.10
N GLU A 442 1.51 -57.55 -3.51
CA GLU A 442 1.89 -58.73 -4.27
C GLU A 442 1.92 -59.98 -3.38
N LEU A 443 2.08 -59.80 -2.07
CA LEU A 443 2.00 -60.93 -1.16
C LEU A 443 0.60 -61.54 -1.16
N GLU A 444 -0.43 -60.69 -1.28
CA GLU A 444 -1.80 -61.19 -1.34
C GLU A 444 -2.00 -62.07 -2.58
N ASP A 445 -1.48 -61.63 -3.73
CA ASP A 445 -1.57 -62.45 -4.94
C ASP A 445 -0.74 -63.72 -4.83
N ILE A 446 0.41 -63.64 -4.15
CA ILE A 446 1.23 -64.83 -3.94
C ILE A 446 0.49 -65.86 -3.11
N LEU A 447 -0.18 -65.41 -2.05
CA LEU A 447 -0.87 -66.31 -1.14
C LEU A 447 -2.31 -66.60 -1.55
N HIS A 448 -2.77 -66.04 -2.65
CA HIS A 448 -4.10 -66.32 -3.17
C HIS A 448 -4.12 -67.49 -4.15
N GLN A 449 -2.99 -68.15 -4.38
CA GLN A 449 -2.90 -69.20 -5.38
C GLN A 449 -3.33 -70.58 -4.86
N HIS A 450 -3.65 -70.70 -3.57
CA HIS A 450 -4.06 -71.98 -3.03
C HIS A 450 -5.49 -72.32 -3.45
N GLN A 451 -5.82 -73.60 -3.38
CA GLN A 451 -7.16 -74.06 -3.72
C GLN A 451 -8.17 -73.83 -2.61
N SER A 452 -7.73 -73.39 -1.43
CA SER A 452 -8.61 -73.17 -0.30
C SER A 452 -8.34 -71.81 0.35
N VAL A 453 -8.15 -70.78 -0.48
CA VAL A 453 -7.99 -69.41 -0.01
C VAL A 453 -8.95 -68.53 -0.79
N SER A 454 -9.68 -67.66 -0.08
CA SER A 454 -10.66 -66.78 -0.69
C SER A 454 -10.18 -65.34 -0.76
N GLU A 455 -9.80 -64.75 0.38
CA GLU A 455 -9.35 -63.37 0.44
C GLU A 455 -8.08 -63.30 1.29
N VAL A 456 -7.06 -62.63 0.76
CA VAL A 456 -5.76 -62.52 1.42
C VAL A 456 -5.51 -61.05 1.72
N ALA A 457 -5.26 -60.74 2.99
CA ALA A 457 -4.91 -59.39 3.42
C ALA A 457 -3.61 -59.44 4.21
N VAL A 458 -2.68 -58.55 3.86
CA VAL A 458 -1.35 -58.54 4.46
C VAL A 458 -1.22 -57.27 5.30
N ILE A 459 -0.77 -57.44 6.54
CA ILE A 459 -0.60 -56.33 7.48
C ILE A 459 0.76 -56.48 8.15
N GLY A 460 1.24 -55.37 8.70
CA GLY A 460 2.55 -55.32 9.32
C GLY A 460 2.49 -54.96 10.80
N MET A 461 3.32 -55.68 11.55
CA MET A 461 3.37 -55.50 12.99
C MET A 461 4.85 -55.69 13.45
N PRO A 462 5.35 -54.96 14.48
CA PRO A 462 6.79 -55.04 14.82
C PRO A 462 7.21 -56.39 15.37
N HIS A 463 8.47 -56.72 15.12
CA HIS A 463 9.17 -57.82 15.77
C HIS A 463 10.53 -57.33 16.23
N ASN A 464 11.07 -57.99 17.23
CA ASN A 464 12.32 -57.53 17.82
C ASN A 464 13.55 -57.55 16.92
N LYS A 465 13.91 -58.70 16.38
CA LYS A 465 15.14 -58.78 15.60
C LYS A 465 14.97 -58.23 14.19
N TRP A 466 13.85 -58.54 13.54
CA TRP A 466 13.65 -58.21 12.14
C TRP A 466 12.76 -57.00 11.91
N GLY A 467 12.48 -56.23 12.96
CA GLY A 467 11.60 -55.10 12.78
C GLY A 467 10.17 -55.56 12.47
N GLU A 468 9.44 -54.69 11.80
CA GLU A 468 8.07 -55.00 11.42
C GLU A 468 8.05 -56.12 10.38
N VAL A 469 7.19 -57.11 10.60
CA VAL A 469 7.11 -58.26 9.71
C VAL A 469 5.65 -58.45 9.30
N PRO A 470 5.46 -59.02 8.11
CA PRO A 470 4.10 -59.18 7.58
C PRO A 470 3.22 -60.35 8.02
N LEU A 471 2.02 -60.11 8.55
CA LEU A 471 1.07 -61.20 8.88
C LEU A 471 0.04 -61.33 7.77
N ALA A 472 -0.63 -62.49 7.65
CA ALA A 472 -1.54 -62.64 6.48
C ALA A 472 -2.82 -63.39 6.84
N LEU A 473 -3.93 -63.15 6.15
CA LEU A 473 -5.20 -63.67 6.61
C LEU A 473 -5.92 -64.37 5.46
N VAL A 474 -6.42 -65.57 5.72
CA VAL A 474 -7.13 -66.37 4.71
C VAL A 474 -8.33 -67.04 5.37
N THR A 475 -9.19 -67.61 4.54
CA THR A 475 -10.37 -68.36 4.98
C THR A 475 -10.35 -69.75 4.38
N LEU A 476 -10.87 -70.72 5.13
CA LEU A 476 -10.91 -72.10 4.67
C LEU A 476 -12.09 -72.33 3.73
N LYS A 477 -12.01 -73.41 2.98
CA LYS A 477 -13.05 -73.81 2.04
C LYS A 477 -13.88 -74.96 2.63
N GLU A 478 -14.78 -75.51 1.82
CA GLU A 478 -15.64 -76.59 2.28
C GLU A 478 -14.84 -77.87 2.44
N ASP A 479 -14.98 -78.51 3.61
CA ASP A 479 -14.28 -79.76 3.93
C ASP A 479 -12.77 -79.62 3.75
N ALA A 480 -12.24 -78.44 4.12
CA ALA A 480 -10.81 -78.15 4.04
C ALA A 480 -10.38 -77.59 5.40
N GLN A 481 -10.02 -78.50 6.31
CA GLN A 481 -9.55 -78.10 7.64
C GLN A 481 -8.02 -78.09 7.68
N VAL A 482 -7.44 -77.34 6.76
CA VAL A 482 -5.98 -77.21 6.70
C VAL A 482 -5.53 -76.25 7.80
N THR A 483 -4.47 -76.63 8.50
CA THR A 483 -3.96 -75.83 9.60
C THR A 483 -2.95 -74.81 9.06
N GLU A 484 -2.25 -74.13 9.97
CA GLU A 484 -1.25 -73.16 9.55
C GLU A 484 -0.07 -73.83 8.86
N LYS A 485 0.21 -75.09 9.21
CA LYS A 485 1.36 -75.79 8.63
C LYS A 485 1.19 -75.97 7.12
N GLU A 486 -0.01 -76.31 6.67
CA GLU A 486 -0.23 -76.52 5.24
C GLU A 486 -0.03 -75.23 4.45
N LEU A 487 -0.54 -74.11 4.98
CA LEU A 487 -0.37 -72.84 4.28
C LEU A 487 1.07 -72.37 4.32
N LEU A 488 1.78 -72.64 5.42
CA LEU A 488 3.21 -72.35 5.49
C LEU A 488 3.97 -73.15 4.43
N GLY A 489 3.63 -74.43 4.29
CA GLY A 489 4.26 -75.24 3.26
C GLY A 489 3.96 -74.75 1.86
N PHE A 490 2.71 -74.31 1.64
CA PHE A 490 2.34 -73.74 0.34
C PHE A 490 3.14 -72.48 0.04
N ALA A 491 3.32 -71.62 1.04
CA ALA A 491 4.13 -70.42 0.84
C ALA A 491 5.59 -70.79 0.57
N LYS A 492 6.09 -71.83 1.25
CA LYS A 492 7.43 -72.32 0.98
C LYS A 492 7.55 -72.94 -0.41
N ASP A 493 6.44 -73.40 -0.99
CA ASP A 493 6.45 -74.11 -2.26
C ASP A 493 6.60 -73.20 -3.47
N PHE A 494 6.55 -71.89 -3.28
CA PHE A 494 6.73 -70.98 -4.39
C PHE A 494 8.19 -70.86 -4.80
N ILE A 495 8.50 -69.87 -5.62
CA ILE A 495 9.88 -69.67 -6.06
C ILE A 495 10.13 -68.19 -6.33
N ASN A 496 11.40 -67.85 -6.56
CA ASN A 496 11.82 -66.49 -6.93
C ASN A 496 11.46 -65.48 -5.84
N LYS A 497 11.99 -65.73 -4.64
CA LYS A 497 11.85 -64.81 -3.52
C LYS A 497 13.22 -64.53 -2.93
N GLY A 498 13.40 -63.30 -2.44
CA GLY A 498 14.67 -62.83 -1.92
C GLY A 498 14.76 -62.91 -0.41
N ILE A 499 15.53 -61.97 0.15
CA ILE A 499 15.83 -61.85 1.58
C ILE A 499 16.07 -63.22 2.21
N LEU A 500 15.40 -63.50 3.33
CA LEU A 500 15.61 -64.74 4.09
C LEU A 500 15.15 -65.92 3.25
N ALA A 501 16.12 -66.67 2.71
CA ALA A 501 15.85 -67.85 1.89
C ALA A 501 14.87 -67.55 0.76
N ARG A 502 13.60 -67.90 0.97
CA ARG A 502 12.54 -67.67 -0.01
C ARG A 502 11.37 -66.89 0.61
N GLU A 503 11.68 -65.95 1.48
CA GLU A 503 10.69 -65.16 2.20
C GLU A 503 9.70 -66.07 2.93
N ALA A 504 10.21 -67.13 3.56
CA ALA A 504 9.39 -67.99 4.42
C ALA A 504 10.20 -68.34 5.67
N LEU A 505 10.20 -67.43 6.65
CA LEU A 505 10.69 -67.74 7.99
C LEU A 505 9.82 -67.22 9.11
N LEU A 506 9.01 -66.18 8.89
CA LEU A 506 8.11 -65.64 9.90
C LEU A 506 6.76 -65.27 9.30
N LEU A 507 6.20 -66.14 8.46
CA LEU A 507 4.91 -65.84 7.84
C LEU A 507 3.78 -65.89 8.85
N LYS A 508 3.75 -66.96 9.67
CA LYS A 508 2.75 -67.14 10.72
C LYS A 508 1.34 -66.82 10.23
N VAL A 509 0.99 -67.39 9.08
CA VAL A 509 -0.31 -67.13 8.48
C VAL A 509 -1.40 -67.65 9.41
N LYS A 510 -2.47 -66.87 9.55
CA LYS A 510 -3.57 -67.20 10.44
C LYS A 510 -4.89 -67.13 9.69
N ILE A 511 -5.78 -68.07 9.99
CA ILE A 511 -7.11 -68.11 9.41
C ILE A 511 -8.08 -67.39 10.35
N VAL A 512 -8.94 -66.56 9.77
CA VAL A 512 -9.95 -65.83 10.54
C VAL A 512 -11.26 -65.87 9.77
N ASP A 513 -12.35 -66.18 10.46
CA ASP A 513 -13.65 -66.31 9.80
C ASP A 513 -14.12 -64.97 9.25
N GLU A 514 -13.94 -63.89 10.01
CA GLU A 514 -14.41 -62.57 9.63
C GLU A 514 -13.28 -61.75 9.04
N ILE A 515 -13.49 -61.21 7.85
CA ILE A 515 -12.51 -60.36 7.17
C ILE A 515 -13.06 -58.95 7.15
N ALA A 516 -12.28 -58.01 7.69
CA ALA A 516 -12.73 -56.63 7.82
C ALA A 516 -12.79 -55.97 6.45
N LYS A 517 -13.99 -55.58 6.02
CA LYS A 517 -14.19 -54.88 4.77
C LYS A 517 -14.93 -53.57 5.07
N THR A 518 -14.49 -52.50 4.42
CA THR A 518 -15.20 -51.23 4.52
C THR A 518 -16.44 -51.25 3.62
N SER A 519 -17.21 -50.17 3.68
CA SER A 519 -18.41 -50.07 2.84
C SER A 519 -18.06 -50.01 1.36
N VAL A 520 -16.89 -49.44 1.03
CA VAL A 520 -16.50 -49.31 -0.37
C VAL A 520 -16.28 -50.69 -0.99
N GLY A 521 -15.58 -51.57 -0.28
CA GLY A 521 -15.27 -52.87 -0.80
C GLY A 521 -13.81 -53.26 -0.61
N LYS A 522 -13.00 -52.31 -0.15
CA LYS A 522 -11.60 -52.53 0.12
C LYS A 522 -11.37 -52.74 1.61
N VAL A 523 -10.41 -53.61 1.93
CA VAL A 523 -10.14 -53.94 3.33
C VAL A 523 -9.50 -52.74 4.03
N ASP A 524 -9.98 -52.44 5.23
CA ASP A 524 -9.42 -51.37 6.04
C ASP A 524 -8.20 -51.89 6.77
N LYS A 525 -7.01 -51.46 6.33
CA LYS A 525 -5.77 -51.98 6.92
C LYS A 525 -5.55 -51.42 8.32
N LYS A 526 -5.92 -50.16 8.54
CA LYS A 526 -5.80 -49.60 9.89
C LYS A 526 -6.78 -50.25 10.86
N GLU A 527 -7.98 -50.57 10.39
CA GLU A 527 -8.93 -51.29 11.24
C GLU A 527 -8.39 -52.68 11.60
N LEU A 528 -7.75 -53.36 10.63
CA LEU A 528 -7.13 -54.64 10.92
C LEU A 528 -6.00 -54.48 11.93
N ARG A 529 -5.20 -53.42 11.80
CA ARG A 529 -4.12 -53.16 12.74
C ARG A 529 -4.68 -52.97 14.15
N LYS A 530 -5.75 -52.18 14.28
CA LYS A 530 -6.35 -51.95 15.58
C LYS A 530 -6.96 -53.22 16.15
N LEU A 531 -7.59 -54.04 15.31
CA LEU A 531 -8.29 -55.22 15.79
C LEU A 531 -7.32 -56.30 16.24
N HIS A 532 -6.30 -56.59 15.43
CA HIS A 532 -5.40 -57.70 15.72
C HIS A 532 -4.28 -57.32 16.68
N LEU A 533 -4.17 -56.02 17.00
CA LEU A 533 -3.17 -55.54 17.98
C LEU A 533 -3.72 -54.42 18.91
N TYR B 4 7.87 -9.26 16.72
CA TYR B 4 7.03 -8.17 17.20
C TYR B 4 7.88 -6.99 17.66
N VAL B 5 7.51 -5.80 17.21
CA VAL B 5 8.11 -4.55 17.68
C VAL B 5 7.29 -4.08 18.87
N ASN B 6 7.86 -4.18 20.07
CA ASN B 6 7.09 -3.95 21.28
C ASN B 6 6.56 -2.53 21.37
N ASP B 7 7.39 -1.53 21.00
CA ASP B 7 7.06 -0.13 21.23
C ASP B 7 6.73 0.03 22.71
N PRO B 8 7.72 0.01 23.59
CA PRO B 8 7.45 -0.17 25.03
C PRO B 8 6.46 0.83 25.62
N SER B 9 6.30 2.01 25.01
CA SER B 9 5.25 2.92 25.47
C SER B 9 3.87 2.42 25.09
N ASN B 10 3.76 1.56 24.07
CA ASN B 10 2.48 1.00 23.65
C ASN B 10 2.24 -0.28 24.45
N TYR B 11 1.47 -0.15 25.54
CA TYR B 11 1.24 -1.28 26.44
C TYR B 11 0.30 -2.30 25.81
N GLN B 12 0.69 -3.57 25.88
CA GLN B 12 -0.13 -4.68 25.42
C GLN B 12 -0.66 -5.43 26.64
N LEU B 13 -1.96 -5.71 26.64
CA LEU B 13 -2.61 -6.44 27.74
C LEU B 13 -2.35 -7.93 27.54
N LEU B 14 -1.40 -8.47 28.29
CA LEU B 14 -0.95 -9.85 28.16
C LEU B 14 -1.14 -10.60 29.47
N ILE B 15 -1.37 -11.91 29.35
CA ILE B 15 -1.54 -12.75 30.54
C ILE B 15 -0.27 -12.78 31.37
N LYS B 16 0.89 -12.60 30.73
CA LYS B 16 2.13 -12.49 31.50
C LYS B 16 2.11 -11.29 32.43
N ASN B 17 1.34 -10.25 32.09
CA ASN B 17 1.18 -9.12 32.99
C ASN B 17 0.23 -9.46 34.13
N LEU B 18 -0.72 -10.37 33.90
CA LEU B 18 -1.52 -10.88 35.01
C LEU B 18 -0.65 -11.66 35.98
N LEU B 19 0.30 -12.44 35.47
CA LEU B 19 1.16 -13.23 36.35
C LEU B 19 2.20 -12.37 37.05
N PHE B 20 2.84 -11.46 36.33
CA PHE B 20 4.01 -10.74 36.82
C PHE B 20 3.74 -9.30 37.24
N SER B 21 2.55 -8.77 36.96
CA SER B 21 2.14 -7.46 37.46
C SER B 21 0.78 -7.60 38.14
N PRO B 22 0.69 -8.36 39.22
CA PRO B 22 -0.59 -8.65 39.85
C PRO B 22 -1.03 -7.53 40.76
N VAL B 23 -2.25 -7.67 41.28
CA VAL B 23 -2.71 -6.80 42.36
C VAL B 23 -1.84 -6.98 43.59
N ALA B 24 -1.57 -8.23 43.95
CA ALA B 24 -0.71 -8.55 45.07
C ALA B 24 0.06 -9.82 44.75
N PHE B 25 1.29 -9.91 45.25
CA PHE B 25 2.12 -11.10 45.10
C PHE B 25 2.79 -11.41 46.42
N ASN B 26 2.44 -12.54 47.02
CA ASN B 26 3.16 -13.06 48.18
C ASN B 26 3.94 -14.29 47.75
N PRO B 27 5.27 -14.23 47.69
CA PRO B 27 6.03 -15.40 47.22
C PRO B 27 5.88 -16.62 48.11
N GLU B 28 5.47 -16.45 49.36
CA GLU B 28 5.26 -17.57 50.27
C GLU B 28 3.80 -18.01 50.33
N GLN B 29 2.92 -17.39 49.55
CA GLN B 29 1.56 -17.86 49.44
C GLN B 29 1.52 -19.20 48.71
N GLU B 30 0.61 -20.07 49.14
CA GLU B 30 0.61 -21.46 48.73
C GLU B 30 -0.33 -21.71 47.55
N ILE B 31 0.10 -22.58 46.65
CA ILE B 31 -0.76 -23.20 45.64
C ILE B 31 -0.92 -24.65 46.04
N VAL B 32 -2.14 -25.04 46.39
CA VAL B 32 -2.42 -26.36 46.97
C VAL B 32 -3.17 -27.19 45.93
N TYR B 33 -2.66 -28.38 45.65
CA TYR B 33 -3.32 -29.35 44.79
C TYR B 33 -3.81 -30.49 45.66
N ALA B 34 -5.04 -30.35 46.18
CA ALA B 34 -5.67 -31.35 47.03
C ALA B 34 -4.74 -31.82 48.13
N ASN B 35 -4.53 -33.14 48.22
CA ASN B 35 -3.57 -33.72 49.15
C ASN B 35 -2.34 -34.26 48.43
N HIS B 36 -2.20 -33.99 47.14
CA HIS B 36 -1.07 -34.49 46.36
C HIS B 36 0.15 -33.58 46.45
N ARG B 37 -0.03 -32.29 46.16
CA ARG B 37 1.09 -31.38 46.02
C ARG B 37 0.76 -30.06 46.72
N ARG B 38 1.80 -29.34 47.12
CA ARG B 38 1.64 -28.05 47.77
C ARG B 38 2.95 -27.29 47.63
N HIS B 39 2.92 -26.15 46.92
CA HIS B 39 4.09 -25.32 46.74
C HIS B 39 3.69 -23.86 46.87
N SER B 40 4.67 -22.98 46.79
CA SER B 40 4.46 -21.55 46.98
C SER B 40 4.27 -20.84 45.64
N TYR B 41 3.91 -19.56 45.72
CA TYR B 41 3.75 -18.75 44.51
C TYR B 41 5.09 -18.54 43.81
N LYS B 42 6.18 -18.45 44.56
CA LYS B 42 7.50 -18.40 43.93
C LYS B 42 7.78 -19.68 43.16
N THR B 43 7.47 -20.83 43.77
CA THR B 43 7.57 -22.10 43.05
C THR B 43 6.60 -22.16 41.88
N PHE B 44 5.43 -21.56 42.02
CA PHE B 44 4.48 -21.53 40.90
C PHE B 44 5.05 -20.75 39.71
N HIS B 45 5.68 -19.64 40.00
CA HIS B 45 6.31 -18.78 39.01
C HIS B 45 7.48 -19.47 38.32
N ASP B 46 8.29 -20.15 39.10
CA ASP B 46 9.35 -20.98 38.57
C ASP B 46 8.84 -22.14 37.70
N ARG B 47 7.81 -22.83 38.15
CA ARG B 47 7.26 -23.91 37.36
C ARG B 47 6.64 -23.41 36.07
N VAL B 48 6.06 -22.21 36.07
CA VAL B 48 5.58 -21.62 34.82
C VAL B 48 6.74 -21.40 33.86
N ARG B 49 7.84 -20.85 34.37
CA ARG B 49 9.02 -20.66 33.52
C ARG B 49 9.59 -22.00 33.04
N GLN B 50 9.60 -23.00 33.92
CA GLN B 50 10.06 -24.32 33.52
C GLN B 50 9.17 -24.93 32.44
N PHE B 51 7.86 -24.74 32.57
CA PHE B 51 6.93 -25.25 31.57
C PHE B 51 7.12 -24.52 30.24
N ALA B 52 7.38 -23.22 30.29
CA ALA B 52 7.70 -22.48 29.06
C ALA B 52 8.96 -23.04 28.40
N ASN B 53 9.99 -23.32 29.20
CA ASN B 53 11.21 -23.91 28.67
C ASN B 53 10.94 -25.27 28.06
N ALA B 54 10.14 -26.10 28.74
CA ALA B 54 9.83 -27.44 28.22
C ALA B 54 9.04 -27.36 26.94
N LEU B 55 8.08 -26.43 26.85
CA LEU B 55 7.29 -26.27 25.65
C LEU B 55 8.15 -25.80 24.48
N THR B 56 9.10 -24.89 24.74
CA THR B 56 10.03 -24.47 23.70
C THR B 56 10.91 -25.63 23.25
N LYS B 57 11.35 -26.46 24.20
CA LYS B 57 12.16 -27.64 23.85
C LYS B 57 11.35 -28.64 23.03
N MET B 58 10.07 -28.78 23.32
CA MET B 58 9.19 -29.66 22.56
C MET B 58 8.87 -29.13 21.17
N GLY B 59 9.26 -27.90 20.86
CA GLY B 59 8.99 -27.33 19.56
C GLY B 59 7.74 -26.48 19.47
N VAL B 60 7.12 -26.14 20.60
CA VAL B 60 5.94 -25.30 20.60
C VAL B 60 6.36 -23.87 20.29
N LYS B 61 5.81 -23.31 19.22
CA LYS B 61 6.09 -21.95 18.79
C LYS B 61 4.84 -21.09 18.99
N LYS B 62 5.01 -19.79 18.74
CA LYS B 62 3.87 -18.89 18.78
C LYS B 62 2.87 -19.28 17.70
N GLY B 63 1.59 -19.35 18.08
CA GLY B 63 0.55 -19.80 17.19
C GLY B 63 0.24 -21.27 17.26
N ASP B 64 1.02 -22.05 18.01
CA ASP B 64 0.75 -23.47 18.17
C ASP B 64 -0.38 -23.69 19.18
N THR B 65 -0.92 -24.91 19.17
CA THR B 65 -2.02 -25.28 20.06
C THR B 65 -1.58 -26.42 20.95
N VAL B 66 -1.62 -26.19 22.26
CA VAL B 66 -1.33 -27.21 23.26
C VAL B 66 -2.65 -27.56 23.94
N ALA B 67 -3.11 -28.79 23.74
CA ALA B 67 -4.36 -29.24 24.33
C ALA B 67 -4.10 -29.89 25.69
N VAL B 68 -5.04 -29.70 26.61
CA VAL B 68 -4.94 -30.23 27.96
C VAL B 68 -6.19 -31.04 28.28
N MET B 69 -5.98 -32.26 28.78
CA MET B 69 -7.05 -33.13 29.26
C MET B 69 -6.70 -33.47 30.71
N ASP B 70 -7.23 -32.68 31.65
CA ASP B 70 -6.82 -32.79 33.04
C ASP B 70 -7.98 -32.37 33.93
N TYR B 71 -7.87 -32.73 35.21
CA TYR B 71 -8.75 -32.22 36.24
C TYR B 71 -8.25 -30.87 36.73
N ASP B 72 -8.90 -30.37 37.74
CA ASP B 72 -8.50 -29.10 38.29
C ASP B 72 -7.29 -29.31 39.15
N SER B 73 -6.16 -28.86 38.68
CA SER B 73 -4.89 -29.14 39.36
C SER B 73 -3.98 -27.93 39.23
N HIS B 74 -2.85 -28.01 39.92
CA HIS B 74 -1.81 -27.01 39.74
C HIS B 74 -1.27 -27.01 38.32
N ARG B 75 -1.23 -28.19 37.68
CA ARG B 75 -0.77 -28.28 36.29
C ARG B 75 -1.68 -27.50 35.37
N TYR B 76 -2.97 -27.53 35.60
CA TYR B 76 -3.91 -26.79 34.81
C TYR B 76 -3.73 -25.30 35.00
N LEU B 77 -3.47 -24.90 36.23
CA LEU B 77 -3.19 -23.50 36.51
C LEU B 77 -1.93 -23.04 35.78
N GLU B 78 -0.90 -23.90 35.75
CA GLU B 78 0.32 -23.56 35.02
C GLU B 78 0.09 -23.54 33.52
N CYS B 79 -0.81 -24.37 33.02
CA CYS B 79 -1.16 -24.36 31.60
C CYS B 79 -1.93 -23.10 31.24
N TYR B 80 -2.73 -22.58 32.19
CA TYR B 80 -3.46 -21.33 31.97
C TYR B 80 -2.52 -20.17 31.68
N PHE B 81 -1.27 -20.25 32.12
CA PHE B 81 -0.32 -19.15 31.99
C PHE B 81 0.79 -19.45 30.99
N ALA B 82 1.52 -20.55 31.17
CA ALA B 82 2.73 -20.78 30.39
C ALA B 82 2.41 -20.94 28.91
N ILE B 83 1.38 -21.70 28.57
CA ILE B 83 1.03 -21.90 27.16
C ILE B 83 0.63 -20.59 26.48
N PRO B 84 -0.31 -19.79 27.01
CA PRO B 84 -0.58 -18.49 26.37
C PRO B 84 0.60 -17.54 26.37
N MET B 85 1.41 -17.55 27.44
CA MET B 85 2.45 -16.53 27.57
C MET B 85 3.58 -16.71 26.57
N ILE B 86 3.82 -17.94 26.09
CA ILE B 86 4.81 -18.15 25.03
C ILE B 86 4.22 -17.94 23.65
N GLY B 87 2.95 -17.56 23.55
CA GLY B 87 2.32 -17.27 22.28
C GLY B 87 1.49 -18.40 21.71
N ALA B 88 1.35 -19.51 22.41
CA ALA B 88 0.56 -20.63 21.95
C ALA B 88 -0.88 -20.52 22.44
N LYS B 89 -1.79 -21.17 21.71
CA LYS B 89 -3.18 -21.24 22.11
C LYS B 89 -3.40 -22.45 23.00
N LEU B 90 -3.97 -22.21 24.17
CA LEU B 90 -4.33 -23.29 25.10
C LEU B 90 -5.70 -23.82 24.71
N HIS B 91 -5.76 -25.08 24.31
CA HIS B 91 -7.02 -25.73 23.96
C HIS B 91 -7.47 -26.56 25.17
N MET B 92 -8.54 -26.13 25.81
CA MET B 92 -9.10 -26.84 26.95
C MET B 92 -10.12 -27.85 26.43
N ILE B 93 -9.81 -29.13 26.57
CA ILE B 93 -10.66 -30.19 26.03
C ILE B 93 -11.69 -30.57 27.08
N ASN B 94 -12.96 -30.49 26.72
CA ASN B 94 -14.06 -30.94 27.57
C ASN B 94 -14.00 -32.46 27.65
N VAL B 95 -13.50 -32.98 28.79
CA VAL B 95 -13.32 -34.42 28.92
C VAL B 95 -14.66 -35.12 29.11
N ARG B 96 -15.73 -34.40 29.42
CA ARG B 96 -17.04 -35.01 29.56
C ARG B 96 -17.76 -35.17 28.23
N LEU B 97 -17.20 -34.65 27.15
CA LEU B 97 -17.77 -34.87 25.83
C LEU B 97 -17.55 -36.31 25.41
N SER B 98 -18.34 -36.76 24.43
CA SER B 98 -18.16 -38.09 23.89
C SER B 98 -16.81 -38.19 23.18
N PRO B 99 -16.21 -39.37 23.13
CA PRO B 99 -14.91 -39.50 22.46
C PRO B 99 -14.94 -39.05 21.00
N GLU B 100 -16.05 -39.25 20.30
CA GLU B 100 -16.18 -38.72 18.95
C GLU B 100 -16.12 -37.20 18.94
N GLN B 101 -16.82 -36.56 19.89
CA GLN B 101 -16.79 -35.10 19.96
C GLN B 101 -15.40 -34.60 20.34
N ILE B 102 -14.74 -35.27 21.29
CA ILE B 102 -13.38 -34.88 21.67
C ILE B 102 -12.44 -35.00 20.48
N LEU B 103 -12.55 -36.10 19.73
CA LEU B 103 -11.73 -36.27 18.54
C LEU B 103 -12.01 -35.19 17.51
N TYR B 104 -13.28 -34.84 17.31
CA TYR B 104 -13.63 -33.77 16.39
C TYR B 104 -12.98 -32.46 16.81
N THR B 105 -13.03 -32.14 18.11
CA THR B 105 -12.45 -30.88 18.58
C THR B 105 -10.93 -30.89 18.44
N ILE B 106 -10.30 -32.03 18.69
CA ILE B 106 -8.84 -32.13 18.54
C ILE B 106 -8.45 -31.93 17.08
N ASP B 107 -9.17 -32.58 16.16
CA ASP B 107 -8.88 -32.43 14.74
C ASP B 107 -9.16 -31.01 14.26
N HIS B 108 -10.23 -30.40 14.77
CA HIS B 108 -10.61 -29.06 14.35
C HIS B 108 -9.61 -28.02 14.84
N ALA B 109 -9.18 -28.12 16.10
CA ALA B 109 -8.20 -27.18 16.64
C ALA B 109 -6.80 -27.45 16.13
N GLU B 110 -6.52 -28.66 15.63
CA GLU B 110 -5.20 -29.05 15.16
C GLU B 110 -4.15 -28.88 16.25
N ASP B 111 -4.39 -29.56 17.37
CA ASP B 111 -3.49 -29.48 18.51
C ASP B 111 -2.14 -30.11 18.18
N ASP B 112 -1.07 -29.45 18.60
CA ASP B 112 0.26 -29.97 18.37
C ASP B 112 0.65 -30.99 19.43
N ILE B 113 0.34 -30.70 20.69
CA ILE B 113 0.68 -31.55 21.82
C ILE B 113 -0.50 -31.60 22.76
N ILE B 114 -0.80 -32.79 23.29
CA ILE B 114 -1.90 -33.00 24.21
C ILE B 114 -1.33 -33.37 25.57
N LEU B 115 -1.69 -32.59 26.60
CA LEU B 115 -1.38 -32.91 27.99
C LEU B 115 -2.60 -33.61 28.56
N ILE B 116 -2.55 -34.93 28.67
CA ILE B 116 -3.70 -35.74 29.04
C ILE B 116 -3.38 -36.45 30.35
N HIS B 117 -4.32 -36.37 31.30
CA HIS B 117 -4.19 -37.12 32.53
C HIS B 117 -4.33 -38.61 32.25
N GLU B 118 -3.67 -39.43 33.07
CA GLU B 118 -3.66 -40.87 32.85
C GLU B 118 -5.04 -41.49 32.98
N GLU B 119 -5.97 -40.83 33.68
CA GLU B 119 -7.32 -41.35 33.81
C GLU B 119 -8.17 -41.15 32.56
N PHE B 120 -7.76 -40.24 31.68
CA PHE B 120 -8.44 -40.03 30.41
C PHE B 120 -7.80 -40.82 29.27
N LEU B 121 -6.77 -41.61 29.56
CA LEU B 121 -6.20 -42.49 28.54
C LEU B 121 -7.20 -43.45 27.92
N PRO B 122 -8.16 -44.03 28.65
CA PRO B 122 -9.20 -44.82 27.97
C PRO B 122 -9.96 -44.05 26.91
N ILE B 123 -10.21 -42.75 27.14
CA ILE B 123 -10.84 -41.94 26.11
C ILE B 123 -9.93 -41.80 24.90
N LEU B 124 -8.65 -41.56 25.13
CA LEU B 124 -7.70 -41.37 24.03
C LEU B 124 -7.55 -42.65 23.20
N ASP B 125 -7.57 -43.81 23.86
CA ASP B 125 -7.35 -45.07 23.16
C ASP B 125 -8.43 -45.33 22.12
N GLN B 126 -9.63 -44.79 22.32
CA GLN B 126 -10.70 -44.94 21.34
C GLN B 126 -10.51 -44.06 20.12
N ILE B 127 -9.77 -42.95 20.25
CA ILE B 127 -9.67 -41.96 19.18
C ILE B 127 -8.23 -41.65 18.78
N LYS B 128 -7.25 -42.33 19.37
CA LYS B 128 -5.85 -42.00 19.11
C LYS B 128 -5.49 -42.25 17.65
N GLY B 129 -5.99 -43.34 17.06
CA GLY B 129 -5.66 -43.66 15.68
C GLY B 129 -6.17 -42.67 14.67
N ARG B 130 -7.23 -41.94 14.99
CA ARG B 130 -7.82 -40.98 14.08
C ARG B 130 -7.33 -39.56 14.33
N ILE B 131 -6.30 -39.40 15.16
CA ILE B 131 -5.65 -38.12 15.39
C ILE B 131 -4.42 -38.06 14.49
N ASP B 132 -4.39 -37.11 13.57
CA ASP B 132 -3.31 -36.98 12.60
C ASP B 132 -2.44 -35.76 12.86
N THR B 133 -2.71 -35.01 13.92
CA THR B 133 -2.09 -33.71 14.11
C THR B 133 -1.27 -33.56 15.39
N VAL B 134 -1.31 -34.53 16.30
CA VAL B 134 -0.62 -34.44 17.57
C VAL B 134 0.70 -35.18 17.47
N THR B 135 1.79 -34.47 17.76
CA THR B 135 3.13 -35.03 17.67
C THR B 135 3.68 -35.51 19.01
N ARG B 136 2.98 -35.24 20.12
CA ARG B 136 3.49 -35.61 21.44
C ARG B 136 2.33 -35.69 22.42
N TYR B 137 2.31 -36.74 23.21
CA TYR B 137 1.36 -36.89 24.32
C TYR B 137 2.14 -36.87 25.62
N VAL B 138 1.75 -35.98 26.52
CA VAL B 138 2.33 -35.90 27.86
C VAL B 138 1.29 -36.42 28.84
N VAL B 139 1.62 -37.49 29.53
CA VAL B 139 0.68 -38.15 30.44
C VAL B 139 0.86 -37.54 31.82
N LEU B 140 -0.23 -37.01 32.37
CA LEU B 140 -0.21 -36.36 33.67
C LEU B 140 -0.66 -37.34 34.74
N ARG B 141 0.09 -37.39 35.84
CA ARG B 141 -0.22 -38.26 36.96
C ARG B 141 -0.07 -37.49 38.26
N ASP B 142 -0.78 -37.94 39.29
CA ASP B 142 -0.68 -37.30 40.60
C ASP B 142 0.44 -37.87 41.44
N ASP B 143 1.12 -38.91 40.98
CA ASP B 143 2.28 -39.47 41.67
C ASP B 143 3.55 -38.83 41.14
N GLU B 144 4.70 -39.42 41.48
CA GLU B 144 5.99 -38.91 41.02
C GLU B 144 6.32 -39.33 39.60
N GLU B 145 5.51 -40.18 38.97
CA GLU B 145 5.76 -40.67 37.63
C GLU B 145 5.15 -39.80 36.54
N CYS B 146 4.62 -38.64 36.90
CA CYS B 146 4.02 -37.74 35.93
C CYS B 146 5.04 -37.30 34.90
N GLU B 147 4.67 -37.40 33.63
CA GLU B 147 5.58 -36.97 32.56
C GLU B 147 5.69 -35.46 32.52
N TYR B 148 4.63 -34.74 32.89
CA TYR B 148 4.71 -33.28 32.98
C TYR B 148 5.72 -32.84 34.03
N GLU B 149 5.70 -33.50 35.19
CA GLU B 149 6.67 -33.16 36.24
C GLU B 149 8.09 -33.46 35.79
N ARG B 150 8.30 -34.58 35.11
CA ARG B 150 9.64 -34.92 34.62
C ARG B 150 10.10 -33.93 33.56
N LEU B 151 9.20 -33.51 32.68
CA LEU B 151 9.55 -32.51 31.67
C LEU B 151 9.88 -31.17 32.34
N LEU B 152 9.20 -30.85 33.44
CA LEU B 152 9.46 -29.58 34.10
C LEU B 152 10.77 -29.59 34.87
N GLU B 153 11.10 -30.71 35.53
CA GLU B 153 12.28 -30.70 36.40
C GLU B 153 13.59 -30.77 35.61
N GLN B 154 13.54 -31.05 34.32
CA GLN B 154 14.75 -31.04 33.49
C GLN B 154 15.00 -29.68 32.85
N GLU B 155 14.19 -28.68 33.17
CA GLU B 155 14.32 -27.35 32.60
C GLU B 155 14.69 -26.34 33.68
N SER B 156 15.23 -25.21 33.23
CA SER B 156 15.58 -24.14 34.16
C SER B 156 14.35 -23.32 34.52
N THR B 157 14.44 -22.64 35.66
CA THR B 157 13.38 -21.76 36.13
C THR B 157 13.56 -20.33 35.63
N GLU B 158 14.25 -20.14 34.51
CA GLU B 158 14.45 -18.83 33.91
C GLU B 158 13.86 -18.81 32.51
N TYR B 159 13.06 -17.79 32.22
CA TYR B 159 12.44 -17.66 30.90
C TYR B 159 12.09 -16.20 30.68
N ASN B 160 12.42 -15.69 29.49
CA ASN B 160 12.07 -14.34 29.08
C ASN B 160 10.85 -14.43 28.18
N PHE B 161 9.68 -14.14 28.73
CA PHE B 161 8.45 -14.33 27.99
C PHE B 161 8.29 -13.25 26.94
N PRO B 162 7.90 -13.60 25.71
CA PRO B 162 7.88 -12.62 24.63
C PRO B 162 6.77 -11.59 24.80
N ASP B 163 6.94 -10.46 24.14
CA ASP B 163 5.89 -9.47 24.04
C ASP B 163 5.32 -9.71 22.68
N PHE B 164 4.05 -9.71 22.51
CA PHE B 164 3.36 -9.81 21.24
C PHE B 164 2.09 -8.99 21.29
N ASP B 165 1.37 -8.98 20.17
CA ASP B 165 0.10 -8.27 20.11
C ASP B 165 -0.88 -8.83 21.12
N GLU B 166 -1.62 -7.94 21.78
CA GLU B 166 -2.58 -8.37 22.78
C GLU B 166 -3.78 -9.09 22.16
N ASN B 167 -4.01 -8.93 20.87
CA ASN B 167 -5.07 -9.66 20.17
C ASN B 167 -4.63 -11.03 19.72
N THR B 168 -3.48 -11.51 20.19
CA THR B 168 -3.08 -12.89 19.95
C THR B 168 -3.99 -13.84 20.71
N VAL B 169 -4.48 -14.86 20.03
CA VAL B 169 -5.40 -15.81 20.66
C VAL B 169 -4.64 -16.62 21.70
N ALA B 170 -5.15 -16.61 22.94
CA ALA B 170 -4.53 -17.29 24.06
C ALA B 170 -5.19 -18.62 24.40
N THR B 171 -6.51 -18.67 24.42
CA THR B 171 -7.24 -19.86 24.83
C THR B 171 -8.31 -20.18 23.81
N THR B 172 -8.64 -21.46 23.69
CA THR B 172 -9.75 -21.91 22.88
C THR B 172 -10.35 -23.15 23.51
N PHE B 173 -11.65 -23.34 23.29
CA PHE B 173 -12.35 -24.54 23.73
C PHE B 173 -13.63 -24.61 22.93
N TYR B 174 -14.30 -25.76 23.01
CA TYR B 174 -15.43 -26.07 22.15
C TYR B 174 -16.69 -26.22 22.97
N THR B 175 -17.70 -25.67 22.43
CA THR B 175 -19.02 -25.62 23.00
C THR B 175 -19.93 -26.42 22.28
N THR B 176 -20.62 -27.20 22.97
CA THR B 176 -21.72 -27.98 22.38
C THR B 176 -22.99 -27.40 22.72
N GLY B 177 -23.58 -26.68 21.85
CA GLY B 177 -24.83 -25.98 22.04
C GLY B 177 -25.98 -26.57 21.24
N THR B 178 -26.41 -25.84 20.21
CA THR B 178 -27.53 -26.25 19.36
C THR B 178 -27.05 -26.47 17.93
N THR B 179 -25.80 -26.90 17.79
CA THR B 179 -25.21 -27.19 16.49
C THR B 179 -24.95 -28.69 16.38
N GLY B 180 -24.75 -29.14 15.14
CA GLY B 180 -24.43 -30.53 14.90
C GLY B 180 -23.05 -30.96 15.32
N PHE B 181 -22.14 -30.00 15.47
CA PHE B 181 -20.77 -30.26 15.91
C PHE B 181 -20.39 -29.23 16.95
N PRO B 182 -19.42 -29.55 17.82
CA PRO B 182 -18.97 -28.57 18.81
C PRO B 182 -18.43 -27.32 18.13
N LYS B 183 -18.71 -26.17 18.74
CA LYS B 183 -18.34 -24.87 18.19
C LYS B 183 -17.14 -24.32 18.93
N GLY B 184 -16.10 -23.96 18.18
CA GLY B 184 -14.88 -23.45 18.79
C GLY B 184 -14.91 -21.97 19.06
N VAL B 185 -14.87 -21.59 20.34
CA VAL B 185 -14.74 -20.20 20.75
C VAL B 185 -13.31 -19.96 21.21
N PHE B 186 -12.82 -18.76 20.99
CA PHE B 186 -11.44 -18.43 21.29
C PHE B 186 -11.37 -17.04 21.90
N PHE B 187 -10.31 -16.80 22.68
CA PHE B 187 -10.14 -15.55 23.38
C PHE B 187 -8.68 -15.12 23.32
N THR B 188 -8.47 -13.82 23.25
CA THR B 188 -7.14 -13.24 23.16
C THR B 188 -6.61 -12.91 24.55
N HIS B 189 -5.32 -12.54 24.60
CA HIS B 189 -4.73 -12.10 25.85
C HIS B 189 -5.44 -10.87 26.39
N ARG B 190 -5.74 -9.92 25.51
CA ARG B 190 -6.43 -8.70 25.92
C ARG B 190 -7.79 -9.01 26.51
N GLN B 191 -8.54 -9.92 25.88
CA GLN B 191 -9.88 -10.25 26.37
C GLN B 191 -9.82 -10.90 27.75
N LEU B 192 -8.86 -11.80 27.97
CA LEU B 192 -8.76 -12.45 29.27
C LEU B 192 -8.30 -11.48 30.35
N VAL B 193 -7.34 -10.60 30.03
CA VAL B 193 -6.91 -9.58 30.97
C VAL B 193 -8.05 -8.64 31.32
N LEU B 194 -8.82 -8.24 30.31
CA LEU B 194 -9.96 -7.36 30.54
C LEU B 194 -11.05 -8.06 31.35
N HIS B 195 -11.26 -9.35 31.11
CA HIS B 195 -12.22 -10.10 31.89
C HIS B 195 -11.81 -10.15 33.36
N THR B 196 -10.53 -10.42 33.62
CA THR B 196 -10.04 -10.43 34.99
C THR B 196 -10.24 -9.07 35.65
N MET B 197 -9.83 -8.00 34.95
CA MET B 197 -9.95 -6.66 35.54
C MET B 197 -11.40 -6.28 35.77
N GLY B 198 -12.28 -6.56 34.81
CA GLY B 198 -13.67 -6.18 34.94
C GLY B 198 -14.39 -6.93 36.05
N ILE B 199 -14.18 -8.24 36.13
CA ILE B 199 -14.84 -8.99 37.19
C ILE B 199 -14.26 -8.62 38.55
N LEU B 200 -12.96 -8.35 38.63
CA LEU B 200 -12.38 -7.91 39.89
C LEU B 200 -12.93 -6.54 40.31
N SER B 201 -13.12 -5.64 39.35
CA SER B 201 -13.73 -4.35 39.65
C SER B 201 -15.19 -4.50 40.06
N THR B 202 -15.89 -5.49 39.51
CA THR B 202 -17.30 -5.66 39.82
C THR B 202 -17.50 -6.30 41.20
N ILE B 203 -16.88 -7.46 41.44
CA ILE B 203 -17.13 -8.18 42.68
C ILE B 203 -16.12 -7.85 43.77
N GLY B 204 -14.95 -7.32 43.41
CA GLY B 204 -14.02 -6.86 44.44
C GLY B 204 -14.55 -5.65 45.20
N THR B 205 -15.23 -4.75 44.49
CA THR B 205 -15.72 -3.51 45.08
C THR B 205 -17.07 -3.66 45.76
N ASN B 206 -17.51 -4.89 46.00
CA ASN B 206 -18.71 -5.11 46.81
C ASN B 206 -18.50 -4.58 48.22
N ALA B 207 -19.54 -4.01 48.80
CA ALA B 207 -19.43 -3.47 50.15
C ALA B 207 -19.18 -4.57 51.17
N SER B 208 -20.13 -5.49 51.32
CA SER B 208 -20.00 -6.58 52.27
C SER B 208 -20.11 -7.95 51.62
N GLN B 209 -21.12 -8.16 50.79
CA GLN B 209 -21.50 -9.49 50.32
C GLN B 209 -20.88 -9.80 48.96
N GLY B 210 -20.54 -11.07 48.76
CA GLY B 210 -20.08 -11.55 47.47
C GLY B 210 -18.76 -10.99 46.99
N ARG B 211 -17.82 -10.80 47.91
CA ARG B 211 -16.52 -10.24 47.57
C ARG B 211 -15.52 -11.33 47.22
N LEU B 212 -14.72 -11.06 46.19
CA LEU B 212 -13.47 -11.80 45.96
C LEU B 212 -12.34 -10.82 46.24
N HIS B 213 -11.72 -10.95 47.40
CA HIS B 213 -10.69 -10.02 47.83
C HIS B 213 -9.37 -10.75 48.08
N GLN B 214 -8.37 -9.97 48.48
CA GLN B 214 -7.00 -10.47 48.58
C GLN B 214 -6.81 -11.42 49.77
N GLY B 215 -7.75 -11.44 50.71
CA GLY B 215 -7.69 -12.35 51.83
C GLY B 215 -8.44 -13.64 51.64
N ASP B 216 -9.08 -13.82 50.49
CA ASP B 216 -9.86 -15.02 50.23
C ASP B 216 -8.96 -16.22 49.95
N ILE B 217 -9.52 -17.41 50.08
CA ILE B 217 -8.86 -18.65 49.71
C ILE B 217 -9.70 -19.31 48.64
N TYR B 218 -9.12 -19.51 47.46
CA TYR B 218 -9.85 -19.88 46.26
C TYR B 218 -9.77 -21.39 46.03
N MET B 219 -10.94 -22.00 45.81
CA MET B 219 -11.01 -23.39 45.35
C MET B 219 -12.04 -23.50 44.24
N PRO B 220 -11.63 -23.79 43.01
CA PRO B 220 -12.62 -24.00 41.94
C PRO B 220 -13.37 -25.30 42.12
N ILE B 221 -14.66 -25.28 41.80
CA ILE B 221 -15.45 -26.51 41.75
C ILE B 221 -16.17 -26.55 40.41
N THR B 222 -15.77 -25.68 39.48
CA THR B 222 -16.17 -25.86 38.10
C THR B 222 -14.96 -26.27 37.29
N PRO B 223 -15.13 -27.12 36.27
CA PRO B 223 -13.97 -27.64 35.54
C PRO B 223 -13.16 -26.53 34.89
N MET B 224 -11.85 -26.74 34.86
CA MET B 224 -10.95 -25.78 34.22
C MET B 224 -10.93 -25.90 32.71
N PHE B 225 -11.53 -26.96 32.15
CA PHE B 225 -11.71 -27.06 30.71
C PHE B 225 -12.96 -26.34 30.23
N HIS B 226 -13.79 -25.84 31.15
CA HIS B 226 -14.93 -25.00 30.82
C HIS B 226 -14.42 -23.59 30.55
N VAL B 227 -15.29 -22.58 30.64
CA VAL B 227 -14.91 -21.26 30.19
C VAL B 227 -13.92 -20.66 31.18
N HIS B 228 -12.63 -20.97 30.98
CA HIS B 228 -11.54 -20.50 31.83
C HIS B 228 -11.83 -20.70 33.31
N ALA B 229 -12.62 -21.73 33.64
CA ALA B 229 -13.18 -21.90 34.98
C ALA B 229 -13.85 -20.62 35.45
N TRP B 230 -14.58 -19.98 34.53
CA TRP B 230 -15.26 -18.71 34.77
C TRP B 230 -14.27 -17.58 35.04
N GLY B 231 -13.02 -17.76 34.60
CA GLY B 231 -11.99 -16.76 34.75
C GLY B 231 -11.44 -16.61 36.15
N LEU B 232 -11.88 -17.42 37.10
CA LEU B 232 -11.49 -17.29 38.50
C LEU B 232 -10.03 -17.68 38.79
N PRO B 233 -9.44 -18.67 38.09
CA PRO B 233 -8.00 -18.89 38.32
C PRO B 233 -7.15 -17.69 38.00
N TYR B 234 -7.47 -16.96 36.91
CA TYR B 234 -6.72 -15.76 36.56
C TYR B 234 -6.89 -14.69 37.63
N MET B 235 -8.13 -14.48 38.09
CA MET B 235 -8.38 -13.47 39.11
C MET B 235 -7.71 -13.82 40.43
N ALA B 236 -7.75 -15.10 40.81
CA ALA B 236 -7.13 -15.55 42.04
C ALA B 236 -5.61 -15.41 41.98
N THR B 237 -5.02 -15.71 40.83
CA THR B 237 -3.58 -15.49 40.67
C THR B 237 -3.24 -14.02 40.72
N MET B 238 -4.05 -13.18 40.08
CA MET B 238 -3.76 -11.76 40.06
C MET B 238 -3.95 -11.13 41.43
N LEU B 239 -4.82 -11.70 42.26
CA LEU B 239 -4.98 -11.27 43.64
C LEU B 239 -3.95 -11.86 44.58
N GLY B 240 -3.18 -12.86 44.13
CA GLY B 240 -2.17 -13.47 44.97
C GLY B 240 -2.71 -14.30 46.10
N VAL B 241 -3.94 -14.78 46.00
CA VAL B 241 -4.58 -15.47 47.10
C VAL B 241 -4.18 -16.94 47.11
N LYS B 242 -4.39 -17.61 48.23
CA LYS B 242 -4.16 -19.05 48.31
C LYS B 242 -5.13 -19.79 47.41
N GLN B 243 -4.59 -20.64 46.54
CA GLN B 243 -5.40 -21.38 45.57
C GLN B 243 -5.33 -22.87 45.89
N VAL B 244 -6.49 -23.47 46.08
CA VAL B 244 -6.61 -24.90 46.36
C VAL B 244 -7.30 -25.56 45.18
N TYR B 245 -6.63 -26.55 44.58
CA TYR B 245 -7.20 -27.26 43.44
C TYR B 245 -7.52 -28.69 43.86
N PRO B 246 -8.77 -29.13 43.69
CA PRO B 246 -9.19 -30.41 44.27
C PRO B 246 -9.00 -31.64 43.40
N GLY B 247 -8.63 -31.49 42.13
CA GLY B 247 -8.56 -32.65 41.26
C GLY B 247 -9.95 -33.11 40.86
N LYS B 248 -10.13 -34.43 40.81
CA LYS B 248 -11.45 -34.99 40.52
C LYS B 248 -12.43 -34.63 41.64
N TYR B 249 -13.58 -34.14 41.25
CA TYR B 249 -14.61 -33.73 42.21
C TYR B 249 -15.31 -34.80 43.01
N VAL B 250 -14.83 -35.12 44.17
CA VAL B 250 -15.46 -36.02 45.12
C VAL B 250 -16.03 -35.16 46.25
N PRO B 251 -17.34 -35.24 46.53
CA PRO B 251 -17.93 -34.33 47.53
C PRO B 251 -17.26 -34.36 48.89
N ASP B 252 -16.88 -35.55 49.37
CA ASP B 252 -16.18 -35.62 50.65
C ASP B 252 -14.80 -34.99 50.57
N VAL B 253 -14.09 -35.21 49.46
CA VAL B 253 -12.78 -34.60 49.27
C VAL B 253 -12.91 -33.08 49.22
N LEU B 254 -13.92 -32.58 48.51
CA LEU B 254 -14.14 -31.14 48.44
C LEU B 254 -14.47 -30.56 49.81
N LEU B 255 -15.33 -31.24 50.58
CA LEU B 255 -15.67 -30.77 51.92
C LEU B 255 -14.45 -30.76 52.83
N ASN B 256 -13.62 -31.80 52.76
CA ASN B 256 -12.42 -31.85 53.58
C ASN B 256 -11.44 -30.76 53.18
N LEU B 257 -11.33 -30.47 51.88
CA LEU B 257 -10.47 -29.38 51.45
C LEU B 257 -10.97 -28.04 51.93
N ILE B 258 -12.29 -27.83 51.88
CA ILE B 258 -12.87 -26.57 52.38
C ILE B 258 -12.58 -26.42 53.86
N GLU B 259 -12.74 -27.50 54.64
CA GLU B 259 -12.50 -27.42 56.08
C GLU B 259 -11.03 -27.19 56.38
N GLN B 260 -10.14 -27.99 55.82
CA GLN B 260 -8.71 -27.92 56.12
C GLN B 260 -7.93 -26.76 55.57
N GLU B 261 -8.29 -26.33 54.39
CA GLU B 261 -7.63 -25.19 53.77
C GLU B 261 -8.38 -23.88 54.00
N LYS B 262 -9.51 -23.97 54.66
CA LYS B 262 -10.28 -22.78 54.99
C LYS B 262 -10.70 -22.03 53.76
N VAL B 263 -11.31 -22.74 52.81
CA VAL B 263 -11.72 -22.17 51.54
C VAL B 263 -12.84 -21.16 51.78
N THR B 264 -12.67 -19.95 51.22
CA THR B 264 -13.64 -18.88 51.39
C THR B 264 -14.36 -18.49 50.11
N PHE B 265 -13.77 -18.75 48.94
CA PHE B 265 -14.37 -18.41 47.67
C PHE B 265 -14.34 -19.63 46.75
N SER B 266 -15.49 -19.95 46.16
CA SER B 266 -15.59 -21.07 45.23
C SER B 266 -16.59 -20.72 44.16
N HIS B 267 -16.61 -21.55 43.11
CA HIS B 267 -17.63 -21.48 42.07
C HIS B 267 -18.01 -22.91 41.70
N CYS B 268 -19.31 -23.18 41.60
CA CYS B 268 -19.79 -24.51 41.27
C CYS B 268 -21.15 -24.41 40.61
N VAL B 269 -21.62 -25.55 40.10
CA VAL B 269 -22.93 -25.67 39.46
C VAL B 269 -23.93 -26.08 40.53
N PRO B 270 -25.24 -25.93 40.31
CA PRO B 270 -26.21 -26.33 41.34
C PRO B 270 -26.12 -27.79 41.74
N THR B 271 -25.79 -28.69 40.80
CA THR B 271 -25.67 -30.10 41.15
C THR B 271 -24.57 -30.34 42.16
N ILE B 272 -23.40 -29.71 41.96
CA ILE B 272 -22.29 -29.87 42.89
C ILE B 272 -22.63 -29.28 44.25
N LEU B 273 -23.28 -28.12 44.27
CA LEU B 273 -23.67 -27.51 45.53
C LEU B 273 -24.65 -28.38 46.28
N HIS B 274 -25.60 -29.00 45.57
CA HIS B 274 -26.54 -29.90 46.21
C HIS B 274 -25.83 -31.13 46.77
N LEU B 275 -24.87 -31.68 46.01
CA LEU B 275 -24.13 -32.83 46.50
C LEU B 275 -23.31 -32.48 47.73
N LEU B 276 -22.77 -31.26 47.77
CA LEU B 276 -21.99 -30.83 48.94
C LEU B 276 -22.89 -30.62 50.15
N LEU B 277 -24.07 -30.02 49.94
CA LEU B 277 -24.97 -29.72 51.05
C LEU B 277 -25.66 -30.98 51.59
N SER B 278 -25.90 -31.97 50.73
CA SER B 278 -26.59 -33.19 51.15
C SER B 278 -25.64 -34.25 51.70
N SER B 279 -24.34 -34.05 51.61
CA SER B 279 -23.39 -35.03 52.12
C SER B 279 -23.43 -35.08 53.64
N PRO B 280 -23.38 -36.27 54.24
CA PRO B 280 -23.36 -36.36 55.71
C PRO B 280 -22.20 -35.61 56.34
N LYS B 281 -21.04 -35.57 55.67
CA LYS B 281 -19.87 -34.89 56.19
C LYS B 281 -20.07 -33.38 56.31
N SER B 282 -21.04 -32.81 55.61
CA SER B 282 -21.27 -31.37 55.62
C SER B 282 -22.11 -30.91 56.81
N LYS B 283 -22.71 -31.82 57.56
CA LYS B 283 -23.59 -31.45 58.67
C LYS B 283 -22.79 -30.85 59.79
N ALA B 284 -21.64 -31.44 60.05
CA ALA B 284 -20.75 -30.94 61.09
C ALA B 284 -19.71 -29.96 60.55
N MET B 285 -20.00 -29.29 59.46
CA MET B 285 -19.07 -28.38 58.80
C MET B 285 -19.51 -26.94 59.02
N ASP B 286 -18.56 -26.07 59.33
CA ASP B 286 -18.81 -24.64 59.47
C ASP B 286 -18.63 -24.00 58.10
N PHE B 287 -19.73 -23.70 57.45
CA PHE B 287 -19.71 -23.09 56.12
C PHE B 287 -19.71 -21.58 56.17
N SER B 288 -19.68 -20.99 57.35
CA SER B 288 -19.57 -19.54 57.45
C SER B 288 -18.23 -19.07 56.90
N GLY B 289 -18.26 -17.99 56.12
CA GLY B 289 -17.09 -17.50 55.45
C GLY B 289 -16.83 -18.11 54.09
N TRP B 290 -17.59 -19.11 53.68
CA TRP B 290 -17.46 -19.71 52.37
C TRP B 290 -18.44 -19.03 51.41
N LYS B 291 -17.90 -18.44 50.35
CA LYS B 291 -18.70 -17.79 49.32
C LYS B 291 -18.61 -18.60 48.04
N VAL B 292 -19.76 -18.96 47.49
CA VAL B 292 -19.83 -19.74 46.26
C VAL B 292 -20.75 -19.05 45.28
N VAL B 293 -20.30 -18.91 44.04
CA VAL B 293 -21.09 -18.35 42.96
C VAL B 293 -21.56 -19.50 42.07
N ILE B 294 -22.84 -19.47 41.68
CA ILE B 294 -23.47 -20.54 40.93
C ILE B 294 -23.81 -20.00 39.55
N GLY B 295 -23.13 -20.49 38.52
CA GLY B 295 -23.31 -19.93 37.20
C GLY B 295 -23.61 -20.90 36.08
N GLY B 296 -23.32 -22.19 36.27
CA GLY B 296 -23.44 -23.13 35.16
C GLY B 296 -24.87 -23.30 34.68
N ALA B 297 -25.80 -23.48 35.62
CA ALA B 297 -27.22 -23.54 35.34
C ALA B 297 -27.94 -22.56 36.25
N ALA B 298 -29.25 -22.44 36.05
CA ALA B 298 -30.06 -21.62 36.94
C ALA B 298 -30.00 -22.18 38.35
N LEU B 299 -29.82 -21.30 39.32
CA LEU B 299 -29.74 -21.72 40.71
C LEU B 299 -31.15 -21.87 41.28
N PRO B 300 -31.56 -23.07 41.68
CA PRO B 300 -32.90 -23.23 42.27
C PRO B 300 -33.02 -22.44 43.57
N LYS B 301 -34.12 -21.75 43.74
CA LYS B 301 -34.36 -21.07 45.00
C LYS B 301 -34.32 -21.97 46.25
N ALA B 302 -34.78 -23.22 46.16
CA ALA B 302 -34.72 -24.11 47.32
C ALA B 302 -33.27 -24.42 47.69
N LEU B 303 -32.43 -24.69 46.69
CA LEU B 303 -31.01 -24.94 46.96
C LEU B 303 -30.34 -23.70 47.54
N CYS B 304 -30.66 -22.53 46.99
CA CYS B 304 -30.12 -21.28 47.54
C CYS B 304 -30.57 -21.08 48.98
N LYS B 305 -31.84 -21.38 49.26
CA LYS B 305 -32.35 -21.23 50.62
C LYS B 305 -31.65 -22.18 51.59
N SER B 306 -31.42 -23.43 51.16
CA SER B 306 -30.71 -24.38 52.02
C SER B 306 -29.27 -23.94 52.27
N ALA B 307 -28.59 -23.45 51.22
CA ALA B 307 -27.24 -22.95 51.40
C ALA B 307 -27.21 -21.76 52.34
N LEU B 308 -28.20 -20.85 52.22
CA LEU B 308 -28.29 -19.73 53.14
C LEU B 308 -28.52 -20.20 54.57
N GLU B 309 -29.35 -21.24 54.74
CA GLU B 309 -29.53 -21.82 56.06
C GLU B 309 -28.23 -22.40 56.59
N ARG B 310 -27.34 -22.84 55.71
CA ARG B 310 -26.01 -23.26 56.13
C ARG B 310 -25.04 -22.09 56.25
N ASP B 311 -25.54 -20.85 56.24
CA ASP B 311 -24.73 -19.64 56.38
C ASP B 311 -23.72 -19.49 55.26
N ILE B 312 -24.08 -19.91 54.06
CA ILE B 312 -23.22 -19.78 52.89
C ILE B 312 -23.62 -18.53 52.12
N ASP B 313 -22.63 -17.71 51.80
CA ASP B 313 -22.84 -16.56 50.91
C ASP B 313 -22.95 -17.12 49.49
N VAL B 314 -24.17 -17.49 49.11
CA VAL B 314 -24.45 -18.13 47.83
C VAL B 314 -25.15 -17.11 46.94
N PHE B 315 -24.65 -16.96 45.73
CA PHE B 315 -25.23 -16.04 44.76
C PHE B 315 -24.98 -16.60 43.37
N ALA B 316 -25.78 -16.16 42.42
CA ALA B 316 -25.75 -16.72 41.08
C ALA B 316 -25.04 -15.80 40.10
N GLY B 317 -24.42 -16.41 39.09
CA GLY B 317 -23.81 -15.67 38.01
C GLY B 317 -24.30 -16.22 36.68
N TYR B 318 -23.99 -15.47 35.63
CA TYR B 318 -24.47 -15.82 34.29
C TYR B 318 -23.35 -15.67 33.28
N GLY B 319 -23.28 -16.62 32.36
CA GLY B 319 -22.30 -16.58 31.30
C GLY B 319 -22.38 -17.85 30.48
N MET B 320 -21.60 -17.86 29.40
CA MET B 320 -21.54 -19.02 28.52
C MET B 320 -20.17 -19.07 27.88
N SER B 321 -19.94 -20.11 27.08
CA SER B 321 -18.64 -20.31 26.45
C SER B 321 -18.26 -19.14 25.56
N GLU B 322 -19.23 -18.49 24.94
CA GLU B 322 -18.97 -17.41 23.99
C GLU B 322 -18.67 -16.08 24.67
N THR B 323 -18.93 -15.92 25.96
CA THR B 323 -19.02 -14.59 26.56
C THR B 323 -17.98 -14.30 27.62
N GLY B 324 -16.91 -15.08 27.74
CA GLY B 324 -15.84 -14.71 28.63
C GLY B 324 -15.51 -15.61 29.81
N PRO B 325 -16.51 -16.16 30.53
CA PRO B 325 -17.96 -16.20 30.31
C PRO B 325 -18.77 -15.08 30.96
N ILE B 326 -18.27 -14.43 32.02
CA ILE B 326 -19.15 -13.73 32.95
C ILE B 326 -19.77 -12.51 32.27
N LEU B 327 -21.10 -12.44 32.32
CA LEU B 327 -21.84 -11.25 31.92
C LEU B 327 -22.63 -10.64 33.07
N SER B 328 -23.18 -11.46 33.97
CA SER B 328 -23.98 -10.99 35.08
C SER B 328 -23.61 -11.75 36.34
N ILE B 329 -23.63 -11.03 37.47
CA ILE B 329 -23.42 -11.62 38.78
C ILE B 329 -24.43 -10.99 39.74
N VAL B 330 -24.95 -11.80 40.66
CA VAL B 330 -25.89 -11.31 41.65
C VAL B 330 -25.14 -10.51 42.70
N GLN B 331 -25.51 -9.24 42.86
CA GLN B 331 -24.89 -8.36 43.83
C GLN B 331 -26.00 -7.73 44.67
N LEU B 332 -25.90 -7.87 45.98
CA LEU B 332 -26.95 -7.45 46.89
C LEU B 332 -26.59 -6.13 47.55
N THR B 333 -27.54 -5.20 47.53
CA THR B 333 -27.40 -3.95 48.27
C THR B 333 -27.48 -4.23 49.77
N PRO B 334 -26.94 -3.33 50.60
CA PRO B 334 -27.06 -3.53 52.05
C PRO B 334 -28.49 -3.59 52.55
N GLU B 335 -29.45 -2.94 51.87
CA GLU B 335 -30.85 -3.13 52.20
C GLU B 335 -31.32 -4.54 51.87
N GLN B 336 -30.82 -5.11 50.77
CA GLN B 336 -31.23 -6.46 50.38
C GLN B 336 -30.65 -7.54 51.29
N LEU B 337 -29.53 -7.25 51.96
CA LEU B 337 -28.96 -8.19 52.90
C LEU B 337 -29.68 -8.20 54.24
N GLU B 338 -30.57 -7.25 54.49
CA GLU B 338 -31.37 -7.23 55.70
C GLU B 338 -32.63 -8.07 55.59
N LEU B 339 -32.97 -8.55 54.39
CA LEU B 339 -34.14 -9.40 54.22
C LEU B 339 -33.90 -10.78 54.83
N ASP B 340 -34.99 -11.50 55.05
CA ASP B 340 -34.90 -12.84 55.61
C ASP B 340 -34.38 -13.81 54.55
N VAL B 341 -34.22 -15.08 54.95
CA VAL B 341 -33.63 -16.08 54.07
C VAL B 341 -34.48 -16.28 52.82
N ASP B 342 -35.80 -16.36 52.99
CA ASP B 342 -36.67 -16.63 51.85
C ASP B 342 -36.65 -15.48 50.84
N GLN B 343 -36.67 -14.23 51.33
CA GLN B 343 -36.71 -13.09 50.42
C GLN B 343 -35.41 -12.93 49.63
N GLN B 344 -34.27 -13.11 50.29
CA GLN B 344 -33.01 -12.95 49.60
C GLN B 344 -32.57 -14.20 48.85
N ALA B 345 -33.22 -15.34 49.09
CA ALA B 345 -32.98 -16.50 48.24
C ALA B 345 -33.52 -16.26 46.83
N GLU B 346 -34.60 -15.48 46.72
CA GLU B 346 -35.07 -15.07 45.40
C GLU B 346 -34.05 -14.18 44.70
N TYR B 347 -33.46 -13.24 45.43
CA TYR B 347 -32.50 -12.32 44.83
C TYR B 347 -31.21 -13.04 44.44
N ARG B 348 -30.71 -13.91 45.32
CA ARG B 348 -29.43 -14.58 45.08
C ARG B 348 -29.52 -15.64 43.99
N SER B 349 -30.71 -16.14 43.69
CA SER B 349 -30.90 -17.14 42.65
C SER B 349 -31.23 -16.53 41.30
N LYS B 350 -31.30 -15.21 41.20
CA LYS B 350 -31.53 -14.49 39.95
C LYS B 350 -30.35 -14.56 39.00
N THR B 351 -30.56 -14.27 37.76
CA THR B 351 -29.43 -14.25 36.82
C THR B 351 -28.39 -13.22 37.25
N GLY B 352 -28.83 -12.04 37.64
CA GLY B 352 -27.96 -11.02 38.19
C GLY B 352 -28.01 -9.73 37.39
N LYS B 353 -27.13 -8.81 37.77
CA LYS B 353 -26.96 -7.55 37.08
C LYS B 353 -25.70 -7.62 36.23
N LYS B 354 -25.76 -6.98 35.05
CA LYS B 354 -24.63 -7.02 34.14
C LYS B 354 -23.37 -6.46 34.80
N VAL B 355 -22.26 -7.16 34.60
CA VAL B 355 -20.99 -6.78 35.20
C VAL B 355 -20.42 -5.58 34.47
N ALA B 356 -19.34 -5.02 35.01
CA ALA B 356 -18.71 -3.83 34.43
C ALA B 356 -18.31 -4.08 32.98
N LEU B 357 -18.49 -3.05 32.16
CA LEU B 357 -18.13 -3.01 30.74
C LEU B 357 -19.02 -3.89 29.87
N VAL B 358 -20.10 -4.43 30.42
CA VAL B 358 -21.03 -5.28 29.69
C VAL B 358 -22.31 -4.50 29.49
N GLU B 359 -22.76 -4.40 28.24
CA GLU B 359 -24.06 -3.84 27.92
C GLU B 359 -24.96 -4.96 27.42
N ALA B 360 -26.11 -5.12 28.05
CA ALA B 360 -27.01 -6.25 27.79
C ALA B 360 -28.39 -5.71 27.47
N TYR B 361 -29.02 -6.27 26.44
CA TYR B 361 -30.36 -5.90 26.03
C TYR B 361 -31.17 -7.16 25.76
N ILE B 362 -32.49 -7.04 25.90
CA ILE B 362 -33.43 -8.09 25.51
C ILE B 362 -34.16 -7.61 24.27
N VAL B 363 -34.15 -8.42 23.21
CA VAL B 363 -34.68 -8.04 21.92
C VAL B 363 -35.64 -9.12 21.44
N ASP B 364 -36.41 -8.78 20.41
CA ASP B 364 -37.28 -9.71 19.74
C ASP B 364 -36.56 -10.30 18.52
N GLU B 365 -37.31 -11.03 17.69
CA GLU B 365 -36.72 -11.67 16.52
C GLU B 365 -36.18 -10.67 15.50
N ASP B 366 -36.64 -9.42 15.56
CA ASP B 366 -36.16 -8.38 14.66
C ASP B 366 -35.12 -7.47 15.29
N MET B 367 -34.53 -7.89 16.42
CA MET B 367 -33.49 -7.14 17.11
C MET B 367 -33.99 -5.76 17.56
N ASN B 368 -35.25 -5.70 17.97
CA ASN B 368 -35.82 -4.49 18.56
C ASN B 368 -35.74 -4.61 20.07
N LYS B 369 -35.11 -3.63 20.71
CA LYS B 369 -34.89 -3.68 22.14
C LYS B 369 -36.21 -3.54 22.90
N LEU B 370 -36.43 -4.41 23.87
CA LEU B 370 -37.66 -4.45 24.65
C LEU B 370 -37.47 -3.71 25.98
N PRO B 371 -38.54 -3.12 26.52
CA PRO B 371 -38.41 -2.37 27.78
C PRO B 371 -37.99 -3.28 28.93
N HIS B 372 -37.25 -2.70 29.87
CA HIS B 372 -36.82 -3.40 31.08
C HIS B 372 -37.86 -3.15 32.16
N ASP B 373 -38.86 -4.04 32.22
CA ASP B 373 -39.95 -3.91 33.17
C ASP B 373 -40.18 -5.16 34.00
N GLY B 374 -39.39 -6.21 33.82
CA GLY B 374 -39.56 -7.43 34.57
C GLY B 374 -40.63 -8.38 34.05
N GLU B 375 -41.34 -8.00 32.99
CA GLU B 375 -42.35 -8.86 32.39
C GLU B 375 -42.05 -9.18 30.93
N THR B 376 -41.71 -8.18 30.12
CA THR B 376 -41.42 -8.43 28.72
C THR B 376 -40.14 -9.22 28.58
N ALA B 377 -40.21 -10.34 27.84
CA ALA B 377 -39.11 -11.27 27.72
C ALA B 377 -38.61 -11.31 26.28
N GLY B 378 -37.29 -11.38 26.12
CA GLY B 378 -36.67 -11.49 24.82
C GLY B 378 -35.29 -12.08 24.96
N GLU B 379 -34.64 -12.30 23.81
CA GLU B 379 -33.30 -12.85 23.81
C GLU B 379 -32.30 -11.83 24.34
N ILE B 380 -31.44 -12.27 25.25
CA ILE B 380 -30.35 -11.43 25.72
C ILE B 380 -29.32 -11.27 24.62
N VAL B 381 -28.96 -10.03 24.32
CA VAL B 381 -27.89 -9.71 23.38
C VAL B 381 -26.91 -8.80 24.09
N VAL B 382 -25.62 -9.09 23.94
CA VAL B 382 -24.60 -8.45 24.76
C VAL B 382 -23.47 -7.92 23.89
N ARG B 383 -22.83 -6.87 24.40
CA ARG B 383 -21.52 -6.43 23.94
C ARG B 383 -20.63 -6.33 25.16
N ALA B 384 -19.42 -6.87 25.04
CA ALA B 384 -18.50 -6.94 26.18
C ALA B 384 -17.09 -7.00 25.64
N PRO B 385 -16.09 -6.65 26.44
CA PRO B 385 -14.69 -6.72 25.99
C PRO B 385 -14.13 -8.13 25.91
N TRP B 386 -14.91 -9.16 26.23
CA TRP B 386 -14.39 -10.52 26.31
C TRP B 386 -15.35 -11.50 25.63
N LEU B 387 -15.95 -11.10 24.52
CA LEU B 387 -16.79 -11.97 23.73
C LEU B 387 -15.99 -12.56 22.58
N THR B 388 -16.27 -13.82 22.25
CA THR B 388 -15.64 -14.41 21.08
C THR B 388 -16.15 -13.71 19.82
N PRO B 389 -15.27 -13.27 18.93
CA PRO B 389 -15.75 -12.54 17.74
C PRO B 389 -16.54 -13.40 16.78
N ASN B 390 -16.30 -14.71 16.79
CA ASN B 390 -16.95 -15.64 15.88
C ASN B 390 -16.65 -17.05 16.38
N TYR B 391 -17.07 -18.04 15.62
CA TYR B 391 -16.72 -19.43 15.87
C TYR B 391 -15.54 -19.81 14.98
N TYR B 392 -14.62 -20.60 15.53
CA TYR B 392 -13.42 -20.97 14.80
C TYR B 392 -13.78 -21.78 13.56
N LYS B 393 -13.24 -21.34 12.41
CA LYS B 393 -13.44 -22.01 11.13
C LYS B 393 -14.93 -22.16 10.80
N ASP B 394 -15.71 -21.14 11.15
CA ASP B 394 -17.15 -21.16 10.93
C ASP B 394 -17.61 -19.81 10.41
N ASN B 395 -18.50 -19.76 9.47
CA ASN B 395 -19.00 -18.53 8.96
C ASN B 395 -20.45 -18.32 9.27
N LYS B 396 -21.29 -19.27 9.00
CA LYS B 396 -22.72 -19.07 9.15
C LYS B 396 -23.22 -19.07 10.54
N ASN B 397 -22.75 -19.99 11.34
CA ASN B 397 -23.03 -19.97 12.78
C ASN B 397 -22.42 -18.74 13.43
N SER B 398 -21.25 -18.31 12.96
CA SER B 398 -20.64 -17.09 13.47
C SER B 398 -21.47 -15.87 13.11
N LYS B 399 -22.02 -15.83 11.88
CA LYS B 399 -22.88 -14.73 11.49
C LYS B 399 -24.16 -14.69 12.32
N ALA B 400 -24.74 -15.87 12.60
CA ALA B 400 -25.92 -15.91 13.44
C ALA B 400 -25.63 -15.52 14.87
N LEU B 401 -24.43 -15.86 15.37
CA LEU B 401 -24.07 -15.53 16.75
C LEU B 401 -23.96 -14.02 16.96
N TRP B 402 -23.48 -13.29 15.96
CA TRP B 402 -23.31 -11.84 16.06
C TRP B 402 -24.28 -11.08 15.18
N ARG B 403 -25.48 -11.63 14.99
CA ARG B 403 -26.49 -11.01 14.14
C ARG B 403 -26.97 -9.70 14.76
N GLY B 404 -27.04 -8.67 13.93
CA GLY B 404 -27.52 -7.37 14.37
C GLY B 404 -26.52 -6.52 15.11
N GLY B 405 -25.26 -6.95 15.19
CA GLY B 405 -24.24 -6.21 15.90
C GLY B 405 -24.09 -6.56 17.36
N TYR B 406 -24.79 -7.58 17.84
CA TYR B 406 -24.68 -8.02 19.23
C TYR B 406 -24.53 -9.53 19.27
N LEU B 407 -23.90 -10.02 20.32
CA LEU B 407 -23.76 -11.46 20.51
C LEU B 407 -25.07 -12.00 21.07
N HIS B 408 -25.62 -13.01 20.40
CA HIS B 408 -26.88 -13.62 20.82
C HIS B 408 -26.58 -14.76 21.78
N THR B 409 -27.05 -14.63 23.02
CA THR B 409 -26.80 -15.64 24.04
C THR B 409 -27.70 -16.87 23.89
N GLY B 410 -28.79 -16.76 23.14
CA GLY B 410 -29.73 -17.85 23.05
C GLY B 410 -30.63 -18.01 24.25
N ASP B 411 -30.63 -17.05 25.17
CA ASP B 411 -31.42 -17.11 26.38
C ASP B 411 -32.50 -16.05 26.35
N VAL B 412 -33.72 -16.44 26.74
CA VAL B 412 -34.84 -15.52 26.84
C VAL B 412 -34.96 -15.05 28.27
N ALA B 413 -35.04 -13.74 28.47
CA ALA B 413 -35.05 -13.18 29.81
C ALA B 413 -35.82 -11.88 29.83
N HIS B 414 -36.23 -11.48 31.03
CA HIS B 414 -36.73 -10.14 31.29
C HIS B 414 -35.80 -9.45 32.28
N ILE B 415 -35.75 -8.13 32.21
CA ILE B 415 -34.87 -7.32 33.04
C ILE B 415 -35.71 -6.36 33.87
N ASP B 416 -35.42 -6.30 35.16
CA ASP B 416 -36.14 -5.40 36.06
C ASP B 416 -35.75 -3.94 35.76
N ASP B 417 -36.48 -3.02 36.40
CA ASP B 417 -36.11 -1.62 36.31
C ASP B 417 -34.76 -1.37 36.98
N GLU B 418 -34.50 -2.06 38.09
CA GLU B 418 -33.22 -1.95 38.77
C GLU B 418 -32.09 -2.63 38.01
N GLY B 419 -32.40 -3.39 36.96
CA GLY B 419 -31.39 -4.08 36.18
C GLY B 419 -31.22 -5.55 36.48
N PHE B 420 -32.06 -6.13 37.34
CA PHE B 420 -31.96 -7.54 37.65
C PHE B 420 -32.48 -8.37 36.48
N ILE B 421 -31.59 -9.14 35.86
CA ILE B 421 -31.97 -10.03 34.77
C ILE B 421 -32.50 -11.33 35.35
N LYS B 422 -33.56 -11.86 34.74
CA LYS B 422 -34.11 -13.16 35.11
C LYS B 422 -34.39 -13.94 33.83
N ILE B 423 -33.67 -15.04 33.64
CA ILE B 423 -33.78 -15.85 32.43
C ILE B 423 -34.95 -16.82 32.60
N THR B 424 -35.83 -16.86 31.60
CA THR B 424 -36.96 -17.78 31.63
C THR B 424 -36.58 -19.13 31.01
N ASP B 425 -36.17 -19.13 29.75
CA ASP B 425 -35.71 -20.34 29.08
C ASP B 425 -34.88 -19.94 27.86
N ARG B 426 -34.62 -20.91 26.99
CA ARG B 426 -33.80 -20.69 25.80
C ARG B 426 -34.67 -20.21 24.63
N VAL B 427 -33.99 -19.63 23.64
CA VAL B 427 -34.68 -19.17 22.43
C VAL B 427 -35.16 -20.36 21.61
N LYS B 428 -34.31 -21.38 21.47
CA LYS B 428 -34.70 -22.55 20.70
C LYS B 428 -35.70 -23.41 21.45
N ASP B 429 -35.66 -23.40 22.78
CA ASP B 429 -36.63 -24.12 23.60
C ASP B 429 -37.81 -23.23 23.95
N MET B 430 -38.42 -22.62 22.92
CA MET B 430 -39.50 -21.68 23.09
C MET B 430 -40.79 -22.24 22.52
N ILE B 431 -41.89 -22.03 23.24
CA ILE B 431 -43.21 -22.47 22.82
C ILE B 431 -43.96 -21.26 22.28
N LYS B 432 -44.27 -21.29 20.98
CA LYS B 432 -44.92 -20.17 20.29
C LYS B 432 -46.35 -20.61 19.96
N ILE B 433 -47.32 -19.92 20.56
CA ILE B 433 -48.73 -20.25 20.39
C ILE B 433 -49.43 -19.00 19.86
N SER B 434 -49.86 -19.06 18.60
CA SER B 434 -50.68 -18.02 17.99
C SER B 434 -49.92 -16.70 17.87
N GLY B 435 -49.75 -16.00 18.99
CA GLY B 435 -49.05 -14.73 19.00
C GLY B 435 -48.23 -14.49 20.25
N GLU B 436 -48.06 -15.53 21.06
CA GLU B 436 -47.36 -15.40 22.34
C GLU B 436 -46.28 -16.47 22.46
N TRP B 437 -45.30 -16.17 23.29
CA TRP B 437 -44.25 -17.12 23.65
C TRP B 437 -44.34 -17.42 25.13
N VAL B 438 -44.37 -18.70 25.49
CA VAL B 438 -44.41 -19.13 26.87
C VAL B 438 -43.20 -20.00 27.16
N SER B 439 -42.62 -19.85 28.34
CA SER B 439 -41.46 -20.62 28.72
C SER B 439 -41.78 -22.10 28.82
N SER B 440 -40.79 -22.94 28.51
CA SER B 440 -40.91 -24.38 28.65
C SER B 440 -40.32 -24.90 29.95
N LEU B 441 -39.82 -24.01 30.82
CA LEU B 441 -39.17 -24.44 32.06
C LEU B 441 -40.06 -24.31 33.28
N GLU B 442 -40.89 -23.25 33.36
CA GLU B 442 -41.78 -23.12 34.50
C GLU B 442 -42.91 -24.14 34.46
N LEU B 443 -43.25 -24.65 33.26
CA LEU B 443 -44.24 -25.72 33.17
C LEU B 443 -43.75 -26.98 33.85
N GLU B 444 -42.44 -27.27 33.76
CA GLU B 444 -41.89 -28.43 34.45
C GLU B 444 -42.05 -28.31 35.96
N ASP B 445 -41.78 -27.12 36.51
CA ASP B 445 -41.97 -26.90 37.94
C ASP B 445 -43.45 -26.95 38.32
N ILE B 446 -44.33 -26.46 37.43
CA ILE B 446 -45.77 -26.54 37.69
C ILE B 446 -46.22 -27.98 37.77
N LEU B 447 -45.75 -28.82 36.85
CA LEU B 447 -46.18 -30.22 36.78
C LEU B 447 -45.33 -31.14 37.65
N HIS B 448 -44.34 -30.62 38.36
CA HIS B 448 -43.54 -31.42 39.28
C HIS B 448 -44.10 -31.43 40.69
N GLN B 449 -45.25 -30.81 40.93
CA GLN B 449 -45.80 -30.69 42.28
C GLN B 449 -46.62 -31.90 42.70
N HIS B 450 -46.84 -32.88 41.82
CA HIS B 450 -47.62 -34.04 42.19
C HIS B 450 -46.81 -34.98 43.08
N GLN B 451 -47.53 -35.84 43.80
CA GLN B 451 -46.89 -36.82 44.68
C GLN B 451 -46.35 -38.03 43.93
N SER B 452 -46.64 -38.14 42.63
CA SER B 452 -46.20 -39.28 41.83
C SER B 452 -45.59 -38.82 40.52
N VAL B 453 -44.76 -37.77 40.58
CA VAL B 453 -44.02 -37.28 39.43
C VAL B 453 -42.55 -37.15 39.83
N SER B 454 -41.65 -37.64 38.98
CA SER B 454 -40.22 -37.61 39.26
C SER B 454 -39.50 -36.58 38.40
N GLU B 455 -39.63 -36.65 37.08
CA GLU B 455 -38.96 -35.74 36.16
C GLU B 455 -39.96 -35.27 35.12
N VAL B 456 -40.02 -33.95 34.92
CA VAL B 456 -40.95 -33.33 33.98
C VAL B 456 -40.16 -32.64 32.89
N ALA B 457 -40.43 -33.01 31.63
CA ALA B 457 -39.82 -32.39 30.47
C ALA B 457 -40.92 -31.91 29.53
N VAL B 458 -40.81 -30.66 29.09
CA VAL B 458 -41.82 -30.02 28.25
C VAL B 458 -41.22 -29.80 26.86
N ILE B 459 -41.97 -30.23 25.84
CA ILE B 459 -41.54 -30.10 24.45
C ILE B 459 -42.70 -29.56 23.63
N GLY B 460 -42.38 -29.03 22.47
CA GLY B 460 -43.36 -28.40 21.59
C GLY B 460 -43.45 -29.08 20.25
N MET B 461 -44.70 -29.22 19.80
CA MET B 461 -44.99 -29.88 18.55
C MET B 461 -46.21 -29.17 17.90
N PRO B 462 -46.30 -29.04 16.54
CA PRO B 462 -47.37 -28.23 15.94
C PRO B 462 -48.75 -28.84 16.11
N HIS B 463 -49.75 -27.97 16.16
CA HIS B 463 -51.15 -28.32 16.04
C HIS B 463 -51.81 -27.36 15.05
N ASN B 464 -52.91 -27.82 14.47
CA ASN B 464 -53.55 -27.05 13.42
C ASN B 464 -54.12 -25.71 13.83
N LYS B 465 -55.04 -25.68 14.78
CA LYS B 465 -55.70 -24.42 15.13
C LYS B 465 -54.82 -23.54 16.01
N TRP B 466 -54.14 -24.12 16.99
CA TRP B 466 -53.41 -23.36 18.00
C TRP B 466 -51.91 -23.32 17.76
N GLY B 467 -51.46 -23.73 16.58
CA GLY B 467 -50.03 -23.75 16.34
C GLY B 467 -49.34 -24.79 17.21
N GLU B 468 -48.07 -24.56 17.47
CA GLU B 468 -47.30 -25.47 18.30
C GLU B 468 -47.80 -25.43 19.74
N VAL B 469 -48.00 -26.61 20.32
CA VAL B 469 -48.53 -26.72 21.68
C VAL B 469 -47.61 -27.61 22.50
N PRO B 470 -47.57 -27.38 23.80
CA PRO B 470 -46.65 -28.12 24.67
C PRO B 470 -47.03 -29.52 25.17
N LEU B 471 -46.21 -30.54 24.94
CA LEU B 471 -46.46 -31.90 25.51
C LEU B 471 -45.58 -32.09 26.73
N ALA B 472 -45.92 -33.03 27.63
CA ALA B 472 -45.13 -33.12 28.89
C ALA B 472 -44.93 -34.56 29.33
N LEU B 473 -43.84 -34.87 30.05
CA LEU B 473 -43.51 -36.25 30.30
C LEU B 473 -43.22 -36.46 31.78
N VAL B 474 -43.83 -37.51 32.35
CA VAL B 474 -43.66 -37.83 33.77
C VAL B 474 -43.53 -39.34 33.92
N THR B 475 -43.14 -39.76 35.13
CA THR B 475 -43.01 -41.17 35.48
C THR B 475 -43.87 -41.47 36.70
N LEU B 476 -44.41 -42.69 36.76
CA LEU B 476 -45.24 -43.10 37.88
C LEU B 476 -44.38 -43.53 39.06
N LYS B 477 -45.01 -43.57 40.24
CA LYS B 477 -44.37 -43.98 41.47
C LYS B 477 -44.79 -45.41 41.83
N GLU B 478 -44.37 -45.87 43.01
CA GLU B 478 -44.71 -47.21 43.46
C GLU B 478 -46.19 -47.31 43.81
N ASP B 479 -46.85 -48.33 43.25
CA ASP B 479 -48.27 -48.58 43.48
C ASP B 479 -49.11 -47.35 43.14
N ALA B 480 -48.73 -46.64 42.08
CA ALA B 480 -49.43 -45.44 41.61
C ALA B 480 -49.68 -45.61 40.11
N GLN B 481 -50.79 -46.26 39.77
CA GLN B 481 -51.17 -46.46 38.37
C GLN B 481 -52.17 -45.40 37.93
N VAL B 482 -51.78 -44.15 38.12
CA VAL B 482 -52.61 -43.02 37.71
C VAL B 482 -52.53 -42.85 36.20
N THR B 483 -53.67 -42.65 35.55
CA THR B 483 -53.72 -42.52 34.12
C THR B 483 -53.52 -41.05 33.73
N GLU B 484 -53.73 -40.73 32.46
CA GLU B 484 -53.59 -39.35 32.01
C GLU B 484 -54.66 -38.44 32.61
N LYS B 485 -55.83 -39.01 32.95
CA LYS B 485 -56.92 -38.20 33.48
C LYS B 485 -56.55 -37.58 34.82
N GLU B 486 -55.88 -38.36 35.69
CA GLU B 486 -55.51 -37.84 37.00
C GLU B 486 -54.52 -36.69 36.89
N LEU B 487 -53.53 -36.81 36.00
CA LEU B 487 -52.56 -35.74 35.83
C LEU B 487 -53.18 -34.53 35.17
N LEU B 488 -54.12 -34.75 34.24
CA LEU B 488 -54.87 -33.62 33.66
C LEU B 488 -55.66 -32.90 34.73
N GLY B 489 -56.31 -33.64 35.62
CA GLY B 489 -57.03 -33.00 36.72
C GLY B 489 -56.10 -32.24 37.66
N PHE B 490 -54.92 -32.81 37.93
CA PHE B 490 -53.94 -32.11 38.76
C PHE B 490 -53.50 -30.81 38.12
N ALA B 491 -53.26 -30.83 36.80
CA ALA B 491 -52.89 -29.61 36.10
C ALA B 491 -54.03 -28.60 36.14
N LYS B 492 -55.27 -29.07 36.02
CA LYS B 492 -56.43 -28.20 36.15
C LYS B 492 -56.58 -27.65 37.57
N ASP B 493 -56.03 -28.33 38.57
CA ASP B 493 -56.21 -27.97 39.97
C ASP B 493 -55.35 -26.80 40.41
N PHE B 494 -54.43 -26.35 39.57
CA PHE B 494 -53.61 -25.21 39.91
C PHE B 494 -54.37 -23.89 39.80
N ILE B 495 -53.65 -22.78 39.85
CA ILE B 495 -54.30 -21.47 39.73
C ILE B 495 -53.35 -20.48 39.08
N ASN B 496 -53.87 -19.29 38.74
CA ASN B 496 -53.09 -18.18 38.20
C ASN B 496 -52.42 -18.56 36.88
N LYS B 497 -53.26 -18.94 35.91
CA LYS B 497 -52.81 -19.23 34.56
C LYS B 497 -53.66 -18.44 33.56
N GLY B 498 -53.04 -18.02 32.47
CA GLY B 498 -53.67 -17.18 31.47
C GLY B 498 -54.18 -17.96 30.28
N ILE B 499 -54.17 -17.30 29.13
CA ILE B 499 -54.66 -17.80 27.84
C ILE B 499 -55.95 -18.59 28.00
N LEU B 500 -56.00 -19.80 27.43
CA LEU B 500 -57.22 -20.61 27.44
C LEU B 500 -57.53 -21.03 28.86
N ALA B 501 -58.55 -20.39 29.45
CA ALA B 501 -59.00 -20.68 30.82
C ALA B 501 -57.85 -20.63 31.80
N ARG B 502 -57.32 -21.80 32.16
CA ARG B 502 -56.21 -21.93 33.10
C ARG B 502 -55.06 -22.73 32.51
N GLU B 503 -54.82 -22.55 31.21
CA GLU B 503 -53.80 -23.28 30.46
C GLU B 503 -53.99 -24.79 30.63
N ALA B 504 -55.24 -25.25 30.56
CA ALA B 504 -55.54 -26.69 30.55
C ALA B 504 -56.65 -26.94 29.52
N LEU B 505 -56.25 -27.05 28.25
CA LEU B 505 -57.15 -27.57 27.21
C LEU B 505 -56.50 -28.56 26.26
N LEU B 506 -55.18 -28.53 26.09
CA LEU B 506 -54.48 -29.48 25.23
C LEU B 506 -53.17 -29.94 25.86
N LEU B 507 -53.19 -30.28 27.16
CA LEU B 507 -51.97 -30.72 27.83
C LEU B 507 -51.54 -32.10 27.34
N LYS B 508 -52.48 -33.04 27.27
CA LYS B 508 -52.25 -34.40 26.79
C LYS B 508 -50.97 -34.99 27.37
N VAL B 509 -50.84 -34.87 28.70
CA VAL B 509 -49.65 -35.37 29.38
C VAL B 509 -49.55 -36.87 29.20
N LYS B 510 -48.33 -37.36 28.95
CA LYS B 510 -48.08 -38.76 28.70
C LYS B 510 -46.97 -39.26 29.61
N ILE B 511 -47.13 -40.48 30.10
CA ILE B 511 -46.13 -41.13 30.94
C ILE B 511 -45.24 -42.00 30.05
N VAL B 512 -43.94 -41.92 30.29
CA VAL B 512 -42.96 -42.72 29.55
C VAL B 512 -41.93 -43.25 30.53
N ASP B 513 -41.63 -44.54 30.43
CA ASP B 513 -40.69 -45.16 31.37
C ASP B 513 -39.28 -44.58 31.21
N GLU B 514 -38.84 -44.37 29.98
CA GLU B 514 -37.48 -43.91 29.69
C GLU B 514 -37.49 -42.42 29.42
N ILE B 515 -36.67 -41.68 30.16
CA ILE B 515 -36.52 -40.23 29.99
C ILE B 515 -35.16 -39.97 29.38
N ALA B 516 -35.14 -39.28 28.25
CA ALA B 516 -33.90 -39.03 27.52
C ALA B 516 -33.03 -38.04 28.27
N LYS B 517 -31.87 -38.49 28.72
CA LYS B 517 -30.90 -37.64 29.39
C LYS B 517 -29.57 -37.72 28.66
N THR B 518 -28.92 -36.58 28.48
CA THR B 518 -27.59 -36.55 27.91
C THR B 518 -26.56 -36.96 28.96
N SER B 519 -25.30 -37.04 28.54
CA SER B 519 -24.23 -37.40 29.46
C SER B 519 -24.02 -36.33 30.53
N VAL B 520 -24.29 -35.06 30.18
CA VAL B 520 -24.10 -33.97 31.13
C VAL B 520 -25.05 -34.10 32.31
N GLY B 521 -26.33 -34.40 32.03
CA GLY B 521 -27.32 -34.49 33.07
C GLY B 521 -28.59 -33.73 32.74
N LYS B 522 -28.56 -32.97 31.65
CA LYS B 522 -29.71 -32.22 31.18
C LYS B 522 -30.40 -32.96 30.04
N VAL B 523 -31.73 -32.85 30.00
CA VAL B 523 -32.51 -33.55 28.99
C VAL B 523 -32.26 -32.93 27.62
N ASP B 524 -32.06 -33.79 26.62
CA ASP B 524 -31.86 -33.33 25.24
C ASP B 524 -33.23 -33.09 24.61
N LYS B 525 -33.58 -31.82 24.43
CA LYS B 525 -34.91 -31.50 23.92
C LYS B 525 -35.03 -31.84 22.44
N LYS B 526 -33.95 -31.65 21.68
CA LYS B 526 -33.99 -32.03 20.26
C LYS B 526 -34.07 -33.54 20.09
N GLU B 527 -33.38 -34.30 20.95
CA GLU B 527 -33.50 -35.75 20.91
C GLU B 527 -34.93 -36.19 21.22
N LEU B 528 -35.57 -35.53 22.20
CA LEU B 528 -36.96 -35.82 22.50
C LEU B 528 -37.86 -35.49 21.30
N ARG B 529 -37.59 -34.36 20.64
CA ARG B 529 -38.36 -34.00 19.44
C ARG B 529 -38.23 -35.06 18.36
N LYS B 530 -37.00 -35.53 18.12
CA LYS B 530 -36.78 -36.56 17.10
C LYS B 530 -37.45 -37.88 17.50
N LEU B 531 -37.39 -38.23 18.77
CA LEU B 531 -37.90 -39.53 19.21
C LEU B 531 -39.42 -39.57 19.18
N HIS B 532 -40.08 -38.55 19.72
CA HIS B 532 -41.52 -38.56 19.83
C HIS B 532 -42.24 -38.12 18.57
N LEU B 533 -41.48 -37.62 17.58
CA LEU B 533 -42.04 -37.22 16.28
C LEU B 533 -41.14 -37.60 15.08
N TYR C 4 11.77 -14.69 -8.57
CA TYR C 4 10.41 -15.21 -8.56
C TYR C 4 10.21 -16.24 -7.45
N VAL C 5 9.14 -16.08 -6.68
CA VAL C 5 8.73 -17.07 -5.70
C VAL C 5 7.78 -18.04 -6.39
N ASN C 6 8.25 -19.26 -6.62
CA ASN C 6 7.50 -20.19 -7.46
C ASN C 6 6.15 -20.54 -6.87
N ASP C 7 6.08 -20.76 -5.54
CA ASP C 7 4.89 -21.29 -4.90
C ASP C 7 4.51 -22.58 -5.64
N PRO C 8 5.23 -23.67 -5.42
CA PRO C 8 5.13 -24.83 -6.33
C PRO C 8 3.72 -25.37 -6.52
N SER C 9 2.81 -25.14 -5.57
CA SER C 9 1.42 -25.50 -5.79
C SER C 9 0.75 -24.59 -6.81
N ASN C 10 1.27 -23.37 -7.01
CA ASN C 10 0.72 -22.43 -7.98
C ASN C 10 1.40 -22.69 -9.33
N TYR C 11 0.73 -23.47 -10.17
CA TYR C 11 1.31 -23.88 -11.44
C TYR C 11 1.32 -22.72 -12.42
N GLN C 12 2.47 -22.51 -13.07
CA GLN C 12 2.63 -21.51 -14.12
C GLN C 12 2.73 -22.22 -15.47
N LEU C 13 1.96 -21.73 -16.44
CA LEU C 13 1.98 -22.31 -17.79
C LEU C 13 3.18 -21.76 -18.54
N LEU C 14 4.23 -22.56 -18.65
CA LEU C 14 5.49 -22.15 -19.24
C LEU C 14 5.84 -23.05 -20.42
N ILE C 15 6.57 -22.49 -21.37
CA ILE C 15 7.00 -23.24 -22.55
C ILE C 15 7.92 -24.38 -22.16
N LYS C 16 8.67 -24.20 -21.07
CA LYS C 16 9.49 -25.31 -20.57
C LYS C 16 8.64 -26.50 -20.18
N ASN C 17 7.39 -26.27 -19.80
CA ASN C 17 6.48 -27.39 -19.53
C ASN C 17 5.99 -28.02 -20.83
N LEU C 18 5.92 -27.25 -21.92
CA LEU C 18 5.66 -27.85 -23.22
C LEU C 18 6.81 -28.76 -23.63
N LEU C 19 8.05 -28.35 -23.35
CA LEU C 19 9.20 -29.16 -23.74
C LEU C 19 9.35 -30.38 -22.83
N PHE C 20 9.22 -30.19 -21.51
CA PHE C 20 9.59 -31.22 -20.55
C PHE C 20 8.41 -31.95 -19.92
N SER C 21 7.18 -31.50 -20.18
CA SER C 21 5.97 -32.22 -19.77
C SER C 21 5.05 -32.38 -20.97
N PRO C 22 5.50 -33.10 -22.00
CA PRO C 22 4.74 -33.18 -23.24
C PRO C 22 3.63 -34.21 -23.16
N VAL C 23 2.83 -34.27 -24.22
CA VAL C 23 1.87 -35.37 -24.37
C VAL C 23 2.61 -36.69 -24.50
N ALA C 24 3.66 -36.72 -25.32
CA ALA C 24 4.49 -37.89 -25.49
C ALA C 24 5.93 -37.45 -25.74
N PHE C 25 6.87 -38.25 -25.27
CA PHE C 25 8.30 -38.00 -25.50
C PHE C 25 8.97 -39.32 -25.85
N ASN C 26 9.47 -39.40 -27.08
CA ASN C 26 10.33 -40.51 -27.49
C ASN C 26 11.74 -39.97 -27.65
N PRO C 27 12.68 -40.35 -26.77
CA PRO C 27 14.05 -39.80 -26.89
C PRO C 27 14.75 -40.19 -28.18
N GLU C 28 14.31 -41.25 -28.85
CA GLU C 28 14.90 -41.67 -30.12
C GLU C 28 14.13 -41.14 -31.32
N GLN C 29 13.08 -40.35 -31.11
CA GLN C 29 12.39 -39.70 -32.21
C GLN C 29 13.29 -38.61 -32.81
N GLU C 30 13.21 -38.47 -34.13
CA GLU C 30 14.16 -37.67 -34.88
C GLU C 30 13.67 -36.25 -35.11
N ILE C 31 14.59 -35.29 -35.03
CA ILE C 31 14.40 -33.94 -35.56
C ILE C 31 15.26 -33.81 -36.79
N VAL C 32 14.62 -33.62 -37.94
CA VAL C 32 15.30 -33.66 -39.24
C VAL C 32 15.33 -32.25 -39.80
N TYR C 33 16.52 -31.79 -40.16
CA TYR C 33 16.71 -30.52 -40.84
C TYR C 33 17.12 -30.81 -42.29
N ALA C 34 16.11 -30.95 -43.15
CA ALA C 34 16.31 -31.21 -44.58
C ALA C 34 17.30 -32.35 -44.79
N ASN C 35 18.34 -32.10 -45.59
CA ASN C 35 19.42 -33.05 -45.79
C ASN C 35 20.71 -32.62 -45.10
N HIS C 36 20.65 -31.58 -44.27
CA HIS C 36 21.83 -31.06 -43.58
C HIS C 36 22.10 -31.79 -42.27
N ARG C 37 21.11 -31.86 -41.39
CA ARG C 37 21.31 -32.36 -40.05
C ARG C 37 20.16 -33.29 -39.68
N ARG C 38 20.43 -34.18 -38.72
CA ARG C 38 19.42 -35.12 -38.23
C ARG C 38 19.86 -35.61 -36.87
N HIS C 39 19.08 -35.31 -35.83
CA HIS C 39 19.37 -35.76 -34.48
C HIS C 39 18.08 -36.20 -33.81
N SER C 40 18.21 -36.69 -32.58
CA SER C 40 17.08 -37.23 -31.85
C SER C 40 16.48 -36.19 -30.92
N TYR C 41 15.35 -36.54 -30.31
CA TYR C 41 14.70 -35.65 -29.35
C TYR C 41 15.55 -35.48 -28.10
N LYS C 42 16.27 -36.52 -27.68
CA LYS C 42 17.23 -36.37 -26.59
C LYS C 42 18.31 -35.37 -26.95
N THR C 43 18.86 -35.47 -28.16
CA THR C 43 19.81 -34.48 -28.63
C THR C 43 19.16 -33.10 -28.76
N PHE C 44 17.89 -33.04 -29.13
CA PHE C 44 17.19 -31.76 -29.21
C PHE C 44 17.11 -31.09 -27.84
N HIS C 45 16.79 -31.88 -26.83
CA HIS C 45 16.70 -31.44 -25.44
C HIS C 45 18.04 -30.97 -24.90
N ASP C 46 19.07 -31.71 -25.20
CA ASP C 46 20.43 -31.30 -24.88
C ASP C 46 20.86 -30.02 -25.59
N ARG C 47 20.56 -29.90 -26.88
CA ARG C 47 20.91 -28.68 -27.59
C ARG C 47 20.14 -27.48 -27.08
N VAL C 48 18.90 -27.68 -26.63
CA VAL C 48 18.17 -26.58 -25.99
C VAL C 48 18.88 -26.14 -24.72
N ARG C 49 19.32 -27.09 -23.91
CA ARG C 49 20.06 -26.74 -22.70
C ARG C 49 21.40 -26.08 -23.03
N GLN C 50 22.07 -26.57 -24.07
CA GLN C 50 23.31 -25.95 -24.52
C GLN C 50 23.09 -24.52 -24.99
N PHE C 51 22.00 -24.28 -25.72
CA PHE C 51 21.68 -22.94 -26.19
C PHE C 51 21.35 -22.03 -25.02
N ALA C 52 20.66 -22.55 -24.01
CA ALA C 52 20.41 -21.76 -22.80
C ALA C 52 21.72 -21.37 -22.12
N ASN C 53 22.65 -22.33 -22.02
CA ASN C 53 23.96 -22.04 -21.44
C ASN C 53 24.70 -20.99 -22.26
N ALA C 54 24.67 -21.11 -23.59
CA ALA C 54 25.36 -20.15 -24.44
C ALA C 54 24.75 -18.77 -24.33
N LEU C 55 23.42 -18.68 -24.25
CA LEU C 55 22.75 -17.40 -24.10
C LEU C 55 23.08 -16.76 -22.76
N THR C 56 23.15 -17.56 -21.70
CA THR C 56 23.56 -17.03 -20.40
C THR C 56 25.01 -16.53 -20.45
N LYS C 57 25.88 -17.28 -21.14
CA LYS C 57 27.28 -16.85 -21.29
C LYS C 57 27.38 -15.56 -22.09
N MET C 58 26.53 -15.38 -23.09
CA MET C 58 26.50 -14.17 -23.89
C MET C 58 25.94 -12.97 -23.13
N GLY C 59 25.39 -13.18 -21.94
CA GLY C 59 24.82 -12.10 -21.17
C GLY C 59 23.33 -11.91 -21.32
N VAL C 60 22.63 -12.84 -21.96
CA VAL C 60 21.18 -12.74 -22.12
C VAL C 60 20.53 -13.02 -20.76
N LYS C 61 19.77 -12.06 -20.27
CA LYS C 61 19.06 -12.16 -19.01
C LYS C 61 17.56 -12.22 -19.27
N LYS C 62 16.80 -12.45 -18.20
CA LYS C 62 15.34 -12.40 -18.32
C LYS C 62 14.90 -11.01 -18.72
N GLY C 63 14.00 -10.94 -19.70
CA GLY C 63 13.55 -9.69 -20.26
C GLY C 63 14.33 -9.21 -21.46
N ASP C 64 15.41 -9.89 -21.82
CA ASP C 64 16.19 -9.52 -23.01
C ASP C 64 15.49 -10.01 -24.27
N THR C 65 15.92 -9.47 -25.41
CA THR C 65 15.35 -9.82 -26.71
C THR C 65 16.42 -10.42 -27.59
N VAL C 66 16.22 -11.66 -28.01
CA VAL C 66 17.11 -12.34 -28.95
C VAL C 66 16.36 -12.45 -30.28
N ALA C 67 16.86 -11.76 -31.29
CA ALA C 67 16.25 -11.77 -32.61
C ALA C 67 16.85 -12.88 -33.47
N VAL C 68 16.02 -13.47 -34.32
CA VAL C 68 16.43 -14.57 -35.18
C VAL C 68 16.07 -14.23 -36.62
N MET C 69 17.03 -14.37 -37.52
CA MET C 69 16.84 -14.22 -38.96
C MET C 69 17.29 -15.53 -39.60
N ASP C 70 16.35 -16.45 -39.80
CA ASP C 70 16.70 -17.79 -40.22
C ASP C 70 15.54 -18.38 -41.03
N TYR C 71 15.85 -19.46 -41.75
CA TYR C 71 14.84 -20.28 -42.40
C TYR C 71 14.29 -21.28 -41.39
N ASP C 72 13.45 -22.15 -41.88
CA ASP C 72 12.85 -23.16 -41.03
C ASP C 72 13.87 -24.23 -40.80
N SER C 73 14.41 -24.29 -39.62
CA SER C 73 15.51 -25.20 -39.33
C SER C 73 15.36 -25.73 -37.92
N HIS C 74 16.24 -26.68 -37.57
CA HIS C 74 16.33 -27.14 -36.18
C HIS C 74 16.74 -26.00 -35.25
N ARG C 75 17.59 -25.09 -35.74
CA ARG C 75 18.01 -23.96 -34.93
C ARG C 75 16.83 -23.08 -34.56
N TYR C 76 15.90 -22.88 -35.46
CA TYR C 76 14.71 -22.10 -35.21
C TYR C 76 13.84 -22.79 -34.18
N LEU C 77 13.73 -24.09 -34.29
CA LEU C 77 12.99 -24.86 -33.30
C LEU C 77 13.62 -24.73 -31.91
N GLU C 78 14.95 -24.75 -31.84
CA GLU C 78 15.63 -24.58 -30.57
C GLU C 78 15.48 -23.15 -30.04
N CYS C 79 15.39 -22.17 -30.94
CA CYS C 79 15.14 -20.80 -30.53
C CYS C 79 13.72 -20.61 -30.01
N TYR C 80 12.77 -21.38 -30.55
CA TYR C 80 11.39 -21.34 -30.07
C TYR C 80 11.30 -21.72 -28.60
N PHE C 81 12.26 -22.47 -28.08
CA PHE C 81 12.21 -22.98 -26.72
C PHE C 81 13.25 -22.32 -25.80
N ALA C 82 14.53 -22.37 -26.17
CA ALA C 82 15.59 -21.97 -25.26
C ALA C 82 15.49 -20.48 -24.91
N ILE C 83 15.25 -19.63 -25.91
CA ILE C 83 15.15 -18.19 -25.64
C ILE C 83 13.99 -17.86 -24.73
N PRO C 84 12.74 -18.29 -25.00
CA PRO C 84 11.68 -18.02 -24.01
C PRO C 84 11.91 -18.67 -22.66
N MET C 85 12.47 -19.88 -22.63
CA MET C 85 12.54 -20.63 -21.37
C MET C 85 13.52 -20.02 -20.38
N ILE C 86 14.53 -19.28 -20.85
CA ILE C 86 15.42 -18.57 -19.94
C ILE C 86 14.88 -17.20 -19.56
N GLY C 87 13.69 -16.85 -20.04
CA GLY C 87 13.05 -15.59 -19.68
C GLY C 87 13.21 -14.48 -20.69
N ALA C 88 13.85 -14.74 -21.82
CA ALA C 88 14.05 -13.74 -22.86
C ALA C 88 12.91 -13.77 -23.86
N LYS C 89 12.69 -12.64 -24.53
CA LYS C 89 11.71 -12.55 -25.59
C LYS C 89 12.35 -12.93 -26.92
N LEU C 90 11.75 -13.88 -27.61
CA LEU C 90 12.21 -14.28 -28.95
C LEU C 90 11.56 -13.35 -29.96
N HIS C 91 12.39 -12.58 -30.67
CA HIS C 91 11.92 -11.70 -31.73
C HIS C 91 12.13 -12.39 -33.07
N MET C 92 11.04 -12.78 -33.71
CA MET C 92 11.10 -13.42 -35.02
C MET C 92 11.04 -12.32 -36.09
N ILE C 93 12.13 -12.15 -36.82
CA ILE C 93 12.25 -11.10 -37.81
C ILE C 93 11.73 -11.61 -39.15
N ASN C 94 10.74 -10.92 -39.70
CA ASN C 94 10.24 -11.23 -41.03
C ASN C 94 11.31 -10.86 -42.05
N VAL C 95 12.00 -11.87 -42.58
CA VAL C 95 13.11 -11.61 -43.48
C VAL C 95 12.61 -11.16 -44.86
N ARG C 96 11.32 -11.33 -45.15
CA ARG C 96 10.78 -10.88 -46.42
C ARG C 96 10.38 -9.41 -46.40
N LEU C 97 10.45 -8.75 -45.24
CA LEU C 97 10.22 -7.33 -45.17
C LEU C 97 11.37 -6.58 -45.82
N SER C 98 11.11 -5.32 -46.17
CA SER C 98 12.15 -4.48 -46.72
C SER C 98 13.22 -4.22 -45.65
N PRO C 99 14.47 -4.00 -46.06
CA PRO C 99 15.52 -3.74 -45.07
C PRO C 99 15.21 -2.56 -44.16
N GLU C 100 14.55 -1.53 -44.68
CA GLU C 100 14.12 -0.43 -43.82
C GLU C 100 13.13 -0.90 -42.76
N GLN C 101 12.16 -1.73 -43.17
CA GLN C 101 11.19 -2.26 -42.21
C GLN C 101 11.86 -3.17 -41.18
N ILE C 102 12.79 -4.02 -41.63
CA ILE C 102 13.51 -4.91 -40.71
C ILE C 102 14.32 -4.08 -39.71
N LEU C 103 14.98 -3.03 -40.19
CA LEU C 103 15.73 -2.16 -39.30
C LEU C 103 14.81 -1.47 -38.31
N TYR C 104 13.64 -1.02 -38.76
CA TYR C 104 12.68 -0.41 -37.85
C TYR C 104 12.26 -1.38 -36.77
N THR C 105 11.98 -2.63 -37.15
CA THR C 105 11.54 -3.61 -36.16
C THR C 105 12.65 -3.95 -35.18
N ILE C 106 13.90 -4.02 -35.66
CA ILE C 106 15.02 -4.29 -34.78
C ILE C 106 15.22 -3.15 -33.78
N ASP C 107 15.15 -1.91 -34.26
CA ASP C 107 15.28 -0.76 -33.36
C ASP C 107 14.12 -0.68 -32.38
N HIS C 108 12.91 -1.00 -32.84
CA HIS C 108 11.71 -0.91 -32.00
C HIS C 108 11.73 -1.98 -30.91
N ALA C 109 12.11 -3.21 -31.25
CA ALA C 109 12.17 -4.28 -30.26
C ALA C 109 13.39 -4.17 -29.36
N GLU C 110 14.42 -3.44 -29.80
CA GLU C 110 15.67 -3.29 -29.05
C GLU C 110 16.30 -4.65 -28.77
N ASP C 111 16.56 -5.38 -29.85
CA ASP C 111 17.16 -6.71 -29.74
C ASP C 111 18.58 -6.62 -29.20
N ASP C 112 18.90 -7.53 -28.28
CA ASP C 112 20.24 -7.57 -27.72
C ASP C 112 21.20 -8.34 -28.62
N ILE C 113 20.74 -9.47 -29.16
CA ILE C 113 21.56 -10.34 -30.01
C ILE C 113 20.70 -10.81 -31.17
N ILE C 114 21.29 -10.84 -32.37
CA ILE C 114 20.60 -11.26 -33.57
C ILE C 114 21.25 -12.55 -34.05
N LEU C 115 20.45 -13.60 -34.20
CA LEU C 115 20.87 -14.86 -34.82
C LEU C 115 20.42 -14.79 -36.27
N ILE C 116 21.37 -14.50 -37.16
CA ILE C 116 21.07 -14.25 -38.56
C ILE C 116 21.76 -15.30 -39.42
N HIS C 117 21.00 -15.90 -40.33
CA HIS C 117 21.58 -16.82 -41.30
C HIS C 117 22.49 -16.07 -42.26
N GLU C 118 23.52 -16.77 -42.74
CA GLU C 118 24.52 -16.14 -43.61
C GLU C 118 23.91 -15.63 -44.92
N GLU C 119 22.78 -16.19 -45.35
CA GLU C 119 22.14 -15.73 -46.57
C GLU C 119 21.40 -14.42 -46.41
N PHE C 120 21.10 -14.01 -45.18
CA PHE C 120 20.48 -12.73 -44.90
C PHE C 120 21.51 -11.66 -44.55
N LEU C 121 22.79 -11.99 -44.59
CA LEU C 121 23.83 -10.98 -44.37
C LEU C 121 23.76 -9.82 -45.37
N PRO C 122 23.44 -10.02 -46.65
CA PRO C 122 23.23 -8.84 -47.51
C PRO C 122 22.17 -7.89 -47.01
N ILE C 123 21.09 -8.41 -46.40
CA ILE C 123 20.09 -7.54 -45.79
C ILE C 123 20.69 -6.76 -44.63
N LEU C 124 21.46 -7.43 -43.78
CA LEU C 124 22.05 -6.79 -42.61
C LEU C 124 23.04 -5.70 -43.02
N ASP C 125 23.81 -5.94 -44.09
CA ASP C 125 24.84 -4.98 -44.49
C ASP C 125 24.24 -3.64 -44.88
N GLN C 126 22.99 -3.62 -45.32
CA GLN C 126 22.33 -2.37 -45.65
C GLN C 126 21.89 -1.59 -44.42
N ILE C 127 21.67 -2.25 -43.29
CA ILE C 127 21.09 -1.64 -42.11
C ILE C 127 21.94 -1.81 -40.87
N LYS C 128 23.12 -2.43 -40.97
CA LYS C 128 23.92 -2.71 -39.78
C LYS C 128 24.39 -1.43 -39.10
N GLY C 129 24.76 -0.42 -39.89
CA GLY C 129 25.26 0.82 -39.31
C GLY C 129 24.22 1.59 -38.52
N ARG C 130 22.94 1.40 -38.82
CA ARG C 130 21.88 2.11 -38.14
C ARG C 130 21.27 1.30 -37.01
N ILE C 131 21.90 0.19 -36.63
CA ILE C 131 21.51 -0.60 -35.48
C ILE C 131 22.38 -0.19 -34.31
N ASP C 132 21.77 0.35 -33.26
CA ASP C 132 22.49 0.86 -32.09
C ASP C 132 22.30 -0.01 -30.86
N THR C 133 21.57 -1.12 -30.98
CA THR C 133 21.13 -1.87 -29.81
C THR C 133 21.61 -3.32 -29.77
N VAL C 134 22.22 -3.83 -30.83
CA VAL C 134 22.64 -5.23 -30.91
C VAL C 134 24.12 -5.31 -30.55
N THR C 135 24.43 -6.12 -29.54
CA THR C 135 25.80 -6.28 -29.05
C THR C 135 26.50 -7.51 -29.62
N ARG C 136 25.79 -8.37 -30.33
CA ARG C 136 26.38 -9.60 -30.85
C ARG C 136 25.56 -10.11 -32.02
N TYR C 137 26.26 -10.52 -33.08
CA TYR C 137 25.65 -11.17 -34.23
C TYR C 137 26.18 -12.59 -34.30
N VAL C 138 25.27 -13.56 -34.33
CA VAL C 138 25.61 -14.96 -34.50
C VAL C 138 25.18 -15.36 -35.91
N VAL C 139 26.15 -15.76 -36.72
CA VAL C 139 25.89 -16.10 -38.12
C VAL C 139 25.58 -17.59 -38.19
N LEU C 140 24.41 -17.92 -38.74
CA LEU C 140 23.95 -19.30 -38.85
C LEU C 140 24.28 -19.83 -40.24
N ARG C 141 24.84 -21.03 -40.29
CA ARG C 141 25.19 -21.68 -41.54
C ARG C 141 24.74 -23.13 -41.49
N ASP C 142 24.52 -23.71 -42.67
CA ASP C 142 24.14 -25.11 -42.76
C ASP C 142 25.33 -26.06 -42.81
N ASP C 143 26.54 -25.52 -42.89
CA ASP C 143 27.76 -26.32 -42.85
C ASP C 143 28.27 -26.43 -41.42
N GLU C 144 29.50 -26.91 -41.25
CA GLU C 144 30.10 -27.04 -39.94
C GLU C 144 30.66 -25.73 -39.41
N GLU C 145 30.65 -24.66 -40.20
CA GLU C 145 31.20 -23.38 -39.80
C GLU C 145 30.18 -22.48 -39.12
N CYS C 146 28.99 -22.99 -38.83
CA CYS C 146 27.96 -22.20 -38.18
C CYS C 146 28.43 -21.72 -36.81
N GLU C 147 28.25 -20.42 -36.56
CA GLU C 147 28.63 -19.87 -35.26
C GLU C 147 27.69 -20.32 -34.16
N TYR C 148 26.43 -20.56 -34.49
CA TYR C 148 25.49 -21.10 -33.51
C TYR C 148 25.91 -22.49 -33.06
N GLU C 149 26.33 -23.34 -34.00
CA GLU C 149 26.78 -24.68 -33.64
C GLU C 149 28.04 -24.63 -32.78
N ARG C 150 28.97 -23.73 -33.11
CA ARG C 150 30.19 -23.58 -32.31
C ARG C 150 29.88 -23.07 -30.91
N LEU C 151 28.94 -22.13 -30.80
CA LEU C 151 28.53 -21.64 -29.49
C LEU C 151 27.86 -22.73 -28.68
N LEU C 152 27.12 -23.62 -29.35
CA LEU C 152 26.43 -24.69 -28.63
C LEU C 152 27.39 -25.78 -28.17
N GLU C 153 28.37 -26.15 -29.00
CA GLU C 153 29.23 -27.27 -28.65
C GLU C 153 30.24 -26.95 -27.57
N GLN C 154 30.42 -25.68 -27.22
CA GLN C 154 31.32 -25.30 -26.13
C GLN C 154 30.59 -25.21 -24.79
N GLU C 155 29.31 -25.56 -24.75
CA GLU C 155 28.50 -25.48 -23.54
C GLU C 155 28.08 -26.88 -23.11
N SER C 156 27.70 -27.00 -21.83
CA SER C 156 27.23 -28.25 -21.29
C SER C 156 25.75 -28.46 -21.65
N THR C 157 25.33 -29.73 -21.65
CA THR C 157 23.96 -30.09 -21.90
C THR C 157 23.12 -30.13 -20.62
N GLU C 158 23.52 -29.39 -19.59
CA GLU C 158 22.79 -29.31 -18.34
C GLU C 158 22.37 -27.86 -18.09
N TYR C 159 21.09 -27.66 -17.77
CA TYR C 159 20.58 -26.34 -17.48
C TYR C 159 19.32 -26.47 -16.63
N ASN C 160 19.24 -25.65 -15.58
CA ASN C 160 18.08 -25.59 -14.72
C ASN C 160 17.26 -24.37 -15.14
N PHE C 161 16.20 -24.61 -15.88
CA PHE C 161 15.43 -23.50 -16.45
C PHE C 161 14.60 -22.84 -15.36
N PRO C 162 14.59 -21.51 -15.31
CA PRO C 162 13.92 -20.81 -14.20
C PRO C 162 12.40 -20.94 -14.27
N ASP C 163 11.78 -20.74 -13.12
CA ASP C 163 10.33 -20.64 -13.05
C ASP C 163 10.10 -19.16 -12.98
N PHE C 164 9.16 -18.63 -13.68
CA PHE C 164 8.76 -17.23 -13.62
C PHE C 164 7.27 -17.15 -13.86
N ASP C 165 6.75 -15.92 -13.82
CA ASP C 165 5.33 -15.69 -14.09
C ASP C 165 4.98 -16.14 -15.49
N GLU C 166 3.82 -16.78 -15.63
CA GLU C 166 3.39 -17.25 -16.94
C GLU C 166 3.02 -16.12 -17.89
N ASN C 167 2.76 -14.92 -17.36
CA ASN C 167 2.49 -13.75 -18.18
C ASN C 167 3.76 -13.05 -18.64
N THR C 168 4.92 -13.69 -18.47
CA THR C 168 6.15 -13.18 -19.03
C THR C 168 6.10 -13.30 -20.55
N VAL C 169 6.46 -12.21 -21.24
CA VAL C 169 6.43 -12.23 -22.70
C VAL C 169 7.51 -13.15 -23.23
N ALA C 170 7.10 -14.11 -24.06
CA ALA C 170 8.01 -15.11 -24.62
C ALA C 170 8.42 -14.81 -26.06
N THR C 171 7.48 -14.41 -26.90
CA THR C 171 7.75 -14.19 -28.31
C THR C 171 7.19 -12.84 -28.74
N THR C 172 7.84 -12.25 -29.74
CA THR C 172 7.34 -11.04 -30.37
C THR C 172 7.74 -11.05 -31.83
N PHE C 173 6.91 -10.41 -32.66
CA PHE C 173 7.20 -10.22 -34.08
C PHE C 173 6.32 -9.08 -34.56
N TYR C 174 6.62 -8.61 -35.77
CA TYR C 174 6.02 -7.39 -36.28
C TYR C 174 5.19 -7.70 -37.52
N THR C 175 4.08 -7.08 -37.52
CA THR C 175 3.07 -7.20 -38.54
C THR C 175 2.95 -6.04 -39.32
N THR C 176 2.96 -6.21 -40.55
CA THR C 176 2.71 -5.10 -41.48
C THR C 176 1.36 -5.20 -42.02
N GLY C 177 0.46 -4.46 -41.52
CA GLY C 177 -0.94 -4.46 -41.90
C GLY C 177 -1.36 -3.21 -42.64
N THR C 178 -2.16 -2.37 -41.98
CA THR C 178 -2.67 -1.14 -42.58
C THR C 178 -2.15 0.07 -41.81
N THR C 179 -0.94 -0.05 -41.27
CA THR C 179 -0.30 1.03 -40.55
C THR C 179 0.91 1.52 -41.35
N GLY C 180 1.40 2.70 -40.99
CA GLY C 180 2.58 3.25 -41.63
C GLY C 180 3.87 2.57 -41.25
N PHE C 181 3.90 1.87 -40.13
CA PHE C 181 5.06 1.14 -39.66
C PHE C 181 4.63 -0.24 -39.18
N PRO C 182 5.53 -1.21 -39.19
CA PRO C 182 5.17 -2.54 -38.68
C PRO C 182 4.74 -2.48 -37.22
N LYS C 183 3.74 -3.30 -36.89
CA LYS C 183 3.15 -3.29 -35.56
C LYS C 183 3.64 -4.50 -34.78
N GLY C 184 4.16 -4.26 -33.58
CA GLY C 184 4.70 -5.33 -32.76
C GLY C 184 3.66 -6.02 -31.91
N VAL C 185 3.41 -7.29 -32.18
CA VAL C 185 2.55 -8.13 -31.36
C VAL C 185 3.44 -9.04 -30.52
N PHE C 186 2.98 -9.37 -29.31
CA PHE C 186 3.76 -10.16 -28.39
C PHE C 186 2.85 -11.16 -27.69
N PHE C 187 3.46 -12.24 -27.22
CA PHE C 187 2.72 -13.32 -26.58
C PHE C 187 3.51 -13.84 -25.38
N THR C 188 2.77 -14.23 -24.35
CA THR C 188 3.37 -14.73 -23.12
C THR C 188 3.49 -16.25 -23.17
N HIS C 189 4.18 -16.79 -22.17
CA HIS C 189 4.29 -18.24 -22.06
C HIS C 189 2.93 -18.89 -21.89
N ARG C 190 2.08 -18.28 -21.06
CA ARG C 190 0.74 -18.82 -20.84
C ARG C 190 -0.06 -18.84 -22.13
N GLN C 191 0.02 -17.77 -22.93
CA GLN C 191 -0.75 -17.71 -24.17
C GLN C 191 -0.28 -18.77 -25.16
N LEU C 192 1.02 -19.00 -25.27
CA LEU C 192 1.53 -20.00 -26.20
C LEU C 192 1.18 -21.40 -25.74
N VAL C 193 1.29 -21.66 -24.43
CA VAL C 193 0.89 -22.97 -23.90
C VAL C 193 -0.59 -23.22 -24.11
N LEU C 194 -1.42 -22.20 -23.88
CA LEU C 194 -2.85 -22.33 -24.08
C LEU C 194 -3.18 -22.51 -25.55
N HIS C 195 -2.45 -21.83 -26.45
CA HIS C 195 -2.66 -22.02 -27.87
C HIS C 195 -2.35 -23.46 -28.28
N THR C 196 -1.24 -24.00 -27.79
CA THR C 196 -0.89 -25.38 -28.09
C THR C 196 -1.98 -26.32 -27.59
N MET C 197 -2.40 -26.16 -26.33
CA MET C 197 -3.40 -27.05 -25.76
C MET C 197 -4.73 -26.93 -26.49
N GLY C 198 -5.17 -25.72 -26.79
CA GLY C 198 -6.45 -25.53 -27.44
C GLY C 198 -6.48 -26.08 -28.85
N ILE C 199 -5.44 -25.82 -29.64
CA ILE C 199 -5.44 -26.35 -31.00
C ILE C 199 -5.28 -27.87 -30.99
N LEU C 200 -4.51 -28.41 -30.04
CA LEU C 200 -4.42 -29.87 -29.94
C LEU C 200 -5.76 -30.48 -29.54
N SER C 201 -6.49 -29.84 -28.64
CA SER C 201 -7.82 -30.32 -28.28
C SER C 201 -8.79 -30.20 -29.44
N THR C 202 -8.63 -29.19 -30.30
CA THR C 202 -9.54 -28.99 -31.41
C THR C 202 -9.28 -29.98 -32.54
N ILE C 203 -8.05 -30.03 -33.04
CA ILE C 203 -7.76 -30.86 -34.21
C ILE C 203 -7.26 -32.25 -33.84
N GLY C 204 -6.76 -32.45 -32.62
CA GLY C 204 -6.41 -33.79 -32.19
C GLY C 204 -7.63 -34.68 -32.02
N THR C 205 -8.73 -34.11 -31.55
CA THR C 205 -9.95 -34.86 -31.26
C THR C 205 -10.85 -35.03 -32.48
N ASN C 206 -10.35 -34.73 -33.67
CA ASN C 206 -11.08 -35.04 -34.90
C ASN C 206 -11.31 -36.54 -35.01
N ALA C 207 -12.47 -36.92 -35.52
CA ALA C 207 -12.80 -38.34 -35.67
C ALA C 207 -11.87 -38.99 -36.70
N SER C 208 -11.96 -38.56 -37.94
CA SER C 208 -11.13 -39.12 -39.00
C SER C 208 -10.27 -38.08 -39.71
N GLN C 209 -10.85 -36.96 -40.12
CA GLN C 209 -10.20 -36.02 -41.02
C GLN C 209 -9.53 -34.89 -40.27
N GLY C 210 -8.41 -34.42 -40.82
CA GLY C 210 -7.72 -33.25 -40.32
C GLY C 210 -7.12 -33.41 -38.93
N ARG C 211 -6.57 -34.57 -38.63
CA ARG C 211 -6.00 -34.82 -37.31
C ARG C 211 -4.52 -34.49 -37.28
N LEU C 212 -4.09 -33.88 -36.17
CA LEU C 212 -2.69 -33.82 -35.81
C LEU C 212 -2.52 -34.71 -34.59
N HIS C 213 -1.99 -35.92 -34.80
CA HIS C 213 -1.89 -36.90 -33.73
C HIS C 213 -0.43 -37.30 -33.53
N GLN C 214 -0.23 -38.22 -32.57
CA GLN C 214 1.11 -38.57 -32.12
C GLN C 214 1.87 -39.41 -33.14
N GLY C 215 1.19 -39.96 -34.13
CA GLY C 215 1.82 -40.71 -35.18
C GLY C 215 2.16 -39.92 -36.42
N ASP C 216 1.83 -38.63 -36.44
CA ASP C 216 2.08 -37.79 -37.60
C ASP C 216 3.56 -37.46 -37.73
N ILE C 217 3.96 -37.05 -38.92
CA ILE C 217 5.29 -36.53 -39.19
C ILE C 217 5.14 -35.10 -39.68
N TYR C 218 5.73 -34.16 -38.95
CA TYR C 218 5.46 -32.75 -39.13
C TYR C 218 6.55 -32.09 -39.99
N MET C 219 6.12 -31.35 -41.01
CA MET C 219 7.02 -30.49 -41.78
C MET C 219 6.35 -29.14 -42.01
N PRO C 220 6.87 -28.07 -41.42
CA PRO C 220 6.32 -26.74 -41.71
C PRO C 220 6.64 -26.29 -43.11
N ILE C 221 5.69 -25.61 -43.74
CA ILE C 221 5.95 -24.94 -45.01
C ILE C 221 5.47 -23.50 -44.91
N THR C 222 5.19 -23.06 -43.69
CA THR C 222 5.04 -21.63 -43.45
C THR C 222 6.23 -21.15 -42.64
N PRO C 223 6.69 -19.92 -42.87
CA PRO C 223 7.91 -19.45 -42.21
C PRO C 223 7.76 -19.44 -40.70
N MET C 224 8.86 -19.75 -40.01
CA MET C 224 8.88 -19.75 -38.56
C MET C 224 9.00 -18.34 -37.98
N PHE C 225 9.30 -17.33 -38.81
CA PHE C 225 9.26 -15.95 -38.36
C PHE C 225 7.86 -15.35 -38.44
N HIS C 226 6.91 -16.09 -39.01
CA HIS C 226 5.50 -15.71 -38.99
C HIS C 226 4.91 -16.03 -37.64
N VAL C 227 3.59 -16.16 -37.53
CA VAL C 227 2.98 -16.26 -36.21
C VAL C 227 3.28 -17.65 -35.64
N HIS C 228 4.44 -17.77 -34.99
CA HIS C 228 4.90 -19.01 -34.36
C HIS C 228 4.80 -20.20 -35.31
N ALA C 229 4.91 -19.94 -36.62
CA ALA C 229 4.61 -20.93 -37.65
C ALA C 229 3.23 -21.54 -37.40
N TRP C 230 2.28 -20.69 -37.03
CA TRP C 230 0.91 -21.07 -36.70
C TRP C 230 0.87 -21.97 -35.46
N GLY C 231 1.90 -21.90 -34.63
CA GLY C 231 1.99 -22.64 -33.40
C GLY C 231 2.26 -24.12 -33.56
N LEU C 232 2.46 -24.60 -34.78
CA LEU C 232 2.64 -26.02 -35.06
C LEU C 232 3.96 -26.60 -34.56
N PRO C 233 5.08 -25.87 -34.56
CA PRO C 233 6.29 -26.44 -33.93
C PRO C 233 6.10 -26.78 -32.46
N TYR C 234 5.40 -25.92 -31.72
CA TYR C 234 5.14 -26.19 -30.31
C TYR C 234 4.26 -27.43 -30.15
N MET C 235 3.20 -27.53 -30.96
CA MET C 235 2.30 -28.69 -30.88
C MET C 235 3.02 -29.98 -31.28
N ALA C 236 3.85 -29.90 -32.32
CA ALA C 236 4.59 -31.08 -32.77
C ALA C 236 5.61 -31.53 -31.73
N THR C 237 6.27 -30.58 -31.07
CA THR C 237 7.18 -30.94 -29.99
C THR C 237 6.43 -31.53 -28.81
N MET C 238 5.27 -30.97 -28.47
CA MET C 238 4.52 -31.46 -27.33
C MET C 238 3.92 -32.83 -27.63
N LEU C 239 3.67 -33.15 -28.90
CA LEU C 239 3.22 -34.47 -29.29
C LEU C 239 4.37 -35.46 -29.46
N GLY C 240 5.62 -34.97 -29.48
CA GLY C 240 6.75 -35.85 -29.62
C GLY C 240 6.91 -36.47 -30.99
N VAL C 241 6.33 -35.86 -32.01
CA VAL C 241 6.32 -36.44 -33.35
C VAL C 241 7.62 -36.12 -34.08
N LYS C 242 7.88 -36.86 -35.14
CA LYS C 242 9.03 -36.58 -36.00
C LYS C 242 8.84 -35.24 -36.69
N GLN C 243 9.83 -34.36 -36.56
CA GLN C 243 9.76 -33.01 -37.12
C GLN C 243 10.81 -32.88 -38.21
N VAL C 244 10.38 -32.51 -39.41
CA VAL C 244 11.25 -32.29 -40.56
C VAL C 244 11.21 -30.82 -40.90
N TYR C 245 12.38 -30.18 -40.91
CA TYR C 245 12.47 -28.76 -41.23
C TYR C 245 13.20 -28.61 -42.56
N PRO C 246 12.59 -27.93 -43.54
CA PRO C 246 13.14 -27.94 -44.91
C PRO C 246 14.13 -26.84 -45.23
N GLY C 247 14.32 -25.85 -44.36
CA GLY C 247 15.18 -24.74 -44.72
C GLY C 247 14.48 -23.82 -45.71
N LYS C 248 15.24 -23.32 -46.66
CA LYS C 248 14.66 -22.48 -47.71
C LYS C 248 13.69 -23.29 -48.55
N TYR C 249 12.51 -22.74 -48.76
CA TYR C 249 11.46 -23.42 -49.53
C TYR C 249 11.67 -23.60 -51.01
N VAL C 250 12.21 -24.71 -51.42
CA VAL C 250 12.34 -25.10 -52.83
C VAL C 250 11.32 -26.20 -53.09
N PRO C 251 10.41 -26.03 -54.05
CA PRO C 251 9.33 -27.03 -54.23
C PRO C 251 9.83 -28.46 -54.42
N ASP C 252 10.90 -28.65 -55.19
CA ASP C 252 11.45 -29.99 -55.37
C ASP C 252 12.03 -30.53 -54.07
N VAL C 253 12.72 -29.67 -53.31
CA VAL C 253 13.26 -30.09 -52.03
C VAL C 253 12.14 -30.48 -51.07
N LEU C 254 11.07 -29.67 -51.04
CA LEU C 254 9.93 -29.98 -50.18
C LEU C 254 9.27 -31.29 -50.59
N LEU C 255 9.10 -31.52 -51.89
CA LEU C 255 8.50 -32.77 -52.36
C LEU C 255 9.37 -33.97 -52.00
N ASN C 256 10.69 -33.84 -52.17
CA ASN C 256 11.58 -34.92 -51.82
C ASN C 256 11.57 -35.20 -50.33
N LEU C 257 11.47 -34.15 -49.52
CA LEU C 257 11.38 -34.34 -48.07
C LEU C 257 10.08 -35.04 -47.70
N ILE C 258 8.97 -34.66 -48.34
CA ILE C 258 7.70 -35.30 -48.06
C ILE C 258 7.77 -36.79 -48.41
N GLU C 259 8.37 -37.10 -49.57
CA GLU C 259 8.47 -38.50 -50.00
C GLU C 259 9.39 -39.30 -49.07
N GLN C 260 10.59 -38.82 -48.83
CA GLN C 260 11.59 -39.54 -48.04
C GLN C 260 11.37 -39.64 -46.55
N GLU C 261 10.85 -38.59 -45.98
CA GLU C 261 10.57 -38.58 -44.55
C GLU C 261 9.13 -38.95 -44.23
N LYS C 262 8.35 -39.18 -45.25
CA LYS C 262 6.96 -39.61 -45.09
C LYS C 262 6.17 -38.59 -44.30
N VAL C 263 6.21 -37.34 -44.74
CA VAL C 263 5.55 -36.24 -44.06
C VAL C 263 4.03 -36.42 -44.17
N THR C 264 3.36 -36.34 -43.02
CA THR C 264 1.91 -36.52 -42.97
C THR C 264 1.15 -35.27 -42.60
N PHE C 265 1.77 -34.32 -41.91
CA PHE C 265 1.13 -33.07 -41.51
C PHE C 265 1.99 -31.90 -41.90
N SER C 266 1.38 -30.92 -42.57
CA SER C 266 2.08 -29.70 -42.97
C SER C 266 1.13 -28.53 -42.90
N HIS C 267 1.70 -27.33 -42.99
CA HIS C 267 0.93 -26.10 -43.14
C HIS C 267 1.63 -25.22 -44.16
N CYS C 268 0.86 -24.65 -45.08
CA CYS C 268 1.42 -23.81 -46.12
C CYS C 268 0.36 -22.82 -46.60
N VAL C 269 0.80 -21.87 -47.42
CA VAL C 269 -0.06 -20.87 -48.02
C VAL C 269 -0.54 -21.40 -49.38
N PRO C 270 -1.60 -20.85 -49.97
CA PRO C 270 -2.06 -21.37 -51.27
C PRO C 270 -1.01 -21.30 -52.36
N THR C 271 -0.13 -20.29 -52.35
CA THR C 271 0.91 -20.21 -53.38
C THR C 271 1.86 -21.39 -53.30
N ILE C 272 2.29 -21.74 -52.08
CA ILE C 272 3.20 -22.87 -51.92
C ILE C 272 2.52 -24.18 -52.31
N LEU C 273 1.25 -24.35 -51.94
CA LEU C 273 0.53 -25.55 -52.31
C LEU C 273 0.39 -25.67 -53.82
N HIS C 274 0.12 -24.55 -54.50
CA HIS C 274 0.04 -24.57 -55.95
C HIS C 274 1.39 -24.91 -56.57
N LEU C 275 2.47 -24.35 -56.03
CA LEU C 275 3.80 -24.68 -56.55
C LEU C 275 4.12 -26.15 -56.35
N LEU C 276 3.70 -26.72 -55.23
CA LEU C 276 3.95 -28.13 -54.97
C LEU C 276 3.13 -29.02 -55.90
N LEU C 277 1.86 -28.65 -56.13
CA LEU C 277 0.99 -29.48 -56.96
C LEU C 277 1.32 -29.37 -58.44
N SER C 278 1.83 -28.22 -58.88
CA SER C 278 2.15 -28.02 -60.29
C SER C 278 3.56 -28.47 -60.66
N SER C 279 4.37 -28.86 -59.69
CA SER C 279 5.73 -29.29 -59.99
C SER C 279 5.70 -30.65 -60.70
N PRO C 280 6.54 -30.84 -61.73
CA PRO C 280 6.59 -32.15 -62.40
C PRO C 280 6.92 -33.29 -61.47
N LYS C 281 7.75 -33.05 -60.44
CA LYS C 281 8.14 -34.09 -59.50
C LYS C 281 6.97 -34.60 -58.67
N SER C 282 5.88 -33.84 -58.58
CA SER C 282 4.74 -34.23 -57.77
C SER C 282 3.78 -35.18 -58.48
N LYS C 283 3.95 -35.39 -59.78
CA LYS C 283 3.03 -36.25 -60.54
C LYS C 283 3.19 -37.68 -60.14
N ALA C 284 4.42 -38.09 -59.94
CA ALA C 284 4.72 -39.45 -59.51
C ALA C 284 4.83 -39.58 -58.00
N MET C 285 4.18 -38.70 -57.25
CA MET C 285 4.26 -38.67 -55.80
C MET C 285 2.94 -39.17 -55.19
N ASP C 286 3.06 -40.01 -54.17
CA ASP C 286 1.89 -40.49 -53.43
C ASP C 286 1.62 -39.52 -52.30
N PHE C 287 0.61 -38.67 -52.49
CA PHE C 287 0.25 -37.66 -51.50
C PHE C 287 -0.79 -38.16 -50.51
N SER C 288 -1.19 -39.42 -50.61
CA SER C 288 -2.09 -39.99 -49.63
C SER C 288 -1.42 -40.04 -48.26
N GLY C 289 -2.17 -39.66 -47.23
CA GLY C 289 -1.63 -39.56 -45.89
C GLY C 289 -1.00 -38.23 -45.55
N TRP C 290 -0.87 -37.33 -46.52
CA TRP C 290 -0.34 -35.99 -46.27
C TRP C 290 -1.50 -35.03 -46.00
N LYS C 291 -1.49 -34.41 -44.82
CA LYS C 291 -2.51 -33.45 -44.43
C LYS C 291 -1.86 -32.07 -44.37
N VAL C 292 -2.46 -31.12 -45.07
CA VAL C 292 -1.95 -29.75 -45.11
C VAL C 292 -3.08 -28.80 -44.78
N VAL C 293 -2.82 -27.85 -43.88
CA VAL C 293 -3.76 -26.80 -43.52
C VAL C 293 -3.31 -25.51 -44.20
N ILE C 294 -4.25 -24.79 -44.78
CA ILE C 294 -3.97 -23.58 -45.56
C ILE C 294 -4.57 -22.41 -44.81
N GLY C 295 -3.72 -21.53 -44.28
CA GLY C 295 -4.21 -20.44 -43.46
C GLY C 295 -3.75 -19.05 -43.80
N GLY C 296 -2.66 -18.92 -44.56
CA GLY C 296 -2.09 -17.59 -44.80
C GLY C 296 -3.02 -16.69 -45.57
N ALA C 297 -3.59 -17.19 -46.65
CA ALA C 297 -4.58 -16.48 -47.44
C ALA C 297 -5.79 -17.37 -47.62
N ALA C 298 -6.83 -16.84 -48.26
CA ALA C 298 -8.00 -17.65 -48.57
C ALA C 298 -7.61 -18.77 -49.52
N LEU C 299 -8.09 -19.97 -49.24
CA LEU C 299 -7.77 -21.12 -50.07
C LEU C 299 -8.71 -21.15 -51.27
N PRO C 300 -8.20 -21.03 -52.50
CA PRO C 300 -9.08 -21.12 -53.67
C PRO C 300 -9.73 -22.48 -53.77
N LYS C 301 -11.01 -22.51 -54.05
CA LYS C 301 -11.68 -23.78 -54.29
C LYS C 301 -11.06 -24.65 -55.40
N ALA C 302 -10.55 -24.05 -56.49
CA ALA C 302 -9.91 -24.85 -57.53
C ALA C 302 -8.65 -25.52 -57.02
N LEU C 303 -7.82 -24.80 -56.25
CA LEU C 303 -6.62 -25.40 -55.67
C LEU C 303 -6.98 -26.50 -54.69
N CYS C 304 -8.00 -26.27 -53.86
CA CYS C 304 -8.47 -27.31 -52.94
C CYS C 304 -8.96 -28.53 -53.70
N LYS C 305 -9.69 -28.31 -54.80
CA LYS C 305 -10.19 -29.43 -55.59
C LYS C 305 -9.05 -30.22 -56.21
N SER C 306 -8.03 -29.53 -56.73
CA SER C 306 -6.87 -30.22 -57.30
C SER C 306 -6.13 -31.02 -56.24
N ALA C 307 -5.95 -30.43 -55.04
CA ALA C 307 -5.29 -31.15 -53.96
C ALA C 307 -6.10 -32.37 -53.54
N LEU C 308 -7.43 -32.25 -53.50
CA LEU C 308 -8.28 -33.39 -53.19
C LEU C 308 -8.16 -34.46 -54.27
N GLU C 309 -8.06 -34.05 -55.53
CA GLU C 309 -7.83 -35.01 -56.61
C GLU C 309 -6.49 -35.72 -56.43
N ARG C 310 -5.52 -35.04 -55.81
CA ARG C 310 -4.27 -35.69 -55.45
C ARG C 310 -4.35 -36.46 -54.13
N ASP C 311 -5.56 -36.67 -53.61
CA ASP C 311 -5.79 -37.42 -52.37
C ASP C 311 -5.14 -36.76 -51.17
N ILE C 312 -5.09 -35.43 -51.16
CA ILE C 312 -4.53 -34.68 -50.04
C ILE C 312 -5.65 -34.26 -49.12
N ASP C 313 -5.48 -34.52 -47.82
CA ASP C 313 -6.40 -34.00 -46.81
C ASP C 313 -6.08 -32.51 -46.64
N VAL C 314 -6.71 -31.69 -47.47
CA VAL C 314 -6.46 -30.25 -47.51
C VAL C 314 -7.65 -29.54 -46.88
N PHE C 315 -7.36 -28.65 -45.94
CA PHE C 315 -8.40 -27.88 -45.27
C PHE C 315 -7.80 -26.53 -44.90
N ALA C 316 -8.68 -25.55 -44.69
CA ALA C 316 -8.25 -24.19 -44.47
C ALA C 316 -8.34 -23.81 -43.00
N GLY C 317 -7.45 -22.90 -42.60
CA GLY C 317 -7.48 -22.32 -41.27
C GLY C 317 -7.44 -20.81 -41.35
N TYR C 318 -7.71 -20.17 -40.22
CA TYR C 318 -7.80 -18.73 -40.16
C TYR C 318 -7.05 -18.19 -38.95
N GLY C 319 -6.34 -17.10 -39.15
CA GLY C 319 -5.64 -16.44 -38.07
C GLY C 319 -4.81 -15.30 -38.61
N MET C 320 -4.23 -14.55 -37.68
CA MET C 320 -3.37 -13.43 -38.04
C MET C 320 -2.32 -13.25 -36.96
N SER C 321 -1.43 -12.28 -37.18
CA SER C 321 -0.33 -12.05 -36.25
C SER C 321 -0.83 -11.71 -34.85
N GLU C 322 -1.98 -11.06 -34.74
CA GLU C 322 -2.50 -10.62 -33.46
C GLU C 322 -3.19 -11.72 -32.67
N THR C 323 -3.52 -12.85 -33.29
CA THR C 323 -4.50 -13.77 -32.71
C THR C 323 -3.95 -15.14 -32.34
N GLY C 324 -2.64 -15.33 -32.26
CA GLY C 324 -2.12 -16.57 -31.75
C GLY C 324 -1.29 -17.47 -32.64
N PRO C 325 -1.66 -17.64 -33.93
CA PRO C 325 -2.70 -17.00 -34.74
C PRO C 325 -4.06 -17.68 -34.77
N ILE C 326 -4.15 -18.98 -34.49
CA ILE C 326 -5.29 -19.77 -34.95
C ILE C 326 -6.57 -19.34 -34.23
N LEU C 327 -7.59 -19.00 -35.01
CA LEU C 327 -8.93 -18.78 -34.51
C LEU C 327 -9.95 -19.75 -35.07
N SER C 328 -9.81 -20.15 -36.33
CA SER C 328 -10.75 -21.05 -36.99
C SER C 328 -9.97 -22.08 -37.80
N ILE C 329 -10.49 -23.31 -37.83
CA ILE C 329 -9.97 -24.37 -38.66
C ILE C 329 -11.15 -25.12 -39.26
N VAL C 330 -10.99 -25.55 -40.51
CA VAL C 330 -12.04 -26.30 -41.18
C VAL C 330 -12.05 -27.73 -40.65
N GLN C 331 -13.18 -28.14 -40.09
CA GLN C 331 -13.35 -29.48 -39.54
C GLN C 331 -14.61 -30.09 -40.15
N LEU C 332 -14.46 -31.26 -40.76
CA LEU C 332 -15.54 -31.88 -41.51
C LEU C 332 -16.19 -32.99 -40.69
N THR C 333 -17.52 -32.97 -40.64
CA THR C 333 -18.27 -34.06 -40.04
C THR C 333 -18.16 -35.30 -40.91
N PRO C 334 -18.39 -36.49 -40.35
CA PRO C 334 -18.38 -37.71 -41.17
C PRO C 334 -19.39 -37.70 -42.31
N GLU C 335 -20.52 -37.00 -42.15
CA GLU C 335 -21.43 -36.81 -43.27
C GLU C 335 -20.81 -35.93 -44.36
N GLN C 336 -20.03 -34.92 -43.97
CA GLN C 336 -19.41 -34.03 -44.94
C GLN C 336 -18.27 -34.71 -45.70
N LEU C 337 -17.66 -35.74 -45.12
CA LEU C 337 -16.61 -36.48 -45.81
C LEU C 337 -17.16 -37.47 -46.83
N GLU C 338 -18.46 -37.71 -46.83
CA GLU C 338 -19.08 -38.56 -47.84
C GLU C 338 -19.43 -37.82 -49.11
N LEU C 339 -19.34 -36.49 -49.13
CA LEU C 339 -19.61 -35.72 -50.32
C LEU C 339 -18.51 -35.93 -51.36
N ASP C 340 -18.82 -35.58 -52.60
CA ASP C 340 -17.86 -35.70 -53.67
C ASP C 340 -16.80 -34.61 -53.56
N VAL C 341 -15.84 -34.64 -54.48
CA VAL C 341 -14.70 -33.71 -54.42
C VAL C 341 -15.16 -32.27 -54.52
N ASP C 342 -16.08 -31.99 -55.45
CA ASP C 342 -16.52 -30.62 -55.67
C ASP C 342 -17.26 -30.06 -54.46
N GLN C 343 -18.13 -30.88 -53.85
CA GLN C 343 -18.92 -30.40 -52.72
C GLN C 343 -18.06 -30.12 -51.49
N GLN C 344 -17.12 -31.01 -51.20
CA GLN C 344 -16.29 -30.82 -50.01
C GLN C 344 -15.10 -29.89 -50.27
N ALA C 345 -14.81 -29.57 -51.53
CA ALA C 345 -13.84 -28.51 -51.79
C ALA C 345 -14.37 -27.15 -51.36
N GLU C 346 -15.69 -26.96 -51.44
CA GLU C 346 -16.29 -25.75 -50.88
C GLU C 346 -16.13 -25.70 -49.37
N TYR C 347 -16.34 -26.82 -48.69
CA TYR C 347 -16.25 -26.86 -47.24
C TYR C 347 -14.81 -26.68 -46.77
N ARG C 348 -13.87 -27.36 -47.43
CA ARG C 348 -12.48 -27.33 -46.99
C ARG C 348 -11.80 -26.00 -47.29
N SER C 349 -12.33 -25.21 -48.21
CA SER C 349 -11.76 -23.91 -48.55
C SER C 349 -12.40 -22.77 -47.77
N LYS C 350 -13.34 -23.07 -46.88
CA LYS C 350 -13.98 -22.08 -46.01
C LYS C 350 -13.05 -21.58 -44.92
N THR C 351 -13.37 -20.48 -44.32
CA THR C 351 -12.55 -19.98 -43.22
C THR C 351 -12.49 -20.99 -42.08
N GLY C 352 -13.63 -21.57 -41.73
CA GLY C 352 -13.70 -22.64 -40.76
C GLY C 352 -14.59 -22.29 -39.59
N LYS C 353 -14.57 -23.18 -38.60
CA LYS C 353 -15.30 -23.00 -37.36
C LYS C 353 -14.32 -22.59 -36.28
N LYS C 354 -14.77 -21.71 -35.38
CA LYS C 354 -13.90 -21.22 -34.32
C LYS C 354 -13.37 -22.36 -33.47
N VAL C 355 -12.07 -22.31 -33.17
CA VAL C 355 -11.40 -23.35 -32.41
C VAL C 355 -11.80 -23.23 -30.94
N ALA C 356 -11.40 -24.22 -30.15
CA ALA C 356 -11.73 -24.25 -28.73
C ALA C 356 -11.24 -22.99 -28.02
N LEU C 357 -12.06 -22.50 -27.09
CA LEU C 357 -11.80 -21.34 -26.23
C LEU C 357 -11.83 -20.03 -26.99
N VAL C 358 -12.26 -20.03 -28.24
CA VAL C 358 -12.36 -18.83 -29.06
C VAL C 358 -13.83 -18.49 -29.24
N GLU C 359 -14.20 -17.25 -28.91
CA GLU C 359 -15.53 -16.74 -29.18
C GLU C 359 -15.41 -15.67 -30.26
N ALA C 360 -16.16 -15.85 -31.35
CA ALA C 360 -16.06 -14.99 -32.53
C ALA C 360 -17.42 -14.45 -32.87
N TYR C 361 -17.48 -13.16 -33.20
CA TYR C 361 -18.71 -12.50 -33.58
C TYR C 361 -18.45 -11.62 -34.80
N ILE C 362 -19.49 -11.38 -35.58
CA ILE C 362 -19.46 -10.42 -36.68
C ILE C 362 -20.31 -9.23 -36.27
N VAL C 363 -19.72 -8.03 -36.35
CA VAL C 363 -20.34 -6.81 -35.86
C VAL C 363 -20.32 -5.76 -36.97
N ASP C 364 -21.09 -4.70 -36.75
CA ASP C 364 -21.09 -3.54 -37.63
C ASP C 364 -20.13 -2.48 -37.06
N GLU C 365 -20.17 -1.29 -37.64
CA GLU C 365 -19.27 -0.22 -37.22
C GLU C 365 -19.55 0.24 -35.79
N ASP C 366 -20.73 -0.06 -35.25
CA ASP C 366 -21.07 0.30 -33.86
C ASP C 366 -20.94 -0.87 -32.91
N MET C 367 -20.25 -1.94 -33.31
CA MET C 367 -20.01 -3.11 -32.48
C MET C 367 -21.31 -3.78 -32.06
N ASN C 368 -22.29 -3.80 -32.95
CA ASN C 368 -23.54 -4.51 -32.74
C ASN C 368 -23.43 -5.87 -33.42
N LYS C 369 -23.64 -6.93 -32.66
CA LYS C 369 -23.47 -8.28 -33.18
C LYS C 369 -24.55 -8.60 -34.22
N LEU C 370 -24.13 -9.15 -35.35
CA LEU C 370 -25.02 -9.47 -36.46
C LEU C 370 -25.41 -10.94 -36.41
N PRO C 371 -26.60 -11.29 -36.91
CA PRO C 371 -27.04 -12.69 -36.88
C PRO C 371 -26.14 -13.58 -37.72
N HIS C 372 -26.02 -14.83 -37.28
CA HIS C 372 -25.24 -15.84 -38.00
C HIS C 372 -26.19 -16.57 -38.94
N ASP C 373 -26.31 -16.06 -40.16
CA ASP C 373 -27.22 -16.63 -41.14
C ASP C 373 -26.56 -16.92 -42.49
N GLY C 374 -25.26 -16.67 -42.63
CA GLY C 374 -24.56 -16.93 -43.87
C GLY C 374 -24.70 -15.85 -44.92
N GLU C 375 -25.46 -14.79 -44.64
CA GLU C 375 -25.61 -13.68 -45.58
C GLU C 375 -25.15 -12.36 -44.99
N THR C 376 -25.56 -12.03 -43.77
CA THR C 376 -25.16 -10.78 -43.15
C THR C 376 -23.66 -10.80 -42.85
N ALA C 377 -22.96 -9.78 -43.31
CA ALA C 377 -21.50 -9.72 -43.20
C ALA C 377 -21.09 -8.56 -42.30
N GLY C 378 -20.07 -8.81 -41.48
CA GLY C 378 -19.51 -7.78 -40.62
C GLY C 378 -18.11 -8.14 -40.24
N GLU C 379 -17.47 -7.24 -39.49
CA GLU C 379 -16.10 -7.48 -39.05
C GLU C 379 -16.07 -8.58 -37.99
N ILE C 380 -15.15 -9.53 -38.15
CA ILE C 380 -14.94 -10.54 -37.14
C ILE C 380 -14.27 -9.90 -35.92
N VAL C 381 -14.85 -10.12 -34.74
CA VAL C 381 -14.26 -9.68 -33.49
C VAL C 381 -14.17 -10.91 -32.59
N VAL C 382 -13.03 -11.07 -31.92
CA VAL C 382 -12.73 -12.32 -31.24
C VAL C 382 -12.25 -12.05 -29.82
N ARG C 383 -12.51 -13.02 -28.95
CA ARG C 383 -11.84 -13.13 -27.66
C ARG C 383 -11.27 -14.53 -27.57
N ALA C 384 -10.01 -14.64 -27.14
CA ALA C 384 -9.31 -15.91 -27.12
C ALA C 384 -8.22 -15.84 -26.07
N PRO C 385 -7.74 -16.98 -25.58
CA PRO C 385 -6.67 -16.96 -24.58
C PRO C 385 -5.29 -16.64 -25.14
N TRP C 386 -5.17 -16.38 -26.44
CA TRP C 386 -3.87 -16.19 -27.07
C TRP C 386 -3.89 -14.99 -28.01
N LEU C 387 -4.59 -13.93 -27.63
CA LEU C 387 -4.60 -12.70 -28.39
C LEU C 387 -3.59 -11.72 -27.80
N THR C 388 -2.94 -10.97 -28.66
CA THR C 388 -2.05 -9.91 -28.18
C THR C 388 -2.88 -8.83 -27.48
N PRO C 389 -2.51 -8.43 -26.26
CA PRO C 389 -3.33 -7.44 -25.55
C PRO C 389 -3.30 -6.07 -26.20
N ASN C 390 -2.25 -5.75 -26.93
CA ASN C 390 -2.07 -4.44 -27.55
C ASN C 390 -0.91 -4.56 -28.53
N TYR C 391 -0.53 -3.44 -29.12
CA TYR C 391 0.67 -3.36 -29.94
C TYR C 391 1.81 -2.80 -29.09
N TYR C 392 3.01 -3.33 -29.30
CA TYR C 392 4.16 -2.93 -28.51
C TYR C 392 4.46 -1.45 -28.72
N LYS C 393 4.58 -0.71 -27.62
CA LYS C 393 4.91 0.72 -27.64
C LYS C 393 3.93 1.51 -28.49
N ASP C 394 2.65 1.13 -28.44
CA ASP C 394 1.62 1.76 -29.24
C ASP C 394 0.38 1.95 -28.38
N ASN C 395 -0.30 3.06 -28.50
CA ASN C 395 -1.50 3.30 -27.76
C ASN C 395 -2.70 3.41 -28.64
N LYS C 396 -2.66 4.19 -29.67
CA LYS C 396 -3.85 4.42 -30.47
C LYS C 396 -4.23 3.32 -31.36
N ASN C 397 -3.29 2.73 -32.04
CA ASN C 397 -3.53 1.52 -32.81
C ASN C 397 -3.93 0.37 -31.90
N SER C 398 -3.35 0.31 -30.70
CA SER C 398 -3.76 -0.70 -29.74
C SER C 398 -5.19 -0.49 -29.27
N LYS C 399 -5.59 0.76 -29.06
CA LYS C 399 -6.96 1.05 -28.67
C LYS C 399 -7.94 0.68 -29.78
N ALA C 400 -7.57 0.95 -31.03
CA ALA C 400 -8.42 0.58 -32.15
C ALA C 400 -8.50 -0.94 -32.32
N LEU C 401 -7.41 -1.65 -32.03
CA LEU C 401 -7.39 -3.10 -32.19
C LEU C 401 -8.34 -3.78 -31.21
N TRP C 402 -8.47 -3.25 -29.99
CA TRP C 402 -9.31 -3.84 -28.97
C TRP C 402 -10.54 -2.97 -28.68
N ARG C 403 -11.04 -2.27 -29.70
CA ARG C 403 -12.19 -1.38 -29.52
C ARG C 403 -13.44 -2.19 -29.20
N GLY C 404 -14.18 -1.73 -28.20
CA GLY C 404 -15.43 -2.38 -27.82
C GLY C 404 -15.28 -3.61 -26.96
N GLY C 405 -14.06 -3.93 -26.52
CA GLY C 405 -13.83 -5.10 -25.71
C GLY C 405 -13.52 -6.37 -26.48
N TYR C 406 -13.33 -6.28 -27.80
CA TYR C 406 -12.99 -7.43 -28.61
C TYR C 406 -11.85 -7.05 -29.55
N LEU C 407 -11.06 -8.04 -29.94
CA LEU C 407 -9.99 -7.83 -30.90
C LEU C 407 -10.60 -7.77 -32.30
N HIS C 408 -10.30 -6.69 -33.03
CA HIS C 408 -10.81 -6.50 -34.37
C HIS C 408 -9.84 -7.11 -35.37
N THR C 409 -10.30 -8.12 -36.10
CA THR C 409 -9.44 -8.82 -37.06
C THR C 409 -9.26 -8.04 -38.35
N GLY C 410 -10.12 -7.06 -38.63
CA GLY C 410 -10.08 -6.36 -39.89
C GLY C 410 -10.65 -7.11 -41.06
N ASP C 411 -11.31 -8.24 -40.82
CA ASP C 411 -11.87 -9.08 -41.87
C ASP C 411 -13.39 -9.04 -41.79
N VAL C 412 -14.02 -8.90 -42.95
CA VAL C 412 -15.48 -8.93 -43.07
C VAL C 412 -15.90 -10.34 -43.45
N ALA C 413 -16.85 -10.88 -42.71
CA ALA C 413 -17.27 -12.26 -42.92
C ALA C 413 -18.72 -12.44 -42.52
N HIS C 414 -19.31 -13.52 -43.02
CA HIS C 414 -20.59 -14.02 -42.55
C HIS C 414 -20.39 -15.40 -41.94
N ILE C 415 -21.27 -15.75 -41.01
CA ILE C 415 -21.17 -17.01 -40.28
C ILE C 415 -22.47 -17.80 -40.52
N ASP C 416 -22.32 -19.07 -40.85
CA ASP C 416 -23.47 -19.94 -41.06
C ASP C 416 -24.17 -20.23 -39.74
N ASP C 417 -25.34 -20.86 -39.84
CA ASP C 417 -26.03 -21.32 -38.64
C ASP C 417 -25.22 -22.41 -37.94
N GLU C 418 -24.58 -23.28 -38.72
CA GLU C 418 -23.71 -24.32 -38.16
C GLU C 418 -22.41 -23.77 -37.60
N GLY C 419 -22.11 -22.49 -37.84
CA GLY C 419 -20.90 -21.88 -37.35
C GLY C 419 -19.77 -21.76 -38.35
N PHE C 420 -20.00 -22.11 -39.62
CA PHE C 420 -18.98 -21.99 -40.64
C PHE C 420 -18.78 -20.53 -41.00
N ILE C 421 -17.59 -20.01 -40.72
CA ILE C 421 -17.24 -18.63 -41.07
C ILE C 421 -16.76 -18.60 -42.51
N LYS C 422 -17.17 -17.57 -43.25
CA LYS C 422 -16.68 -17.34 -44.60
C LYS C 422 -16.34 -15.86 -44.75
N ILE C 423 -15.06 -15.58 -44.95
CA ILE C 423 -14.58 -14.21 -45.05
C ILE C 423 -14.76 -13.71 -46.48
N THR C 424 -15.37 -12.53 -46.62
CA THR C 424 -15.57 -11.92 -47.92
C THR C 424 -14.37 -11.07 -48.33
N ASP C 425 -14.04 -10.05 -47.54
CA ASP C 425 -12.87 -9.23 -47.78
C ASP C 425 -12.51 -8.51 -46.48
N ARG C 426 -11.65 -7.50 -46.59
CA ARG C 426 -11.18 -6.74 -45.45
C ARG C 426 -12.11 -5.57 -45.14
N VAL C 427 -12.00 -5.05 -43.92
CA VAL C 427 -12.80 -3.89 -43.52
C VAL C 427 -12.33 -2.65 -44.25
N LYS C 428 -11.00 -2.46 -44.35
CA LYS C 428 -10.47 -1.29 -45.04
C LYS C 428 -10.64 -1.41 -46.55
N ASP C 429 -10.64 -2.63 -47.08
CA ASP C 429 -10.88 -2.85 -48.51
C ASP C 429 -12.36 -3.07 -48.78
N MET C 430 -13.19 -2.15 -48.30
CA MET C 430 -14.64 -2.25 -48.40
C MET C 430 -15.19 -1.18 -49.32
N ILE C 431 -16.15 -1.56 -50.15
CA ILE C 431 -16.81 -0.64 -51.07
C ILE C 431 -18.18 -0.29 -50.49
N LYS C 432 -18.35 0.98 -50.13
CA LYS C 432 -19.58 1.47 -49.50
C LYS C 432 -20.33 2.33 -50.51
N ILE C 433 -21.52 1.87 -50.90
CA ILE C 433 -22.33 2.55 -51.90
C ILE C 433 -23.67 2.86 -51.27
N SER C 434 -23.93 4.15 -51.03
CA SER C 434 -25.23 4.63 -50.56
C SER C 434 -25.57 4.11 -49.18
N GLY C 435 -25.93 2.83 -49.09
CA GLY C 435 -26.29 2.24 -47.82
C GLY C 435 -25.86 0.78 -47.69
N GLU C 436 -25.05 0.31 -48.63
CA GLU C 436 -24.66 -1.09 -48.66
C GLU C 436 -23.14 -1.21 -48.78
N TRP C 437 -22.62 -2.35 -48.34
CA TRP C 437 -21.22 -2.70 -48.48
C TRP C 437 -21.12 -3.93 -49.37
N VAL C 438 -20.27 -3.85 -50.41
CA VAL C 438 -20.04 -4.96 -51.32
C VAL C 438 -18.55 -5.30 -51.28
N SER C 439 -18.26 -6.60 -51.34
CA SER C 439 -16.89 -7.07 -51.30
C SER C 439 -16.12 -6.60 -52.54
N SER C 440 -14.82 -6.38 -52.35
CA SER C 440 -13.93 -6.03 -53.45
C SER C 440 -13.16 -7.22 -54.00
N LEU C 441 -13.41 -8.42 -53.48
CA LEU C 441 -12.69 -9.61 -53.90
C LEU C 441 -13.45 -10.48 -54.88
N GLU C 442 -14.77 -10.62 -54.71
CA GLU C 442 -15.53 -11.42 -55.66
C GLU C 442 -15.67 -10.72 -57.00
N LEU C 443 -15.54 -9.40 -57.03
CA LEU C 443 -15.54 -8.69 -58.31
C LEU C 443 -14.33 -9.07 -59.15
N GLU C 444 -13.18 -9.29 -58.51
CA GLU C 444 -12.01 -9.74 -59.24
C GLU C 444 -12.23 -11.09 -59.91
N ASP C 445 -12.84 -12.02 -59.19
CA ASP C 445 -13.16 -13.32 -59.78
C ASP C 445 -14.22 -13.19 -60.87
N ILE C 446 -15.17 -12.27 -60.70
CA ILE C 446 -16.19 -12.06 -61.73
C ILE C 446 -15.54 -11.55 -63.01
N LEU C 447 -14.61 -10.61 -62.89
CA LEU C 447 -13.97 -10.00 -64.05
C LEU C 447 -12.74 -10.74 -64.53
N HIS C 448 -12.38 -11.85 -63.87
CA HIS C 448 -11.26 -12.68 -64.32
C HIS C 448 -11.69 -13.78 -65.27
N GLN C 449 -12.96 -13.84 -65.66
CA GLN C 449 -13.47 -14.92 -66.49
C GLN C 449 -13.27 -14.69 -67.99
N HIS C 450 -12.74 -13.53 -68.39
CA HIS C 450 -12.53 -13.27 -69.81
C HIS C 450 -11.31 -14.03 -70.32
N GLN C 451 -11.26 -14.21 -71.64
CA GLN C 451 -10.15 -14.90 -72.28
C GLN C 451 -8.92 -14.01 -72.43
N SER C 452 -9.03 -12.72 -72.13
CA SER C 452 -7.92 -11.77 -72.28
C SER C 452 -7.76 -10.92 -71.03
N VAL C 453 -7.87 -11.55 -69.86
CA VAL C 453 -7.63 -10.88 -68.58
C VAL C 453 -6.66 -11.73 -67.77
N SER C 454 -5.65 -11.09 -67.19
CA SER C 454 -4.63 -11.79 -66.43
C SER C 454 -4.79 -11.55 -64.92
N GLU C 455 -4.81 -10.29 -64.49
CA GLU C 455 -4.92 -9.95 -63.08
C GLU C 455 -5.95 -8.85 -62.92
N VAL C 456 -6.88 -9.05 -61.99
CA VAL C 456 -7.98 -8.10 -61.74
C VAL C 456 -7.84 -7.57 -60.33
N ALA C 457 -7.77 -6.24 -60.21
CA ALA C 457 -7.72 -5.57 -58.92
C ALA C 457 -8.83 -4.54 -58.86
N VAL C 458 -9.59 -4.54 -57.76
CA VAL C 458 -10.76 -3.68 -57.59
C VAL C 458 -10.45 -2.67 -56.50
N ILE C 459 -10.68 -1.39 -56.79
CA ILE C 459 -10.42 -0.31 -55.86
C ILE C 459 -11.63 0.63 -55.85
N GLY C 460 -11.73 1.42 -54.79
CA GLY C 460 -12.87 2.31 -54.60
C GLY C 460 -12.45 3.77 -54.52
N MET C 461 -13.26 4.58 -55.19
CA MET C 461 -13.00 6.01 -55.26
C MET C 461 -14.37 6.74 -55.24
N PRO C 462 -14.50 7.96 -54.63
CA PRO C 462 -15.82 8.59 -54.49
C PRO C 462 -16.42 9.04 -55.81
N HIS C 463 -17.75 9.03 -55.85
CA HIS C 463 -18.54 9.67 -56.90
C HIS C 463 -19.66 10.47 -56.24
N ASN C 464 -20.13 11.47 -56.96
CA ASN C 464 -21.11 12.38 -56.39
C ASN C 464 -22.45 11.78 -56.01
N LYS C 465 -23.16 11.18 -56.95
CA LYS C 465 -24.50 10.69 -56.67
C LYS C 465 -24.47 9.36 -55.92
N TRP C 466 -23.60 8.45 -56.32
CA TRP C 466 -23.60 7.08 -55.80
C TRP C 466 -22.52 6.84 -54.76
N GLY C 467 -21.89 7.89 -54.24
CA GLY C 467 -20.83 7.67 -53.29
C GLY C 467 -19.62 7.00 -53.94
N GLU C 468 -18.85 6.30 -53.11
CA GLU C 468 -17.68 5.59 -53.62
C GLU C 468 -18.11 4.43 -54.52
N VAL C 469 -17.46 4.33 -55.68
CA VAL C 469 -17.81 3.30 -56.65
C VAL C 469 -16.53 2.56 -57.04
N PRO C 470 -16.69 1.29 -57.42
CA PRO C 470 -15.53 0.45 -57.73
C PRO C 470 -14.86 0.54 -59.12
N LEU C 471 -13.56 0.81 -59.19
CA LEU C 471 -12.83 0.78 -60.49
C LEU C 471 -12.08 -0.53 -60.62
N ALA C 472 -11.72 -0.95 -61.84
CA ALA C 472 -11.09 -2.30 -61.95
C ALA C 472 -9.97 -2.33 -62.98
N LEU C 473 -8.98 -3.21 -62.84
CA LEU C 473 -7.79 -3.11 -63.67
C LEU C 473 -7.48 -4.47 -64.27
N VAL C 474 -7.21 -4.49 -65.57
CA VAL C 474 -6.90 -5.72 -66.30
C VAL C 474 -5.78 -5.44 -67.30
N THR C 475 -5.23 -6.51 -67.86
CA THR C 475 -4.18 -6.44 -68.88
C THR C 475 -4.63 -7.20 -70.12
N LEU C 476 -4.20 -6.71 -71.28
CA LEU C 476 -4.55 -7.35 -72.54
C LEU C 476 -3.64 -8.54 -72.83
N LYS C 477 -4.10 -9.40 -73.73
CA LYS C 477 -3.37 -10.58 -74.14
C LYS C 477 -2.72 -10.35 -75.51
N GLU C 478 -2.13 -11.40 -76.07
CA GLU C 478 -1.46 -11.29 -77.36
C GLU C 478 -2.48 -11.12 -78.48
N ASP C 479 -2.27 -10.11 -79.32
CA ASP C 479 -3.15 -9.81 -80.45
C ASP C 479 -4.60 -9.63 -79.99
N ALA C 480 -4.77 -9.01 -78.83
CA ALA C 480 -6.10 -8.73 -78.26
C ALA C 480 -6.14 -7.25 -77.89
N GLN C 481 -6.50 -6.40 -78.84
CA GLN C 481 -6.61 -4.96 -78.60
C GLN C 481 -8.06 -4.58 -78.31
N VAL C 482 -8.63 -5.25 -77.32
CA VAL C 482 -10.01 -4.98 -76.91
C VAL C 482 -10.03 -3.69 -76.09
N THR C 483 -10.99 -2.82 -76.38
CA THR C 483 -11.10 -1.55 -75.70
C THR C 483 -11.94 -1.71 -74.43
N GLU C 484 -12.29 -0.59 -73.80
CA GLU C 484 -13.11 -0.65 -72.60
C GLU C 484 -14.52 -1.14 -72.91
N LYS C 485 -15.00 -0.92 -74.13
CA LYS C 485 -16.36 -1.30 -74.49
C LYS C 485 -16.53 -2.82 -74.43
N GLU C 486 -15.53 -3.58 -74.91
CA GLU C 486 -15.63 -5.03 -74.91
C GLU C 486 -15.69 -5.57 -73.49
N LEU C 487 -14.87 -5.04 -72.59
CA LEU C 487 -14.88 -5.51 -71.21
C LEU C 487 -16.15 -5.09 -70.50
N LEU C 488 -16.67 -3.90 -70.81
CA LEU C 488 -17.96 -3.50 -70.27
C LEU C 488 -19.07 -4.44 -70.71
N GLY C 489 -19.06 -4.83 -71.99
CA GLY C 489 -20.03 -5.79 -72.48
C GLY C 489 -19.88 -7.14 -71.82
N PHE C 490 -18.64 -7.57 -71.59
CA PHE C 490 -18.41 -8.83 -70.89
C PHE C 490 -18.96 -8.78 -69.47
N ALA C 491 -18.74 -7.67 -68.77
CA ALA C 491 -19.30 -7.52 -67.43
C ALA C 491 -20.82 -7.50 -67.46
N LYS C 492 -21.41 -6.89 -68.49
CA LYS C 492 -22.85 -6.92 -68.66
C LYS C 492 -23.36 -8.31 -69.00
N ASP C 493 -22.49 -9.17 -69.55
CA ASP C 493 -22.92 -10.49 -70.02
C ASP C 493 -23.08 -11.52 -68.90
N PHE C 494 -22.71 -11.16 -67.68
CA PHE C 494 -22.88 -12.08 -66.57
C PHE C 494 -24.34 -12.14 -66.10
N ILE C 495 -24.57 -12.74 -64.94
CA ILE C 495 -25.92 -12.83 -64.42
C ILE C 495 -25.90 -12.84 -62.89
N ASN C 496 -27.07 -12.75 -62.28
CA ASN C 496 -27.24 -12.83 -60.83
C ASN C 496 -26.48 -11.72 -60.10
N LYS C 497 -26.81 -10.48 -60.45
CA LYS C 497 -26.26 -9.30 -59.79
C LYS C 497 -27.40 -8.39 -59.35
N GLY C 498 -27.22 -7.72 -58.23
CA GLY C 498 -28.23 -6.89 -57.63
C GLY C 498 -28.05 -5.42 -57.94
N ILE C 499 -28.48 -4.57 -56.99
CA ILE C 499 -28.47 -3.12 -57.07
C ILE C 499 -28.88 -2.62 -58.45
N LEU C 500 -28.09 -1.72 -59.05
CA LEU C 500 -28.42 -1.12 -60.33
C LEU C 500 -28.40 -2.19 -61.42
N ALA C 501 -29.60 -2.60 -61.87
CA ALA C 501 -29.75 -3.60 -62.92
C ALA C 501 -28.96 -4.87 -62.61
N ARG C 502 -27.78 -4.98 -63.22
CA ARG C 502 -26.90 -6.14 -63.03
C ARG C 502 -25.49 -5.70 -62.61
N GLU C 503 -25.42 -4.66 -61.79
CA GLU C 503 -24.16 -4.08 -61.34
C GLU C 503 -23.27 -3.71 -62.54
N ALA C 504 -23.88 -3.13 -63.57
CA ALA C 504 -23.13 -2.59 -64.71
C ALA C 504 -23.74 -1.24 -65.10
N LEU C 505 -23.35 -0.18 -64.39
CA LEU C 505 -23.65 1.18 -64.84
C LEU C 505 -22.48 2.14 -64.69
N LEU C 506 -21.52 1.89 -63.81
CA LEU C 506 -20.35 2.73 -63.63
C LEU C 506 -19.09 1.91 -63.42
N LEU C 507 -18.90 0.85 -64.22
CA LEU C 507 -17.72 0.01 -64.06
C LEU C 507 -16.46 0.74 -64.50
N LYS C 508 -16.51 1.37 -65.68
CA LYS C 508 -15.40 2.16 -66.23
C LYS C 508 -14.07 1.41 -66.11
N VAL C 509 -14.08 0.14 -66.52
CA VAL C 509 -12.88 -0.68 -66.41
C VAL C 509 -11.78 -0.09 -67.28
N LYS C 510 -10.56 -0.09 -66.75
CA LYS C 510 -9.42 0.49 -67.44
C LYS C 510 -8.28 -0.52 -67.47
N ILE C 511 -7.58 -0.55 -68.60
CA ILE C 511 -6.41 -1.41 -68.80
C ILE C 511 -5.16 -0.62 -68.45
N VAL C 512 -4.25 -1.25 -67.70
CA VAL C 512 -2.99 -0.64 -67.32
C VAL C 512 -1.89 -1.68 -67.47
N ASP C 513 -0.78 -1.29 -68.11
CA ASP C 513 0.31 -2.23 -68.35
C ASP C 513 0.96 -2.69 -67.05
N GLU C 514 1.15 -1.77 -66.11
CA GLU C 514 1.84 -2.07 -64.86
C GLU C 514 0.82 -2.28 -63.75
N ILE C 515 0.91 -3.41 -63.06
CA ILE C 515 0.04 -3.75 -61.94
C ILE C 515 0.87 -3.70 -60.67
N ALA C 516 0.43 -2.88 -59.71
CA ALA C 516 1.20 -2.68 -58.49
C ALA C 516 1.13 -3.93 -57.62
N LYS C 517 2.28 -4.55 -57.40
CA LYS C 517 2.41 -5.71 -56.53
C LYS C 517 3.46 -5.42 -55.47
N THR C 518 3.15 -5.81 -54.23
CA THR C 518 4.13 -5.71 -53.16
C THR C 518 5.14 -6.85 -53.25
N SER C 519 6.13 -6.81 -52.36
CA SER C 519 7.14 -7.88 -52.34
C SER C 519 6.54 -9.22 -51.96
N VAL C 520 5.48 -9.21 -51.13
CA VAL C 520 4.87 -10.46 -50.70
C VAL C 520 4.24 -11.20 -51.87
N GLY C 521 3.51 -10.47 -52.72
CA GLY C 521 2.83 -11.07 -53.84
C GLY C 521 1.39 -10.62 -53.96
N LYS C 522 0.91 -9.87 -52.97
CA LYS C 522 -0.43 -9.33 -52.97
C LYS C 522 -0.42 -7.87 -53.39
N VAL C 523 -1.46 -7.46 -54.10
CA VAL C 523 -1.54 -6.09 -54.60
C VAL C 523 -1.76 -5.12 -53.45
N ASP C 524 -1.01 -4.02 -53.47
CA ASP C 524 -1.15 -2.98 -52.46
C ASP C 524 -2.30 -2.07 -52.86
N LYS C 525 -3.43 -2.19 -52.15
CA LYS C 525 -4.61 -1.42 -52.52
C LYS C 525 -4.44 0.06 -52.18
N LYS C 526 -3.75 0.37 -51.08
CA LYS C 526 -3.50 1.77 -50.74
C LYS C 526 -2.53 2.40 -51.73
N GLU C 527 -1.53 1.65 -52.19
CA GLU C 527 -0.63 2.17 -53.20
C GLU C 527 -1.39 2.45 -54.50
N LEU C 528 -2.32 1.57 -54.87
CA LEU C 528 -3.15 1.81 -56.04
C LEU C 528 -4.01 3.06 -55.85
N ARG C 529 -4.56 3.24 -54.65
CA ARG C 529 -5.36 4.44 -54.37
C ARG C 529 -4.52 5.70 -54.53
N LYS C 530 -3.30 5.69 -53.99
CA LYS C 530 -2.43 6.84 -54.11
C LYS C 530 -2.02 7.09 -55.55
N LEU C 531 -1.75 6.03 -56.31
CA LEU C 531 -1.25 6.19 -57.68
C LEU C 531 -2.34 6.70 -58.61
N HIS C 532 -3.53 6.10 -58.55
CA HIS C 532 -4.58 6.43 -59.51
C HIS C 532 -5.39 7.65 -59.10
N LEU C 533 -5.15 8.16 -57.88
CA LEU C 533 -5.82 9.40 -57.40
C LEU C 533 -4.87 10.32 -56.58
N TYR D 4 -6.42 16.67 -10.39
CA TYR D 4 -5.30 17.10 -9.58
C TYR D 4 -5.75 17.89 -8.35
N VAL D 5 -5.23 17.53 -7.19
CA VAL D 5 -5.44 18.28 -5.96
C VAL D 5 -4.33 19.30 -5.87
N ASN D 6 -4.66 20.58 -6.06
CA ASN D 6 -3.66 21.61 -6.20
C ASN D 6 -2.82 21.76 -4.94
N ASP D 7 -3.46 21.72 -3.75
CA ASP D 7 -2.80 22.06 -2.50
C ASP D 7 -2.17 23.43 -2.67
N PRO D 8 -2.96 24.50 -2.65
CA PRO D 8 -2.46 25.81 -3.13
C PRO D 8 -1.19 26.29 -2.45
N SER D 9 -0.89 25.83 -1.23
CA SER D 9 0.40 26.16 -0.63
C SER D 9 1.55 25.42 -1.31
N ASN D 10 1.27 24.30 -1.98
CA ASN D 10 2.29 23.53 -2.69
C ASN D 10 2.39 24.09 -4.12
N TYR D 11 3.36 24.99 -4.32
CA TYR D 11 3.50 25.66 -5.61
C TYR D 11 4.05 24.71 -6.66
N GLN D 12 3.41 24.70 -7.83
CA GLN D 12 3.88 23.93 -8.98
C GLN D 12 4.45 24.89 -10.02
N LEU D 13 5.63 24.57 -10.53
CA LEU D 13 6.29 25.39 -11.55
C LEU D 13 5.68 25.06 -12.90
N LEU D 14 4.79 25.93 -13.38
CA LEU D 14 4.04 25.71 -14.60
C LEU D 14 4.30 26.84 -15.59
N ILE D 15 4.21 26.51 -16.88
CA ILE D 15 4.40 27.49 -17.93
C ILE D 15 3.34 28.58 -17.87
N LYS D 16 2.15 28.24 -17.37
CA LYS D 16 1.13 29.27 -17.16
C LYS D 16 1.59 30.33 -16.16
N ASN D 17 2.49 29.95 -15.25
CA ASN D 17 3.07 30.94 -14.35
C ASN D 17 4.11 31.79 -15.05
N LEU D 18 4.78 31.25 -16.07
CA LEU D 18 5.64 32.07 -16.91
C LEU D 18 4.82 33.10 -17.66
N LEU D 19 3.64 32.71 -18.14
CA LEU D 19 2.81 33.64 -18.91
C LEU D 19 2.14 34.67 -18.00
N PHE D 20 1.59 34.23 -16.87
CA PHE D 20 0.72 35.06 -16.05
C PHE D 20 1.37 35.59 -14.78
N SER D 21 2.58 35.13 -14.44
CA SER D 21 3.35 35.69 -13.34
C SER D 21 4.76 36.03 -13.84
N PRO D 22 4.87 36.96 -14.78
CA PRO D 22 6.16 37.24 -15.42
C PRO D 22 6.99 38.18 -14.58
N VAL D 23 8.23 38.39 -15.03
CA VAL D 23 9.07 39.45 -14.46
C VAL D 23 8.42 40.81 -14.70
N ALA D 24 7.95 41.05 -15.91
CA ALA D 24 7.27 42.29 -16.25
C ALA D 24 6.19 41.98 -17.28
N PHE D 25 5.09 42.72 -17.23
CA PHE D 25 4.01 42.60 -18.20
C PHE D 25 3.54 43.99 -18.59
N ASN D 26 3.74 44.34 -19.86
CA ASN D 26 3.16 45.55 -20.43
C ASN D 26 2.06 45.14 -21.40
N PRO D 27 0.79 45.38 -21.08
CA PRO D 27 -0.28 44.94 -21.99
C PRO D 27 -0.24 45.61 -23.35
N GLU D 28 0.42 46.76 -23.48
CA GLU D 28 0.55 47.43 -24.75
C GLU D 28 1.86 47.11 -25.47
N GLN D 29 2.69 46.25 -24.89
CA GLN D 29 3.87 45.78 -25.59
C GLN D 29 3.48 44.89 -26.77
N GLU D 30 4.24 44.99 -27.85
CA GLU D 30 3.85 44.41 -29.13
C GLU D 30 4.48 43.03 -29.33
N ILE D 31 3.70 42.14 -29.93
CA ILE D 31 4.21 40.90 -30.52
C ILE D 31 4.11 41.05 -32.04
N VAL D 32 5.26 41.07 -32.69
CA VAL D 32 5.34 41.39 -34.11
C VAL D 32 5.69 40.12 -34.88
N TYR D 33 4.88 39.81 -35.89
CA TYR D 33 5.14 38.70 -36.80
C TYR D 33 5.52 39.29 -38.15
N ALA D 34 6.83 39.54 -38.34
CA ALA D 34 7.37 40.08 -39.57
C ALA D 34 6.58 41.29 -40.04
N ASN D 35 6.11 41.25 -41.29
CA ASN D 35 5.24 42.28 -41.83
C ASN D 35 3.81 41.79 -42.00
N HIS D 36 3.49 40.61 -41.48
CA HIS D 36 2.15 40.03 -41.61
C HIS D 36 1.21 40.51 -40.53
N ARG D 37 1.60 40.37 -39.27
CA ARG D 37 0.71 40.59 -38.15
C ARG D 37 1.44 41.37 -37.06
N ARG D 38 0.67 42.08 -36.24
CA ARG D 38 1.23 42.84 -35.13
C ARG D 38 0.12 43.09 -34.12
N HIS D 39 0.27 42.56 -32.91
CA HIS D 39 -0.70 42.75 -31.85
C HIS D 39 0.03 42.97 -30.54
N SER D 40 -0.73 43.23 -29.49
CA SER D 40 -0.18 43.56 -28.18
C SER D 40 -0.09 42.32 -27.30
N TYR D 41 0.54 42.48 -26.14
CA TYR D 41 0.65 41.38 -25.18
C TYR D 41 -0.71 41.02 -24.60
N LYS D 42 -1.60 42.00 -24.44
CA LYS D 42 -2.97 41.70 -24.03
C LYS D 42 -3.67 40.84 -25.09
N THR D 43 -3.51 41.20 -26.37
CA THR D 43 -4.02 40.37 -27.44
C THR D 43 -3.33 39.02 -27.48
N PHE D 44 -2.04 38.96 -27.15
CA PHE D 44 -1.34 37.68 -27.10
C PHE D 44 -1.93 36.77 -26.04
N HIS D 45 -2.23 37.32 -24.89
CA HIS D 45 -2.85 36.62 -23.77
C HIS D 45 -4.25 36.12 -24.10
N ASP D 46 -5.02 36.96 -24.73
CA ASP D 46 -6.31 36.57 -25.25
C ASP D 46 -6.25 35.48 -26.31
N ARG D 47 -5.32 35.59 -27.25
CA ARG D 47 -5.18 34.56 -28.26
C ARG D 47 -4.73 33.24 -27.67
N VAL D 48 -3.91 33.28 -26.62
CA VAL D 48 -3.55 32.04 -25.92
C VAL D 48 -4.79 31.39 -25.32
N ARG D 49 -5.64 32.21 -24.67
CA ARG D 49 -6.88 31.67 -24.12
C ARG D 49 -7.82 31.15 -25.21
N GLN D 50 -7.88 31.87 -26.34
CA GLN D 50 -8.68 31.42 -27.46
C GLN D 50 -8.17 30.10 -28.03
N PHE D 51 -6.84 29.95 -28.11
CA PHE D 51 -6.25 28.72 -28.60
C PHE D 51 -6.52 27.57 -27.64
N ALA D 52 -6.48 27.84 -26.33
CA ALA D 52 -6.85 26.82 -25.35
C ALA D 52 -8.30 26.39 -25.53
N ASN D 53 -9.20 27.35 -25.74
CA ASN D 53 -10.60 27.03 -26.00
C ASN D 53 -10.76 26.20 -27.26
N ALA D 54 -10.05 26.58 -28.33
CA ALA D 54 -10.14 25.84 -29.59
C ALA D 54 -9.61 24.42 -29.45
N LEU D 55 -8.50 24.26 -28.71
CA LEU D 55 -7.94 22.93 -28.48
C LEU D 55 -8.88 22.06 -27.67
N THR D 56 -9.53 22.64 -26.66
CA THR D 56 -10.53 21.90 -25.90
C THR D 56 -11.71 21.50 -26.78
N LYS D 57 -12.14 22.41 -27.66
CA LYS D 57 -13.23 22.09 -28.58
C LYS D 57 -12.84 20.99 -29.56
N MET D 58 -11.58 20.96 -29.99
CA MET D 58 -11.08 19.92 -30.88
C MET D 58 -10.92 18.58 -30.18
N GLY D 59 -11.08 18.53 -28.87
CA GLY D 59 -10.94 17.29 -28.14
C GLY D 59 -9.57 17.04 -27.54
N VAL D 60 -8.70 18.04 -27.52
CA VAL D 60 -7.38 17.89 -26.93
C VAL D 60 -7.53 17.87 -25.41
N LYS D 61 -7.07 16.79 -24.79
CA LYS D 61 -7.12 16.62 -23.35
C LYS D 61 -5.70 16.64 -22.78
N LYS D 62 -5.63 16.61 -21.46
CA LYS D 62 -4.33 16.52 -20.80
C LYS D 62 -3.66 15.20 -21.18
N GLY D 63 -2.38 15.28 -21.55
CA GLY D 63 -1.65 14.13 -22.03
C GLY D 63 -1.66 13.94 -23.53
N ASP D 64 -2.44 14.73 -24.26
CA ASP D 64 -2.47 14.64 -25.71
C ASP D 64 -1.24 15.34 -26.31
N THR D 65 -1.00 15.05 -27.59
CA THR D 65 0.14 15.61 -28.30
C THR D 65 -0.36 16.42 -29.48
N VAL D 66 -0.03 17.71 -29.50
CA VAL D 66 -0.34 18.61 -30.60
C VAL D 66 0.97 18.93 -31.30
N ALA D 67 1.11 18.48 -32.55
CA ALA D 67 2.31 18.72 -33.32
C ALA D 67 2.18 20.00 -34.13
N VAL D 68 3.30 20.70 -34.30
CA VAL D 68 3.33 21.96 -35.02
C VAL D 68 4.41 21.89 -36.09
N MET D 69 4.04 22.26 -37.32
CA MET D 69 4.96 22.37 -38.45
C MET D 69 4.83 23.81 -38.97
N ASP D 70 5.68 24.70 -38.47
CA ASP D 70 5.53 26.12 -38.74
C ASP D 70 6.90 26.78 -38.70
N TYR D 71 6.95 28.00 -39.25
CA TYR D 71 8.10 28.86 -39.11
C TYR D 71 8.01 29.63 -37.79
N ASP D 72 8.93 30.53 -37.60
CA ASP D 72 8.94 31.32 -36.40
C ASP D 72 7.89 32.38 -36.52
N SER D 73 6.81 32.24 -35.80
CA SER D 73 5.68 33.13 -35.94
C SER D 73 5.04 33.37 -34.58
N HIS D 74 4.07 34.28 -34.57
CA HIS D 74 3.26 34.46 -33.37
C HIS D 74 2.48 33.20 -33.04
N ARG D 75 2.06 32.44 -34.04
CA ARG D 75 1.34 31.19 -33.80
C ARG D 75 2.21 30.19 -33.05
N TYR D 76 3.48 30.14 -33.37
CA TYR D 76 4.40 29.26 -32.69
C TYR D 76 4.58 29.68 -31.25
N LEU D 77 4.65 30.98 -31.04
CA LEU D 77 4.74 31.50 -29.67
C LEU D 77 3.50 31.13 -28.87
N GLU D 78 2.33 31.22 -29.50
CA GLU D 78 1.09 30.82 -28.82
C GLU D 78 1.03 29.33 -28.58
N CYS D 79 1.62 28.53 -29.47
CA CYS D 79 1.69 27.09 -29.27
C CYS D 79 2.64 26.73 -28.13
N TYR D 80 3.70 27.54 -27.95
CA TYR D 80 4.63 27.33 -26.84
C TYR D 80 3.93 27.42 -25.49
N PHE D 81 2.80 28.11 -25.41
CA PHE D 81 2.11 28.33 -24.14
C PHE D 81 0.80 27.56 -24.05
N ALA D 82 -0.12 27.76 -25.01
CA ALA D 82 -1.47 27.24 -24.87
C ALA D 82 -1.48 25.72 -24.82
N ILE D 83 -0.72 25.06 -25.69
CA ILE D 83 -0.70 23.59 -25.71
C ILE D 83 -0.16 23.02 -24.40
N PRO D 84 1.02 23.44 -23.89
CA PRO D 84 1.44 22.93 -22.58
C PRO D 84 0.52 23.31 -21.45
N MET D 85 -0.05 24.52 -21.47
CA MET D 85 -0.80 25.01 -20.32
C MET D 85 -2.11 24.27 -20.11
N ILE D 86 -2.70 23.70 -21.17
CA ILE D 86 -3.89 22.87 -21.00
C ILE D 86 -3.54 21.43 -20.67
N GLY D 87 -2.26 21.10 -20.52
CA GLY D 87 -1.83 19.78 -20.14
C GLY D 87 -1.39 18.89 -21.29
N ALA D 88 -1.37 19.40 -22.51
CA ALA D 88 -0.95 18.63 -23.66
C ALA D 88 0.55 18.80 -23.91
N LYS D 89 1.14 17.81 -24.58
CA LYS D 89 2.54 17.87 -24.98
C LYS D 89 2.64 18.53 -26.34
N LEU D 90 3.46 19.57 -26.43
CA LEU D 90 3.74 20.24 -27.70
C LEU D 90 4.87 19.49 -28.40
N HIS D 91 4.58 18.93 -29.56
CA HIS D 91 5.56 18.23 -30.37
C HIS D 91 6.03 19.18 -31.46
N MET D 92 7.28 19.64 -31.36
CA MET D 92 7.87 20.52 -32.35
C MET D 92 8.53 19.66 -33.42
N ILE D 93 7.98 19.69 -34.63
CA ILE D 93 8.46 18.85 -35.73
C ILE D 93 9.56 19.59 -36.47
N ASN D 94 10.72 18.96 -36.57
CA ASN D 94 11.84 19.49 -37.36
C ASN D 94 11.46 19.38 -38.82
N VAL D 95 11.08 20.52 -39.43
CA VAL D 95 10.62 20.49 -40.81
C VAL D 95 11.77 20.29 -41.78
N ARG D 96 13.02 20.45 -41.33
CA ARG D 96 14.16 20.22 -42.20
C ARG D 96 14.57 18.76 -42.26
N LEU D 97 13.95 17.90 -41.45
CA LEU D 97 14.20 16.47 -41.55
C LEU D 97 13.59 15.92 -42.83
N SER D 98 14.07 14.74 -43.24
CA SER D 98 13.50 14.09 -44.39
C SER D 98 12.05 13.68 -44.10
N PRO D 99 11.20 13.61 -45.14
CA PRO D 99 9.80 13.23 -44.90
C PRO D 99 9.66 11.88 -44.22
N GLU D 100 10.55 10.93 -44.49
CA GLU D 100 10.54 9.67 -43.77
C GLU D 100 10.81 9.86 -42.29
N GLN D 101 11.80 10.71 -41.96
CA GLN D 101 12.10 10.98 -40.57
C GLN D 101 10.96 11.73 -39.88
N ILE D 102 10.35 12.69 -40.56
CA ILE D 102 9.22 13.41 -39.99
C ILE D 102 8.06 12.46 -39.74
N LEU D 103 7.79 11.56 -40.69
CA LEU D 103 6.74 10.57 -40.50
C LEU D 103 7.05 9.65 -39.32
N TYR D 104 8.31 9.23 -39.19
CA TYR D 104 8.70 8.40 -38.06
C TYR D 104 8.44 9.13 -36.75
N THR D 105 8.81 10.41 -36.67
CA THR D 105 8.62 11.16 -35.43
C THR D 105 7.13 11.36 -35.13
N ILE D 106 6.32 11.58 -36.15
CA ILE D 106 4.88 11.75 -35.95
C ILE D 106 4.27 10.45 -35.43
N ASP D 107 4.65 9.32 -36.03
CA ASP D 107 4.14 8.03 -35.59
C ASP D 107 4.63 7.69 -34.18
N HIS D 108 5.88 8.02 -33.88
CA HIS D 108 6.46 7.72 -32.58
C HIS D 108 5.83 8.54 -31.47
N ALA D 109 5.62 9.84 -31.71
CA ALA D 109 5.00 10.70 -30.71
C ALA D 109 3.50 10.49 -30.62
N GLU D 110 2.88 9.91 -31.65
CA GLU D 110 1.43 9.69 -31.70
C GLU D 110 0.68 11.00 -31.52
N ASP D 111 0.97 11.93 -32.42
CA ASP D 111 0.33 13.24 -32.38
C ASP D 111 -1.16 13.14 -32.68
N ASP D 112 -1.96 13.87 -31.91
CA ASP D 112 -3.39 13.87 -32.12
C ASP D 112 -3.79 14.85 -33.22
N ILE D 113 -3.18 16.04 -33.21
CA ILE D 113 -3.49 17.09 -34.17
C ILE D 113 -2.18 17.73 -34.60
N ILE D 114 -2.07 18.02 -35.90
CA ILE D 114 -0.88 18.64 -36.47
C ILE D 114 -1.27 20.03 -36.96
N LEU D 115 -0.55 21.04 -36.45
CA LEU D 115 -0.66 22.41 -36.95
C LEU D 115 0.48 22.61 -37.95
N ILE D 116 0.14 22.55 -39.23
CA ILE D 116 1.14 22.56 -40.30
C ILE D 116 0.92 23.80 -41.16
N HIS D 117 2.01 24.52 -41.41
CA HIS D 117 1.96 25.64 -42.34
C HIS D 117 1.72 25.14 -43.76
N GLU D 118 1.05 25.97 -44.56
CA GLU D 118 0.69 25.58 -45.92
C GLU D 118 1.91 25.31 -46.80
N GLU D 119 3.06 25.87 -46.46
CA GLU D 119 4.27 25.63 -47.24
C GLU D 119 4.89 24.26 -46.98
N PHE D 120 4.53 23.62 -45.87
CA PHE D 120 4.99 22.27 -45.57
C PHE D 120 3.99 21.21 -46.02
N LEU D 121 2.89 21.61 -46.64
CA LEU D 121 1.95 20.64 -47.21
C LEU D 121 2.59 19.69 -48.22
N PRO D 122 3.51 20.11 -49.09
CA PRO D 122 4.20 19.12 -49.93
C PRO D 122 4.90 18.03 -49.14
N ILE D 123 5.47 18.36 -47.97
CA ILE D 123 6.06 17.33 -47.12
C ILE D 123 5.00 16.38 -46.61
N LEU D 124 3.86 16.92 -46.17
CA LEU D 124 2.79 16.08 -45.63
C LEU D 124 2.21 15.16 -46.69
N ASP D 125 2.09 15.64 -47.93
CA ASP D 125 1.47 14.84 -48.98
C ASP D 125 2.25 13.56 -49.26
N GLN D 126 3.56 13.57 -48.99
CA GLN D 126 4.37 12.36 -49.17
C GLN D 126 4.14 11.33 -48.06
N ILE D 127 3.71 11.76 -46.88
CA ILE D 127 3.64 10.89 -45.72
C ILE D 127 2.25 10.86 -45.08
N LYS D 128 1.27 11.55 -45.66
CA LYS D 128 -0.05 11.65 -45.02
C LYS D 128 -0.73 10.28 -44.94
N GLY D 129 -0.59 9.47 -45.98
CA GLY D 129 -1.24 8.17 -46.00
C GLY D 129 -0.73 7.21 -44.96
N ARG D 130 0.52 7.38 -44.51
CA ARG D 130 1.12 6.49 -43.53
C ARG D 130 1.01 7.04 -42.11
N ILE D 131 0.22 8.09 -41.91
CA ILE D 131 -0.09 8.61 -40.58
C ILE D 131 -1.42 8.03 -40.15
N ASP D 132 -1.41 7.27 -39.06
CA ASP D 132 -2.60 6.58 -38.56
C ASP D 132 -3.12 7.19 -37.27
N THR D 133 -2.49 8.25 -36.77
CA THR D 133 -2.76 8.74 -35.43
C THR D 133 -3.27 10.18 -35.36
N VAL D 134 -3.28 10.92 -36.46
CA VAL D 134 -3.68 12.32 -36.47
C VAL D 134 -5.13 12.42 -36.92
N THR D 135 -5.97 13.03 -36.08
CA THR D 135 -7.38 13.16 -36.35
C THR D 135 -7.76 14.51 -36.94
N ARG D 136 -6.83 15.46 -37.01
CA ARG D 136 -7.15 16.80 -37.50
C ARG D 136 -5.86 17.48 -37.95
N TYR D 137 -5.93 18.11 -39.13
CA TYR D 137 -4.85 18.95 -39.64
C TYR D 137 -5.34 20.39 -39.70
N VAL D 138 -4.60 21.29 -39.07
CA VAL D 138 -4.89 22.72 -39.12
C VAL D 138 -3.82 23.37 -39.98
N VAL D 139 -4.25 23.96 -41.09
CA VAL D 139 -3.33 24.55 -42.06
C VAL D 139 -3.10 26.01 -41.67
N LEU D 140 -1.84 26.37 -41.46
CA LEU D 140 -1.47 27.71 -41.05
C LEU D 140 -1.05 28.52 -42.28
N ARG D 141 -1.57 29.75 -42.38
CA ARG D 141 -1.26 30.64 -43.47
C ARG D 141 -0.99 32.03 -42.91
N ASP D 142 -0.22 32.81 -43.66
CA ASP D 142 0.08 34.18 -43.27
C ASP D 142 -0.96 35.17 -43.75
N ASP D 143 -1.93 34.74 -44.54
CA ASP D 143 -3.03 35.58 -45.00
C ASP D 143 -4.21 35.44 -44.03
N GLU D 144 -5.38 35.94 -44.45
CA GLU D 144 -6.58 35.85 -43.63
C GLU D 144 -7.26 34.50 -43.73
N GLU D 145 -6.78 33.60 -44.59
CA GLU D 145 -7.39 32.29 -44.79
C GLU D 145 -6.81 31.22 -43.87
N CYS D 146 -5.99 31.61 -42.91
CA CYS D 146 -5.39 30.65 -41.99
C CYS D 146 -6.47 29.93 -41.19
N GLU D 147 -6.39 28.60 -41.13
CA GLU D 147 -7.35 27.83 -40.36
C GLU D 147 -7.14 28.01 -38.86
N TYR D 148 -5.89 28.25 -38.44
CA TYR D 148 -5.63 28.53 -37.03
C TYR D 148 -6.30 29.83 -36.60
N GLU D 149 -6.22 30.86 -37.44
CA GLU D 149 -6.87 32.13 -37.13
C GLU D 149 -8.38 31.98 -37.06
N ARG D 150 -8.96 31.21 -37.99
CA ARG D 150 -10.39 30.99 -37.98
C ARG D 150 -10.83 30.19 -36.75
N LEU D 151 -10.03 29.20 -36.36
CA LEU D 151 -10.33 28.44 -35.15
C LEU D 151 -10.24 29.33 -33.91
N LEU D 152 -9.31 30.28 -33.92
CA LEU D 152 -9.15 31.15 -32.76
C LEU D 152 -10.26 32.18 -32.65
N GLU D 153 -10.70 32.75 -33.79
CA GLU D 153 -11.67 33.84 -33.71
C GLU D 153 -13.08 33.36 -33.39
N GLN D 154 -13.34 32.07 -33.45
CA GLN D 154 -14.65 31.53 -33.07
C GLN D 154 -14.71 31.15 -31.60
N GLU D 155 -13.66 31.41 -30.83
CA GLU D 155 -13.59 31.06 -29.43
C GLU D 155 -13.53 32.32 -28.57
N SER D 156 -13.87 32.15 -27.30
CA SER D 156 -13.80 33.26 -26.36
C SER D 156 -12.38 33.45 -25.86
N THR D 157 -12.10 34.67 -25.38
CA THR D 157 -10.80 35.00 -24.81
C THR D 157 -10.75 34.75 -23.31
N GLU D 158 -11.58 33.84 -22.80
CA GLU D 158 -11.61 33.48 -21.40
C GLU D 158 -11.29 32.00 -21.25
N TYR D 159 -10.36 31.67 -20.36
CA TYR D 159 -9.99 30.29 -20.11
C TYR D 159 -9.37 30.18 -18.73
N ASN D 160 -9.80 29.18 -17.97
CA ASN D 160 -9.24 28.88 -16.66
C ASN D 160 -8.26 27.72 -16.82
N PHE D 161 -6.98 28.04 -16.86
CA PHE D 161 -5.97 27.04 -17.15
C PHE D 161 -5.78 26.12 -15.94
N PRO D 162 -5.72 24.80 -16.15
CA PRO D 162 -5.69 23.88 -15.01
C PRO D 162 -4.37 23.94 -14.26
N ASP D 163 -4.41 23.48 -13.01
CA ASP D 163 -3.21 23.29 -12.24
C ASP D 163 -2.96 21.81 -12.34
N PHE D 164 -1.78 21.38 -12.55
CA PHE D 164 -1.39 19.98 -12.55
C PHE D 164 0.02 19.86 -12.01
N ASP D 165 0.51 18.62 -11.94
CA ASP D 165 1.86 18.37 -11.48
C ASP D 165 2.87 19.05 -12.38
N GLU D 166 3.90 19.65 -11.77
CA GLU D 166 4.91 20.35 -12.54
C GLU D 166 5.79 19.39 -13.36
N ASN D 167 5.80 18.11 -13.02
CA ASN D 167 6.52 17.11 -13.80
C ASN D 167 5.71 16.59 -14.97
N THR D 168 4.60 17.23 -15.30
CA THR D 168 3.87 16.91 -16.51
C THR D 168 4.68 17.32 -17.73
N VAL D 169 4.79 16.42 -18.70
CA VAL D 169 5.58 16.71 -19.90
C VAL D 169 4.86 17.77 -20.72
N ALA D 170 5.59 18.86 -21.02
CA ALA D 170 5.06 19.99 -21.76
C ALA D 170 5.46 20.00 -23.22
N THR D 171 6.72 19.71 -23.52
CA THR D 171 7.23 19.79 -24.88
C THR D 171 8.00 18.53 -25.21
N THR D 172 8.00 18.18 -26.50
CA THR D 172 8.81 17.08 -26.99
C THR D 172 9.23 17.40 -28.42
N PHE D 173 10.39 16.88 -28.81
CA PHE D 173 10.89 16.99 -30.17
C PHE D 173 11.95 15.92 -30.35
N TYR D 174 12.35 15.71 -31.60
CA TYR D 174 13.20 14.58 -31.96
C TYR D 174 14.53 15.08 -32.49
N THR D 175 15.51 14.41 -32.04
CA THR D 175 16.89 14.68 -32.35
C THR D 175 17.46 13.67 -33.16
N THR D 176 18.08 14.08 -34.16
CA THR D 176 18.84 13.16 -35.03
C THR D 176 20.25 13.30 -34.76
N GLY D 177 20.81 12.42 -34.03
CA GLY D 177 22.20 12.42 -33.62
C GLY D 177 23.01 11.31 -34.25
N THR D 178 23.40 10.33 -33.47
CA THR D 178 24.22 9.20 -33.92
C THR D 178 23.45 7.90 -33.79
N THR D 179 22.13 7.97 -33.95
CA THR D 179 21.25 6.82 -33.89
C THR D 179 20.66 6.56 -35.27
N GLY D 180 20.13 5.36 -35.45
CA GLY D 180 19.47 5.01 -36.70
C GLY D 180 18.13 5.66 -36.92
N PHE D 181 17.50 6.14 -35.86
CA PHE D 181 16.23 6.83 -35.92
C PHE D 181 16.27 8.05 -35.03
N PRO D 182 15.44 9.07 -35.32
CA PRO D 182 15.41 10.26 -34.46
C PRO D 182 15.04 9.88 -33.03
N LYS D 183 15.68 10.56 -32.07
CA LYS D 183 15.50 10.27 -30.66
C LYS D 183 14.62 11.33 -30.03
N GLY D 184 13.56 10.88 -29.35
CA GLY D 184 12.62 11.80 -28.74
C GLY D 184 13.03 12.25 -27.35
N VAL D 185 13.31 13.55 -27.20
CA VAL D 185 13.58 14.16 -25.92
C VAL D 185 12.34 14.95 -25.49
N PHE D 186 12.09 15.00 -24.19
CA PHE D 186 10.90 15.64 -23.67
C PHE D 186 11.25 16.43 -22.42
N PHE D 187 10.44 17.44 -22.13
CA PHE D 187 10.68 18.33 -21.01
C PHE D 187 9.37 18.64 -20.31
N THR D 188 9.44 18.79 -19.00
CA THR D 188 8.27 19.08 -18.18
C THR D 188 8.10 20.58 -18.00
N HIS D 189 6.96 20.96 -17.41
CA HIS D 189 6.73 22.36 -17.10
C HIS D 189 7.78 22.88 -16.13
N ARG D 190 8.11 22.09 -15.11
CA ARG D 190 9.11 22.49 -14.14
C ARG D 190 10.46 22.73 -14.80
N GLN D 191 10.85 21.83 -15.71
CA GLN D 191 12.15 21.96 -16.36
C GLN D 191 12.21 23.23 -17.22
N LEU D 192 11.14 23.54 -17.94
CA LEU D 192 11.14 24.73 -18.78
C LEU D 192 11.12 26.00 -17.94
N VAL D 193 10.34 26.02 -16.86
CA VAL D 193 10.32 27.16 -15.96
C VAL D 193 11.70 27.37 -15.33
N LEU D 194 12.33 26.27 -14.90
CA LEU D 194 13.66 26.36 -14.31
C LEU D 194 14.69 26.81 -15.33
N HIS D 195 14.57 26.36 -16.58
CA HIS D 195 15.47 26.81 -17.62
C HIS D 195 15.34 28.32 -17.84
N THR D 196 14.11 28.81 -17.91
CA THR D 196 13.89 30.24 -18.07
C THR D 196 14.50 31.01 -16.90
N MET D 197 14.22 30.57 -15.67
CA MET D 197 14.73 31.28 -14.50
C MET D 197 16.26 31.24 -14.45
N GLY D 198 16.85 30.08 -14.71
CA GLY D 198 18.29 29.96 -14.63
C GLY D 198 19.02 30.77 -15.68
N ILE D 199 18.55 30.72 -16.92
CA ILE D 199 19.22 31.50 -17.96
C ILE D 199 19.00 33.00 -17.73
N LEU D 200 17.83 33.39 -17.23
CA LEU D 200 17.61 34.80 -16.92
C LEU D 200 18.51 35.26 -15.78
N SER D 201 18.71 34.41 -14.77
CA SER D 201 19.63 34.74 -13.70
C SER D 201 21.08 34.79 -14.19
N THR D 202 21.42 33.97 -15.17
CA THR D 202 22.80 33.94 -15.67
C THR D 202 23.11 35.15 -16.56
N ILE D 203 22.31 35.36 -17.60
CA ILE D 203 22.62 36.41 -18.57
C ILE D 203 21.93 37.73 -18.24
N GLY D 204 20.86 37.71 -17.45
CA GLY D 204 20.26 38.97 -17.01
C GLY D 204 21.17 39.75 -16.07
N THR D 205 21.90 39.03 -15.21
CA THR D 205 22.75 39.65 -14.20
C THR D 205 24.14 40.00 -14.72
N ASN D 206 24.34 39.96 -16.04
CA ASN D 206 25.58 40.46 -16.62
C ASN D 206 25.76 41.94 -16.31
N ALA D 207 26.99 42.35 -16.05
CA ALA D 207 27.27 43.74 -15.74
C ALA D 207 26.98 44.64 -16.94
N SER D 208 27.71 44.45 -18.03
CA SER D 208 27.52 45.26 -19.23
C SER D 208 27.20 44.42 -20.46
N GLN D 209 27.98 43.36 -20.72
CA GLN D 209 27.95 42.66 -21.98
C GLN D 209 27.03 41.45 -21.93
N GLY D 210 26.39 41.16 -23.06
CA GLY D 210 25.60 39.94 -23.22
C GLY D 210 24.37 39.85 -22.34
N ARG D 211 23.68 40.97 -22.15
CA ARG D 211 22.50 41.00 -21.29
C ARG D 211 21.24 40.73 -22.10
N LEU D 212 20.33 39.96 -21.51
CA LEU D 212 18.94 39.91 -21.94
C LEU D 212 18.12 40.56 -20.84
N HIS D 213 17.72 41.80 -21.05
CA HIS D 213 17.03 42.56 -20.03
C HIS D 213 15.64 43.00 -20.53
N GLN D 214 14.93 43.71 -19.66
CA GLN D 214 13.53 44.05 -19.91
C GLN D 214 13.36 45.11 -20.99
N GLY D 215 14.43 45.81 -21.35
CA GLY D 215 14.38 46.78 -22.42
C GLY D 215 14.79 46.26 -23.77
N ASP D 216 15.14 44.99 -23.87
CA ASP D 216 15.58 44.41 -25.13
C ASP D 216 14.39 44.18 -26.06
N ILE D 217 14.70 44.03 -27.34
CA ILE D 217 13.72 43.65 -28.36
C ILE D 217 14.18 42.34 -28.97
N TYR D 218 13.35 41.30 -28.84
CA TYR D 218 13.74 39.93 -29.13
C TYR D 218 13.30 39.52 -30.53
N MET D 219 14.24 38.97 -31.31
CA MET D 219 13.91 38.33 -32.58
C MET D 219 14.67 37.02 -32.69
N PRO D 220 13.98 35.88 -32.68
CA PRO D 220 14.68 34.60 -32.88
C PRO D 220 15.15 34.44 -34.31
N ILE D 221 16.33 33.85 -34.48
CA ILE D 221 16.80 33.47 -35.80
C ILE D 221 17.23 32.01 -35.75
N THR D 222 16.86 31.32 -34.67
CA THR D 222 16.95 29.87 -34.67
C THR D 222 15.54 29.29 -34.69
N PRO D 223 15.33 28.17 -35.38
CA PRO D 223 13.97 27.65 -35.53
C PRO D 223 13.32 27.34 -34.20
N MET D 224 12.01 27.57 -34.14
CA MET D 224 11.24 27.28 -32.94
C MET D 224 10.92 25.81 -32.79
N PHE D 225 11.15 24.99 -33.84
CA PHE D 225 11.03 23.55 -33.70
C PHE D 225 12.30 22.90 -33.16
N HIS D 226 13.37 23.67 -33.00
CA HIS D 226 14.59 23.22 -32.34
C HIS D 226 14.36 23.25 -30.84
N VAL D 227 15.43 23.29 -30.04
CA VAL D 227 15.27 23.10 -28.61
C VAL D 227 14.64 24.35 -28.02
N HIS D 228 13.30 24.41 -28.05
CA HIS D 228 12.52 25.53 -27.53
C HIS D 228 13.04 26.87 -28.03
N ALA D 229 13.63 26.88 -29.23
CA ALA D 229 14.37 28.03 -29.74
C ALA D 229 15.39 28.51 -28.71
N TRP D 230 16.05 27.54 -28.07
CA TRP D 230 17.03 27.79 -27.01
C TRP D 230 16.38 28.42 -25.78
N GLY D 231 15.06 28.24 -25.64
CA GLY D 231 14.32 28.74 -24.51
C GLY D 231 14.08 30.23 -24.50
N LEU D 232 14.51 30.96 -25.54
CA LEU D 232 14.43 32.41 -25.58
C LEU D 232 13.01 32.95 -25.73
N PRO D 233 12.09 32.29 -26.46
CA PRO D 233 10.71 32.80 -26.44
C PRO D 233 10.09 32.82 -25.05
N TYR D 234 10.35 31.80 -24.23
CA TYR D 234 9.84 31.79 -22.87
C TYR D 234 10.44 32.93 -22.05
N MET D 235 11.75 33.13 -22.16
CA MET D 235 12.41 34.19 -21.41
C MET D 235 11.94 35.57 -21.85
N ALA D 236 11.76 35.75 -23.17
CA ALA D 236 11.31 37.02 -23.70
C ALA D 236 9.88 37.32 -23.27
N THR D 237 9.02 36.30 -23.24
CA THR D 237 7.66 36.48 -22.74
C THR D 237 7.67 36.81 -21.26
N MET D 238 8.51 36.12 -20.49
CA MET D 238 8.54 36.35 -19.05
C MET D 238 9.13 37.71 -18.72
N LEU D 239 9.98 38.25 -19.58
CA LEU D 239 10.48 39.60 -19.43
C LEU D 239 9.55 40.65 -19.98
N GLY D 240 8.52 40.26 -20.72
CA GLY D 240 7.56 41.22 -21.26
C GLY D 240 8.11 42.08 -22.36
N VAL D 241 9.17 41.65 -23.04
CA VAL D 241 9.83 42.48 -24.03
C VAL D 241 9.12 42.38 -25.38
N LYS D 242 9.40 43.33 -26.25
CA LYS D 242 8.87 43.28 -27.61
C LYS D 242 9.47 42.09 -28.36
N GLN D 243 8.61 41.26 -28.93
CA GLN D 243 9.02 40.05 -29.63
C GLN D 243 8.70 40.17 -31.10
N VAL D 244 9.72 40.03 -31.95
CA VAL D 244 9.57 40.09 -33.39
C VAL D 244 9.86 38.70 -33.95
N TYR D 245 8.89 38.14 -34.68
CA TYR D 245 9.06 36.82 -35.28
C TYR D 245 9.14 36.97 -36.79
N PRO D 246 10.20 36.47 -37.42
CA PRO D 246 10.43 36.77 -38.84
C PRO D 246 9.81 35.80 -39.84
N GLY D 247 9.26 34.68 -39.40
CA GLY D 247 8.77 33.71 -40.36
C GLY D 247 9.92 32.95 -40.99
N LYS D 248 9.80 32.69 -42.29
CA LYS D 248 10.88 32.05 -43.03
C LYS D 248 12.10 32.95 -43.07
N TYR D 249 13.24 32.38 -42.73
CA TYR D 249 14.50 33.15 -42.71
C TYR D 249 15.08 33.62 -44.01
N VAL D 250 14.77 34.81 -44.43
CA VAL D 250 15.36 35.48 -45.59
C VAL D 250 16.31 36.55 -45.06
N PRO D 251 17.59 36.52 -45.43
CA PRO D 251 18.55 37.48 -44.83
C PRO D 251 18.15 38.94 -44.97
N ASP D 252 17.61 39.33 -46.13
CA ASP D 252 17.18 40.72 -46.30
C ASP D 252 15.97 41.02 -45.42
N VAL D 253 15.04 40.07 -45.30
CA VAL D 253 13.89 40.26 -44.43
C VAL D 253 14.33 40.39 -42.98
N LEU D 254 15.27 39.54 -42.56
CA LEU D 254 15.79 39.61 -41.19
C LEU D 254 16.49 40.94 -40.94
N LEU D 255 17.30 41.41 -41.89
CA LEU D 255 17.98 42.69 -41.73
C LEU D 255 16.99 43.83 -41.65
N ASN D 256 15.96 43.82 -42.50
CA ASN D 256 14.95 44.87 -42.46
C ASN D 256 14.18 44.84 -41.15
N LEU D 257 13.89 43.65 -40.62
CA LEU D 257 13.22 43.56 -39.33
C LEU D 257 14.10 44.10 -38.21
N ILE D 258 15.40 43.78 -38.25
CA ILE D 258 16.32 44.30 -37.23
C ILE D 258 16.35 45.82 -37.29
N GLU D 259 16.42 46.39 -38.50
CA GLU D 259 16.47 47.84 -38.64
C GLU D 259 15.17 48.50 -38.18
N GLN D 260 14.04 48.04 -38.69
CA GLN D 260 12.74 48.66 -38.41
C GLN D 260 12.14 48.45 -37.04
N GLU D 261 12.36 47.28 -36.49
CA GLU D 261 11.87 46.98 -35.16
C GLU D 261 12.91 47.21 -34.07
N LYS D 262 14.10 47.58 -34.48
CA LYS D 262 15.17 47.89 -33.54
C LYS D 262 15.51 46.71 -32.67
N VAL D 263 15.76 45.57 -33.31
CA VAL D 263 16.03 44.32 -32.61
C VAL D 263 17.37 44.44 -31.88
N THR D 264 17.37 44.09 -30.59
CA THR D 264 18.56 44.19 -29.77
C THR D 264 19.10 42.84 -29.31
N PHE D 265 18.25 41.81 -29.24
CA PHE D 265 18.67 40.49 -28.81
C PHE D 265 18.20 39.45 -29.82
N SER D 266 19.11 38.59 -30.24
CA SER D 266 18.79 37.52 -31.18
C SER D 266 19.62 36.30 -30.85
N HIS D 267 19.26 35.18 -31.47
CA HIS D 267 20.06 33.96 -31.42
C HIS D 267 20.03 33.33 -32.80
N CYS D 268 21.20 32.91 -33.29
CA CYS D 268 21.30 32.31 -34.61
C CYS D 268 22.51 31.39 -34.65
N VAL D 269 22.61 30.64 -35.74
CA VAL D 269 23.72 29.72 -36.00
C VAL D 269 24.79 30.48 -36.77
N PRO D 270 26.03 30.00 -36.83
CA PRO D 270 27.07 30.73 -37.58
C PRO D 270 26.73 30.95 -39.05
N THR D 271 26.04 29.99 -39.69
CA THR D 271 25.69 30.17 -41.09
C THR D 271 24.77 31.36 -41.29
N ILE D 272 23.75 31.50 -40.43
CA ILE D 272 22.83 32.62 -40.54
C ILE D 272 23.54 33.94 -40.27
N LEU D 273 24.42 33.97 -39.27
CA LEU D 273 25.16 35.19 -38.97
C LEU D 273 26.06 35.58 -40.13
N HIS D 274 26.70 34.60 -40.78
CA HIS D 274 27.52 34.89 -41.94
C HIS D 274 26.66 35.43 -43.09
N LEU D 275 25.49 34.83 -43.31
CA LEU D 275 24.61 35.32 -44.37
C LEU D 275 24.14 36.74 -44.09
N LEU D 276 23.89 37.06 -42.82
CA LEU D 276 23.48 38.41 -42.46
C LEU D 276 24.61 39.41 -42.64
N LEU D 277 25.82 39.03 -42.25
CA LEU D 277 26.96 39.95 -42.32
C LEU D 277 27.45 40.15 -43.76
N SER D 278 27.29 39.14 -44.61
CA SER D 278 27.76 39.23 -45.99
C SER D 278 26.74 39.83 -46.94
N SER D 279 25.51 40.06 -46.48
CA SER D 279 24.48 40.62 -47.34
C SER D 279 24.80 42.08 -47.66
N PRO D 280 24.60 42.51 -48.91
CA PRO D 280 24.83 43.93 -49.24
C PRO D 280 24.00 44.89 -48.41
N LYS D 281 22.79 44.50 -48.04
CA LYS D 281 21.90 45.35 -47.25
C LYS D 281 22.45 45.62 -45.85
N SER D 282 23.37 44.81 -45.36
CA SER D 282 23.92 44.96 -44.01
C SER D 282 25.04 45.98 -43.93
N LYS D 283 25.55 46.45 -45.06
CA LYS D 283 26.69 47.39 -45.05
C LYS D 283 26.27 48.72 -44.53
N ALA D 284 25.09 49.15 -44.92
CA ALA D 284 24.54 50.42 -44.46
C ALA D 284 23.65 50.25 -43.22
N MET D 285 23.88 49.22 -42.43
CA MET D 285 23.07 48.91 -41.26
C MET D 285 23.84 49.21 -39.99
N ASP D 286 23.18 49.83 -39.03
CA ASP D 286 23.77 50.10 -37.72
C ASP D 286 23.47 48.91 -36.83
N PHE D 287 24.47 48.06 -36.62
CA PHE D 287 24.33 46.86 -35.81
C PHE D 287 24.67 47.10 -34.35
N SER D 288 25.00 48.34 -33.97
CA SER D 288 25.23 48.66 -32.58
C SER D 288 23.95 48.47 -31.78
N GLY D 289 24.08 47.86 -30.60
CA GLY D 289 22.93 47.54 -29.79
C GLY D 289 22.29 46.20 -30.09
N TRP D 290 22.73 45.51 -31.14
CA TRP D 290 22.22 44.18 -31.46
C TRP D 290 23.13 43.14 -30.82
N LYS D 291 22.55 42.30 -29.96
CA LYS D 291 23.26 41.22 -29.30
C LYS D 291 22.76 39.89 -29.85
N VAL D 292 23.67 39.06 -30.31
CA VAL D 292 23.33 37.76 -30.87
C VAL D 292 24.19 36.69 -30.21
N VAL D 293 23.55 35.62 -29.77
CA VAL D 293 24.23 34.46 -29.19
C VAL D 293 24.26 33.35 -30.24
N ILE D 294 25.41 32.70 -30.38
CA ILE D 294 25.64 31.70 -31.40
C ILE D 294 25.83 30.36 -30.70
N GLY D 295 24.87 29.45 -30.87
CA GLY D 295 24.92 28.20 -30.13
C GLY D 295 24.78 26.93 -30.93
N GLY D 296 24.26 27.01 -32.15
CA GLY D 296 23.96 25.79 -32.89
C GLY D 296 25.20 24.99 -33.23
N ALA D 297 26.22 25.66 -33.74
CA ALA D 297 27.52 25.07 -34.03
C ALA D 297 28.59 25.92 -33.38
N ALA D 298 29.84 25.46 -33.47
CA ALA D 298 30.96 26.25 -32.99
C ALA D 298 31.05 27.55 -33.76
N LEU D 299 31.25 28.65 -33.04
CA LEU D 299 31.35 29.95 -33.67
C LEU D 299 32.77 30.17 -34.19
N PRO D 300 32.97 30.31 -35.50
CA PRO D 300 34.32 30.57 -36.01
C PRO D 300 34.86 31.90 -35.49
N LYS D 301 36.10 31.91 -35.05
CA LYS D 301 36.71 33.17 -34.66
C LYS D 301 36.71 34.26 -35.75
N ALA D 302 36.86 33.91 -37.03
CA ALA D 302 36.82 34.93 -38.07
C ALA D 302 35.43 35.56 -38.17
N LEU D 303 34.38 34.75 -38.09
CA LEU D 303 33.03 35.29 -38.11
C LEU D 303 32.77 36.17 -36.90
N CYS D 304 33.22 35.71 -35.72
CA CYS D 304 33.09 36.53 -34.52
C CYS D 304 33.84 37.84 -34.65
N LYS D 305 35.04 37.80 -35.23
CA LYS D 305 35.81 39.02 -35.43
C LYS D 305 35.11 39.98 -36.38
N SER D 306 34.54 39.46 -37.47
CA SER D 306 33.81 40.32 -38.40
C SER D 306 32.58 40.93 -37.75
N ALA D 307 31.84 40.14 -36.96
CA ALA D 307 30.68 40.67 -36.26
C ALA D 307 31.10 41.73 -35.25
N LEU D 308 32.22 41.53 -34.56
CA LEU D 308 32.72 42.55 -33.65
C LEU D 308 33.11 43.81 -34.39
N GLU D 309 33.71 43.66 -35.58
CA GLU D 309 34.01 44.82 -36.41
C GLU D 309 32.73 45.55 -36.82
N ARG D 310 31.62 44.82 -36.93
CA ARG D 310 30.33 45.46 -37.16
C ARG D 310 29.68 45.95 -35.86
N ASP D 311 30.44 46.00 -34.75
CA ASP D 311 29.95 46.48 -33.46
C ASP D 311 28.81 45.63 -32.93
N ILE D 312 28.84 44.33 -33.19
CA ILE D 312 27.81 43.41 -32.70
C ILE D 312 28.32 42.74 -31.43
N ASP D 313 27.50 42.76 -30.39
CA ASP D 313 27.79 42.00 -29.17
C ASP D 313 27.51 40.54 -29.49
N VAL D 314 28.52 39.86 -30.01
CA VAL D 314 28.40 38.47 -30.45
C VAL D 314 29.13 37.59 -29.44
N PHE D 315 28.45 36.54 -28.99
CA PHE D 315 29.03 35.61 -28.05
C PHE D 315 28.41 34.24 -28.30
N ALA D 316 29.10 33.20 -27.86
CA ALA D 316 28.69 31.84 -28.17
C ALA D 316 28.04 31.18 -26.97
N GLY D 317 27.11 30.26 -27.26
CA GLY D 317 26.49 29.45 -26.25
C GLY D 317 26.59 27.97 -26.63
N TYR D 318 26.26 27.13 -25.67
CA TYR D 318 26.39 25.68 -25.87
C TYR D 318 25.15 24.97 -25.34
N GLY D 319 24.71 23.97 -26.08
CA GLY D 319 23.58 23.17 -25.68
C GLY D 319 23.22 22.19 -26.77
N MET D 320 22.27 21.32 -26.45
CA MET D 320 21.80 20.32 -27.40
C MET D 320 20.35 20.00 -27.08
N SER D 321 19.75 19.15 -27.91
CA SER D 321 18.35 18.80 -27.74
C SER D 321 18.07 18.17 -26.38
N GLU D 322 19.04 17.44 -25.83
CA GLU D 322 18.84 16.73 -24.58
C GLU D 322 18.97 17.62 -23.35
N THR D 323 19.50 18.83 -23.47
CA THR D 323 19.99 19.57 -22.31
C THR D 323 19.26 20.87 -22.01
N GLY D 324 18.09 21.10 -22.59
CA GLY D 324 17.31 22.26 -22.18
C GLY D 324 17.01 23.35 -23.20
N PRO D 325 17.98 23.75 -24.05
CA PRO D 325 19.32 23.22 -24.31
C PRO D 325 20.47 23.82 -23.50
N ILE D 326 20.33 25.03 -22.96
CA ILE D 326 21.50 25.83 -22.61
C ILE D 326 22.24 25.20 -21.43
N LEU D 327 23.53 24.96 -21.62
CA LEU D 327 24.43 24.57 -20.54
C LEU D 327 25.54 25.58 -20.31
N SER D 328 26.05 26.23 -21.36
CA SER D 328 27.13 27.18 -21.24
C SER D 328 26.84 28.39 -22.12
N ILE D 329 27.24 29.56 -21.64
CA ILE D 329 27.15 30.81 -22.39
C ILE D 329 28.43 31.59 -22.14
N VAL D 330 28.93 32.26 -23.18
CA VAL D 330 30.13 33.07 -23.05
C VAL D 330 29.78 34.36 -22.33
N GLN D 331 30.44 34.60 -21.20
CA GLN D 331 30.23 35.79 -20.39
C GLN D 331 31.58 36.44 -20.14
N LEU D 332 31.70 37.71 -20.49
CA LEU D 332 32.98 38.42 -20.44
C LEU D 332 33.05 39.31 -19.20
N THR D 333 34.15 39.20 -18.48
CA THR D 333 34.43 40.11 -17.38
C THR D 333 34.73 41.50 -17.93
N PRO D 334 34.57 42.54 -17.10
CA PRO D 334 34.91 43.89 -17.56
C PRO D 334 36.36 44.04 -17.99
N GLU D 335 37.29 43.28 -17.41
CA GLU D 335 38.65 43.26 -17.92
C GLU D 335 38.73 42.65 -19.31
N GLN D 336 37.92 41.62 -19.58
CA GLN D 336 37.94 40.98 -20.89
C GLN D 336 37.32 41.84 -21.98
N LEU D 337 36.44 42.77 -21.61
CA LEU D 337 35.86 43.69 -22.58
C LEU D 337 36.80 44.82 -22.95
N GLU D 338 37.91 44.99 -22.25
CA GLU D 338 38.91 45.99 -22.59
C GLU D 338 39.90 45.49 -23.63
N LEU D 339 39.90 44.20 -23.94
CA LEU D 339 40.80 43.66 -24.95
C LEU D 339 40.38 44.12 -26.34
N ASP D 340 41.31 44.00 -27.29
CA ASP D 340 41.03 44.39 -28.66
C ASP D 340 40.12 43.34 -29.32
N VAL D 341 39.78 43.60 -30.58
CA VAL D 341 38.82 42.76 -31.28
C VAL D 341 39.35 41.34 -31.42
N ASP D 342 40.63 41.19 -31.78
CA ASP D 342 41.19 39.86 -32.00
C ASP D 342 41.23 39.04 -30.71
N GLN D 343 41.62 39.68 -29.59
CA GLN D 343 41.74 38.94 -28.34
C GLN D 343 40.38 38.48 -27.82
N GLN D 344 39.37 39.34 -27.88
CA GLN D 344 38.07 38.98 -27.36
C GLN D 344 37.23 38.19 -28.36
N ALA D 345 37.65 38.12 -29.63
CA ALA D 345 37.02 37.19 -30.56
C ALA D 345 37.32 35.75 -30.18
N GLU D 346 38.50 35.50 -29.60
CA GLU D 346 38.79 34.18 -29.07
C GLU D 346 37.88 33.85 -27.89
N TYR D 347 37.65 34.81 -27.01
CA TYR D 347 36.82 34.56 -25.83
C TYR D 347 35.36 34.38 -26.21
N ARG D 348 34.85 35.22 -27.12
CA ARG D 348 33.44 35.18 -27.47
C ARG D 348 33.09 33.97 -28.33
N SER D 349 34.06 33.36 -28.98
CA SER D 349 33.82 32.18 -29.81
C SER D 349 34.02 30.87 -29.04
N LYS D 350 34.36 30.94 -27.76
CA LYS D 350 34.50 29.77 -26.90
C LYS D 350 33.18 29.11 -26.57
N THR D 351 33.20 27.90 -26.12
CA THR D 351 31.96 27.25 -25.73
C THR D 351 31.27 28.02 -24.61
N GLY D 352 32.02 28.46 -23.61
CA GLY D 352 31.52 29.32 -22.56
C GLY D 352 31.69 28.70 -21.19
N LYS D 353 31.13 29.39 -20.20
CA LYS D 353 31.11 28.92 -18.82
C LYS D 353 29.74 28.36 -18.51
N LYS D 354 29.71 27.30 -17.70
CA LYS D 354 28.45 26.66 -17.36
C LYS D 354 27.50 27.65 -16.70
N VAL D 355 26.24 27.61 -17.13
CA VAL D 355 25.21 28.52 -16.64
C VAL D 355 24.80 28.09 -15.23
N ALA D 356 23.99 28.93 -14.59
CA ALA D 356 23.54 28.66 -13.22
C ALA D 356 22.83 27.32 -13.13
N LEU D 357 23.08 26.62 -12.03
CA LEU D 357 22.47 25.33 -11.67
C LEU D 357 22.96 24.18 -12.54
N VAL D 358 23.98 24.40 -13.36
CA VAL D 358 24.55 23.38 -14.23
C VAL D 358 25.91 23.00 -13.68
N GLU D 359 26.12 21.71 -13.45
CA GLU D 359 27.44 21.19 -13.09
C GLU D 359 27.95 20.36 -14.26
N ALA D 360 29.15 20.71 -14.75
CA ALA D 360 29.71 20.09 -15.96
C ALA D 360 31.09 19.56 -15.64
N TYR D 361 31.37 18.35 -16.12
CA TYR D 361 32.66 17.71 -15.95
C TYR D 361 33.11 17.10 -17.27
N ILE D 362 34.42 16.97 -17.43
CA ILE D 362 35.01 16.24 -18.55
C ILE D 362 35.59 14.94 -18.00
N VAL D 363 35.20 13.82 -18.60
CA VAL D 363 35.54 12.50 -18.11
C VAL D 363 36.14 11.69 -19.25
N ASP D 364 36.75 10.56 -18.88
CA ASP D 364 37.26 9.60 -19.83
C ASP D 364 36.23 8.50 -20.06
N GLU D 365 36.62 7.43 -20.76
CA GLU D 365 35.69 6.36 -21.06
C GLU D 365 35.20 5.62 -19.81
N ASP D 366 35.92 5.74 -18.70
CA ASP D 366 35.52 5.11 -17.44
C ASP D 366 34.85 6.08 -16.48
N MET D 367 34.41 7.23 -16.98
CA MET D 367 33.71 8.23 -16.17
C MET D 367 34.57 8.74 -15.02
N ASN D 368 35.87 8.87 -15.27
CA ASN D 368 36.79 9.47 -14.31
C ASN D 368 36.97 10.93 -14.66
N LYS D 369 36.71 11.82 -13.71
CA LYS D 369 36.76 13.24 -13.97
C LYS D 369 38.19 13.70 -14.22
N LEU D 370 38.39 14.48 -15.27
CA LEU D 370 39.70 14.96 -15.67
C LEU D 370 39.93 16.38 -15.15
N PRO D 371 41.19 16.75 -14.88
CA PRO D 371 41.46 18.08 -14.36
C PRO D 371 41.09 19.17 -15.35
N HIS D 372 40.69 20.32 -14.81
CA HIS D 372 40.33 21.49 -15.62
C HIS D 372 41.59 22.34 -15.76
N ASP D 373 42.36 22.07 -16.82
CA ASP D 373 43.61 22.77 -17.06
C ASP D 373 43.72 23.34 -18.47
N GLY D 374 42.69 23.21 -19.30
CA GLY D 374 42.73 23.73 -20.64
C GLY D 374 43.44 22.87 -21.66
N GLU D 375 44.01 21.74 -21.25
CA GLU D 375 44.69 20.82 -22.16
C GLU D 375 44.05 19.44 -22.17
N THR D 376 43.79 18.86 -21.00
CA THR D 376 43.19 17.54 -20.94
C THR D 376 41.77 17.58 -21.45
N ALA D 377 41.45 16.71 -22.40
CA ALA D 377 40.16 16.71 -23.07
C ALA D 377 39.41 15.42 -22.76
N GLY D 378 38.10 15.55 -22.55
CA GLY D 378 37.24 14.42 -22.32
C GLY D 378 35.81 14.77 -22.66
N GLU D 379 34.93 13.78 -22.54
CA GLU D 379 33.52 14.00 -22.82
C GLU D 379 32.89 14.87 -21.75
N ILE D 380 32.14 15.88 -22.17
CA ILE D 380 31.38 16.69 -21.23
C ILE D 380 30.21 15.86 -20.69
N VAL D 381 30.09 15.82 -19.38
CA VAL D 381 28.96 15.18 -18.71
C VAL D 381 28.35 16.20 -17.77
N VAL D 382 27.03 16.30 -17.77
CA VAL D 382 26.35 17.41 -17.11
C VAL D 382 25.22 16.89 -16.23
N ARG D 383 24.93 17.66 -15.18
CA ARG D 383 23.70 17.55 -14.43
C ARG D 383 23.08 18.95 -14.38
N ALA D 384 21.78 19.03 -14.65
CA ALA D 384 21.10 20.32 -14.74
C ALA D 384 19.63 20.10 -14.44
N PRO D 385 18.91 21.14 -14.06
CA PRO D 385 17.47 20.99 -13.79
C PRO D 385 16.60 20.87 -15.03
N TRP D 386 17.19 20.87 -16.22
CA TRP D 386 16.41 20.88 -17.46
C TRP D 386 16.98 19.89 -18.46
N LEU D 387 17.43 18.73 -17.99
CA LEU D 387 17.90 17.67 -18.87
C LEU D 387 16.79 16.66 -19.08
N THR D 388 16.72 16.11 -20.29
CA THR D 388 15.76 15.04 -20.54
C THR D 388 16.17 13.81 -19.74
N PRO D 389 15.25 13.19 -19.00
CA PRO D 389 15.65 12.03 -18.17
C PRO D 389 16.04 10.82 -18.99
N ASN D 390 15.52 10.71 -20.20
CA ASN D 390 15.76 9.55 -21.06
C ASN D 390 15.27 9.93 -22.47
N TYR D 391 15.31 8.97 -23.37
CA TYR D 391 14.71 9.11 -24.69
C TYR D 391 13.33 8.46 -24.68
N TYR D 392 12.38 9.09 -25.37
CA TYR D 392 11.02 8.60 -25.37
C TYR D 392 10.95 7.21 -26.00
N LYS D 393 10.32 6.28 -25.28
CA LYS D 393 10.12 4.90 -25.74
C LYS D 393 11.45 4.23 -26.10
N ASP D 394 12.49 4.54 -25.32
CA ASP D 394 13.81 4.00 -25.58
C ASP D 394 14.46 3.58 -24.27
N ASN D 395 15.15 2.49 -24.23
CA ASN D 395 15.80 2.05 -23.04
C ASN D 395 17.29 2.05 -23.17
N LYS D 396 17.84 1.48 -24.20
CA LYS D 396 19.27 1.34 -24.30
C LYS D 396 20.01 2.58 -24.63
N ASN D 397 19.51 3.33 -25.57
CA ASN D 397 20.05 4.66 -25.85
C ASN D 397 19.86 5.58 -24.66
N SER D 398 18.75 5.44 -23.95
CA SER D 398 18.53 6.23 -22.74
C SER D 398 19.53 5.86 -21.66
N LYS D 399 19.83 4.56 -21.51
CA LYS D 399 20.82 4.13 -20.54
C LYS D 399 22.21 4.66 -20.88
N ALA D 400 22.56 4.65 -22.18
CA ALA D 400 23.84 5.19 -22.59
C ALA D 400 23.91 6.70 -22.41
N LEU D 401 22.79 7.40 -22.60
CA LEU D 401 22.78 8.85 -22.46
C LEU D 401 23.04 9.28 -21.01
N TRP D 402 22.56 8.51 -20.04
CA TRP D 402 22.73 8.84 -18.62
C TRP D 402 23.66 7.87 -17.92
N ARG D 403 24.65 7.36 -18.65
CA ARG D 403 25.59 6.40 -18.08
C ARG D 403 26.46 7.06 -17.01
N GLY D 404 26.61 6.37 -15.88
CA GLY D 404 27.43 6.86 -14.80
C GLY D 404 26.79 7.91 -13.92
N GLY D 405 25.51 8.21 -14.11
CA GLY D 405 24.83 9.22 -13.33
C GLY D 405 24.88 10.62 -13.90
N TYR D 406 25.42 10.80 -15.10
CA TYR D 406 25.47 12.10 -15.74
C TYR D 406 25.01 11.98 -17.18
N LEU D 407 24.49 13.07 -17.72
CA LEU D 407 24.08 13.09 -19.12
C LEU D 407 25.31 13.27 -19.98
N HIS D 408 25.50 12.37 -20.95
CA HIS D 408 26.65 12.42 -21.84
C HIS D 408 26.29 13.27 -23.06
N THR D 409 27.00 14.37 -23.24
CA THR D 409 26.73 15.29 -24.34
C THR D 409 27.29 14.79 -25.67
N GLY D 410 28.22 13.83 -25.64
CA GLY D 410 28.86 13.39 -26.85
C GLY D 410 29.91 14.32 -27.39
N ASP D 411 30.30 15.35 -26.62
CA ASP D 411 31.27 16.34 -27.04
C ASP D 411 32.54 16.21 -26.22
N VAL D 412 33.69 16.27 -26.89
CA VAL D 412 34.99 16.24 -26.23
C VAL D 412 35.47 17.66 -26.04
N ALA D 413 35.88 18.01 -24.83
CA ALA D 413 36.25 19.38 -24.52
C ALA D 413 37.28 19.39 -23.41
N HIS D 414 37.99 20.51 -23.31
CA HIS D 414 38.81 20.83 -22.16
C HIS D 414 38.26 22.09 -21.49
N ILE D 415 38.49 22.20 -20.19
CA ILE D 415 37.97 23.30 -19.39
C ILE D 415 39.15 24.04 -18.77
N ASP D 416 39.13 25.37 -18.87
CA ASP D 416 40.18 26.19 -18.29
C ASP D 416 40.07 26.19 -16.76
N ASP D 417 41.10 26.76 -16.12
CA ASP D 417 41.04 26.95 -14.68
C ASP D 417 39.92 27.92 -14.30
N GLU D 418 39.73 28.96 -15.11
CA GLU D 418 38.65 29.90 -14.89
C GLU D 418 37.28 29.32 -15.21
N GLY D 419 37.21 28.15 -15.81
CA GLY D 419 35.95 27.53 -16.15
C GLY D 419 35.52 27.66 -17.59
N PHE D 420 36.36 28.23 -18.45
CA PHE D 420 36.01 28.37 -19.86
C PHE D 420 36.11 27.02 -20.55
N ILE D 421 34.97 26.51 -21.02
CA ILE D 421 34.94 25.26 -21.76
C ILE D 421 35.26 25.53 -23.22
N LYS D 422 36.04 24.64 -23.82
CA LYS D 422 36.35 24.70 -25.24
C LYS D 422 36.21 23.30 -25.83
N ILE D 423 35.24 23.14 -26.72
CA ILE D 423 34.95 21.83 -27.32
C ILE D 423 35.88 21.61 -28.50
N THR D 424 36.53 20.45 -28.54
CA THR D 424 37.41 20.10 -29.65
C THR D 424 36.63 19.41 -30.77
N ASP D 425 36.00 18.28 -30.47
CA ASP D 425 35.17 17.58 -31.44
C ASP D 425 34.24 16.64 -30.68
N ARG D 426 33.61 15.72 -31.41
CA ARG D 426 32.66 14.78 -30.84
C ARG D 426 33.37 13.52 -30.34
N VAL D 427 32.67 12.79 -29.47
CA VAL D 427 33.20 11.53 -28.95
C VAL D 427 33.24 10.47 -30.06
N LYS D 428 32.17 10.39 -30.85
CA LYS D 428 32.15 9.41 -31.93
C LYS D 428 33.06 9.81 -33.08
N ASP D 429 33.27 11.10 -33.28
CA ASP D 429 34.20 11.59 -34.31
C ASP D 429 35.60 11.77 -33.73
N MET D 430 36.11 10.73 -33.08
CA MET D 430 37.39 10.78 -32.40
C MET D 430 38.39 9.87 -33.08
N ILE D 431 39.63 10.35 -33.21
CA ILE D 431 40.72 9.59 -33.82
C ILE D 431 41.59 9.07 -32.69
N LYS D 432 41.64 7.74 -32.55
CA LYS D 432 42.37 7.07 -31.48
C LYS D 432 43.58 6.39 -32.11
N ILE D 433 44.78 6.84 -31.73
CA ILE D 433 46.03 6.33 -32.29
C ILE D 433 46.87 5.83 -31.11
N SER D 434 47.03 4.50 -31.03
CA SER D 434 47.94 3.87 -30.07
C SER D 434 47.48 4.10 -28.63
N GLY D 435 47.68 5.31 -28.12
CA GLY D 435 47.29 5.63 -26.77
C GLY D 435 46.78 7.05 -26.59
N GLU D 436 46.55 7.74 -27.71
CA GLU D 436 46.15 9.15 -27.67
C GLU D 436 44.91 9.36 -28.52
N TRP D 437 44.18 10.42 -28.20
CA TRP D 437 43.03 10.87 -28.98
C TRP D 437 43.33 12.25 -29.55
N VAL D 438 43.15 12.42 -30.85
CA VAL D 438 43.36 13.69 -31.52
C VAL D 438 42.05 14.11 -32.19
N SER D 439 41.76 15.41 -32.14
CA SER D 439 40.55 15.93 -32.72
C SER D 439 40.55 15.76 -34.24
N SER D 440 39.36 15.57 -34.80
CA SER D 440 39.18 15.48 -36.25
C SER D 440 38.74 16.80 -36.87
N LEU D 441 38.62 17.87 -36.06
CA LEU D 441 38.15 19.15 -36.57
C LEU D 441 39.27 20.16 -36.82
N GLU D 442 40.30 20.19 -35.97
CA GLU D 442 41.40 21.11 -36.21
C GLU D 442 42.24 20.69 -37.40
N LEU D 443 42.23 19.40 -37.75
CA LEU D 443 42.92 18.94 -38.95
C LEU D 443 42.30 19.55 -40.20
N GLU D 444 40.97 19.71 -40.22
CA GLU D 444 40.32 20.35 -41.35
C GLU D 444 40.79 21.79 -41.53
N ASP D 445 40.89 22.54 -40.42
CA ASP D 445 41.40 23.90 -40.50
C ASP D 445 42.87 23.93 -40.90
N ILE D 446 43.65 22.95 -40.44
CA ILE D 446 45.06 22.88 -40.82
C ILE D 446 45.19 22.65 -42.32
N LEU D 447 44.38 21.76 -42.88
CA LEU D 447 44.47 21.42 -44.29
C LEU D 447 43.62 22.32 -45.18
N HIS D 448 42.91 23.30 -44.61
CA HIS D 448 42.15 24.25 -45.40
C HIS D 448 42.94 25.50 -45.76
N GLN D 449 44.23 25.55 -45.41
CA GLN D 449 45.04 26.76 -45.64
C GLN D 449 45.64 26.82 -47.04
N HIS D 450 45.46 25.80 -47.87
CA HIS D 450 46.03 25.83 -49.20
C HIS D 450 45.21 26.74 -50.11
N GLN D 451 45.84 27.17 -51.21
CA GLN D 451 45.18 28.03 -52.19
C GLN D 451 44.26 27.26 -53.12
N SER D 452 44.26 25.92 -53.06
CA SER D 452 43.45 25.10 -53.94
C SER D 452 42.71 24.02 -53.15
N VAL D 453 42.17 24.41 -51.99
CA VAL D 453 41.34 23.52 -51.17
C VAL D 453 40.04 24.25 -50.85
N SER D 454 38.91 23.56 -51.01
CA SER D 454 37.61 24.14 -50.76
C SER D 454 36.98 23.62 -49.47
N GLU D 455 36.84 22.30 -49.34
CA GLU D 455 36.23 21.68 -48.17
C GLU D 455 37.09 20.52 -47.71
N VAL D 456 37.40 20.48 -46.42
CA VAL D 456 38.26 19.45 -45.83
C VAL D 456 37.44 18.66 -44.83
N ALA D 457 37.39 17.34 -45.02
CA ALA D 457 36.72 16.43 -44.10
C ALA D 457 37.70 15.35 -43.68
N VAL D 458 37.79 15.11 -42.37
CA VAL D 458 38.73 14.16 -41.80
C VAL D 458 37.95 12.98 -41.23
N ILE D 459 38.38 11.77 -41.61
CA ILE D 459 37.74 10.54 -41.16
C ILE D 459 38.82 9.56 -40.72
N GLY D 460 38.40 8.57 -39.93
CA GLY D 460 39.32 7.60 -39.36
C GLY D 460 39.00 6.18 -39.80
N MET D 461 40.09 5.46 -40.10
CA MET D 461 39.98 4.10 -40.56
C MET D 461 41.18 3.30 -39.99
N PRO D 462 41.04 1.98 -39.65
CA PRO D 462 42.14 1.28 -38.96
C PRO D 462 43.35 1.05 -39.85
N HIS D 463 44.51 1.00 -39.20
CA HIS D 463 45.75 0.53 -39.78
C HIS D 463 46.41 -0.44 -38.81
N ASN D 464 47.24 -1.31 -39.36
CA ASN D 464 47.83 -2.36 -38.55
C ASN D 464 48.76 -1.92 -37.42
N LYS D 465 49.82 -1.19 -37.74
CA LYS D 465 50.79 -0.84 -36.71
C LYS D 465 50.32 0.32 -35.84
N TRP D 466 49.71 1.34 -36.45
CA TRP D 466 49.37 2.57 -35.76
C TRP D 466 47.91 2.67 -35.39
N GLY D 467 47.15 1.58 -35.49
CA GLY D 467 45.74 1.66 -35.21
C GLY D 467 45.01 2.51 -36.24
N GLU D 468 43.89 3.09 -35.82
CA GLU D 468 43.11 3.94 -36.70
C GLU D 468 43.87 5.22 -37.00
N VAL D 469 43.92 5.59 -38.28
CA VAL D 469 44.66 6.77 -38.73
C VAL D 469 43.73 7.64 -39.55
N PRO D 470 43.99 8.94 -39.55
CA PRO D 470 43.10 9.89 -40.25
C PRO D 470 43.25 10.10 -41.76
N LEU D 471 42.20 9.92 -42.56
CA LEU D 471 42.24 10.24 -44.00
C LEU D 471 41.60 11.59 -44.24
N ALA D 472 41.89 12.26 -45.37
CA ALA D 472 41.35 13.64 -45.52
C ALA D 472 40.92 13.93 -46.96
N LEU D 473 39.96 14.82 -47.17
CA LEU D 473 39.36 14.94 -48.50
C LEU D 473 39.33 16.41 -48.90
N VAL D 474 39.78 16.70 -50.13
CA VAL D 474 39.82 18.06 -50.66
C VAL D 474 39.39 18.03 -52.12
N THR D 475 39.15 19.23 -52.67
CA THR D 475 38.79 19.41 -54.06
C THR D 475 39.77 20.37 -54.72
N LEU D 476 40.03 20.15 -56.01
CA LEU D 476 40.95 20.99 -56.76
C LEU D 476 40.25 22.27 -57.23
N LYS D 477 41.06 23.26 -57.59
CA LYS D 477 40.59 24.54 -58.08
C LYS D 477 40.75 24.61 -59.59
N GLU D 478 40.47 25.78 -60.17
CA GLU D 478 40.58 25.96 -61.61
C GLU D 478 42.04 25.96 -62.05
N ASP D 479 42.34 25.14 -63.05
CA ASP D 479 43.70 25.01 -63.60
C ASP D 479 44.71 24.67 -62.51
N ALA D 480 44.29 23.82 -61.56
CA ALA D 480 45.15 23.37 -60.46
C ALA D 480 45.06 21.85 -60.41
N GLN D 481 45.92 21.18 -61.20
CA GLN D 481 45.97 19.72 -61.21
C GLN D 481 47.08 19.21 -60.29
N VAL D 482 47.02 19.65 -59.04
CA VAL D 482 47.99 19.22 -58.04
C VAL D 482 47.66 17.80 -57.60
N THR D 483 48.68 16.95 -57.51
CA THR D 483 48.49 15.57 -57.14
C THR D 483 48.54 15.44 -55.61
N GLU D 484 48.57 14.20 -55.12
CA GLU D 484 48.66 13.98 -53.68
C GLU D 484 50.00 14.44 -53.11
N LYS D 485 51.05 14.43 -53.93
CA LYS D 485 52.38 14.82 -53.45
C LYS D 485 52.41 16.27 -53.03
N GLU D 486 51.76 17.16 -53.80
CA GLU D 486 51.77 18.58 -53.45
C GLU D 486 51.05 18.84 -52.13
N LEU D 487 49.91 18.18 -51.92
CA LEU D 487 49.18 18.38 -50.67
C LEU D 487 49.92 17.75 -49.50
N LEU D 488 50.61 16.62 -49.72
CA LEU D 488 51.45 16.04 -48.68
C LEU D 488 52.57 17.00 -48.31
N GLY D 489 53.20 17.62 -49.30
CA GLY D 489 54.23 18.61 -49.01
C GLY D 489 53.69 19.82 -48.28
N PHE D 490 52.49 20.26 -48.65
CA PHE D 490 51.85 21.37 -47.94
C PHE D 490 51.59 21.02 -46.48
N ALA D 491 51.11 19.80 -46.22
CA ALA D 491 50.90 19.37 -44.84
C ALA D 491 52.22 19.28 -44.09
N LYS D 492 53.28 18.84 -44.77
CA LYS D 492 54.61 18.82 -44.16
C LYS D 492 55.14 20.23 -43.91
N ASP D 493 54.65 21.23 -44.64
CA ASP D 493 55.17 22.58 -44.57
C ASP D 493 54.68 23.35 -43.35
N PHE D 494 53.74 22.80 -42.58
CA PHE D 494 53.27 23.47 -41.39
C PHE D 494 54.27 23.37 -40.24
N ILE D 495 53.84 23.72 -39.04
CA ILE D 495 54.72 23.62 -37.89
C ILE D 495 53.91 23.34 -36.63
N ASN D 496 54.61 23.06 -35.52
CA ASN D 496 54.00 22.86 -34.21
C ASN D 496 53.03 21.67 -34.22
N LYS D 497 53.57 20.51 -34.57
CA LYS D 497 52.81 19.25 -34.53
C LYS D 497 53.62 18.21 -33.76
N GLY D 498 52.91 17.35 -33.04
CA GLY D 498 53.51 16.36 -32.17
C GLY D 498 53.61 14.99 -32.82
N ILE D 499 53.52 13.97 -31.97
CA ILE D 499 53.64 12.54 -32.33
C ILE D 499 54.73 12.31 -33.36
N LEU D 500 54.41 11.59 -34.43
CA LEU D 500 55.39 11.23 -35.45
C LEU D 500 55.87 12.48 -36.16
N ALA D 501 57.10 12.91 -35.85
CA ALA D 501 57.73 14.08 -36.44
C ALA D 501 56.82 15.30 -36.36
N ARG D 502 56.12 15.61 -37.45
CA ARG D 502 55.20 16.75 -37.53
C ARG D 502 53.82 16.32 -37.98
N GLU D 503 53.38 15.14 -37.53
CA GLU D 503 52.10 14.55 -37.92
C GLU D 503 51.98 14.47 -39.45
N ALA D 504 53.07 14.07 -40.11
CA ALA D 504 53.04 13.80 -41.55
C ALA D 504 53.84 12.53 -41.83
N LEU D 505 53.20 11.37 -41.64
CA LEU D 505 53.76 10.11 -42.13
C LEU D 505 52.74 9.20 -42.80
N LEU D 506 51.45 9.33 -42.50
CA LEU D 506 50.41 8.53 -43.13
C LEU D 506 49.17 9.37 -43.44
N LEU D 507 49.36 10.56 -43.99
CA LEU D 507 48.23 11.43 -44.31
C LEU D 507 47.42 10.87 -45.48
N LYS D 508 48.11 10.47 -46.55
CA LYS D 508 47.48 9.87 -47.74
C LYS D 508 46.24 10.64 -48.17
N VAL D 509 46.39 11.97 -48.26
CA VAL D 509 45.27 12.83 -48.64
C VAL D 509 44.81 12.47 -50.05
N LYS D 510 43.49 12.44 -50.24
CA LYS D 510 42.90 12.07 -51.50
C LYS D 510 41.89 13.12 -51.93
N ILE D 511 41.87 13.41 -53.23
CA ILE D 511 40.93 14.35 -53.82
C ILE D 511 39.72 13.57 -54.33
N VAL D 512 38.53 14.10 -54.06
CA VAL D 512 37.28 13.50 -54.51
C VAL D 512 36.36 14.60 -55.00
N ASP D 513 35.77 14.40 -56.18
CA ASP D 513 34.91 15.43 -56.77
C ASP D 513 33.66 15.66 -55.92
N GLU D 514 33.05 14.60 -55.41
CA GLU D 514 31.80 14.68 -54.66
C GLU D 514 32.09 14.61 -53.17
N ILE D 515 31.60 15.60 -52.43
CA ILE D 515 31.75 15.66 -50.98
C ILE D 515 30.39 15.41 -50.36
N ALA D 516 30.31 14.40 -49.49
CA ALA D 516 29.04 14.00 -48.90
C ALA D 516 28.57 15.06 -47.90
N LYS D 517 27.44 15.69 -48.20
CA LYS D 517 26.82 16.67 -47.31
C LYS D 517 25.39 16.23 -47.01
N THR D 518 24.99 16.36 -45.75
CA THR D 518 23.61 16.09 -45.38
C THR D 518 22.74 17.29 -45.76
N SER D 519 21.43 17.14 -45.54
CA SER D 519 20.50 18.23 -45.84
C SER D 519 20.74 19.44 -44.95
N VAL D 520 21.21 19.21 -43.71
CA VAL D 520 21.44 20.32 -42.79
C VAL D 520 22.55 21.23 -43.30
N GLY D 521 23.65 20.64 -43.78
CA GLY D 521 24.78 21.42 -44.24
C GLY D 521 26.10 20.92 -43.68
N LYS D 522 26.03 19.97 -42.75
CA LYS D 522 27.21 19.37 -42.16
C LYS D 522 27.50 18.01 -42.80
N VAL D 523 28.78 17.69 -42.94
CA VAL D 523 29.18 16.45 -43.59
C VAL D 523 28.83 15.26 -42.71
N ASP D 524 28.26 14.24 -43.32
CA ASP D 524 27.91 13.00 -42.61
C ASP D 524 29.15 12.13 -42.52
N LYS D 525 29.74 12.04 -41.32
CA LYS D 525 30.99 11.29 -41.17
C LYS D 525 30.75 9.80 -41.27
N LYS D 526 29.62 9.31 -40.76
CA LYS D 526 29.30 7.89 -40.88
C LYS D 526 29.01 7.51 -42.32
N GLU D 527 28.35 8.40 -43.07
CA GLU D 527 28.13 8.14 -44.49
C GLU D 527 29.47 8.07 -45.24
N LEU D 528 30.41 8.95 -44.89
CA LEU D 528 31.73 8.89 -45.50
C LEU D 528 32.44 7.59 -45.13
N ARG D 529 32.31 7.16 -43.88
CA ARG D 529 32.90 5.88 -43.46
C ARG D 529 32.33 4.72 -44.27
N LYS D 530 31.01 4.70 -44.45
CA LYS D 530 30.39 3.63 -45.22
C LYS D 530 30.80 3.69 -46.69
N LEU D 531 30.91 4.89 -47.25
CA LEU D 531 31.19 5.02 -48.69
C LEU D 531 32.64 4.66 -49.00
N HIS D 532 33.59 5.17 -48.22
CA HIS D 532 34.99 4.96 -48.54
C HIS D 532 35.55 3.64 -48.02
N LEU D 533 34.74 2.92 -47.22
CA LEU D 533 35.12 1.59 -46.71
C LEU D 533 33.94 0.58 -46.70
N TYR E 4 18.75 8.62 1.05
CA TYR E 4 18.10 9.18 -0.13
C TYR E 4 18.64 8.56 -1.41
N VAL E 5 17.74 8.14 -2.29
CA VAL E 5 18.09 7.67 -3.62
C VAL E 5 18.06 8.88 -4.55
N ASN E 6 19.24 9.32 -4.99
CA ASN E 6 19.34 10.59 -5.69
C ASN E 6 18.57 10.57 -7.00
N ASP E 7 18.66 9.45 -7.76
CA ASP E 7 18.14 9.41 -9.12
C ASP E 7 18.73 10.58 -9.89
N PRO E 8 20.02 10.49 -10.27
CA PRO E 8 20.74 11.69 -10.73
C PRO E 8 20.07 12.45 -11.86
N SER E 9 19.22 11.80 -12.66
CA SER E 9 18.45 12.54 -13.65
C SER E 9 17.36 13.39 -13.02
N ASN E 10 16.92 13.04 -11.81
CA ASN E 10 15.90 13.79 -11.09
C ASN E 10 16.60 14.89 -10.29
N TYR E 11 16.66 16.09 -10.85
CA TYR E 11 17.38 17.19 -10.23
C TYR E 11 16.62 17.71 -9.00
N GLN E 12 17.33 17.88 -7.90
CA GLN E 12 16.80 18.48 -6.69
C GLN E 12 17.37 19.88 -6.52
N LEU E 13 16.51 20.85 -6.25
CA LEU E 13 16.93 22.24 -6.05
C LEU E 13 17.45 22.38 -4.62
N LEU E 14 18.77 22.40 -4.48
CA LEU E 14 19.43 22.43 -3.18
C LEU E 14 20.32 23.65 -3.06
N ILE E 15 20.48 24.14 -1.82
CA ILE E 15 21.32 25.29 -1.57
C ILE E 15 22.78 25.00 -1.93
N LYS E 16 23.19 23.74 -1.83
CA LYS E 16 24.53 23.36 -2.28
C LYS E 16 24.71 23.63 -3.76
N ASN E 17 23.62 23.61 -4.54
CA ASN E 17 23.71 23.98 -5.94
C ASN E 17 23.81 25.49 -6.12
N LEU E 18 23.25 26.26 -5.18
CA LEU E 18 23.50 27.70 -5.17
C LEU E 18 24.97 28.00 -4.91
N LEU E 19 25.58 27.25 -4.00
CA LEU E 19 26.99 27.48 -3.68
C LEU E 19 27.91 26.98 -4.78
N PHE E 20 27.67 25.79 -5.30
CA PHE E 20 28.62 25.11 -6.18
C PHE E 20 28.23 25.13 -7.65
N SER E 21 27.03 25.59 -8.00
CA SER E 21 26.63 25.81 -9.38
C SER E 21 26.09 27.23 -9.54
N PRO E 22 26.92 28.23 -9.30
CA PRO E 22 26.44 29.62 -9.29
C PRO E 22 26.33 30.19 -10.68
N VAL E 23 25.80 31.41 -10.76
CA VAL E 23 25.85 32.17 -12.00
C VAL E 23 27.30 32.46 -12.38
N ALA E 24 28.10 32.89 -11.41
CA ALA E 24 29.51 33.15 -11.62
C ALA E 24 30.27 32.79 -10.34
N PHE E 25 31.50 32.32 -10.51
CA PHE E 25 32.37 32.02 -9.38
C PHE E 25 33.77 32.55 -9.69
N ASN E 26 34.22 33.53 -8.91
CA ASN E 26 35.61 33.97 -8.95
C ASN E 26 36.29 33.52 -7.67
N PRO E 27 37.21 32.56 -7.71
CA PRO E 27 37.84 32.09 -6.48
C PRO E 27 38.64 33.15 -5.75
N GLU E 28 39.05 34.21 -6.44
CA GLU E 28 39.79 35.31 -5.82
C GLU E 28 38.89 36.46 -5.41
N GLN E 29 37.58 36.35 -5.62
CA GLN E 29 36.66 37.36 -5.12
C GLN E 29 36.60 37.31 -3.60
N GLU E 30 36.45 38.47 -2.99
CA GLU E 30 36.63 38.62 -1.55
C GLU E 30 35.30 38.55 -0.81
N ILE E 31 35.33 37.92 0.36
CA ILE E 31 34.27 38.03 1.36
C ILE E 31 34.84 38.84 2.52
N VAL E 32 34.28 40.03 2.74
CA VAL E 32 34.82 40.99 3.68
C VAL E 32 33.89 41.06 4.88
N TYR E 33 34.46 40.89 6.07
CA TYR E 33 33.74 41.06 7.33
C TYR E 33 34.27 42.33 8.00
N ALA E 34 33.64 43.46 7.67
CA ALA E 34 33.99 44.77 8.22
C ALA E 34 35.49 45.01 8.16
N ASN E 35 36.10 45.33 9.30
CA ASN E 35 37.54 45.47 9.41
C ASN E 35 38.18 44.33 10.18
N HIS E 36 37.41 43.28 10.50
CA HIS E 36 37.91 42.14 11.26
C HIS E 36 38.58 41.09 10.38
N ARG E 37 37.89 40.63 9.34
CA ARG E 37 38.34 39.50 8.55
C ARG E 37 38.13 39.80 7.08
N ARG E 38 38.91 39.13 6.24
CA ARG E 38 38.80 39.28 4.79
C ARG E 38 39.44 38.06 4.14
N HIS E 39 38.65 37.27 3.42
CA HIS E 39 39.14 36.10 2.71
C HIS E 39 38.48 36.02 1.35
N SER E 40 38.89 35.02 0.57
CA SER E 40 38.41 34.87 -0.79
C SER E 40 37.24 33.89 -0.85
N TYR E 41 36.64 33.79 -2.04
CA TYR E 41 35.54 32.85 -2.25
C TYR E 41 36.02 31.41 -2.16
N LYS E 42 37.25 31.13 -2.58
CA LYS E 42 37.83 29.81 -2.38
C LYS E 42 37.96 29.49 -0.89
N THR E 43 38.44 30.45 -0.11
CA THR E 43 38.47 30.29 1.33
C THR E 43 37.07 30.19 1.91
N PHE E 44 36.10 30.89 1.33
CA PHE E 44 34.72 30.78 1.80
C PHE E 44 34.18 29.37 1.60
N HIS E 45 34.46 28.80 0.46
CA HIS E 45 34.07 27.44 0.11
C HIS E 45 34.72 26.39 1.00
N ASP E 46 35.99 26.57 1.26
CA ASP E 46 36.69 25.75 2.23
C ASP E 46 36.15 25.87 3.64
N ARG E 47 35.88 27.09 4.10
CA ARG E 47 35.32 27.26 5.42
C ARG E 47 33.93 26.67 5.54
N VAL E 48 33.14 26.69 4.46
CA VAL E 48 31.85 26.01 4.47
C VAL E 48 32.04 24.51 4.66
N ARG E 49 33.00 23.93 3.94
CA ARG E 49 33.28 22.51 4.11
C ARG E 49 33.82 22.21 5.51
N GLN E 50 34.67 23.09 6.04
CA GLN E 50 35.17 22.92 7.40
C GLN E 50 34.05 22.99 8.42
N PHE E 51 33.10 23.91 8.22
CA PHE E 51 31.95 24.02 9.13
C PHE E 51 31.07 22.79 9.03
N ALA E 52 30.90 22.24 7.83
CA ALA E 52 30.16 20.99 7.69
C ALA E 52 30.85 19.86 8.45
N ASN E 53 32.18 19.77 8.34
CA ASN E 53 32.92 18.77 9.08
C ASN E 53 32.77 18.96 10.59
N ALA E 54 32.86 20.21 11.06
CA ALA E 54 32.72 20.48 12.48
C ALA E 54 31.32 20.15 12.99
N LEU E 55 30.30 20.45 12.19
CA LEU E 55 28.93 20.13 12.58
C LEU E 55 28.72 18.63 12.64
N THR E 56 29.29 17.89 11.68
CA THR E 56 29.21 16.43 11.75
C THR E 56 29.93 15.90 12.97
N LYS E 57 31.09 16.46 13.30
CA LYS E 57 31.82 16.05 14.50
C LYS E 57 31.04 16.35 15.77
N MET E 58 30.30 17.46 15.80
CA MET E 58 29.47 17.82 16.93
C MET E 58 28.24 16.94 17.06
N GLY E 59 27.96 16.10 16.08
CA GLY E 59 26.79 15.25 16.11
C GLY E 59 25.57 15.79 15.41
N VAL E 60 25.71 16.85 14.64
CA VAL E 60 24.57 17.40 13.89
C VAL E 60 24.26 16.46 12.72
N LYS E 61 23.04 15.96 12.69
CA LYS E 61 22.57 15.07 11.65
C LYS E 61 21.51 15.78 10.81
N LYS E 62 21.09 15.11 9.73
CA LYS E 62 20.00 15.64 8.93
C LYS E 62 18.73 15.72 9.78
N GLY E 63 18.04 16.86 9.69
CA GLY E 63 16.87 17.12 10.49
C GLY E 63 17.14 17.83 11.79
N ASP E 64 18.41 18.03 12.16
CA ASP E 64 18.74 18.75 13.38
C ASP E 64 18.59 20.25 13.18
N THR E 65 18.56 20.99 14.28
CA THR E 65 18.40 22.44 14.25
C THR E 65 19.62 23.08 14.89
N VAL E 66 20.32 23.91 14.12
CA VAL E 66 21.44 24.69 14.61
C VAL E 66 21.00 26.15 14.65
N ALA E 67 20.91 26.71 15.85
CA ALA E 67 20.50 28.09 16.04
C ALA E 67 21.71 29.01 16.03
N VAL E 68 21.53 30.21 15.49
CA VAL E 68 22.59 31.20 15.38
C VAL E 68 22.11 32.51 16.00
N MET E 69 22.93 33.08 16.88
CA MET E 69 22.71 34.39 17.49
C MET E 69 23.95 35.22 17.16
N ASP E 70 23.89 35.96 16.05
CA ASP E 70 25.08 36.66 15.55
C ASP E 70 24.64 37.91 14.80
N TYR E 71 25.61 38.79 14.58
CA TYR E 71 25.44 39.93 13.69
C TYR E 71 25.69 39.50 12.25
N ASP E 72 25.67 40.46 11.37
CA ASP E 72 25.91 40.17 9.98
C ASP E 72 27.39 39.98 9.79
N SER E 73 27.80 38.77 9.56
CA SER E 73 29.21 38.45 9.50
C SER E 73 29.44 37.37 8.45
N HIS E 74 30.72 37.09 8.20
CA HIS E 74 31.07 35.95 7.36
C HIS E 74 30.60 34.64 7.97
N ARG E 75 30.59 34.55 9.30
CA ARG E 75 30.12 33.34 9.97
C ARG E 75 28.65 33.10 9.67
N TYR E 76 27.86 34.14 9.62
CA TYR E 76 26.45 34.03 9.31
C TYR E 76 26.26 33.59 7.88
N LEU E 77 27.08 34.10 7.00
CA LEU E 77 27.03 33.67 5.61
C LEU E 77 27.37 32.19 5.48
N GLU E 78 28.36 31.73 6.25
CA GLU E 78 28.71 30.31 6.23
C GLU E 78 27.62 29.45 6.87
N CYS E 79 26.91 29.99 7.85
CA CYS E 79 25.79 29.28 8.44
C CYS E 79 24.61 29.19 7.48
N TYR E 80 24.45 30.20 6.63
CA TYR E 80 23.40 30.16 5.60
C TYR E 80 23.56 28.99 4.65
N PHE E 81 24.77 28.46 4.51
CA PHE E 81 25.05 27.39 3.57
C PHE E 81 25.34 26.06 4.25
N ALA E 82 26.33 26.01 5.14
CA ALA E 82 26.80 24.74 5.67
C ALA E 82 25.72 24.01 6.46
N ILE E 83 24.98 24.73 7.30
CA ILE E 83 23.93 24.07 8.10
C ILE E 83 22.84 23.50 7.21
N PRO E 84 22.22 24.25 6.29
CA PRO E 84 21.24 23.61 5.39
C PRO E 84 21.82 22.51 4.51
N MET E 85 23.05 22.68 4.04
CA MET E 85 23.60 21.75 3.05
C MET E 85 23.87 20.36 3.62
N ILE E 86 24.13 20.26 4.93
CA ILE E 86 24.28 18.95 5.56
C ILE E 86 22.94 18.36 5.98
N GLY E 87 21.83 19.05 5.69
CA GLY E 87 20.51 18.54 5.99
C GLY E 87 19.89 19.06 7.27
N ALA E 88 20.55 19.97 7.97
CA ALA E 88 20.03 20.54 9.20
C ALA E 88 19.24 21.81 8.91
N LYS E 89 18.34 22.14 9.83
CA LYS E 89 17.57 23.37 9.74
C LYS E 89 18.33 24.48 10.45
N LEU E 90 18.54 25.59 9.75
CA LEU E 90 19.17 26.77 10.33
C LEU E 90 18.09 27.61 11.00
N HIS E 91 18.19 27.76 12.32
CA HIS E 91 17.26 28.59 13.07
C HIS E 91 17.91 29.94 13.31
N MET E 92 17.39 30.98 12.66
CA MET E 92 17.89 32.33 12.83
C MET E 92 17.12 32.98 13.98
N ILE E 93 17.83 33.26 15.07
CA ILE E 93 17.21 33.80 16.27
C ILE E 93 17.21 35.32 16.19
N ASN E 94 16.02 35.92 16.29
CA ASN E 94 15.88 37.36 16.35
C ASN E 94 16.43 37.84 17.68
N VAL E 95 17.65 38.41 17.66
CA VAL E 95 18.29 38.82 18.90
C VAL E 95 17.65 40.07 19.48
N ARG E 96 16.83 40.78 18.71
CA ARG E 96 16.15 41.96 19.23
C ARG E 96 14.86 41.61 19.96
N LEU E 97 14.44 40.34 19.93
CA LEU E 97 13.30 39.93 20.72
C LEU E 97 13.64 39.93 22.20
N SER E 98 12.60 39.95 23.03
CA SER E 98 12.80 39.87 24.46
C SER E 98 13.39 38.50 24.82
N PRO E 99 14.17 38.43 25.91
CA PRO E 99 14.74 37.14 26.30
C PRO E 99 13.70 36.05 26.51
N GLU E 100 12.51 36.40 27.01
CA GLU E 100 11.44 35.42 27.12
C GLU E 100 11.02 34.91 25.75
N GLN E 101 10.88 35.82 24.78
CA GLN E 101 10.51 35.41 23.43
C GLN E 101 11.60 34.57 22.78
N ILE E 102 12.86 34.95 22.97
CA ILE E 102 13.97 34.16 22.43
C ILE E 102 13.99 32.76 23.03
N LEU E 103 13.77 32.68 24.34
CA LEU E 103 13.71 31.38 25.01
C LEU E 103 12.54 30.54 24.48
N TYR E 104 11.39 31.18 24.27
CA TYR E 104 10.26 30.47 23.70
C TYR E 104 10.59 29.91 22.33
N THR E 105 11.24 30.71 21.48
CA THR E 105 11.57 30.25 20.14
C THR E 105 12.60 29.13 20.17
N ILE E 106 13.56 29.21 21.09
CA ILE E 106 14.56 28.15 21.21
C ILE E 106 13.90 26.86 21.66
N ASP E 107 13.01 26.92 22.65
CA ASP E 107 12.32 25.73 23.12
C ASP E 107 11.39 25.17 22.05
N HIS E 108 10.72 26.06 21.29
CA HIS E 108 9.79 25.63 20.26
C HIS E 108 10.50 24.96 19.10
N ALA E 109 11.61 25.54 18.65
CA ALA E 109 12.38 24.94 17.55
C ALA E 109 13.18 23.73 17.98
N GLU E 110 13.44 23.58 19.28
CA GLU E 110 14.24 22.48 19.82
C GLU E 110 15.63 22.45 19.17
N ASP E 111 16.33 23.56 19.31
CA ASP E 111 17.66 23.69 18.73
C ASP E 111 18.64 22.74 19.42
N ASP E 112 19.48 22.09 18.62
CA ASP E 112 20.48 21.18 19.18
C ASP E 112 21.72 21.95 19.63
N ILE E 113 22.17 22.91 18.82
CA ILE E 113 23.37 23.69 19.11
C ILE E 113 23.09 25.15 18.76
N ILE E 114 23.55 26.05 19.62
CA ILE E 114 23.36 27.48 19.44
C ILE E 114 24.73 28.11 19.17
N LEU E 115 24.85 28.81 18.05
CA LEU E 115 26.02 29.61 17.73
C LEU E 115 25.68 31.05 18.13
N ILE E 116 26.20 31.47 19.27
CA ILE E 116 25.82 32.75 19.87
C ILE E 116 27.06 33.63 19.94
N HIS E 117 26.94 34.86 19.48
CA HIS E 117 28.01 35.84 19.63
C HIS E 117 28.19 36.20 21.10
N GLU E 118 29.42 36.54 21.46
CA GLU E 118 29.74 36.83 22.86
C GLU E 118 28.98 38.04 23.40
N GLU E 119 28.53 38.94 22.52
CA GLU E 119 27.78 40.12 22.96
C GLU E 119 26.34 39.79 23.32
N PHE E 120 25.82 38.64 22.87
CA PHE E 120 24.49 38.20 23.24
C PHE E 120 24.50 37.24 24.43
N LEU E 121 25.67 36.98 25.01
CA LEU E 121 25.74 36.17 26.22
C LEU E 121 24.91 36.73 27.37
N PRO E 122 24.83 38.06 27.60
CA PRO E 122 23.91 38.54 28.63
C PRO E 122 22.46 38.12 28.39
N ILE E 123 22.03 38.05 27.14
CA ILE E 123 20.68 37.55 26.85
C ILE E 123 20.58 36.07 27.23
N LEU E 124 21.59 35.27 26.89
CA LEU E 124 21.55 33.85 27.18
C LEU E 124 21.55 33.58 28.68
N ASP E 125 22.29 34.38 29.45
CA ASP E 125 22.41 34.15 30.89
C ASP E 125 21.06 34.27 31.59
N GLN E 126 20.14 35.05 31.03
CA GLN E 126 18.81 35.17 31.61
C GLN E 126 17.94 33.96 31.33
N ILE E 127 18.21 33.21 30.26
CA ILE E 127 17.33 32.13 29.83
C ILE E 127 18.06 30.80 29.69
N LYS E 128 19.34 30.72 30.04
CA LYS E 128 20.09 29.49 29.83
C LYS E 128 19.56 28.34 30.67
N GLY E 129 19.15 28.63 31.92
CA GLY E 129 18.67 27.58 32.80
C GLY E 129 17.37 26.95 32.35
N ARG E 130 16.57 27.67 31.57
CA ARG E 130 15.29 27.17 31.10
C ARG E 130 15.38 26.57 29.70
N ILE E 131 16.58 26.38 29.18
CA ILE E 131 16.81 25.69 27.91
C ILE E 131 17.15 24.25 28.23
N ASP E 132 16.31 23.32 27.76
CA ASP E 132 16.47 21.90 28.04
C ASP E 132 16.90 21.11 26.81
N THR E 133 17.13 21.77 25.69
CA THR E 133 17.30 21.08 24.42
C THR E 133 18.63 21.34 23.72
N VAL E 134 19.45 22.26 24.21
CA VAL E 134 20.70 22.63 23.56
C VAL E 134 21.84 21.87 24.25
N THR E 135 22.60 21.11 23.47
CA THR E 135 23.70 20.31 23.99
C THR E 135 25.06 20.98 23.83
N ARG E 136 25.14 22.10 23.14
CA ARG E 136 26.41 22.75 22.90
C ARG E 136 26.19 24.22 22.55
N TYR E 137 27.00 25.09 23.17
CA TYR E 137 27.01 26.51 22.85
C TYR E 137 28.37 26.84 22.25
N VAL E 138 28.36 27.44 21.06
CA VAL E 138 29.58 27.91 20.41
C VAL E 138 29.56 29.43 20.48
N VAL E 139 30.55 30.00 21.16
CA VAL E 139 30.61 31.44 21.37
C VAL E 139 31.40 32.06 20.22
N LEU E 140 30.78 33.00 19.52
CA LEU E 140 31.39 33.66 18.38
C LEU E 140 32.01 34.98 18.81
N ARG E 141 33.24 35.22 18.38
CA ARG E 141 33.97 36.44 18.69
C ARG E 141 34.62 36.97 17.43
N ASP E 142 34.87 38.27 17.40
CA ASP E 142 35.54 38.89 16.27
C ASP E 142 37.06 38.87 16.39
N ASP E 143 37.59 38.40 17.52
CA ASP E 143 39.02 38.25 17.72
C ASP E 143 39.44 36.82 17.34
N GLU E 144 40.67 36.45 17.70
CA GLU E 144 41.18 35.12 17.42
C GLU E 144 40.69 34.07 18.40
N GLU E 145 39.97 34.47 19.45
CA GLU E 145 39.49 33.55 20.46
C GLU E 145 38.11 32.98 20.15
N CYS E 146 37.59 33.22 18.95
CA CYS E 146 36.28 32.71 18.58
C CYS E 146 36.27 31.19 18.61
N GLU E 147 35.26 30.62 19.25
CA GLU E 147 35.14 29.16 19.31
C GLU E 147 34.74 28.59 17.95
N TYR E 148 33.97 29.35 17.17
CA TYR E 148 33.63 28.92 15.81
C TYR E 148 34.88 28.80 14.94
N GLU E 149 35.78 29.78 15.04
CA GLU E 149 37.02 29.72 14.27
C GLU E 149 37.88 28.54 14.70
N ARG E 150 37.96 28.29 16.01
CA ARG E 150 38.74 27.16 16.50
C ARG E 150 38.14 25.84 16.05
N LEU E 151 36.81 25.73 16.06
CA LEU E 151 36.16 24.53 15.58
C LEU E 151 36.39 24.33 14.09
N LEU E 152 36.47 25.43 13.33
CA LEU E 152 36.68 25.31 11.89
C LEU E 152 38.11 24.94 11.55
N GLU E 153 39.09 25.50 12.27
CA GLU E 153 40.48 25.27 11.88
C GLU E 153 40.98 23.87 12.25
N GLN E 154 40.24 23.12 13.06
CA GLN E 154 40.62 21.75 13.38
C GLN E 154 40.01 20.74 12.43
N GLU E 155 39.30 21.20 11.40
CA GLU E 155 38.64 20.32 10.45
C GLU E 155 39.27 20.48 9.07
N SER E 156 39.05 19.48 8.22
CA SER E 156 39.54 19.53 6.86
C SER E 156 38.61 20.35 5.98
N THR E 157 39.17 20.86 4.87
CA THR E 157 38.40 21.62 3.90
C THR E 157 37.79 20.72 2.82
N GLU E 158 37.56 19.45 3.12
CA GLU E 158 36.95 18.51 2.19
C GLU E 158 35.65 17.99 2.79
N TYR E 159 34.59 18.03 2.00
CA TYR E 159 33.30 17.53 2.45
C TYR E 159 32.45 17.17 1.24
N ASN E 160 31.81 16.00 1.29
CA ASN E 160 30.90 15.56 0.24
C ASN E 160 29.48 15.81 0.74
N PHE E 161 28.88 16.89 0.26
CA PHE E 161 27.57 17.29 0.77
C PHE E 161 26.49 16.37 0.26
N PRO E 162 25.58 15.91 1.10
CA PRO E 162 24.59 14.91 0.68
C PRO E 162 23.57 15.47 -0.30
N ASP E 163 22.96 14.56 -1.04
CA ASP E 163 21.82 14.92 -1.87
C ASP E 163 20.65 14.46 -1.06
N PHE E 164 19.61 15.23 -0.97
CA PHE E 164 18.37 14.87 -0.31
C PHE E 164 17.21 15.52 -1.06
N ASP E 165 16.00 15.26 -0.58
CA ASP E 165 14.82 15.86 -1.17
C ASP E 165 14.89 17.37 -1.07
N GLU E 166 14.47 18.06 -2.15
CA GLU E 166 14.50 19.51 -2.17
C GLU E 166 13.48 20.13 -1.24
N ASN E 167 12.47 19.37 -0.81
CA ASN E 167 11.49 19.85 0.15
C ASN E 167 11.96 19.66 1.58
N THR E 168 13.23 19.34 1.80
CA THR E 168 13.80 19.32 3.14
C THR E 168 13.87 20.74 3.67
N VAL E 169 13.42 20.93 4.91
CA VAL E 169 13.42 22.26 5.50
C VAL E 169 14.85 22.69 5.77
N ALA E 170 15.23 23.86 5.24
CA ALA E 170 16.58 24.39 5.37
C ALA E 170 16.71 25.47 6.42
N THR E 171 15.75 26.39 6.49
CA THR E 171 15.84 27.53 7.40
C THR E 171 14.52 27.68 8.15
N THR E 172 14.61 28.20 9.36
CA THR E 172 13.43 28.56 10.13
C THR E 172 13.76 29.76 11.00
N PHE E 173 12.73 30.56 11.28
CA PHE E 173 12.84 31.69 12.19
C PHE E 173 11.43 32.05 12.63
N TYR E 174 11.35 32.91 13.64
CA TYR E 174 10.09 33.19 14.31
C TYR E 174 9.72 34.65 14.12
N THR E 175 8.48 34.81 13.88
CA THR E 175 7.84 36.06 13.61
C THR E 175 6.98 36.46 14.65
N THR E 176 7.12 37.63 15.07
CA THR E 176 6.20 38.20 16.05
C THR E 176 5.30 39.12 15.40
N GLY E 177 4.12 38.73 15.13
CA GLY E 177 3.11 39.49 14.44
C GLY E 177 1.96 39.91 15.33
N THR E 178 0.79 39.31 15.13
CA THR E 178 -0.42 39.62 15.89
C THR E 178 -0.87 38.41 16.69
N THR E 179 0.09 37.60 17.12
CA THR E 179 -0.18 36.42 17.92
C THR E 179 0.39 36.62 19.32
N GLY E 180 -0.07 35.79 20.26
CA GLY E 180 0.44 35.84 21.60
C GLY E 180 1.84 35.31 21.78
N PHE E 181 2.31 34.50 20.85
CA PHE E 181 3.65 33.95 20.87
C PHE E 181 4.26 34.06 19.48
N PRO E 182 5.59 34.10 19.38
CA PRO E 182 6.22 34.15 18.06
C PRO E 182 5.83 32.94 17.21
N LYS E 183 5.65 33.19 15.92
CA LYS E 183 5.19 32.17 14.99
C LYS E 183 6.35 31.68 14.14
N GLY E 184 6.55 30.37 14.11
CA GLY E 184 7.66 29.79 13.37
C GLY E 184 7.34 29.54 11.91
N VAL E 185 8.04 30.25 11.03
CA VAL E 185 7.96 30.02 9.59
C VAL E 185 9.21 29.28 9.16
N PHE E 186 9.08 28.43 8.15
CA PHE E 186 10.18 27.58 7.70
C PHE E 186 10.18 27.53 6.18
N PHE E 187 11.35 27.25 5.62
CA PHE E 187 11.52 27.23 4.19
C PHE E 187 12.42 26.07 3.80
N THR E 188 12.13 25.48 2.65
CA THR E 188 12.89 24.34 2.15
C THR E 188 14.02 24.81 1.24
N HIS E 189 14.87 23.85 0.86
CA HIS E 189 15.95 24.16 -0.09
C HIS E 189 15.37 24.61 -1.42
N ARG E 190 14.32 23.94 -1.89
CA ARG E 190 13.70 24.31 -3.15
C ARG E 190 13.16 25.73 -3.10
N GLN E 191 12.50 26.10 -2.00
CA GLN E 191 11.93 27.43 -1.88
C GLN E 191 13.00 28.51 -1.90
N LEU E 192 14.12 28.28 -1.19
CA LEU E 192 15.18 29.27 -1.17
C LEU E 192 15.88 29.38 -2.52
N VAL E 193 16.11 28.25 -3.19
CA VAL E 193 16.70 28.28 -4.52
C VAL E 193 15.78 29.01 -5.49
N LEU E 194 14.48 28.73 -5.42
CA LEU E 194 13.52 29.40 -6.29
C LEU E 194 13.42 30.88 -5.98
N HIS E 195 13.52 31.26 -4.71
CA HIS E 195 13.52 32.67 -4.35
C HIS E 195 14.72 33.38 -4.95
N THR E 196 15.91 32.76 -4.84
CA THR E 196 17.11 33.34 -5.42
C THR E 196 16.95 33.50 -6.93
N MET E 197 16.50 32.44 -7.61
CA MET E 197 16.36 32.51 -9.07
C MET E 197 15.32 33.53 -9.48
N GLY E 198 14.18 33.57 -8.80
CA GLY E 198 13.12 34.50 -9.18
C GLY E 198 13.50 35.94 -8.97
N ILE E 199 14.10 36.26 -7.82
CA ILE E 199 14.49 37.64 -7.59
C ILE E 199 15.63 38.05 -8.51
N LEU E 200 16.55 37.12 -8.82
CA LEU E 200 17.60 37.45 -9.77
C LEU E 200 17.05 37.68 -11.16
N SER E 201 16.05 36.89 -11.56
CA SER E 201 15.40 37.12 -12.85
C SER E 201 14.62 38.43 -12.87
N THR E 202 14.07 38.84 -11.73
CA THR E 202 13.28 40.06 -11.67
C THR E 202 14.16 41.31 -11.69
N ILE E 203 15.11 41.40 -10.76
CA ILE E 203 15.91 42.61 -10.63
C ILE E 203 17.21 42.56 -11.43
N GLY E 204 17.69 41.36 -11.77
CA GLY E 204 18.85 41.27 -12.64
C GLY E 204 18.56 41.77 -14.04
N THR E 205 17.36 41.49 -14.54
CA THR E 205 16.98 41.83 -15.91
C THR E 205 16.46 43.25 -16.04
N ASN E 206 16.65 44.09 -15.02
CA ASN E 206 16.33 45.52 -15.16
C ASN E 206 17.19 46.14 -16.24
N ALA E 207 16.60 47.07 -16.99
CA ALA E 207 17.34 47.72 -18.06
C ALA E 207 18.48 48.57 -17.51
N SER E 208 18.15 49.60 -16.72
CA SER E 208 19.16 50.48 -16.15
C SER E 208 19.09 50.54 -14.63
N GLN E 209 17.91 50.74 -14.05
CA GLN E 209 17.76 51.08 -12.65
C GLN E 209 17.48 49.84 -11.80
N GLY E 210 17.98 49.87 -10.57
CA GLY E 210 17.68 48.85 -9.59
C GLY E 210 18.19 47.46 -9.92
N ARG E 211 19.39 47.37 -10.50
CA ARG E 211 19.96 46.08 -10.89
C ARG E 211 20.80 45.50 -9.76
N LEU E 212 20.69 44.20 -9.58
CA LEU E 212 21.68 43.42 -8.84
C LEU E 212 22.39 42.53 -9.86
N HIS E 213 23.59 42.92 -10.25
CA HIS E 213 24.32 42.23 -11.30
C HIS E 213 25.66 41.72 -10.78
N GLN E 214 26.40 41.07 -11.66
CA GLN E 214 27.62 40.37 -11.27
C GLN E 214 28.77 41.31 -10.94
N GLY E 215 28.66 42.59 -11.31
CA GLY E 215 29.66 43.56 -10.97
C GLY E 215 29.39 44.34 -9.70
N ASP E 216 28.27 44.07 -9.03
CA ASP E 216 27.91 44.80 -7.83
C ASP E 216 28.76 44.35 -6.64
N ILE E 217 28.79 45.18 -5.62
CA ILE E 217 29.43 44.86 -4.34
C ILE E 217 28.36 44.92 -3.28
N TYR E 218 28.14 43.80 -2.60
CA TYR E 218 26.98 43.61 -1.73
C TYR E 218 27.35 43.86 -0.27
N MET E 219 26.55 44.69 0.39
CA MET E 219 26.64 44.85 1.85
C MET E 219 25.24 44.85 2.44
N PRO E 220 24.88 43.84 3.23
CA PRO E 220 23.57 43.86 3.89
C PRO E 220 23.53 44.89 5.01
N ILE E 221 22.38 45.55 5.14
CA ILE E 221 22.14 46.42 6.29
C ILE E 221 20.81 46.03 6.91
N THR E 222 20.28 44.87 6.52
CA THR E 222 19.20 44.28 7.28
C THR E 222 19.71 43.03 7.98
N PRO E 223 19.23 42.73 9.18
CA PRO E 223 19.78 41.62 9.95
C PRO E 223 19.65 40.30 9.22
N MET E 224 20.65 39.44 9.38
CA MET E 224 20.64 38.11 8.78
C MET E 224 19.77 37.13 9.55
N PHE E 225 19.31 37.49 10.75
CA PHE E 225 18.33 36.68 11.45
C PHE E 225 16.89 36.99 11.04
N HIS E 226 16.70 38.01 10.21
CA HIS E 226 15.42 38.32 9.60
C HIS E 226 15.19 37.36 8.44
N VAL E 227 14.31 37.71 7.52
CA VAL E 227 13.91 36.74 6.50
C VAL E 227 15.05 36.55 5.52
N HIS E 228 15.97 35.64 5.87
CA HIS E 228 17.14 35.32 5.05
C HIS E 228 17.89 36.57 4.60
N ALA E 229 17.82 37.63 5.41
CA ALA E 229 18.28 38.96 5.00
C ALA E 229 17.69 39.34 3.64
N TRP E 230 16.41 39.04 3.48
CA TRP E 230 15.66 39.27 2.24
C TRP E 230 16.21 38.43 1.08
N GLY E 231 16.91 37.34 1.41
CA GLY E 231 17.46 36.44 0.43
C GLY E 231 18.67 36.95 -0.32
N LEU E 232 19.16 38.13 0.01
CA LEU E 232 20.27 38.75 -0.71
C LEU E 232 21.61 38.08 -0.51
N PRO E 233 21.94 37.52 0.66
CA PRO E 233 23.20 36.75 0.74
C PRO E 233 23.26 35.59 -0.22
N TYR E 234 22.15 34.86 -0.40
CA TYR E 234 22.12 33.76 -1.34
C TYR E 234 22.32 34.26 -2.77
N MET E 235 21.63 35.34 -3.14
CA MET E 235 21.75 35.89 -4.48
C MET E 235 23.16 36.42 -4.74
N ALA E 236 23.74 37.08 -3.74
CA ALA E 236 25.09 37.63 -3.88
C ALA E 236 26.12 36.52 -4.01
N THR E 237 25.95 35.43 -3.25
CA THR E 237 26.84 34.29 -3.41
C THR E 237 26.68 33.64 -4.77
N MET E 238 25.43 33.51 -5.24
CA MET E 238 25.20 32.86 -6.52
C MET E 238 25.70 33.71 -7.67
N LEU E 239 25.74 35.04 -7.49
CA LEU E 239 26.34 35.93 -8.48
C LEU E 239 27.84 36.04 -8.36
N GLY E 240 28.42 35.52 -7.28
CA GLY E 240 29.87 35.57 -7.10
C GLY E 240 30.42 36.95 -6.83
N VAL E 241 29.60 37.87 -6.34
CA VAL E 241 30.01 39.25 -6.17
C VAL E 241 30.76 39.42 -4.85
N LYS E 242 31.48 40.52 -4.72
CA LYS E 242 32.14 40.85 -3.47
C LYS E 242 31.11 41.14 -2.39
N GLN E 243 31.23 40.45 -1.26
CA GLN E 243 30.28 40.57 -0.16
C GLN E 243 30.98 41.19 1.04
N VAL E 244 30.42 42.30 1.52
CA VAL E 244 30.94 43.00 2.69
C VAL E 244 29.91 42.88 3.82
N TYR E 245 30.34 42.33 4.95
CA TYR E 245 29.45 42.17 6.09
C TYR E 245 29.90 43.10 7.20
N PRO E 246 29.01 43.97 7.70
CA PRO E 246 29.45 45.04 8.62
C PRO E 246 29.44 44.70 10.10
N GLY E 247 28.88 43.55 10.49
CA GLY E 247 28.76 43.28 11.92
C GLY E 247 27.64 44.09 12.53
N LYS E 248 27.88 44.59 13.75
CA LYS E 248 26.90 45.46 14.39
C LYS E 248 26.76 46.76 13.62
N TYR E 249 25.52 47.13 13.36
CA TYR E 249 25.23 48.35 12.59
C TYR E 249 25.53 49.68 13.23
N VAL E 250 26.69 50.23 13.01
CA VAL E 250 27.08 51.57 13.42
C VAL E 250 27.09 52.45 12.18
N PRO E 251 26.32 53.54 12.15
CA PRO E 251 26.22 54.34 10.91
C PRO E 251 27.55 54.79 10.34
N ASP E 252 28.48 55.22 11.20
CA ASP E 252 29.79 55.63 10.70
C ASP E 252 30.57 54.43 10.15
N VAL E 253 30.48 53.29 10.81
CA VAL E 253 31.14 52.08 10.32
C VAL E 253 30.55 51.68 8.96
N LEU E 254 29.23 51.74 8.84
CA LEU E 254 28.58 51.40 7.57
C LEU E 254 29.00 52.36 6.46
N LEU E 255 29.04 53.66 6.77
CA LEU E 255 29.47 54.64 5.77
C LEU E 255 30.91 54.42 5.34
N ASN E 256 31.79 54.13 6.30
CA ASN E 256 33.19 53.88 5.98
C ASN E 256 33.33 52.61 5.13
N LEU E 257 32.54 51.58 5.44
CA LEU E 257 32.58 50.37 4.63
C LEU E 257 32.09 50.64 3.21
N ILE E 258 31.03 51.43 3.07
CA ILE E 258 30.53 51.78 1.73
C ILE E 258 31.60 52.53 0.95
N GLU E 259 32.27 53.47 1.60
CA GLU E 259 33.31 54.25 0.92
C GLU E 259 34.50 53.38 0.54
N GLN E 260 35.05 52.65 1.48
CA GLN E 260 36.26 51.86 1.27
C GLN E 260 36.14 50.61 0.45
N GLU E 261 35.03 49.93 0.58
CA GLU E 261 34.80 48.72 -0.20
C GLU E 261 33.98 48.99 -1.47
N LYS E 262 33.58 50.22 -1.66
CA LYS E 262 32.86 50.62 -2.85
C LYS E 262 31.57 49.84 -3.00
N VAL E 263 30.76 49.84 -1.94
CA VAL E 263 29.51 49.09 -1.91
C VAL E 263 28.53 49.70 -2.90
N THR E 264 27.96 48.86 -3.75
CA THR E 264 27.03 49.31 -4.77
C THR E 264 25.60 48.82 -4.56
N PHE E 265 25.40 47.72 -3.83
CA PHE E 265 24.07 47.18 -3.58
C PHE E 265 23.91 46.91 -2.09
N SER E 266 22.81 47.40 -1.53
CA SER E 266 22.51 47.18 -0.12
C SER E 266 21.01 47.05 0.05
N HIS E 267 20.61 46.60 1.25
CA HIS E 267 19.21 46.60 1.66
C HIS E 267 19.15 47.04 3.11
N CYS E 268 18.21 47.94 3.42
CA CYS E 268 18.07 48.45 4.77
C CYS E 268 16.63 48.90 4.99
N VAL E 269 16.33 49.23 6.24
CA VAL E 269 15.02 49.72 6.64
C VAL E 269 15.06 51.25 6.57
N PRO E 270 13.92 51.94 6.56
CA PRO E 270 13.96 53.42 6.49
C PRO E 270 14.71 54.07 7.64
N THR E 271 14.66 53.49 8.84
CA THR E 271 15.38 54.07 9.97
C THR E 271 16.88 54.06 9.73
N ILE E 272 17.41 52.94 9.23
CA ILE E 272 18.85 52.85 8.96
C ILE E 272 19.25 53.81 7.85
N LEU E 273 18.43 53.91 6.80
CA LEU E 273 18.73 54.84 5.71
C LEU E 273 18.73 56.28 6.20
N HIS E 274 17.78 56.63 7.07
CA HIS E 274 17.76 57.97 7.63
C HIS E 274 18.99 58.23 8.49
N LEU E 275 19.40 57.24 9.29
CA LEU E 275 20.60 57.40 10.11
C LEU E 275 21.84 57.57 9.24
N LEU E 276 21.90 56.86 8.12
CA LEU E 276 23.04 56.98 7.22
C LEU E 276 23.05 58.34 6.53
N LEU E 277 21.88 58.82 6.09
CA LEU E 277 21.81 60.08 5.37
C LEU E 277 22.01 61.29 6.27
N SER E 278 21.61 61.18 7.54
CA SER E 278 21.74 62.30 8.48
C SER E 278 23.09 62.35 9.19
N SER E 279 23.93 61.34 9.01
CA SER E 279 25.22 61.33 9.68
C SER E 279 26.13 62.39 9.06
N PRO E 280 26.90 63.12 9.88
CA PRO E 280 27.84 64.11 9.32
C PRO E 280 28.85 63.50 8.36
N LYS E 281 29.27 62.26 8.60
CA LYS E 281 30.24 61.61 7.73
C LYS E 281 29.71 61.36 6.32
N SER E 282 28.39 61.38 6.13
CA SER E 282 27.81 61.12 4.83
C SER E 282 27.77 62.33 3.91
N LYS E 283 28.06 63.52 4.43
CA LYS E 283 27.98 64.75 3.63
C LYS E 283 29.06 64.77 2.60
N ALA E 284 30.24 64.34 2.99
CA ALA E 284 31.38 64.28 2.07
C ALA E 284 31.52 62.91 1.41
N MET E 285 30.43 62.18 1.28
CA MET E 285 30.44 60.83 0.71
C MET E 285 29.80 60.83 -0.67
N ASP E 286 30.44 60.12 -1.60
CA ASP E 286 29.91 59.97 -2.95
C ASP E 286 29.02 58.73 -2.95
N PHE E 287 27.70 58.95 -2.91
CA PHE E 287 26.73 57.86 -2.89
C PHE E 287 26.29 57.43 -4.28
N SER E 288 26.85 58.02 -5.33
CA SER E 288 26.56 57.59 -6.68
C SER E 288 27.07 56.16 -6.88
N GLY E 289 26.24 55.34 -7.52
CA GLY E 289 26.54 53.94 -7.70
C GLY E 289 26.09 53.04 -6.57
N TRP E 290 25.59 53.60 -5.48
CA TRP E 290 25.06 52.81 -4.37
C TRP E 290 23.56 52.63 -4.57
N LYS E 291 23.13 51.38 -4.65
CA LYS E 291 21.72 51.03 -4.78
C LYS E 291 21.25 50.37 -3.49
N VAL E 292 20.18 50.89 -2.92
CA VAL E 292 19.62 50.36 -1.68
C VAL E 292 18.14 50.12 -1.87
N VAL E 293 17.67 48.94 -1.47
CA VAL E 293 16.26 48.59 -1.50
C VAL E 293 15.73 48.67 -0.07
N ILE E 294 14.55 49.26 0.08
CA ILE E 294 13.95 49.51 1.39
C ILE E 294 12.70 48.67 1.50
N GLY E 295 12.72 47.66 2.38
CA GLY E 295 11.61 46.74 2.45
C GLY E 295 11.00 46.48 3.80
N GLY E 296 11.73 46.80 4.88
CA GLY E 296 11.25 46.44 6.21
C GLY E 296 9.96 47.14 6.58
N ALA E 297 9.91 48.45 6.37
CA ALA E 297 8.71 49.25 6.58
C ALA E 297 8.44 50.05 5.32
N ALA E 298 7.33 50.77 5.31
CA ALA E 298 7.02 51.66 4.19
C ALA E 298 8.09 52.74 4.10
N LEU E 299 8.55 52.99 2.87
CA LEU E 299 9.58 54.00 2.66
C LEU E 299 8.94 55.37 2.58
N PRO E 300 9.26 56.29 3.51
CA PRO E 300 8.68 57.64 3.42
C PRO E 300 9.14 58.35 2.15
N LYS E 301 8.22 59.00 1.47
CA LYS E 301 8.61 59.79 0.31
C LYS E 301 9.67 60.88 0.59
N ALA E 302 9.66 61.52 1.78
CA ALA E 302 10.69 62.51 2.07
C ALA E 302 12.07 61.87 2.17
N LEU E 303 12.16 60.70 2.83
CA LEU E 303 13.43 60.01 2.91
C LEU E 303 13.90 59.56 1.53
N CYS E 304 12.99 59.04 0.71
CA CYS E 304 13.33 58.68 -0.66
C CYS E 304 13.81 59.88 -1.45
N LYS E 305 13.14 61.03 -1.28
CA LYS E 305 13.56 62.23 -1.98
C LYS E 305 14.95 62.69 -1.56
N SER E 306 15.23 62.63 -0.25
CA SER E 306 16.56 63.01 0.23
C SER E 306 17.63 62.06 -0.30
N ALA E 307 17.35 60.76 -0.31
CA ALA E 307 18.29 59.79 -0.86
C ALA E 307 18.53 60.03 -2.34
N LEU E 308 17.46 60.35 -3.09
CA LEU E 308 17.61 60.69 -4.50
C LEU E 308 18.45 61.95 -4.68
N GLU E 309 18.26 62.94 -3.81
CA GLU E 309 19.10 64.12 -3.84
C GLU E 309 20.57 63.77 -3.57
N ARG E 310 20.81 62.72 -2.80
CA ARG E 310 22.16 62.20 -2.63
C ARG E 310 22.59 61.27 -3.76
N ASP E 311 21.85 61.23 -4.87
CA ASP E 311 22.16 60.41 -6.03
C ASP E 311 22.17 58.92 -5.70
N ILE E 312 21.30 58.50 -4.80
CA ILE E 312 21.19 57.10 -4.43
C ILE E 312 20.05 56.47 -5.23
N ASP E 313 20.32 55.33 -5.85
CA ASP E 313 19.28 54.54 -6.49
C ASP E 313 18.51 53.84 -5.38
N VAL E 314 17.49 54.53 -4.86
CA VAL E 314 16.70 54.05 -3.74
C VAL E 314 15.35 53.63 -4.26
N PHE E 315 14.92 52.43 -3.88
CA PHE E 315 13.63 51.90 -4.29
C PHE E 315 13.14 50.98 -3.19
N ALA E 316 11.83 50.75 -3.16
CA ALA E 316 11.21 50.02 -2.08
C ALA E 316 10.86 48.60 -2.51
N GLY E 317 10.89 47.69 -1.53
CA GLY E 317 10.45 46.33 -1.74
C GLY E 317 9.44 45.93 -0.67
N TYR E 318 8.80 44.79 -0.89
CA TYR E 318 7.74 44.34 -0.01
C TYR E 318 7.91 42.85 0.28
N GLY E 319 7.68 42.48 1.53
CA GLY E 319 7.75 41.09 1.94
C GLY E 319 7.58 40.99 3.44
N MET E 320 7.48 39.74 3.89
CA MET E 320 7.35 39.47 5.32
C MET E 320 7.97 38.11 5.61
N SER E 321 7.97 37.75 6.89
CA SER E 321 8.61 36.50 7.32
C SER E 321 7.99 35.29 6.64
N GLU E 322 6.70 35.35 6.33
CA GLU E 322 5.99 34.21 5.76
C GLU E 322 6.22 34.04 4.26
N THR E 323 6.76 35.04 3.58
CA THR E 323 6.65 35.10 2.12
C THR E 323 7.98 35.00 1.37
N GLY E 324 9.06 34.60 2.02
CA GLY E 324 10.29 34.34 1.28
C GLY E 324 11.52 35.18 1.57
N PRO E 325 11.40 36.51 1.78
CA PRO E 325 10.21 37.36 1.93
C PRO E 325 9.67 38.01 0.66
N ILE E 326 10.48 38.17 -0.39
CA ILE E 326 10.19 39.18 -1.41
C ILE E 326 8.96 38.79 -2.21
N LEU E 327 7.99 39.69 -2.27
CA LEU E 327 6.84 39.58 -3.16
C LEU E 327 6.77 40.70 -4.18
N SER E 328 7.17 41.92 -3.82
CA SER E 328 7.11 43.06 -4.70
C SER E 328 8.39 43.87 -4.58
N ILE E 329 8.84 44.43 -5.70
CA ILE E 329 9.97 45.34 -5.74
C ILE E 329 9.63 46.47 -6.70
N VAL E 330 10.05 47.68 -6.36
CA VAL E 330 9.81 48.84 -7.21
C VAL E 330 10.76 48.79 -8.40
N GLN E 331 10.19 48.75 -9.60
CA GLN E 331 10.97 48.72 -10.84
C GLN E 331 10.48 49.83 -11.73
N LEU E 332 11.39 50.69 -12.17
CA LEU E 332 11.05 51.89 -12.92
C LEU E 332 11.31 51.68 -14.41
N THR E 333 10.32 52.03 -15.22
CA THR E 333 10.50 52.05 -16.67
C THR E 333 11.44 53.18 -17.05
N PRO E 334 12.06 53.10 -18.23
CA PRO E 334 12.92 54.21 -18.68
C PRO E 334 12.19 55.54 -18.80
N GLU E 335 10.89 55.53 -19.10
CA GLU E 335 10.11 56.77 -19.04
C GLU E 335 9.99 57.29 -17.61
N GLN E 336 9.87 56.40 -16.63
CA GLN E 336 9.73 56.82 -15.24
C GLN E 336 11.05 57.36 -14.68
N LEU E 337 12.18 56.96 -15.24
CA LEU E 337 13.47 57.48 -14.80
C LEU E 337 13.77 58.87 -15.36
N GLU E 338 12.96 59.35 -16.30
CA GLU E 338 13.10 60.70 -16.82
C GLU E 338 12.37 61.74 -15.99
N LEU E 339 11.54 61.32 -15.04
CA LEU E 339 10.84 62.25 -14.18
C LEU E 339 11.80 62.91 -13.21
N ASP E 340 11.35 64.03 -12.63
CA ASP E 340 12.18 64.74 -11.66
C ASP E 340 12.20 63.98 -10.33
N VAL E 341 12.95 64.53 -9.37
CA VAL E 341 13.15 63.84 -8.10
C VAL E 341 11.83 63.64 -7.37
N ASP E 342 10.99 64.68 -7.34
CA ASP E 342 9.73 64.58 -6.59
C ASP E 342 8.80 63.55 -7.21
N GLN E 343 8.70 63.50 -8.53
CA GLN E 343 7.76 62.59 -9.18
C GLN E 343 8.18 61.14 -8.99
N GLN E 344 9.48 60.85 -9.13
CA GLN E 344 9.93 59.47 -9.01
C GLN E 344 10.18 59.06 -7.58
N ALA E 345 10.20 60.01 -6.63
CA ALA E 345 10.20 59.63 -5.23
C ALA E 345 8.88 58.99 -4.83
N GLU E 346 7.77 59.40 -5.46
CA GLU E 346 6.50 58.72 -5.27
C GLU E 346 6.55 57.29 -5.78
N TYR E 347 7.16 57.09 -6.95
CA TYR E 347 7.21 55.76 -7.55
C TYR E 347 8.15 54.84 -6.75
N ARG E 348 9.30 55.36 -6.35
CA ARG E 348 10.30 54.52 -5.67
C ARG E 348 9.89 54.18 -4.24
N SER E 349 8.99 54.95 -3.64
CA SER E 349 8.52 54.68 -2.29
C SER E 349 7.27 53.82 -2.24
N LYS E 350 6.76 53.41 -3.40
CA LYS E 350 5.61 52.51 -3.51
C LYS E 350 5.92 51.09 -3.07
N THR E 351 4.92 50.32 -2.77
CA THR E 351 5.18 48.93 -2.41
C THR E 351 5.88 48.18 -3.55
N GLY E 352 5.44 48.39 -4.78
CA GLY E 352 6.10 47.85 -5.95
C GLY E 352 5.19 46.95 -6.76
N LYS E 353 5.78 46.34 -7.78
CA LYS E 353 5.10 45.38 -8.62
C LYS E 353 5.52 43.97 -8.22
N LYS E 354 4.58 43.03 -8.30
CA LYS E 354 4.86 41.66 -7.88
C LYS E 354 6.01 41.08 -8.69
N VAL E 355 6.92 40.41 -8.00
CA VAL E 355 8.10 39.82 -8.61
C VAL E 355 7.70 38.58 -9.39
N ALA E 356 8.66 38.05 -10.16
CA ALA E 356 8.41 36.87 -10.99
C ALA E 356 7.90 35.70 -10.15
N LEU E 357 6.95 34.97 -10.72
CA LEU E 357 6.34 33.76 -10.15
C LEU E 357 5.42 34.05 -8.98
N VAL E 358 5.14 35.32 -8.70
CA VAL E 358 4.26 35.72 -7.60
C VAL E 358 2.95 36.23 -8.20
N GLU E 359 1.84 35.66 -7.74
CA GLU E 359 0.52 36.16 -8.09
C GLU E 359 -0.10 36.78 -6.84
N ALA E 360 -0.51 38.04 -6.95
CA ALA E 360 -0.99 38.81 -5.81
C ALA E 360 -2.36 39.38 -6.13
N TYR E 361 -3.27 39.29 -5.16
CA TYR E 361 -4.61 39.82 -5.31
C TYR E 361 -4.99 40.58 -4.04
N ILE E 362 -5.90 41.53 -4.18
CA ILE E 362 -6.51 42.21 -3.06
C ILE E 362 -7.96 41.73 -2.94
N VAL E 363 -8.34 41.28 -1.75
CA VAL E 363 -9.64 40.66 -1.52
C VAL E 363 -10.31 41.33 -0.33
N ASP E 364 -11.59 41.05 -0.19
CA ASP E 364 -12.37 41.49 0.96
C ASP E 364 -12.40 40.36 2.01
N GLU E 365 -13.23 40.54 3.04
CA GLU E 365 -13.31 39.55 4.11
C GLU E 365 -13.84 38.21 3.63
N ASP E 366 -14.52 38.16 2.48
CA ASP E 366 -15.05 36.92 1.92
C ASP E 366 -14.17 36.37 0.81
N MET E 367 -12.93 36.85 0.70
CA MET E 367 -11.96 36.37 -0.30
C MET E 367 -12.48 36.58 -1.72
N ASN E 368 -13.17 37.70 -1.94
CA ASN E 368 -13.60 38.12 -3.28
C ASN E 368 -12.58 39.10 -3.82
N LYS E 369 -12.03 38.81 -4.99
CA LYS E 369 -10.98 39.64 -5.56
C LYS E 369 -11.54 40.99 -5.99
N LEU E 370 -10.83 42.06 -5.61
CA LEU E 370 -11.24 43.42 -5.90
C LEU E 370 -10.53 43.95 -7.13
N PRO E 371 -11.15 44.86 -7.87
CA PRO E 371 -10.52 45.38 -9.09
C PRO E 371 -9.24 46.14 -8.78
N HIS E 372 -8.31 46.10 -9.73
CA HIS E 372 -7.04 46.81 -9.61
C HIS E 372 -7.22 48.17 -10.28
N ASP E 373 -7.64 49.16 -9.50
CA ASP E 373 -7.90 50.49 -10.00
C ASP E 373 -7.18 51.59 -9.23
N GLY E 374 -6.40 51.24 -8.20
CA GLY E 374 -5.69 52.23 -7.42
C GLY E 374 -6.51 52.89 -6.33
N GLU E 375 -7.79 52.55 -6.20
CA GLU E 375 -8.64 53.11 -5.15
C GLU E 375 -9.20 52.04 -4.23
N THR E 376 -9.75 50.97 -4.80
CA THR E 376 -10.32 49.90 -3.98
C THR E 376 -9.22 49.18 -3.22
N ALA E 377 -9.38 49.07 -1.90
CA ALA E 377 -8.37 48.52 -1.03
C ALA E 377 -8.87 47.24 -0.38
N GLY E 378 -7.97 46.25 -0.27
CA GLY E 378 -8.28 45.00 0.38
C GLY E 378 -7.00 44.34 0.83
N GLU E 379 -7.17 43.19 1.49
CA GLU E 379 -6.01 42.44 1.97
C GLU E 379 -5.26 41.81 0.81
N ILE E 380 -3.94 41.96 0.81
CA ILE E 380 -3.12 41.28 -0.19
C ILE E 380 -3.08 39.80 0.13
N VAL E 381 -3.39 38.98 -0.87
CA VAL E 381 -3.27 37.53 -0.77
C VAL E 381 -2.39 37.06 -1.91
N VAL E 382 -1.45 36.17 -1.61
CA VAL E 382 -0.39 35.83 -2.55
C VAL E 382 -0.26 34.32 -2.69
N ARG E 383 0.20 33.90 -3.86
CA ARG E 383 0.74 32.58 -4.09
C ARG E 383 2.12 32.74 -4.70
N ALA E 384 3.10 32.00 -4.20
CA ALA E 384 4.48 32.16 -4.63
C ALA E 384 5.21 30.85 -4.38
N PRO E 385 6.32 30.61 -5.06
CA PRO E 385 7.09 29.38 -4.82
C PRO E 385 7.89 29.37 -3.53
N TRP E 386 7.82 30.42 -2.72
CA TRP E 386 8.65 30.54 -1.54
C TRP E 386 7.85 31.04 -0.35
N LEU E 387 6.61 30.58 -0.22
CA LEU E 387 5.76 30.90 0.92
C LEU E 387 5.83 29.77 1.94
N THR E 388 5.81 30.12 3.21
CA THR E 388 5.75 29.09 4.24
C THR E 388 4.39 28.39 4.16
N PRO E 389 4.36 27.05 4.13
CA PRO E 389 3.07 26.36 3.98
C PRO E 389 2.17 26.52 5.20
N ASN E 390 2.75 26.76 6.36
CA ASN E 390 2.00 26.87 7.61
C ASN E 390 2.94 27.44 8.66
N TYR E 391 2.47 27.51 9.90
CA TYR E 391 3.31 27.87 11.04
C TYR E 391 3.75 26.59 11.73
N TYR E 392 5.00 26.57 12.20
CA TYR E 392 5.54 25.38 12.82
C TYR E 392 4.77 25.04 14.08
N LYS E 393 4.34 23.77 14.18
CA LYS E 393 3.61 23.27 15.34
C LYS E 393 2.36 24.09 15.64
N ASP E 394 1.69 24.55 14.59
CA ASP E 394 0.51 25.40 14.72
C ASP E 394 -0.55 24.94 13.73
N ASN E 395 -1.80 24.92 14.11
CA ASN E 395 -2.85 24.54 13.22
C ASN E 395 -3.77 25.67 12.93
N LYS E 396 -4.27 26.36 13.92
CA LYS E 396 -5.28 27.36 13.70
C LYS E 396 -4.80 28.63 13.11
N ASN E 397 -3.69 29.12 13.58
CA ASN E 397 -3.03 30.26 12.96
C ASN E 397 -2.57 29.91 11.55
N SER E 398 -2.12 28.67 11.35
CA SER E 398 -1.74 28.22 10.03
C SER E 398 -2.94 28.17 9.08
N LYS E 399 -4.10 27.72 9.59
CA LYS E 399 -5.31 27.71 8.78
C LYS E 399 -5.75 29.12 8.41
N ALA E 400 -5.64 30.06 9.35
CA ALA E 400 -5.99 31.44 9.06
C ALA E 400 -5.01 32.07 8.09
N LEU E 401 -3.73 31.70 8.15
CA LEU E 401 -2.73 32.27 7.26
C LEU E 401 -2.99 31.89 5.81
N TRP E 402 -3.46 30.66 5.57
CA TRP E 402 -3.71 30.17 4.22
C TRP E 402 -5.20 30.02 3.93
N ARG E 403 -6.01 30.88 4.53
CA ARG E 403 -7.46 30.80 4.34
C ARG E 403 -7.84 31.13 2.90
N GLY E 404 -8.72 30.32 2.33
CA GLY E 404 -9.19 30.55 0.98
C GLY E 404 -8.26 30.10 -0.12
N GLY E 405 -7.16 29.44 0.22
CA GLY E 405 -6.21 28.99 -0.78
C GLY E 405 -5.10 29.97 -1.09
N TYR E 406 -5.00 31.08 -0.37
CA TYR E 406 -3.96 32.06 -0.57
C TYR E 406 -3.37 32.44 0.77
N LEU E 407 -2.10 32.86 0.76
CA LEU E 407 -1.45 33.34 1.96
C LEU E 407 -1.91 34.76 2.24
N HIS E 408 -2.40 35.00 3.45
CA HIS E 408 -2.88 36.32 3.84
C HIS E 408 -1.74 37.10 4.46
N THR E 409 -1.37 38.21 3.82
CA THR E 409 -0.26 39.03 4.28
C THR E 409 -0.63 39.90 5.47
N GLY E 410 -1.92 40.12 5.71
CA GLY E 410 -2.34 41.03 6.75
C GLY E 410 -2.23 42.49 6.40
N ASP E 411 -1.95 42.81 5.14
CA ASP E 411 -1.77 44.18 4.69
C ASP E 411 -2.91 44.58 3.76
N VAL E 412 -3.44 45.78 3.96
CA VAL E 412 -4.49 46.33 3.12
C VAL E 412 -3.84 47.22 2.08
N ALA E 413 -4.18 47.01 0.81
CA ALA E 413 -3.54 47.75 -0.26
C ALA E 413 -4.50 47.88 -1.44
N HIS E 414 -4.18 48.83 -2.31
CA HIS E 414 -4.79 48.96 -3.62
C HIS E 414 -3.72 48.77 -4.68
N ILE E 415 -4.14 48.29 -5.85
CA ILE E 415 -3.22 47.98 -6.95
C ILE E 415 -3.62 48.83 -8.15
N ASP E 416 -2.64 49.47 -8.78
CA ASP E 416 -2.90 50.28 -9.97
C ASP E 416 -3.24 49.38 -11.15
N ASP E 417 -3.67 50.02 -12.24
CA ASP E 417 -3.88 49.28 -13.49
C ASP E 417 -2.56 48.73 -14.02
N GLU E 418 -1.48 49.51 -13.88
CA GLU E 418 -0.15 49.06 -14.29
C GLU E 418 0.41 47.98 -13.36
N GLY E 419 -0.22 47.73 -12.22
CA GLY E 419 0.25 46.73 -11.28
C GLY E 419 1.00 47.26 -10.09
N PHE E 420 1.09 48.58 -9.92
CA PHE E 420 1.78 49.16 -8.78
C PHE E 420 0.94 48.98 -7.52
N ILE E 421 1.45 48.20 -6.58
CA ILE E 421 0.78 47.99 -5.30
C ILE E 421 1.14 49.13 -4.37
N LYS E 422 0.16 49.62 -3.61
CA LYS E 422 0.37 50.63 -2.58
C LYS E 422 -0.37 50.21 -1.33
N ILE E 423 0.37 49.91 -0.26
CA ILE E 423 -0.21 49.44 0.99
C ILE E 423 -0.66 50.63 1.82
N THR E 424 -1.90 50.58 2.30
CA THR E 424 -2.44 51.64 3.14
C THR E 424 -2.12 51.39 4.61
N ASP E 425 -2.59 50.26 5.15
CA ASP E 425 -2.29 49.87 6.52
C ASP E 425 -2.55 48.37 6.66
N ARG E 426 -2.59 47.91 7.91
CA ARG E 426 -2.78 46.49 8.20
C ARG E 426 -4.27 46.15 8.29
N VAL E 427 -4.56 44.86 8.18
CA VAL E 427 -5.94 44.39 8.30
C VAL E 427 -6.43 44.53 9.73
N LYS E 428 -5.59 44.16 10.70
CA LYS E 428 -5.98 44.27 12.09
C LYS E 428 -6.00 45.72 12.57
N ASP E 429 -5.16 46.57 11.99
CA ASP E 429 -5.15 48.00 12.30
C ASP E 429 -6.09 48.76 11.36
N MET E 430 -7.33 48.30 11.27
CA MET E 430 -8.31 48.86 10.36
C MET E 430 -9.43 49.53 11.14
N ILE E 431 -9.87 50.69 10.66
CA ILE E 431 -10.96 51.45 11.27
C ILE E 431 -12.20 51.23 10.42
N LYS E 432 -13.21 50.58 11.01
CA LYS E 432 -14.44 50.23 10.32
C LYS E 432 -15.56 51.11 10.86
N ILE E 433 -16.11 51.97 10.01
CA ILE E 433 -17.15 52.91 10.40
C ILE E 433 -18.36 52.65 9.51
N SER E 434 -19.43 52.12 10.11
CA SER E 434 -20.72 51.95 9.45
C SER E 434 -20.64 50.97 8.29
N GLY E 435 -20.04 51.38 7.18
CA GLY E 435 -19.91 50.52 6.02
C GLY E 435 -18.62 50.72 5.26
N GLU E 436 -17.68 51.46 5.83
CA GLU E 436 -16.44 51.80 5.16
C GLU E 436 -15.26 51.48 6.05
N TRP E 437 -14.11 51.27 5.41
CA TRP E 437 -12.84 51.07 6.10
C TRP E 437 -11.91 52.22 5.73
N VAL E 438 -11.32 52.87 6.73
CA VAL E 438 -10.38 53.96 6.52
C VAL E 438 -9.05 53.57 7.18
N SER E 439 -7.96 53.94 6.52
CA SER E 439 -6.63 53.63 7.03
C SER E 439 -6.36 54.37 8.33
N SER E 440 -5.57 53.74 9.19
CA SER E 440 -5.14 54.35 10.44
C SER E 440 -3.75 54.97 10.35
N LEU E 441 -3.13 54.94 9.16
CA LEU E 441 -1.78 55.46 9.00
C LEU E 441 -1.72 56.85 8.37
N GLU E 442 -2.60 57.14 7.41
CA GLU E 442 -2.60 58.47 6.81
C GLU E 442 -3.14 59.51 7.77
N LEU E 443 -3.96 59.10 8.75
CA LEU E 443 -4.41 60.04 9.77
C LEU E 443 -3.26 60.55 10.61
N GLU E 444 -2.26 59.69 10.88
CA GLU E 444 -1.09 60.12 11.63
C GLU E 444 -0.33 61.20 10.87
N ASP E 445 -0.15 61.02 9.55
CA ASP E 445 0.51 62.04 8.76
C ASP E 445 -0.33 63.31 8.66
N ILE E 446 -1.66 63.18 8.62
CA ILE E 446 -2.54 64.34 8.59
C ILE E 446 -2.38 65.15 9.88
N LEU E 447 -2.34 64.48 11.02
CA LEU E 447 -2.27 65.14 12.31
C LEU E 447 -0.85 65.42 12.77
N HIS E 448 0.16 65.05 11.97
CA HIS E 448 1.54 65.37 12.28
C HIS E 448 2.00 66.69 11.70
N GLN E 449 1.11 67.46 11.06
CA GLN E 449 1.50 68.69 10.38
C GLN E 449 1.51 69.90 11.29
N HIS E 450 1.12 69.76 12.56
CA HIS E 450 1.12 70.88 13.47
C HIS E 450 2.55 71.22 13.92
N GLN E 451 2.73 72.45 14.40
CA GLN E 451 4.02 72.89 14.90
C GLN E 451 4.32 72.39 16.30
N SER E 452 3.36 71.75 16.97
CA SER E 452 3.54 71.27 18.34
C SER E 452 3.06 69.83 18.47
N VAL E 453 3.37 69.00 17.48
CA VAL E 453 3.07 67.58 17.52
C VAL E 453 4.35 66.81 17.20
N SER E 454 4.64 65.78 18.00
CA SER E 454 5.84 64.99 17.82
C SER E 454 5.54 63.61 17.24
N GLU E 455 4.67 62.84 17.88
CA GLU E 455 4.32 61.49 17.44
C GLU E 455 2.81 61.33 17.47
N VAL E 456 2.24 60.83 16.37
CA VAL E 456 0.80 60.66 16.23
C VAL E 456 0.51 59.18 16.07
N ALA E 457 -0.35 58.64 16.94
CA ALA E 457 -0.79 57.26 16.87
C ALA E 457 -2.31 57.24 16.86
N VAL E 458 -2.88 56.49 15.92
CA VAL E 458 -4.33 56.42 15.72
C VAL E 458 -4.81 55.03 16.11
N ILE E 459 -5.84 54.97 16.95
CA ILE E 459 -6.41 53.72 17.43
C ILE E 459 -7.93 53.79 17.31
N GLY E 460 -8.56 52.63 17.32
CA GLY E 460 -10.00 52.54 17.15
C GLY E 460 -10.69 51.90 18.34
N MET E 461 -11.83 52.50 18.68
CA MET E 461 -12.61 52.06 19.82
C MET E 461 -14.11 52.24 19.48
N PRO E 462 -15.04 51.34 19.95
CA PRO E 462 -16.44 51.43 19.49
C PRO E 462 -17.16 52.68 20.01
N HIS E 463 -18.12 53.13 19.20
CA HIS E 463 -19.12 54.11 19.60
C HIS E 463 -20.49 53.61 19.17
N ASN E 464 -21.51 54.11 19.87
CA ASN E 464 -22.85 53.60 19.62
C ASN E 464 -23.45 53.86 18.24
N LYS E 465 -23.53 55.11 17.83
CA LYS E 465 -24.19 55.41 16.55
C LYS E 465 -23.29 55.13 15.36
N TRP E 466 -22.01 55.50 15.46
CA TRP E 466 -21.10 55.44 14.32
C TRP E 466 -20.16 54.25 14.36
N GLY E 467 -20.41 53.27 15.23
CA GLY E 467 -19.50 52.16 15.32
C GLY E 467 -18.15 52.59 15.88
N GLU E 468 -17.13 51.82 15.54
CA GLU E 468 -15.78 52.13 15.99
C GLU E 468 -15.28 53.42 15.34
N VAL E 469 -14.72 54.30 16.16
CA VAL E 469 -14.25 55.60 15.68
C VAL E 469 -12.81 55.78 16.12
N PRO E 470 -12.06 56.56 15.35
CA PRO E 470 -10.63 56.74 15.64
C PRO E 470 -10.17 57.76 16.70
N LEU E 471 -9.40 57.36 17.71
CA LEU E 471 -8.83 58.31 18.67
C LEU E 471 -7.38 58.60 18.31
N ALA E 472 -6.80 59.71 18.78
CA ALA E 472 -5.43 60.04 18.30
C ALA E 472 -4.57 60.63 19.42
N LEU E 473 -3.25 60.47 19.35
CA LEU E 473 -2.43 60.83 20.51
C LEU E 473 -1.25 61.69 20.05
N VAL E 474 -1.03 62.80 20.76
CA VAL E 474 0.05 63.73 20.44
C VAL E 474 0.70 64.20 21.74
N THR E 475 1.85 64.87 21.60
CA THR E 475 2.58 65.44 22.71
C THR E 475 2.79 66.93 22.47
N LEU E 476 2.80 67.70 23.55
CA LEU E 476 3.00 69.14 23.46
C LEU E 476 4.48 69.48 23.33
N LYS E 477 4.74 70.70 22.86
CA LYS E 477 6.10 71.22 22.70
C LYS E 477 6.43 72.17 23.84
N GLU E 478 7.60 72.82 23.74
CA GLU E 478 8.04 73.75 24.77
C GLU E 478 7.20 75.02 24.74
N ASP E 479 6.68 75.41 25.91
CA ASP E 479 5.85 76.60 26.06
C ASP E 479 4.66 76.59 25.10
N ALA E 480 4.08 75.39 24.90
CA ALA E 480 2.91 75.20 24.05
C ALA E 480 1.87 74.42 24.85
N GLN E 481 1.04 75.15 25.60
CA GLN E 481 -0.01 74.52 26.39
C GLN E 481 -1.35 74.59 25.63
N VAL E 482 -1.33 74.07 24.41
CA VAL E 482 -2.53 74.03 23.59
C VAL E 482 -3.44 72.91 24.09
N THR E 483 -4.73 73.20 24.20
CA THR E 483 -5.69 72.23 24.70
C THR E 483 -6.22 71.39 23.53
N GLU E 484 -7.24 70.58 23.80
CA GLU E 484 -7.83 69.76 22.75
C GLU E 484 -8.53 70.62 21.68
N LYS E 485 -9.01 71.80 22.08
CA LYS E 485 -9.73 72.67 21.14
C LYS E 485 -8.82 73.13 20.00
N GLU E 486 -7.58 73.48 20.31
CA GLU E 486 -6.66 73.95 19.28
C GLU E 486 -6.36 72.85 18.26
N LEU E 487 -6.12 71.62 18.74
CA LEU E 487 -5.85 70.52 17.83
C LEU E 487 -7.08 70.13 17.03
N LEU E 488 -8.26 70.22 17.64
CA LEU E 488 -9.49 70.00 16.89
C LEU E 488 -9.66 71.03 15.79
N GLY E 489 -9.36 72.29 16.07
CA GLY E 489 -9.41 73.32 15.05
C GLY E 489 -8.39 73.09 13.94
N PHE E 490 -7.19 72.64 14.32
CA PHE E 490 -6.18 72.31 13.32
C PHE E 490 -6.64 71.19 12.41
N ALA E 491 -7.26 70.15 12.99
CA ALA E 491 -7.79 69.06 12.17
C ALA E 491 -8.91 69.55 11.27
N LYS E 492 -9.75 70.46 11.77
CA LYS E 492 -10.78 71.08 10.94
C LYS E 492 -10.20 71.96 9.85
N ASP E 493 -8.98 72.45 10.03
CA ASP E 493 -8.38 73.40 9.09
C ASP E 493 -7.82 72.75 7.84
N PHE E 494 -7.81 71.43 7.77
CA PHE E 494 -7.33 70.75 6.58
C PHE E 494 -8.36 70.79 5.45
N ILE E 495 -8.15 70.00 4.41
CA ILE E 495 -9.09 69.96 3.30
C ILE E 495 -9.10 68.58 2.66
N ASN E 496 -10.04 68.36 1.74
CA ASN E 496 -10.13 67.13 0.96
C ASN E 496 -10.33 65.90 1.86
N LYS E 497 -11.41 65.95 2.63
CA LYS E 497 -11.83 64.83 3.46
C LYS E 497 -13.29 64.50 3.19
N GLY E 498 -13.63 63.22 3.28
CA GLY E 498 -14.96 62.73 2.96
C GLY E 498 -15.82 62.52 4.18
N ILE E 499 -16.72 61.54 4.08
CA ILE E 499 -17.71 61.16 5.10
C ILE E 499 -18.31 62.39 5.77
N LEU E 500 -18.33 62.42 7.09
CA LEU E 500 -18.97 63.49 7.85
C LEU E 500 -18.21 64.79 7.62
N ALA E 501 -18.79 65.68 6.82
CA ALA E 501 -18.20 66.98 6.50
C ALA E 501 -16.77 66.85 6.00
N ARG E 502 -15.81 67.08 6.90
CA ARG E 502 -14.38 66.98 6.59
C ARG E 502 -13.66 66.05 7.55
N GLU E 503 -14.33 64.96 7.94
CA GLU E 503 -13.81 64.00 8.90
C GLU E 503 -13.39 64.69 10.20
N ALA E 504 -14.21 65.64 10.67
CA ALA E 504 -14.00 66.27 11.98
C ALA E 504 -15.36 66.41 12.67
N LEU E 505 -15.81 65.34 13.31
CA LEU E 505 -16.94 65.41 14.23
C LEU E 505 -16.74 64.63 15.52
N LEU E 506 -15.89 63.62 15.54
CA LEU E 506 -15.61 62.85 16.75
C LEU E 506 -14.12 62.53 16.87
N LEU E 507 -13.26 63.51 16.63
CA LEU E 507 -11.81 63.26 16.72
C LEU E 507 -11.38 63.05 18.16
N LYS E 508 -11.83 63.94 19.06
CA LYS E 508 -11.54 63.86 20.49
C LYS E 508 -10.06 63.57 20.75
N VAL E 509 -9.20 64.33 20.08
CA VAL E 509 -7.76 64.12 20.20
C VAL E 509 -7.33 64.39 21.64
N LYS E 510 -6.45 63.54 22.17
CA LYS E 510 -5.99 63.64 23.54
C LYS E 510 -4.47 63.63 23.58
N ILE E 511 -3.91 64.45 24.47
CA ILE E 511 -2.48 64.52 24.68
C ILE E 511 -2.10 63.59 25.82
N VAL E 512 -1.02 62.84 25.63
CA VAL E 512 -0.51 61.92 26.65
C VAL E 512 1.00 62.03 26.69
N ASP E 513 1.56 62.16 27.89
CA ASP E 513 3.00 62.33 28.03
C ASP E 513 3.76 61.10 27.56
N GLU E 514 3.27 59.90 27.89
CA GLU E 514 3.95 58.66 27.57
C GLU E 514 3.32 58.03 26.34
N ILE E 515 4.15 57.73 25.34
CA ILE E 515 3.71 57.08 24.11
C ILE E 515 4.26 55.67 24.10
N ALA E 516 3.37 54.68 23.97
CA ALA E 516 3.77 53.29 24.04
C ALA E 516 4.56 52.90 22.80
N LYS E 517 5.82 52.55 22.99
CA LYS E 517 6.68 52.07 21.92
C LYS E 517 7.24 50.70 22.29
N THR E 518 7.25 49.79 21.31
CA THR E 518 7.87 48.49 21.52
C THR E 518 9.39 48.62 21.42
N SER E 519 10.09 47.51 21.65
CA SER E 519 11.55 47.51 21.55
C SER E 519 12.01 47.76 20.12
N VAL E 520 11.22 47.32 19.14
CA VAL E 520 11.61 47.49 17.74
C VAL E 520 11.67 48.96 17.37
N GLY E 521 10.65 49.73 17.78
CA GLY E 521 10.59 51.13 17.44
C GLY E 521 9.22 51.54 16.91
N LYS E 522 8.36 50.57 16.70
CA LYS E 522 7.00 50.81 16.24
C LYS E 522 6.02 50.75 17.41
N VAL E 523 4.99 51.58 17.35
CA VAL E 523 4.01 51.64 18.43
C VAL E 523 3.17 50.38 18.46
N ASP E 524 2.98 49.83 19.66
CA ASP E 524 2.14 48.65 19.83
C ASP E 524 0.69 49.08 19.90
N LYS E 525 -0.08 48.82 18.84
CA LYS E 525 -1.46 49.28 18.80
C LYS E 525 -2.34 48.48 19.74
N LYS E 526 -2.08 47.17 19.88
CA LYS E 526 -2.84 46.37 20.83
C LYS E 526 -2.55 46.77 22.27
N GLU E 527 -1.29 47.11 22.57
CA GLU E 527 -0.96 47.60 23.91
C GLU E 527 -1.69 48.91 24.19
N LEU E 528 -1.76 49.80 23.19
CA LEU E 528 -2.51 51.04 23.35
C LEU E 528 -3.99 50.75 23.57
N ARG E 529 -4.55 49.78 22.85
CA ARG E 529 -5.95 49.41 23.04
C ARG E 529 -6.19 48.91 24.45
N LYS E 530 -5.29 48.06 24.97
CA LYS E 530 -5.45 47.54 26.32
C LYS E 530 -5.29 48.65 27.36
N LEU E 531 -4.35 49.58 27.13
CA LEU E 531 -4.07 50.61 28.13
C LEU E 531 -5.19 51.64 28.21
N HIS E 532 -5.66 52.13 27.06
CA HIS E 532 -6.64 53.20 27.05
C HIS E 532 -8.07 52.71 27.20
N LEU E 533 -8.26 51.38 27.16
CA LEU E 533 -9.60 50.78 27.37
C LEU E 533 -9.54 49.47 28.21
N TYR F 4 -15.86 6.27 11.67
CA TYR F 4 -15.33 5.06 12.30
C TYR F 4 -16.23 3.86 12.02
N VAL F 5 -15.62 2.76 11.60
CA VAL F 5 -16.31 1.49 11.44
C VAL F 5 -16.18 0.74 12.77
N ASN F 6 -17.30 0.64 13.49
CA ASN F 6 -17.26 0.15 14.86
C ASN F 6 -16.77 -1.30 14.93
N ASP F 7 -17.24 -2.15 14.00
CA ASP F 7 -17.00 -3.59 14.09
C ASP F 7 -17.46 -4.05 15.47
N PRO F 8 -18.77 -4.15 15.69
CA PRO F 8 -19.29 -4.28 17.06
C PRO F 8 -18.71 -5.41 17.87
N SER F 9 -18.19 -6.47 17.23
CA SER F 9 -17.47 -7.49 17.96
C SER F 9 -16.13 -7.00 18.47
N ASN F 10 -15.55 -5.98 17.85
CA ASN F 10 -14.27 -5.41 18.25
C ASN F 10 -14.55 -4.33 19.30
N TYR F 11 -14.45 -4.71 20.57
CA TYR F 11 -14.78 -3.80 21.66
C TYR F 11 -13.71 -2.72 21.82
N GLN F 12 -14.14 -1.48 21.92
CA GLN F 12 -13.27 -0.34 22.18
C GLN F 12 -13.48 0.13 23.62
N LEU F 13 -12.39 0.34 24.35
CA LEU F 13 -12.45 0.80 25.73
C LEU F 13 -12.65 2.31 25.72
N LEU F 14 -13.88 2.74 25.96
CA LEU F 14 -14.26 4.15 25.88
C LEU F 14 -14.82 4.62 27.22
N ILE F 15 -14.64 5.92 27.50
CA ILE F 15 -15.14 6.50 28.73
C ILE F 15 -16.67 6.44 28.78
N LYS F 16 -17.32 6.46 27.61
CA LYS F 16 -18.77 6.27 27.59
C LYS F 16 -19.17 4.90 28.14
N ASN F 17 -18.27 3.91 28.05
CA ASN F 17 -18.54 2.62 28.67
C ASN F 17 -18.34 2.68 30.18
N LEU F 18 -17.46 3.57 30.65
CA LEU F 18 -17.37 3.81 32.09
C LEU F 18 -18.66 4.43 32.61
N LEU F 19 -19.25 5.35 31.84
CA LEU F 19 -20.48 6.00 32.28
C LEU F 19 -21.69 5.06 32.17
N PHE F 20 -21.81 4.36 31.05
CA PHE F 20 -23.03 3.62 30.72
C PHE F 20 -22.93 2.12 30.93
N SER F 21 -21.75 1.58 31.21
CA SER F 21 -21.58 0.18 31.58
C SER F 21 -20.77 0.10 32.88
N PRO F 22 -21.30 0.64 33.97
CA PRO F 22 -20.54 0.74 35.21
C PRO F 22 -20.57 -0.56 35.99
N VAL F 23 -19.81 -0.59 37.09
CA VAL F 23 -19.92 -1.68 38.05
C VAL F 23 -21.32 -1.69 38.66
N ALA F 24 -21.81 -0.52 39.06
CA ALA F 24 -23.14 -0.38 39.62
C ALA F 24 -23.70 0.97 39.19
N PHE F 25 -25.01 1.02 38.99
CA PHE F 25 -25.71 2.27 38.67
C PHE F 25 -26.99 2.35 39.49
N ASN F 26 -27.06 3.32 40.39
CA ASN F 26 -28.29 3.65 41.09
C ASN F 26 -28.80 4.98 40.56
N PRO F 27 -29.90 5.01 39.81
CA PRO F 27 -30.38 6.28 39.26
C PRO F 27 -30.78 7.30 40.31
N GLU F 28 -31.07 6.86 41.54
CA GLU F 28 -31.42 7.77 42.62
C GLU F 28 -30.22 8.12 43.50
N GLN F 29 -29.03 7.61 43.18
CA GLN F 29 -27.84 8.02 43.89
C GLN F 29 -27.50 9.47 43.56
N GLU F 30 -27.00 10.19 44.55
CA GLU F 30 -26.86 11.63 44.48
C GLU F 30 -25.46 12.05 44.04
N ILE F 31 -25.41 13.11 43.22
CA ILE F 31 -24.19 13.85 42.96
C ILE F 31 -24.33 15.21 43.65
N VAL F 32 -23.49 15.45 44.65
CA VAL F 32 -23.62 16.61 45.52
C VAL F 32 -22.49 17.57 45.21
N TYR F 33 -22.85 18.83 44.94
CA TYR F 33 -21.89 19.91 44.75
C TYR F 33 -21.99 20.83 45.96
N ALA F 34 -21.20 20.53 47.00
CA ALA F 34 -21.15 21.31 48.23
C ALA F 34 -22.54 21.61 48.75
N ASN F 35 -22.84 22.89 48.97
CA ASN F 35 -24.17 23.33 49.37
C ASN F 35 -24.88 24.07 48.24
N HIS F 36 -24.32 24.06 47.03
CA HIS F 36 -24.90 24.77 45.89
C HIS F 36 -25.95 23.92 45.16
N ARG F 37 -25.57 22.71 44.77
CA ARG F 37 -26.41 21.90 43.90
C ARG F 37 -26.42 20.46 44.40
N ARG F 38 -27.48 19.74 44.04
CA ARG F 38 -27.60 18.33 44.42
C ARG F 38 -28.60 17.68 43.48
N HIS F 39 -28.15 16.71 42.69
CA HIS F 39 -29.02 15.98 41.77
C HIS F 39 -28.66 14.51 41.81
N SER F 40 -29.41 13.71 41.06
CA SER F 40 -29.25 12.27 41.06
C SER F 40 -28.35 11.82 39.90
N TYR F 41 -28.02 10.53 39.90
CA TYR F 41 -27.22 9.96 38.82
C TYR F 41 -27.98 9.97 37.50
N LYS F 42 -29.30 9.79 37.54
CA LYS F 42 -30.10 9.94 36.34
C LYS F 42 -30.01 11.36 35.79
N THR F 43 -30.12 12.35 36.68
CA THR F 43 -29.91 13.73 36.28
C THR F 43 -28.48 13.97 35.81
N PHE F 44 -27.51 13.29 36.41
CA PHE F 44 -26.12 13.43 35.96
C PHE F 44 -25.96 12.93 34.53
N HIS F 45 -26.57 11.82 34.23
CA HIS F 45 -26.56 11.20 32.90
C HIS F 45 -27.24 12.07 31.85
N ASP F 46 -28.37 12.62 32.23
CA ASP F 46 -29.04 13.61 31.40
C ASP F 46 -28.23 14.88 31.16
N ARG F 47 -27.62 15.42 32.21
CA ARG F 47 -26.80 16.60 32.04
C ARG F 47 -25.58 16.32 31.19
N VAL F 48 -25.02 15.10 31.26
CA VAL F 48 -23.93 14.75 30.35
C VAL F 48 -24.41 14.78 28.90
N ARG F 49 -25.59 14.21 28.65
CA ARG F 49 -26.14 14.25 27.30
C ARG F 49 -26.45 15.68 26.86
N GLN F 50 -26.97 16.50 27.78
CA GLN F 50 -27.23 17.90 27.48
C GLN F 50 -25.95 18.65 27.15
N PHE F 51 -24.88 18.37 27.90
CA PHE F 51 -23.59 19.01 27.63
C PHE F 51 -23.03 18.56 26.29
N ALA F 52 -23.21 17.29 25.93
CA ALA F 52 -22.81 16.82 24.62
C ALA F 52 -23.57 17.56 23.52
N ASN F 53 -24.88 17.74 23.71
CA ASN F 53 -25.69 18.49 22.75
C ASN F 53 -25.21 19.94 22.64
N ALA F 54 -24.93 20.57 23.78
CA ALA F 54 -24.47 21.95 23.77
C ALA F 54 -23.11 22.09 23.09
N LEU F 55 -22.22 21.14 23.34
CA LEU F 55 -20.90 21.17 22.70
C LEU F 55 -21.02 20.98 21.20
N THR F 56 -21.91 20.09 20.76
CA THR F 56 -22.14 19.94 19.32
C THR F 56 -22.71 21.21 18.73
N LYS F 57 -23.64 21.86 19.44
CA LYS F 57 -24.20 23.12 18.96
C LYS F 57 -23.15 24.22 18.88
N MET F 58 -22.20 24.23 19.82
CA MET F 58 -21.11 25.19 19.82
C MET F 58 -20.10 24.93 18.71
N GLY F 59 -20.21 23.81 18.01
CA GLY F 59 -19.27 23.47 16.96
C GLY F 59 -18.11 22.60 17.38
N VAL F 60 -18.15 22.02 18.57
CA VAL F 60 -17.08 21.12 19.01
C VAL F 60 -17.21 19.80 18.26
N LYS F 61 -16.16 19.43 17.54
CA LYS F 61 -16.10 18.20 16.77
C LYS F 61 -15.09 17.25 17.41
N LYS F 62 -15.04 16.04 16.88
CA LYS F 62 -14.02 15.09 17.32
C LYS F 62 -12.64 15.63 17.01
N GLY F 63 -11.75 15.55 18.00
CA GLY F 63 -10.41 16.10 17.89
C GLY F 63 -10.26 17.52 18.39
N ASP F 64 -11.37 18.18 18.77
CA ASP F 64 -11.30 19.52 19.31
C ASP F 64 -10.87 19.49 20.77
N THR F 65 -10.47 20.65 21.28
CA THR F 65 -10.00 20.77 22.66
C THR F 65 -10.91 21.74 23.40
N VAL F 66 -11.54 21.26 24.46
CA VAL F 66 -12.35 22.09 25.35
C VAL F 66 -11.60 22.22 26.67
N ALA F 67 -11.16 23.44 26.99
CA ALA F 67 -10.43 23.70 28.20
C ALA F 67 -11.39 24.09 29.33
N VAL F 68 -11.05 23.69 30.54
CA VAL F 68 -11.87 23.94 31.72
C VAL F 68 -11.01 24.60 32.79
N MET F 69 -11.50 25.71 33.34
CA MET F 69 -10.89 26.42 34.46
C MET F 69 -11.96 26.48 35.55
N ASP F 70 -11.95 25.50 36.45
CA ASP F 70 -13.02 25.37 37.43
C ASP F 70 -12.46 24.71 38.69
N TYR F 71 -13.24 24.82 39.77
CA TYR F 71 -12.99 24.08 40.99
C TYR F 71 -13.60 22.69 40.87
N ASP F 72 -13.54 21.96 41.95
CA ASP F 72 -14.10 20.63 41.96
C ASP F 72 -15.58 20.74 42.09
N SER F 73 -16.29 20.46 41.03
CA SER F 73 -17.72 20.66 41.00
C SER F 73 -18.38 19.55 40.19
N HIS F 74 -19.71 19.56 40.19
CA HIS F 74 -20.45 18.67 39.30
C HIS F 74 -20.17 18.99 37.84
N ARG F 75 -19.94 20.27 37.52
CA ARG F 75 -19.62 20.64 36.15
C ARG F 75 -18.32 20.00 35.69
N TYR F 76 -17.35 19.92 36.56
CA TYR F 76 -16.08 19.29 36.24
C TYR F 76 -16.26 17.82 36.02
N LEU F 77 -17.10 17.20 36.83
CA LEU F 77 -17.41 15.79 36.64
C LEU F 77 -18.09 15.55 35.30
N GLU F 78 -18.99 16.45 34.91
CA GLU F 78 -19.65 16.33 33.61
C GLU F 78 -18.67 16.59 32.46
N CYS F 79 -17.68 17.45 32.68
CA CYS F 79 -16.66 17.68 31.67
C CYS F 79 -15.73 16.48 31.53
N TYR F 80 -15.51 15.75 32.63
CA TYR F 80 -14.71 14.53 32.58
C TYR F 80 -15.30 13.49 31.63
N PHE F 81 -16.60 13.56 31.37
CA PHE F 81 -17.29 12.56 30.56
C PHE F 81 -17.73 13.11 29.21
N ALA F 82 -18.52 14.18 29.19
CA ALA F 82 -19.15 14.62 27.96
C ALA F 82 -18.13 15.06 26.91
N ILE F 83 -17.10 15.81 27.32
CA ILE F 83 -16.09 16.26 26.35
C ILE F 83 -15.34 15.08 25.75
N PRO F 84 -14.76 14.15 26.52
CA PRO F 84 -14.13 12.99 25.87
C PRO F 84 -15.09 12.12 25.08
N MET F 85 -16.33 11.96 25.55
CA MET F 85 -17.23 11.00 24.92
C MET F 85 -17.69 11.43 23.54
N ILE F 86 -17.72 12.74 23.26
CA ILE F 86 -18.02 13.21 21.91
C ILE F 86 -16.79 13.24 21.02
N GLY F 87 -15.64 12.81 21.52
CA GLY F 87 -14.43 12.74 20.73
C GLY F 87 -13.48 13.91 20.90
N ALA F 88 -13.79 14.85 21.78
CA ALA F 88 -12.93 16.00 22.01
C ALA F 88 -11.95 15.72 23.15
N LYS F 89 -10.84 16.44 23.13
CA LYS F 89 -9.85 16.35 24.19
C LYS F 89 -10.20 17.35 25.29
N LEU F 90 -10.29 16.87 26.52
CA LEU F 90 -10.52 17.72 27.68
C LEU F 90 -9.17 18.24 28.16
N HIS F 91 -8.99 19.56 28.11
CA HIS F 91 -7.78 20.19 28.60
C HIS F 91 -8.06 20.75 29.99
N MET F 92 -7.45 20.14 31.00
CA MET F 92 -7.60 20.59 32.38
C MET F 92 -6.51 21.62 32.66
N ILE F 93 -6.92 22.86 32.87
CA ILE F 93 -5.98 23.96 33.07
C ILE F 93 -5.66 24.08 34.55
N ASN F 94 -4.37 24.00 34.89
CA ASN F 94 -3.91 24.21 36.25
C ASN F 94 -4.08 25.68 36.58
N VAL F 95 -5.12 26.00 37.36
CA VAL F 95 -5.43 27.39 37.67
C VAL F 95 -4.42 27.98 38.65
N ARG F 96 -3.62 27.15 39.32
CA ARG F 96 -2.62 27.66 40.24
C ARG F 96 -1.32 28.03 39.53
N LEU F 97 -1.21 27.75 38.24
CA LEU F 97 -0.05 28.20 37.48
C LEU F 97 -0.10 29.71 37.29
N SER F 98 1.05 30.28 36.97
CA SER F 98 1.11 31.71 36.68
C SER F 98 0.32 32.00 35.41
N PRO F 99 -0.24 33.22 35.29
CA PRO F 99 -1.00 33.55 34.08
C PRO F 99 -0.21 33.37 32.80
N GLU F 100 1.10 33.65 32.83
CA GLU F 100 1.93 33.39 31.66
C GLU F 100 1.97 31.90 31.33
N GLN F 101 2.12 31.06 32.35
CA GLN F 101 2.13 29.62 32.12
C GLN F 101 0.78 29.12 31.62
N ILE F 102 -0.31 29.63 32.19
CA ILE F 102 -1.64 29.25 31.73
C ILE F 102 -1.85 29.65 30.28
N LEU F 103 -1.42 30.86 29.92
CA LEU F 103 -1.52 31.31 28.54
C LEU F 103 -0.69 30.44 27.61
N TYR F 104 0.51 30.07 28.05
CA TYR F 104 1.34 29.17 27.25
C TYR F 104 0.64 27.85 27.01
N THR F 105 0.04 27.27 28.06
CA THR F 105 -0.64 25.99 27.90
C THR F 105 -1.86 26.10 27.01
N ILE F 106 -2.60 27.21 27.11
CA ILE F 106 -3.76 27.40 26.25
C ILE F 106 -3.33 27.53 24.79
N ASP F 107 -2.28 28.30 24.52
CA ASP F 107 -1.79 28.44 23.16
C ASP F 107 -1.22 27.13 22.63
N HIS F 108 -0.53 26.37 23.49
CA HIS F 108 0.08 25.11 23.08
C HIS F 108 -0.97 24.05 22.77
N ALA F 109 -2.00 23.94 23.62
CA ALA F 109 -3.06 22.97 23.38
C ALA F 109 -4.02 23.40 22.28
N GLU F 110 -4.05 24.69 21.96
CA GLU F 110 -4.96 25.25 20.95
C GLU F 110 -6.42 24.92 21.29
N ASP F 111 -6.82 25.36 22.47
CA ASP F 111 -8.18 25.11 22.95
C ASP F 111 -9.19 25.86 22.10
N ASP F 112 -10.28 25.19 21.76
CA ASP F 112 -11.34 25.83 20.98
C ASP F 112 -12.28 26.64 21.87
N ILE F 113 -12.65 26.08 23.03
CA ILE F 113 -13.57 26.73 23.96
C ILE F 113 -13.04 26.52 25.37
N ILE F 114 -13.13 27.57 26.19
CA ILE F 114 -12.67 27.54 27.57
C ILE F 114 -13.89 27.67 28.47
N LEU F 115 -14.06 26.70 29.37
CA LEU F 115 -15.06 26.75 30.42
C LEU F 115 -14.35 27.26 31.67
N ILE F 116 -14.53 28.53 31.98
CA ILE F 116 -13.78 29.19 33.05
C ILE F 116 -14.77 29.66 34.11
N HIS F 117 -14.46 29.34 35.36
CA HIS F 117 -15.24 29.85 36.48
C HIS F 117 -15.05 31.35 36.61
N GLU F 118 -16.10 32.02 37.11
CA GLU F 118 -16.07 33.48 37.20
C GLU F 118 -14.97 33.99 38.14
N GLU F 119 -14.51 33.16 39.07
CA GLU F 119 -13.45 33.58 39.99
C GLU F 119 -12.08 33.57 39.34
N PHE F 120 -11.92 32.87 38.22
CA PHE F 120 -10.67 32.88 37.47
C PHE F 120 -10.68 33.90 36.34
N LEU F 121 -11.74 34.68 36.21
CA LEU F 121 -11.76 35.77 35.23
C LEU F 121 -10.62 36.76 35.42
N PRO F 122 -10.22 37.15 36.64
CA PRO F 122 -9.03 38.00 36.75
C PRO F 122 -7.79 37.40 36.11
N ILE F 123 -7.62 36.08 36.18
CA ILE F 123 -6.51 35.44 35.50
C ILE F 123 -6.65 35.59 33.98
N LEU F 124 -7.85 35.38 33.46
CA LEU F 124 -8.08 35.47 32.03
C LEU F 124 -7.85 36.88 31.51
N ASP F 125 -8.24 37.89 32.29
CA ASP F 125 -8.13 39.27 31.83
C ASP F 125 -6.69 39.68 31.58
N GLN F 126 -5.74 39.04 32.25
CA GLN F 126 -4.33 39.32 32.02
C GLN F 126 -3.81 38.70 30.73
N ILE F 127 -4.44 37.63 30.25
CA ILE F 127 -3.92 36.87 29.12
C ILE F 127 -4.93 36.72 27.98
N LYS F 128 -6.12 37.33 28.09
CA LYS F 128 -7.14 37.14 27.08
C LYS F 128 -6.72 37.68 25.72
N GLY F 129 -6.05 38.84 25.71
CA GLY F 129 -5.64 39.43 24.45
C GLY F 129 -4.62 38.63 23.68
N ARG F 130 -3.84 37.80 24.35
CA ARG F 130 -2.82 37.00 23.71
C ARG F 130 -3.30 35.58 23.40
N ILE F 131 -4.59 35.32 23.53
CA ILE F 131 -5.20 34.06 23.12
C ILE F 131 -5.78 34.25 21.74
N ASP F 132 -5.27 33.49 20.77
CA ASP F 132 -5.68 33.60 19.38
C ASP F 132 -6.50 32.41 18.90
N THR F 133 -6.78 31.46 19.78
CA THR F 133 -7.33 30.18 19.37
C THR F 133 -8.69 29.84 19.99
N VAL F 134 -9.17 30.61 20.95
CA VAL F 134 -10.42 30.31 21.65
C VAL F 134 -11.53 31.12 21.02
N THR F 135 -12.58 30.43 20.57
CA THR F 135 -13.71 31.07 19.90
C THR F 135 -14.90 31.31 20.83
N ARG F 136 -14.85 30.80 22.05
CA ARG F 136 -15.98 30.93 22.96
C ARG F 136 -15.50 30.75 24.40
N TYR F 137 -15.97 31.63 25.29
CA TYR F 137 -15.73 31.51 26.71
C TYR F 137 -17.07 31.28 27.40
N VAL F 138 -17.15 30.20 28.18
CA VAL F 138 -18.34 29.91 28.98
C VAL F 138 -17.97 30.17 30.43
N VAL F 139 -18.67 31.11 31.05
CA VAL F 139 -18.37 31.52 32.42
C VAL F 139 -19.21 30.67 33.36
N LEU F 140 -18.54 29.98 34.28
CA LEU F 140 -19.19 29.09 35.23
C LEU F 140 -19.41 29.82 36.54
N ARG F 141 -20.62 29.71 37.08
CA ARG F 141 -20.99 30.33 38.35
C ARG F 141 -21.74 29.32 39.20
N ASP F 142 -21.69 29.53 40.51
CA ASP F 142 -22.41 28.66 41.43
C ASP F 142 -23.85 29.11 41.68
N ASP F 143 -24.24 30.25 41.12
CA ASP F 143 -25.61 30.74 41.21
C ASP F 143 -26.39 30.28 39.98
N GLU F 144 -27.59 30.85 39.79
CA GLU F 144 -28.42 30.51 38.65
C GLU F 144 -28.00 31.21 37.37
N GLU F 145 -27.02 32.12 37.44
CA GLU F 145 -26.58 32.88 36.28
C GLU F 145 -25.44 32.20 35.53
N CYS F 146 -25.12 30.96 35.87
CA CYS F 146 -24.04 30.24 35.20
C CYS F 146 -24.36 30.06 33.72
N GLU F 147 -23.40 30.39 32.86
CA GLU F 147 -23.59 30.23 31.42
C GLU F 147 -23.59 28.75 31.04
N TYR F 148 -22.84 27.92 31.76
CA TYR F 148 -22.86 26.48 31.52
C TYR F 148 -24.24 25.91 31.78
N GLU F 149 -24.87 26.33 32.89
CA GLU F 149 -26.22 25.84 33.20
C GLU F 149 -27.22 26.30 32.15
N ARG F 150 -27.11 27.55 31.69
CA ARG F 150 -28.01 28.04 30.66
C ARG F 150 -27.81 27.30 29.34
N LEU F 151 -26.56 27.00 28.99
CA LEU F 151 -26.29 26.24 27.79
C LEU F 151 -26.84 24.83 27.90
N LEU F 152 -26.81 24.25 29.11
CA LEU F 152 -27.31 22.89 29.29
C LEU F 152 -28.82 22.83 29.25
N GLU F 153 -29.50 23.81 29.85
CA GLU F 153 -30.96 23.70 29.95
C GLU F 153 -31.68 23.99 28.64
N GLN F 154 -30.98 24.52 27.63
CA GLN F 154 -31.59 24.73 26.32
C GLN F 154 -31.40 23.54 25.39
N GLU F 155 -30.81 22.46 25.88
CA GLU F 155 -30.56 21.27 25.08
C GLU F 155 -31.38 20.10 25.60
N SER F 156 -31.55 19.10 24.73
CA SER F 156 -32.26 17.89 25.11
C SER F 156 -31.36 16.95 25.89
N THR F 157 -31.98 16.07 26.66
CA THR F 157 -31.27 15.05 27.43
C THR F 157 -31.09 13.76 26.65
N GLU F 158 -31.09 13.83 25.32
CA GLU F 158 -30.89 12.68 24.46
C GLU F 158 -29.65 12.90 23.61
N TYR F 159 -28.77 11.91 23.58
CA TYR F 159 -27.56 12.00 22.77
C TYR F 159 -27.05 10.59 22.48
N ASN F 160 -26.69 10.35 21.22
CA ASN F 160 -26.11 9.08 20.80
C ASN F 160 -24.60 9.28 20.69
N PHE F 161 -23.88 8.83 21.71
CA PHE F 161 -22.44 9.09 21.76
C PHE F 161 -21.71 8.22 20.75
N PRO F 162 -20.78 8.78 20.00
CA PRO F 162 -20.13 8.02 18.92
C PRO F 162 -19.22 6.93 19.43
N ASP F 163 -18.96 5.96 18.57
CA ASP F 163 -17.97 4.95 18.84
C ASP F 163 -16.79 5.42 18.05
N PHE F 164 -15.60 5.38 18.57
CA PHE F 164 -14.37 5.69 17.88
C PHE F 164 -13.27 4.80 18.42
N ASP F 165 -12.07 4.96 17.86
CA ASP F 165 -10.91 4.21 18.32
C ASP F 165 -10.63 4.52 19.79
N GLU F 166 -10.28 3.48 20.55
CA GLU F 166 -10.00 3.66 21.96
C GLU F 166 -8.71 4.42 22.20
N ASN F 167 -7.83 4.50 21.20
CA ASN F 167 -6.60 5.28 21.32
C ASN F 167 -6.82 6.75 20.98
N THR F 168 -8.07 7.19 20.87
CA THR F 168 -8.37 8.61 20.72
C THR F 168 -8.03 9.32 22.02
N VAL F 169 -7.32 10.44 21.90
CA VAL F 169 -6.92 11.20 23.08
C VAL F 169 -8.14 11.83 23.72
N ALA F 170 -8.34 11.55 25.00
CA ALA F 170 -9.49 12.04 25.75
C ALA F 170 -9.18 13.23 26.64
N THR F 171 -8.05 13.21 27.34
CA THR F 171 -7.72 14.26 28.29
C THR F 171 -6.28 14.71 28.07
N THR F 172 -6.03 15.97 28.38
CA THR F 172 -4.67 16.51 28.36
C THR F 172 -4.56 17.58 29.43
N PHE F 173 -3.35 17.73 29.96
CA PHE F 173 -3.03 18.77 30.92
C PHE F 173 -1.52 18.94 30.93
N TYR F 174 -1.07 20.01 31.57
CA TYR F 174 0.33 20.42 31.49
C TYR F 174 0.97 20.34 32.86
N THR F 175 2.15 19.86 32.82
CA THR F 175 2.98 19.62 33.96
C THR F 175 4.09 20.49 34.00
N THR F 176 4.29 21.08 35.08
CA THR F 176 5.48 21.91 35.29
C THR F 176 6.42 21.20 36.13
N GLY F 177 7.42 20.63 35.57
CA GLY F 177 8.42 19.84 36.24
C GLY F 177 9.78 20.50 36.27
N THR F 178 10.74 19.97 35.51
CA THR F 178 12.10 20.48 35.45
C THR F 178 12.42 20.99 34.06
N THR F 179 11.40 21.51 33.37
CA THR F 179 11.56 22.08 32.04
C THR F 179 11.31 23.58 32.11
N GLY F 180 11.74 24.27 31.05
CA GLY F 180 11.53 25.70 30.96
C GLY F 180 10.10 26.10 30.68
N PHE F 181 9.30 25.20 30.15
CA PHE F 181 7.89 25.44 29.86
C PHE F 181 7.08 24.24 30.33
N PRO F 182 5.79 24.45 30.63
CA PRO F 182 4.95 23.31 31.03
C PRO F 182 4.90 22.25 29.93
N LYS F 183 4.89 20.99 30.37
CA LYS F 183 4.93 19.86 29.46
C LYS F 183 3.55 19.24 29.35
N GLY F 184 3.06 19.08 28.12
CA GLY F 184 1.75 18.52 27.90
C GLY F 184 1.71 17.02 27.85
N VAL F 185 1.03 16.41 28.83
CA VAL F 185 0.78 14.97 28.84
C VAL F 185 -0.66 14.73 28.43
N PHE F 186 -0.91 13.62 27.76
CA PHE F 186 -2.23 13.31 27.23
C PHE F 186 -2.52 11.83 27.45
N PHE F 187 -3.81 11.51 27.49
CA PHE F 187 -4.26 10.17 27.75
C PHE F 187 -5.44 9.84 26.87
N THR F 188 -5.51 8.58 26.44
CA THR F 188 -6.58 8.12 25.58
C THR F 188 -7.73 7.55 26.40
N HIS F 189 -8.83 7.24 25.70
CA HIS F 189 -9.97 6.60 26.36
C HIS F 189 -9.56 5.24 26.92
N ARG F 190 -8.79 4.47 26.16
CA ARG F 190 -8.36 3.16 26.63
C ARG F 190 -7.52 3.28 27.89
N GLN F 191 -6.60 4.25 27.92
CA GLN F 191 -5.74 4.41 29.09
C GLN F 191 -6.53 4.78 30.33
N LEU F 192 -7.52 5.67 30.19
CA LEU F 192 -8.31 6.06 31.35
C LEU F 192 -9.21 4.92 31.83
N VAL F 193 -9.80 4.18 30.89
CA VAL F 193 -10.62 3.02 31.26
C VAL F 193 -9.76 1.98 31.96
N LEU F 194 -8.56 1.73 31.44
CA LEU F 194 -7.66 0.76 32.05
C LEU F 194 -7.18 1.23 33.42
N HIS F 195 -6.95 2.54 33.57
CA HIS F 195 -6.58 3.07 34.88
C HIS F 195 -7.68 2.84 35.89
N THR F 196 -8.93 3.13 35.49
CA THR F 196 -10.06 2.91 36.39
C THR F 196 -10.15 1.44 36.77
N MET F 197 -10.09 0.54 35.79
CA MET F 197 -10.21 -0.89 36.07
C MET F 197 -9.07 -1.39 36.94
N GLY F 198 -7.84 -0.98 36.65
CA GLY F 198 -6.70 -1.45 37.41
C GLY F 198 -6.70 -0.97 38.84
N ILE F 199 -6.99 0.32 39.07
CA ILE F 199 -7.02 0.80 40.43
C ILE F 199 -8.19 0.21 41.20
N LEU F 200 -9.33 0.00 40.53
CA LEU F 200 -10.46 -0.64 41.21
C LEU F 200 -10.12 -2.08 41.57
N SER F 201 -9.42 -2.80 40.69
CA SER F 201 -8.99 -4.15 41.01
C SER F 201 -7.96 -4.17 42.14
N THR F 202 -7.13 -3.13 42.23
CA THR F 202 -6.09 -3.09 43.26
C THR F 202 -6.67 -2.76 44.63
N ILE F 203 -7.38 -1.62 44.74
CA ILE F 203 -7.85 -1.17 46.03
C ILE F 203 -9.26 -1.66 46.36
N GLY F 204 -10.05 -2.04 45.35
CA GLY F 204 -11.34 -2.63 45.64
C GLY F 204 -11.22 -4.00 46.31
N THR F 205 -10.22 -4.78 45.90
CA THR F 205 -10.04 -6.13 46.40
C THR F 205 -9.25 -6.19 47.70
N ASN F 206 -9.06 -5.06 48.36
CA ASN F 206 -8.46 -5.06 49.70
C ASN F 206 -9.36 -5.84 50.66
N ALA F 207 -8.73 -6.58 51.58
CA ALA F 207 -9.49 -7.37 52.54
C ALA F 207 -10.29 -6.47 53.47
N SER F 208 -9.60 -5.65 54.27
CA SER F 208 -10.27 -4.75 55.21
C SER F 208 -9.91 -3.29 54.99
N GLN F 209 -8.62 -2.97 54.86
CA GLN F 209 -8.14 -1.60 54.92
C GLN F 209 -7.98 -1.00 53.52
N GLY F 210 -8.23 0.30 53.42
CA GLY F 210 -7.98 1.05 52.21
C GLY F 210 -8.84 0.66 51.02
N ARG F 211 -10.11 0.34 51.26
CA ARG F 211 -11.01 -0.07 50.19
C ARG F 211 -11.74 1.13 49.59
N LEU F 212 -11.88 1.11 48.28
CA LEU F 212 -12.86 1.93 47.58
C LEU F 212 -13.93 0.99 47.04
N HIS F 213 -15.06 0.92 47.71
CA HIS F 213 -16.11 -0.03 47.36
C HIS F 213 -17.41 0.71 47.02
N GLN F 214 -18.43 -0.06 46.69
CA GLN F 214 -19.68 0.49 46.17
C GLN F 214 -20.51 1.18 47.24
N GLY F 215 -20.19 0.97 48.52
CA GLY F 215 -20.87 1.66 49.60
C GLY F 215 -20.20 2.92 50.07
N ASP F 216 -19.07 3.28 49.48
CA ASP F 216 -18.33 4.47 49.90
C ASP F 216 -19.02 5.74 49.43
N ILE F 217 -18.68 6.85 50.06
CA ILE F 217 -19.12 8.18 49.65
C ILE F 217 -17.88 8.99 49.32
N TYR F 218 -17.79 9.44 48.07
CA TYR F 218 -16.56 10.00 47.53
C TYR F 218 -16.58 11.52 47.58
N MET F 219 -15.51 12.10 48.11
CA MET F 219 -15.29 13.54 48.04
C MET F 219 -13.84 13.81 47.67
N PRO F 220 -13.57 14.36 46.49
CA PRO F 220 -12.19 14.71 46.15
C PRO F 220 -11.71 15.92 46.94
N ILE F 221 -10.44 15.89 47.33
CA ILE F 221 -9.80 17.06 47.93
C ILE F 221 -8.50 17.31 47.20
N THR F 222 -8.32 16.67 46.05
CA THR F 222 -7.27 17.09 45.14
C THR F 222 -7.91 17.71 43.91
N PRO F 223 -7.28 18.73 43.32
CA PRO F 223 -7.92 19.44 42.21
C PRO F 223 -8.21 18.53 41.04
N MET F 224 -9.33 18.80 40.37
CA MET F 224 -9.72 18.04 39.19
C MET F 224 -8.96 18.46 37.94
N PHE F 225 -8.22 19.57 37.99
CA PHE F 225 -7.33 19.93 36.90
C PHE F 225 -5.97 19.25 37.00
N HIS F 226 -5.71 18.55 38.10
CA HIS F 226 -4.52 17.71 38.26
C HIS F 226 -4.74 16.41 37.50
N VAL F 227 -3.99 15.37 37.83
CA VAL F 227 -4.01 14.18 36.99
C VAL F 227 -5.33 13.45 37.19
N HIS F 228 -6.34 13.87 36.43
CA HIS F 228 -7.69 13.30 36.47
C HIS F 228 -8.22 13.19 37.90
N ALA F 229 -7.77 14.10 38.78
CA ALA F 229 -7.99 13.98 40.22
C ALA F 229 -7.60 12.59 40.71
N TRP F 230 -6.47 12.11 40.21
CA TRP F 230 -5.93 10.78 40.51
C TRP F 230 -6.86 9.67 40.01
N GLY F 231 -7.71 10.00 39.02
CA GLY F 231 -8.61 9.05 38.42
C GLY F 231 -9.80 8.66 39.27
N LEU F 232 -9.96 9.24 40.45
CA LEU F 232 -11.01 8.87 41.39
C LEU F 232 -12.41 9.27 40.96
N PRO F 233 -12.63 10.41 40.27
CA PRO F 233 -13.98 10.66 39.76
C PRO F 233 -14.48 9.59 38.80
N TYR F 234 -13.60 9.07 37.93
CA TYR F 234 -14.00 8.01 37.03
C TYR F 234 -14.35 6.73 37.79
N MET F 235 -13.52 6.37 38.77
CA MET F 235 -13.77 5.18 39.56
C MET F 235 -15.05 5.30 40.38
N ALA F 236 -15.28 6.48 40.96
CA ALA F 236 -16.47 6.71 41.76
C ALA F 236 -17.73 6.67 40.90
N THR F 237 -17.65 7.23 39.69
CA THR F 237 -18.79 7.12 38.78
C THR F 237 -19.03 5.68 38.36
N MET F 238 -17.96 4.94 38.08
CA MET F 238 -18.11 3.57 37.63
C MET F 238 -18.62 2.67 38.76
N LEU F 239 -18.34 3.03 40.01
CA LEU F 239 -18.90 2.32 41.15
C LEU F 239 -20.29 2.78 41.52
N GLY F 240 -20.76 3.89 40.94
CA GLY F 240 -22.10 4.38 41.23
C GLY F 240 -22.28 4.94 42.62
N VAL F 241 -21.19 5.36 43.27
CA VAL F 241 -21.25 5.81 44.65
C VAL F 241 -21.68 7.26 44.73
N LYS F 242 -22.11 7.69 45.91
CA LYS F 242 -22.43 9.09 46.13
C LYS F 242 -21.18 9.94 46.03
N GLN F 243 -21.23 10.97 45.19
CA GLN F 243 -20.09 11.84 44.93
C GLN F 243 -20.39 13.23 45.45
N VAL F 244 -19.53 13.73 46.34
CA VAL F 244 -19.65 15.06 46.91
C VAL F 244 -18.49 15.91 46.40
N TYR F 245 -18.80 17.02 45.76
CA TYR F 245 -17.77 17.91 45.23
C TYR F 245 -17.79 19.21 46.02
N PRO F 246 -16.65 19.61 46.61
CA PRO F 246 -16.67 20.73 47.56
C PRO F 246 -16.45 22.12 46.98
N GLY F 247 -16.10 22.22 45.70
CA GLY F 247 -15.77 23.54 45.16
C GLY F 247 -14.41 23.99 45.63
N LYS F 248 -14.29 25.28 45.94
CA LYS F 248 -13.06 25.81 46.49
C LYS F 248 -12.76 25.20 47.85
N TYR F 249 -11.55 24.73 48.02
CA TYR F 249 -11.15 24.08 49.28
C TYR F 249 -11.02 24.95 50.51
N VAL F 250 -12.05 25.05 51.30
CA VAL F 250 -12.06 25.71 52.60
C VAL F 250 -12.10 24.63 53.66
N PRO F 251 -11.13 24.57 54.58
CA PRO F 251 -11.09 23.46 55.55
C PRO F 251 -12.37 23.26 56.33
N ASP F 252 -13.02 24.35 56.78
CA ASP F 252 -14.27 24.22 57.50
C ASP F 252 -15.38 23.70 56.59
N VAL F 253 -15.42 24.17 55.35
CA VAL F 253 -16.41 23.67 54.40
C VAL F 253 -16.19 22.18 54.13
N LEU F 254 -14.94 21.77 53.96
CA LEU F 254 -14.63 20.36 53.74
C LEU F 254 -15.03 19.51 54.94
N LEU F 255 -14.73 19.99 56.15
CA LEU F 255 -15.10 19.24 57.35
C LEU F 255 -16.62 19.12 57.48
N ASN F 256 -17.34 20.20 57.20
CA ASN F 256 -18.80 20.16 57.27
C ASN F 256 -19.37 19.21 56.23
N LEU F 257 -18.78 19.20 55.02
CA LEU F 257 -19.22 18.27 54.00
C LEU F 257 -18.97 16.82 54.42
N ILE F 258 -17.81 16.56 55.01
CA ILE F 258 -17.51 15.20 55.49
C ILE F 258 -18.51 14.77 56.54
N GLU F 259 -18.83 15.68 57.47
CA GLU F 259 -19.78 15.35 58.54
C GLU F 259 -21.19 15.14 57.99
N GLN F 260 -21.69 16.06 57.22
CA GLN F 260 -23.06 16.03 56.72
C GLN F 260 -23.38 15.04 55.63
N GLU F 261 -22.44 14.83 54.74
CA GLU F 261 -22.62 13.86 53.67
C GLU F 261 -22.03 12.50 53.99
N LYS F 262 -21.41 12.39 55.14
CA LYS F 262 -20.85 11.13 55.60
C LYS F 262 -19.82 10.60 54.63
N VAL F 263 -18.85 11.45 54.30
CA VAL F 263 -17.81 11.11 53.33
C VAL F 263 -16.93 10.01 53.91
N THR F 264 -16.72 8.95 53.13
CA THR F 264 -15.91 7.82 53.57
C THR F 264 -14.62 7.65 52.79
N PHE F 265 -14.53 8.16 51.57
CA PHE F 265 -13.34 8.04 50.75
C PHE F 265 -12.96 9.40 50.20
N SER F 266 -11.69 9.77 50.37
CA SER F 266 -11.19 11.04 49.86
C SER F 266 -9.75 10.86 49.42
N HIS F 267 -9.25 11.87 48.70
CA HIS F 267 -7.84 11.96 48.36
C HIS F 267 -7.40 13.40 48.52
N CYS F 268 -6.24 13.61 49.16
CA CYS F 268 -5.74 14.96 49.39
C CYS F 268 -4.22 14.91 49.52
N VAL F 269 -3.63 16.10 49.56
CA VAL F 269 -2.19 16.27 49.73
C VAL F 269 -1.91 16.41 51.23
N PRO F 270 -0.66 16.23 51.68
CA PRO F 270 -0.39 16.37 53.13
C PRO F 270 -0.76 17.73 53.69
N THR F 271 -0.60 18.81 52.91
CA THR F 271 -0.96 20.13 53.42
C THR F 271 -2.44 20.23 53.74
N ILE F 272 -3.29 19.71 52.84
CA ILE F 272 -4.74 19.76 53.07
C ILE F 272 -5.11 18.90 54.27
N LEU F 273 -4.50 17.72 54.39
CA LEU F 273 -4.79 16.85 55.53
C LEU F 273 -4.38 17.52 56.84
N HIS F 274 -3.23 18.19 56.84
CA HIS F 274 -2.82 18.91 58.04
C HIS F 274 -3.78 20.05 58.38
N LEU F 275 -4.23 20.78 57.36
CA LEU F 275 -5.20 21.86 57.59
C LEU F 275 -6.50 21.31 58.14
N LEU F 276 -6.93 20.14 57.66
CA LEU F 276 -8.16 19.54 58.15
C LEU F 276 -8.00 19.05 59.59
N LEU F 277 -6.86 18.44 59.90
CA LEU F 277 -6.66 17.89 61.23
C LEU F 277 -6.41 18.97 62.28
N SER F 278 -5.81 20.09 61.89
CA SER F 278 -5.51 21.17 62.83
C SER F 278 -6.66 22.16 63.01
N SER F 279 -7.72 22.04 62.21
CA SER F 279 -8.83 22.97 62.33
C SER F 279 -9.59 22.72 63.64
N PRO F 280 -10.01 23.77 64.34
CA PRO F 280 -10.79 23.57 65.58
C PRO F 280 -12.08 22.78 65.34
N LYS F 281 -12.71 22.94 64.18
CA LYS F 281 -13.94 22.23 63.88
C LYS F 281 -13.75 20.71 63.79
N SER F 282 -12.53 20.24 63.59
CA SER F 282 -12.27 18.82 63.46
C SER F 282 -12.14 18.09 64.79
N LYS F 283 -12.05 18.81 65.89
CA LYS F 283 -11.86 18.18 67.21
C LYS F 283 -13.09 17.42 67.61
N ALA F 284 -14.23 18.00 67.35
CA ALA F 284 -15.51 17.36 67.66
C ALA F 284 -16.07 16.57 66.49
N MET F 285 -15.21 16.10 65.59
CA MET F 285 -15.62 15.39 64.39
C MET F 285 -15.27 13.91 64.52
N ASP F 286 -16.21 13.06 64.11
CA ASP F 286 -15.99 11.62 64.10
C ASP F 286 -15.41 11.26 62.74
N PHE F 287 -14.10 11.04 62.70
CA PHE F 287 -13.41 10.70 61.45
C PHE F 287 -13.34 9.20 61.20
N SER F 288 -13.94 8.39 62.06
CA SER F 288 -14.02 6.96 61.82
C SER F 288 -14.85 6.69 60.57
N GLY F 289 -14.36 5.78 59.73
CA GLY F 289 -14.99 5.49 58.47
C GLY F 289 -14.54 6.36 57.32
N TRP F 290 -13.73 7.38 57.57
CA TRP F 290 -13.20 8.23 56.52
C TRP F 290 -11.84 7.69 56.10
N LYS F 291 -11.71 7.35 54.81
CA LYS F 291 -10.46 6.86 54.24
C LYS F 291 -9.92 7.92 53.29
N VAL F 292 -8.67 8.31 53.49
CA VAL F 292 -8.02 9.31 52.66
C VAL F 292 -6.69 8.77 52.18
N VAL F 293 -6.43 8.90 50.88
CA VAL F 293 -5.16 8.52 50.29
C VAL F 293 -4.36 9.80 50.01
N ILE F 294 -3.08 9.76 50.34
CA ILE F 294 -2.20 10.93 50.24
C ILE F 294 -1.17 10.64 49.17
N GLY F 295 -1.25 11.36 48.04
CA GLY F 295 -0.37 11.07 46.93
C GLY F 295 0.40 12.21 46.33
N GLY F 296 -0.01 13.46 46.59
CA GLY F 296 0.61 14.58 45.92
C GLY F 296 2.07 14.76 46.29
N ALA F 297 2.37 14.71 47.59
CA ALA F 297 3.72 14.76 48.09
C ALA F 297 3.93 13.58 49.04
N ALA F 298 5.15 13.43 49.53
CA ALA F 298 5.43 12.39 50.52
C ALA F 298 4.62 12.68 51.78
N LEU F 299 4.01 11.63 52.33
CA LEU F 299 3.20 11.78 53.53
C LEU F 299 4.10 11.75 54.76
N PRO F 300 4.18 12.83 55.54
CA PRO F 300 5.01 12.79 56.75
C PRO F 300 4.48 11.76 57.75
N LYS F 301 5.38 10.99 58.32
CA LYS F 301 4.97 10.06 59.36
C LYS F 301 4.25 10.71 60.56
N ALA F 302 4.62 11.93 60.97
CA ALA F 302 3.91 12.58 62.07
C ALA F 302 2.47 12.89 61.69
N LEU F 303 2.24 13.39 60.47
CA LEU F 303 0.89 13.66 60.02
C LEU F 303 0.08 12.37 59.91
N CYS F 304 0.70 11.31 59.40
CA CYS F 304 0.03 10.01 59.34
C CYS F 304 -0.32 9.51 60.73
N LYS F 305 0.60 9.68 61.69
CA LYS F 305 0.34 9.25 63.05
C LYS F 305 -0.81 10.04 63.67
N SER F 306 -0.85 11.35 63.45
CA SER F 306 -1.95 12.15 63.98
C SER F 306 -3.28 11.75 63.35
N ALA F 307 -3.30 11.51 62.04
CA ALA F 307 -4.52 11.06 61.38
C ALA F 307 -4.97 9.70 61.92
N LEU F 308 -4.02 8.80 62.16
CA LEU F 308 -4.35 7.51 62.76
C LEU F 308 -4.91 7.68 64.16
N GLU F 309 -4.35 8.62 64.93
CA GLU F 309 -4.90 8.92 66.24
C GLU F 309 -6.33 9.46 66.13
N ARG F 310 -6.65 10.12 65.02
CA ARG F 310 -8.03 10.52 64.76
C ARG F 310 -8.85 9.40 64.13
N ASP F 311 -8.36 8.16 64.13
CA ASP F 311 -9.06 6.99 63.61
C ASP F 311 -9.34 7.11 62.11
N ILE F 312 -8.43 7.74 61.39
CA ILE F 312 -8.55 7.89 59.94
C ILE F 312 -7.75 6.78 59.26
N ASP F 313 -8.38 6.09 58.32
CA ASP F 313 -7.68 5.14 57.47
C ASP F 313 -6.89 5.96 56.45
N VAL F 314 -5.67 6.32 56.84
CA VAL F 314 -4.80 7.17 56.04
C VAL F 314 -3.69 6.31 55.46
N PHE F 315 -3.48 6.43 54.16
CA PHE F 315 -2.43 5.68 53.47
C PHE F 315 -1.96 6.52 52.29
N ALA F 316 -0.75 6.22 51.83
CA ALA F 316 -0.12 7.04 50.81
C ALA F 316 -0.18 6.35 49.45
N GLY F 317 -0.22 7.19 48.41
CA GLY F 317 -0.14 6.71 47.05
C GLY F 317 0.94 7.47 46.29
N TYR F 318 1.26 6.97 45.11
CA TYR F 318 2.34 7.53 44.31
C TYR F 318 1.91 7.64 42.86
N GLY F 319 2.28 8.76 42.23
CA GLY F 319 1.99 8.99 40.83
C GLY F 319 2.41 10.38 40.44
N MET F 320 2.30 10.64 39.14
CA MET F 320 2.65 11.95 38.60
C MET F 320 1.81 12.19 37.36
N SER F 321 1.96 13.38 36.78
CA SER F 321 1.17 13.77 35.62
C SER F 321 1.36 12.82 34.45
N GLU F 322 2.55 12.24 34.32
CA GLU F 322 2.87 11.38 33.19
C GLU F 322 2.34 9.97 33.33
N THR F 323 1.91 9.55 34.52
CA THR F 323 1.75 8.13 34.81
C THR F 323 0.32 7.68 35.09
N GLY F 324 -0.69 8.50 34.79
CA GLY F 324 -2.05 8.01 34.91
C GLY F 324 -3.00 8.68 35.90
N PRO F 325 -2.54 9.03 37.12
CA PRO F 325 -1.19 9.03 37.70
C PRO F 325 -0.77 7.76 38.44
N ILE F 326 -1.71 6.95 38.94
CA ILE F 326 -1.40 6.03 40.03
C ILE F 326 -0.46 4.94 39.56
N LEU F 327 0.66 4.79 40.26
CA LEU F 327 1.56 3.66 40.10
C LEU F 327 1.68 2.80 41.34
N SER F 328 1.64 3.40 42.53
CA SER F 328 1.78 2.68 43.78
C SER F 328 0.76 3.19 44.78
N ILE F 329 0.24 2.27 45.60
CA ILE F 329 -0.65 2.61 46.70
C ILE F 329 -0.25 1.75 47.90
N VAL F 330 -0.32 2.33 49.08
CA VAL F 330 0.01 1.61 50.31
C VAL F 330 -1.14 0.67 50.64
N GLN F 331 -0.84 -0.62 50.71
CA GLN F 331 -1.82 -1.65 51.03
C GLN F 331 -1.28 -2.48 52.18
N LEU F 332 -2.04 -2.59 53.26
CA LEU F 332 -1.59 -3.23 54.49
C LEU F 332 -2.16 -4.64 54.58
N THR F 333 -1.30 -5.60 54.89
CA THR F 333 -1.73 -6.95 55.19
C THR F 333 -2.46 -6.97 56.53
N PRO F 334 -3.30 -7.99 56.77
CA PRO F 334 -3.96 -8.09 58.08
C PRO F 334 -2.99 -8.19 59.25
N GLU F 335 -1.80 -8.76 59.05
CA GLU F 335 -0.77 -8.71 60.09
C GLU F 335 -0.27 -7.29 60.32
N GLN F 336 -0.16 -6.48 59.26
CA GLN F 336 0.32 -5.12 59.41
C GLN F 336 -0.71 -4.21 60.07
N LEU F 337 -1.99 -4.55 60.00
CA LEU F 337 -3.03 -3.79 60.68
C LEU F 337 -3.11 -4.07 62.16
N GLU F 338 -2.41 -5.10 62.65
CA GLU F 338 -2.36 -5.40 64.07
C GLU F 338 -1.27 -4.61 64.79
N LEU F 339 -0.39 -3.93 64.06
CA LEU F 339 0.65 -3.14 64.68
C LEU F 339 0.05 -1.89 65.33
N ASP F 340 0.84 -1.29 66.22
CA ASP F 340 0.39 -0.08 66.90
C ASP F 340 0.46 1.11 65.93
N VAL F 341 0.04 2.28 66.44
CA VAL F 341 -0.07 3.46 65.59
C VAL F 341 1.29 3.85 65.02
N ASP F 342 2.33 3.83 65.85
CA ASP F 342 3.65 4.26 65.41
C ASP F 342 4.21 3.33 64.34
N GLN F 343 4.04 2.02 64.51
CA GLN F 343 4.62 1.07 63.56
C GLN F 343 3.93 1.15 62.20
N GLN F 344 2.59 1.26 62.19
CA GLN F 344 1.88 1.30 60.92
C GLN F 344 1.82 2.69 60.32
N ALA F 345 2.20 3.72 61.08
CA ALA F 345 2.37 5.04 60.47
C ALA F 345 3.57 5.05 59.53
N GLU F 346 4.60 4.25 59.84
CA GLU F 346 5.70 4.07 58.91
C GLU F 346 5.25 3.40 57.62
N TYR F 347 4.40 2.37 57.75
CA TYR F 347 3.94 1.63 56.57
C TYR F 347 3.00 2.48 55.72
N ARG F 348 2.08 3.19 56.36
CA ARG F 348 1.07 3.96 55.63
C ARG F 348 1.65 5.21 54.97
N SER F 349 2.80 5.69 55.43
CA SER F 349 3.43 6.86 54.85
C SER F 349 4.46 6.51 53.78
N LYS F 350 4.63 5.23 53.48
CA LYS F 350 5.52 4.76 52.42
C LYS F 350 4.99 5.06 51.03
N THR F 351 5.83 5.02 50.05
CA THR F 351 5.35 5.24 48.68
C THR F 351 4.31 4.21 48.30
N GLY F 352 4.54 2.94 48.62
CA GLY F 352 3.57 1.88 48.43
C GLY F 352 4.09 0.79 47.54
N LYS F 353 3.20 -0.14 47.23
CA LYS F 353 3.48 -1.24 46.32
C LYS F 353 2.85 -0.94 44.97
N LYS F 354 3.53 -1.35 43.91
CA LYS F 354 3.04 -1.07 42.56
C LYS F 354 1.65 -1.67 42.35
N VAL F 355 0.76 -0.89 41.75
CA VAL F 355 -0.61 -1.30 41.52
C VAL F 355 -0.65 -2.31 40.37
N ALA F 356 -1.83 -2.91 40.18
CA ALA F 356 -2.00 -3.92 39.14
C ALA F 356 -1.61 -3.38 37.76
N LEU F 357 -0.97 -4.24 36.97
CA LEU F 357 -0.55 -3.98 35.59
C LEU F 357 0.61 -3.01 35.50
N VAL F 358 1.22 -2.64 36.62
CA VAL F 358 2.35 -1.71 36.66
C VAL F 358 3.59 -2.51 37.00
N GLU F 359 4.62 -2.39 36.16
CA GLU F 359 5.94 -2.95 36.46
C GLU F 359 6.90 -1.80 36.73
N ALA F 360 7.55 -1.82 37.89
CA ALA F 360 8.40 -0.73 38.34
C ALA F 360 9.77 -1.27 38.69
N TYR F 361 10.80 -0.54 38.26
CA TYR F 361 12.18 -0.90 38.55
C TYR F 361 12.95 0.34 38.98
N ILE F 362 14.00 0.12 39.76
CA ILE F 362 14.95 1.17 40.11
C ILE F 362 16.25 0.90 39.36
N VAL F 363 16.73 1.91 38.64
CA VAL F 363 17.87 1.75 37.76
C VAL F 363 18.90 2.85 38.07
N ASP F 364 20.10 2.68 37.53
CA ASP F 364 21.15 3.67 37.60
C ASP F 364 21.13 4.52 36.34
N GLU F 365 22.15 5.36 36.17
CA GLU F 365 22.21 6.25 35.02
C GLU F 365 22.33 5.49 33.70
N ASP F 366 22.76 4.22 33.73
CA ASP F 366 22.89 3.41 32.53
C ASP F 366 21.72 2.45 32.35
N MET F 367 20.61 2.68 33.07
CA MET F 367 19.40 1.86 32.96
C MET F 367 19.67 0.40 33.32
N ASN F 368 20.54 0.19 34.31
CA ASN F 368 20.79 -1.15 34.86
C ASN F 368 19.92 -1.32 36.10
N LYS F 369 19.12 -2.36 36.12
CA LYS F 369 18.18 -2.57 37.22
C LYS F 369 18.94 -2.93 38.50
N LEU F 370 18.56 -2.27 39.59
CA LEU F 370 19.20 -2.46 40.89
C LEU F 370 18.40 -3.43 41.75
N PRO F 371 19.07 -4.16 42.64
CA PRO F 371 18.35 -5.12 43.48
C PRO F 371 17.35 -4.45 44.40
N HIS F 372 16.27 -5.16 44.68
CA HIS F 372 15.24 -4.68 45.60
C HIS F 372 15.57 -5.19 46.99
N ASP F 373 16.34 -4.39 47.73
CA ASP F 373 16.79 -4.76 49.06
C ASP F 373 16.49 -3.71 50.12
N GLY F 374 15.86 -2.60 49.76
CA GLY F 374 15.55 -1.56 50.71
C GLY F 374 16.68 -0.59 51.01
N GLU F 375 17.85 -0.79 50.42
CA GLU F 375 18.99 0.10 50.61
C GLU F 375 19.46 0.73 49.31
N THR F 376 19.64 -0.08 48.27
CA THR F 376 20.12 0.45 46.99
C THR F 376 19.04 1.33 46.36
N ALA F 377 19.42 2.55 46.00
CA ALA F 377 18.49 3.54 45.50
C ALA F 377 18.81 3.89 44.06
N GLY F 378 17.75 4.06 43.26
CA GLY F 378 17.89 4.46 41.87
C GLY F 378 16.60 5.09 41.39
N GLU F 379 16.63 5.55 40.14
CA GLU F 379 15.46 6.17 39.55
C GLU F 379 14.39 5.13 39.29
N ILE F 380 13.16 5.43 39.68
CA ILE F 380 12.03 4.57 39.36
C ILE F 380 11.73 4.69 37.86
N VAL F 381 11.64 3.54 37.19
CA VAL F 381 11.24 3.47 35.79
C VAL F 381 10.08 2.50 35.70
N VAL F 382 9.04 2.88 34.97
CA VAL F 382 7.78 2.16 35.01
C VAL F 382 7.30 1.85 33.60
N ARG F 383 6.54 0.77 33.48
CA ARG F 383 5.69 0.50 32.34
C ARG F 383 4.29 0.22 32.87
N ALA F 384 3.29 0.83 32.25
CA ALA F 384 1.92 0.74 32.73
C ALA F 384 0.98 0.97 31.56
N PRO F 385 -0.27 0.53 31.66
CA PRO F 385 -1.23 0.76 30.57
C PRO F 385 -1.75 2.19 30.48
N TRP F 386 -1.30 3.09 31.35
CA TRP F 386 -1.85 4.43 31.41
C TRP F 386 -0.75 5.47 31.54
N LEU F 387 0.36 5.26 30.84
CA LEU F 387 1.45 6.22 30.79
C LEU F 387 1.33 7.07 29.53
N THR F 388 1.66 8.35 29.64
CA THR F 388 1.69 9.19 28.46
C THR F 388 2.83 8.72 27.54
N PRO F 389 2.56 8.51 26.25
CA PRO F 389 3.61 7.99 25.37
C PRO F 389 4.73 8.99 25.14
N ASN F 390 4.45 10.27 25.27
CA ASN F 390 5.43 11.33 25.03
C ASN F 390 4.85 12.62 25.57
N TYR F 391 5.54 13.73 25.33
CA TYR F 391 5.03 15.06 25.63
C TYR F 391 4.46 15.65 24.36
N TYR F 392 3.35 16.39 24.50
CA TYR F 392 2.68 16.95 23.34
C TYR F 392 3.59 17.95 22.64
N LYS F 393 3.74 17.79 21.32
CA LYS F 393 4.54 18.68 20.49
C LYS F 393 5.98 18.81 21.00
N ASP F 394 6.52 17.70 21.50
CA ASP F 394 7.87 17.68 22.08
C ASP F 394 8.59 16.43 21.61
N ASN F 395 9.84 16.52 21.29
CA ASN F 395 10.61 15.38 20.89
C ASN F 395 11.69 15.05 21.85
N LYS F 396 12.50 15.99 22.24
CA LYS F 396 13.65 15.68 23.06
C LYS F 396 13.36 15.39 24.48
N ASN F 397 12.49 16.16 25.08
CA ASN F 397 11.99 15.84 26.42
C ASN F 397 11.21 14.54 26.42
N SER F 398 10.47 14.27 25.33
CA SER F 398 9.76 13.02 25.21
C SER F 398 10.72 11.84 25.10
N LYS F 399 11.82 12.02 24.36
CA LYS F 399 12.83 10.96 24.26
C LYS F 399 13.49 10.70 25.60
N ALA F 400 13.77 11.75 26.37
CA ALA F 400 14.35 11.57 27.69
C ALA F 400 13.37 10.93 28.65
N LEU F 401 12.08 11.23 28.52
CA LEU F 401 11.07 10.66 29.41
C LEU F 401 10.97 9.16 29.25
N TRP F 402 11.10 8.65 28.02
CA TRP F 402 10.98 7.23 27.73
C TRP F 402 12.32 6.60 27.36
N ARG F 403 13.40 7.12 27.93
CA ARG F 403 14.73 6.61 27.61
C ARG F 403 14.90 5.18 28.11
N GLY F 404 15.46 4.33 27.27
CA GLY F 404 15.70 2.94 27.63
C GLY F 404 14.51 2.02 27.57
N GLY F 405 13.38 2.51 27.07
CA GLY F 405 12.18 1.69 26.99
C GLY F 405 11.27 1.77 28.20
N TYR F 406 11.56 2.63 29.16
CA TYR F 406 10.73 2.79 30.34
C TYR F 406 10.50 4.27 30.59
N LEU F 407 9.38 4.59 31.24
CA LEU F 407 9.09 5.97 31.61
C LEU F 407 9.89 6.31 32.86
N HIS F 408 10.65 7.41 32.78
CA HIS F 408 11.47 7.86 33.90
C HIS F 408 10.66 8.81 34.76
N THR F 409 10.43 8.42 36.01
CA THR F 409 9.64 9.22 36.92
C THR F 409 10.41 10.40 37.50
N GLY F 410 11.73 10.38 37.42
CA GLY F 410 12.54 11.41 38.04
C GLY F 410 12.68 11.28 39.54
N ASP F 411 12.25 10.17 40.12
CA ASP F 411 12.29 9.95 41.56
C ASP F 411 13.29 8.86 41.88
N VAL F 412 14.11 9.10 42.90
CA VAL F 412 15.07 8.12 43.40
C VAL F 412 14.45 7.38 44.56
N ALA F 413 14.50 6.05 44.52
CA ALA F 413 13.84 5.25 45.53
C ALA F 413 14.56 3.92 45.69
N HIS F 414 14.31 3.27 46.82
CA HIS F 414 14.67 1.88 47.05
C HIS F 414 13.41 1.07 47.25
N ILE F 415 13.47 -0.21 46.92
CA ILE F 415 12.34 -1.11 46.99
C ILE F 415 12.68 -2.26 47.94
N ASP F 416 11.77 -2.56 48.85
CA ASP F 416 11.96 -3.66 49.78
C ASP F 416 11.87 -4.99 49.07
N ASP F 417 12.22 -6.05 49.79
CA ASP F 417 12.02 -7.40 49.26
C ASP F 417 10.53 -7.70 49.07
N GLU F 418 9.70 -7.22 49.99
CA GLU F 418 8.25 -7.39 49.88
C GLU F 418 7.65 -6.51 48.79
N GLY F 419 8.41 -5.58 48.22
CA GLY F 419 7.92 -4.71 47.18
C GLY F 419 7.54 -3.31 47.63
N PHE F 420 7.78 -2.96 48.89
CA PHE F 420 7.46 -1.62 49.38
C PHE F 420 8.46 -0.62 48.83
N ILE F 421 7.98 0.30 48.01
CA ILE F 421 8.82 1.36 47.46
C ILE F 421 8.90 2.50 48.47
N LYS F 422 10.09 3.08 48.62
CA LYS F 422 10.30 4.24 49.46
C LYS F 422 11.15 5.24 48.69
N ILE F 423 10.58 6.39 48.36
CA ILE F 423 11.26 7.42 47.58
C ILE F 423 12.11 8.27 48.50
N THR F 424 13.38 8.46 48.14
CA THR F 424 14.28 9.29 48.91
C THR F 424 14.20 10.75 48.47
N ASP F 425 14.50 11.02 47.20
CA ASP F 425 14.39 12.36 46.64
C ASP F 425 14.33 12.24 45.12
N ARG F 426 14.50 13.38 44.44
CA ARG F 426 14.43 13.43 42.99
C ARG F 426 15.80 13.14 42.37
N VAL F 427 15.78 12.81 41.08
CA VAL F 427 17.01 12.56 40.35
C VAL F 427 17.77 13.85 40.14
N LYS F 428 17.07 14.93 39.77
CA LYS F 428 17.73 16.20 39.56
C LYS F 428 18.16 16.84 40.87
N ASP F 429 17.43 16.58 41.96
CA ASP F 429 17.80 17.07 43.29
C ASP F 429 18.69 16.06 44.01
N MET F 430 19.76 15.64 43.35
CA MET F 430 20.65 14.62 43.86
C MET F 430 22.02 15.22 44.17
N ILE F 431 22.60 14.80 45.29
CA ILE F 431 23.92 15.25 45.71
C ILE F 431 24.91 14.13 45.41
N LYS F 432 25.84 14.39 44.49
CA LYS F 432 26.81 13.40 44.04
C LYS F 432 28.17 13.80 44.58
N ILE F 433 28.73 12.97 45.46
CA ILE F 433 30.01 13.24 46.11
C ILE F 433 30.95 12.09 45.79
N SER F 434 31.96 12.36 44.96
CA SER F 434 33.04 11.41 44.68
C SER F 434 32.53 10.18 43.93
N GLY F 435 31.84 9.30 44.65
CA GLY F 435 31.30 8.09 44.04
C GLY F 435 29.97 7.66 44.61
N GLU F 436 29.34 8.52 45.41
CA GLU F 436 28.10 8.19 46.08
C GLU F 436 27.07 9.28 45.84
N TRP F 437 25.80 8.88 45.97
CA TRP F 437 24.67 9.79 45.90
C TRP F 437 23.96 9.79 47.24
N VAL F 438 23.73 10.97 47.80
CA VAL F 438 23.03 11.12 49.06
C VAL F 438 21.80 11.99 48.83
N SER F 439 20.71 11.65 49.51
CA SER F 439 19.47 12.39 49.37
C SER F 439 19.62 13.81 49.90
N SER F 440 18.88 14.73 49.30
CA SER F 440 18.83 16.11 49.75
C SER F 440 17.63 16.41 50.63
N LEU F 441 16.80 15.40 50.92
CA LEU F 441 15.58 15.60 51.70
C LEU F 441 15.72 15.19 53.17
N GLU F 442 16.45 14.10 53.45
CA GLU F 442 16.63 13.70 54.84
C GLU F 442 17.56 14.66 55.58
N LEU F 443 18.43 15.36 54.86
CA LEU F 443 19.27 16.37 55.50
C LEU F 443 18.43 17.51 56.06
N GLU F 444 17.34 17.87 55.37
CA GLU F 444 16.45 18.91 55.88
C GLU F 444 15.82 18.49 57.20
N ASP F 445 15.37 17.23 57.28
CA ASP F 445 14.80 16.74 58.54
C ASP F 445 15.87 16.63 59.62
N ILE F 446 17.10 16.28 59.25
CA ILE F 446 18.20 16.21 60.22
C ILE F 446 18.47 17.60 60.80
N LEU F 447 18.49 18.62 59.96
CA LEU F 447 18.82 19.97 60.39
C LEU F 447 17.60 20.76 60.85
N HIS F 448 16.41 20.17 60.83
CA HIS F 448 15.21 20.81 61.33
C HIS F 448 14.95 20.53 62.81
N GLN F 449 15.85 19.81 63.49
CA GLN F 449 15.62 19.40 64.87
C GLN F 449 16.05 20.45 65.88
N HIS F 450 16.63 21.57 65.45
CA HIS F 450 17.05 22.60 66.39
C HIS F 450 15.84 23.39 66.89
N GLN F 451 16.03 24.05 68.03
CA GLN F 451 14.99 24.87 68.61
C GLN F 451 14.85 26.23 67.94
N SER F 452 15.75 26.58 67.03
CA SER F 452 15.73 27.88 66.36
C SER F 452 15.90 27.71 64.85
N VAL F 453 15.24 26.72 64.28
CA VAL F 453 15.21 26.50 62.84
C VAL F 453 13.77 26.37 62.39
N SER F 454 13.41 27.08 61.32
CA SER F 454 12.05 27.06 60.81
C SER F 454 11.92 26.25 59.52
N GLU F 455 12.72 26.58 58.49
CA GLU F 455 12.67 25.90 57.21
C GLU F 455 14.08 25.58 56.76
N VAL F 456 14.31 24.32 56.37
CA VAL F 456 15.62 23.85 55.96
C VAL F 456 15.55 23.43 54.50
N ALA F 457 16.42 24.02 53.67
CA ALA F 457 16.52 23.67 52.26
C ALA F 457 17.97 23.32 51.95
N VAL F 458 18.17 22.19 51.28
CA VAL F 458 19.50 21.67 50.98
C VAL F 458 19.73 21.76 49.47
N ILE F 459 20.87 22.33 49.08
CA ILE F 459 21.23 22.50 47.68
C ILE F 459 22.68 22.06 47.49
N GLY F 460 23.03 21.78 46.24
CA GLY F 460 24.35 21.29 45.92
C GLY F 460 25.09 22.21 44.95
N MET F 461 26.38 22.36 45.27
CA MET F 461 27.24 23.23 44.49
C MET F 461 28.66 22.59 44.45
N PRO F 462 29.44 22.72 43.33
CA PRO F 462 30.72 22.00 43.24
C PRO F 462 31.77 22.49 44.20
N HIS F 463 32.65 21.57 44.59
CA HIS F 463 33.89 21.86 45.29
C HIS F 463 35.01 21.07 44.63
N ASN F 464 36.22 21.59 44.79
CA ASN F 464 37.35 20.99 44.10
C ASN F 464 37.72 19.56 44.48
N LYS F 465 38.00 19.30 45.74
CA LYS F 465 38.45 17.97 46.13
C LYS F 465 37.30 16.98 46.24
N TRP F 466 36.18 17.40 46.81
CA TRP F 466 35.08 16.50 47.13
C TRP F 466 33.93 16.59 46.14
N GLY F 467 34.12 17.24 45.01
CA GLY F 467 33.02 17.38 44.08
C GLY F 467 31.93 18.28 44.65
N GLU F 468 30.72 18.07 44.16
CA GLU F 468 29.57 18.84 44.64
C GLU F 468 29.26 18.50 46.09
N VAL F 469 29.07 19.53 46.90
CA VAL F 469 28.81 19.34 48.33
C VAL F 469 27.55 20.11 48.70
N PRO F 470 26.87 19.63 49.73
CA PRO F 470 25.59 20.25 50.12
C PRO F 470 25.58 21.50 51.01
N LEU F 471 24.95 22.59 50.59
CA LEU F 471 24.79 23.78 51.44
C LEU F 471 23.39 23.79 52.07
N ALA F 472 23.17 24.51 53.17
CA ALA F 472 21.84 24.40 53.82
C ALA F 472 21.36 25.74 54.37
N LEU F 473 20.04 25.95 54.47
CA LEU F 473 19.56 27.29 54.76
C LEU F 473 18.54 27.22 55.89
N VAL F 474 18.69 28.10 56.89
CA VAL F 474 17.81 28.15 58.05
C VAL F 474 17.54 29.61 58.39
N THR F 475 16.56 29.81 59.28
CA THR F 475 16.19 31.13 59.78
C THR F 475 16.27 31.13 61.30
N LEU F 476 16.63 32.29 61.86
CA LEU F 476 16.75 32.43 63.31
C LEU F 476 15.37 32.68 63.93
N LYS F 477 15.31 32.44 65.25
CA LYS F 477 14.09 32.66 66.02
C LYS F 477 14.19 33.96 66.81
N GLU F 478 13.21 34.20 67.68
CA GLU F 478 13.18 35.41 68.48
C GLU F 478 14.26 35.36 69.56
N ASP F 479 15.06 36.43 69.63
CA ASP F 479 16.15 36.55 70.60
C ASP F 479 17.10 35.36 70.53
N ALA F 480 17.36 34.90 69.30
CA ALA F 480 18.27 33.78 69.05
C ALA F 480 19.25 34.22 67.95
N GLN F 481 20.33 34.86 68.37
CA GLN F 481 21.37 35.31 67.42
C GLN F 481 22.52 34.29 67.37
N VAL F 482 22.15 33.05 67.09
CA VAL F 482 23.14 31.98 66.96
C VAL F 482 23.85 32.13 65.62
N THR F 483 25.17 31.99 65.64
CA THR F 483 25.97 32.12 64.44
C THR F 483 26.08 30.77 63.73
N GLU F 484 26.93 30.70 62.72
CA GLU F 484 27.12 29.44 62.00
C GLU F 484 27.76 28.38 62.88
N LYS F 485 28.57 28.80 63.86
CA LYS F 485 29.26 27.85 64.72
C LYS F 485 28.29 27.02 65.54
N GLU F 486 27.23 27.63 66.07
CA GLU F 486 26.26 26.90 66.87
C GLU F 486 25.54 25.84 66.03
N LEU F 487 25.14 26.19 64.81
CA LEU F 487 24.45 25.23 63.96
C LEU F 487 25.40 24.13 63.49
N LEU F 488 26.67 24.47 63.25
CA LEU F 488 27.66 23.45 62.93
C LEU F 488 27.83 22.48 64.09
N GLY F 489 27.89 22.99 65.32
CA GLY F 489 27.97 22.12 66.48
C GLY F 489 26.73 21.26 66.64
N PHE F 490 25.55 21.81 66.37
CA PHE F 490 24.33 21.03 66.41
C PHE F 490 24.34 19.90 65.39
N ALA F 491 24.81 20.19 64.18
CA ALA F 491 24.93 19.14 63.17
C ALA F 491 25.95 18.08 63.59
N LYS F 492 27.04 18.50 64.22
CA LYS F 492 28.01 17.55 64.77
C LYS F 492 27.44 16.74 65.92
N ASP F 493 26.41 17.25 66.59
CA ASP F 493 25.87 16.61 67.79
C ASP F 493 24.96 15.43 67.48
N PHE F 494 24.65 15.20 66.23
CA PHE F 494 23.82 14.06 65.86
C PHE F 494 24.60 12.74 65.91
N ILE F 495 24.03 11.69 65.36
CA ILE F 495 24.72 10.39 65.34
C ILE F 495 24.29 9.59 64.12
N ASN F 496 24.97 8.47 63.89
CA ASN F 496 24.64 7.53 62.82
C ASN F 496 24.73 8.20 61.43
N LYS F 497 25.92 8.71 61.14
CA LYS F 497 26.23 9.28 59.83
C LYS F 497 27.51 8.66 59.30
N GLY F 498 27.56 8.49 57.98
CA GLY F 498 28.67 7.82 57.31
C GLY F 498 29.68 8.78 56.73
N ILE F 499 30.30 8.36 55.63
CA ILE F 499 31.36 9.08 54.90
C ILE F 499 32.34 9.75 55.86
N LEU F 500 32.60 11.04 55.65
CA LEU F 500 33.60 11.77 56.43
C LEU F 500 33.11 11.88 57.88
N ALA F 501 33.71 11.10 58.77
CA ALA F 501 33.38 11.09 60.19
C ALA F 501 31.89 10.91 60.41
N ARG F 502 31.18 12.01 60.67
CA ARG F 502 29.74 12.02 60.90
C ARG F 502 29.03 12.98 59.96
N GLU F 503 29.50 13.07 58.72
CA GLU F 503 28.96 13.99 57.71
C GLU F 503 28.97 15.42 58.24
N ALA F 504 30.04 15.83 58.92
CA ALA F 504 30.23 17.21 59.34
C ALA F 504 31.69 17.60 59.10
N LEU F 505 32.00 17.99 57.86
CA LEU F 505 33.28 18.63 57.57
C LEU F 505 33.16 19.82 56.62
N LEU F 506 32.11 19.91 55.80
CA LEU F 506 31.92 21.03 54.89
C LEU F 506 30.44 21.43 54.84
N LEU F 507 29.77 21.52 55.99
CA LEU F 507 28.37 21.89 56.00
C LEU F 507 28.17 23.35 55.65
N LYS F 508 28.97 24.23 56.26
CA LYS F 508 28.94 25.68 56.00
C LYS F 508 27.51 26.21 55.94
N VAL F 509 26.73 25.85 56.96
CA VAL F 509 25.32 26.26 57.00
C VAL F 509 25.25 27.78 57.09
N LYS F 510 24.31 28.37 56.35
CA LYS F 510 24.16 29.81 56.28
C LYS F 510 22.71 30.18 56.55
N ILE F 511 22.52 31.27 57.30
CA ILE F 511 21.20 31.80 57.60
C ILE F 511 20.85 32.86 56.57
N VAL F 512 19.62 32.82 56.08
CA VAL F 512 19.12 33.79 55.11
C VAL F 512 17.70 34.18 55.50
N ASP F 513 17.42 35.49 55.51
CA ASP F 513 16.11 35.96 55.93
C ASP F 513 15.01 35.51 54.96
N GLU F 514 15.29 35.56 53.65
CA GLU F 514 14.30 35.24 52.64
C GLU F 514 14.53 33.82 52.12
N ILE F 515 13.49 32.99 52.16
CA ILE F 515 13.53 31.63 51.67
C ILE F 515 12.70 31.56 50.40
N ALA F 516 13.30 31.10 49.31
CA ALA F 516 12.63 31.08 48.02
C ALA F 516 11.55 30.00 48.02
N LYS F 517 10.30 30.42 47.87
CA LYS F 517 9.17 29.51 47.76
C LYS F 517 8.41 29.81 46.48
N THR F 518 8.01 28.75 45.77
CA THR F 518 7.17 28.91 44.60
C THR F 518 5.73 29.16 45.03
N SER F 519 4.86 29.39 44.04
CA SER F 519 3.45 29.62 44.34
C SER F 519 2.78 28.38 44.91
N VAL F 520 3.26 27.19 44.51
CA VAL F 520 2.66 25.95 45.00
C VAL F 520 2.86 25.80 46.49
N GLY F 521 4.08 26.07 46.97
CA GLY F 521 4.39 25.91 48.38
C GLY F 521 5.69 25.16 48.61
N LYS F 522 6.26 24.63 47.53
CA LYS F 522 7.53 23.92 47.60
C LYS F 522 8.67 24.83 47.15
N VAL F 523 9.83 24.66 47.77
CA VAL F 523 10.98 25.49 47.46
C VAL F 523 11.51 25.16 46.07
N ASP F 524 11.81 26.21 45.30
CA ASP F 524 12.38 26.04 43.97
C ASP F 524 13.88 25.85 44.09
N LYS F 525 14.35 24.62 43.89
CA LYS F 525 15.77 24.33 44.08
C LYS F 525 16.61 24.94 42.98
N LYS F 526 16.10 24.97 41.74
CA LYS F 526 16.84 25.61 40.66
C LYS F 526 16.91 27.12 40.85
N GLU F 527 15.84 27.73 41.36
CA GLU F 527 15.88 29.16 41.66
C GLU F 527 16.92 29.44 42.75
N LEU F 528 17.00 28.58 43.77
CA LEU F 528 18.02 28.73 44.79
C LEU F 528 19.42 28.59 44.19
N ARG F 529 19.60 27.63 43.28
CA ARG F 529 20.89 27.46 42.62
C ARG F 529 21.27 28.71 41.85
N LYS F 530 20.33 29.29 41.11
CA LYS F 530 20.62 30.50 40.34
C LYS F 530 20.90 31.68 41.26
N LEU F 531 20.17 31.79 42.38
CA LEU F 531 20.32 32.95 43.25
C LEU F 531 21.63 32.92 44.02
N HIS F 532 21.96 31.77 44.61
CA HIS F 532 23.14 31.69 45.46
C HIS F 532 24.43 31.45 44.69
N LEU F 533 24.32 31.20 43.38
CA LEU F 533 25.49 31.02 42.51
C LEU F 533 25.32 31.67 41.10
#